data_2L7U
#
_entry.id   2L7U
#
loop_
_entity.id
_entity.type
_entity.pdbx_description
1 polymer 'Advanced glycosylation end product-specific receptor'
2 polymer 'Serum albumin peptide'
#
loop_
_entity_poly.entity_id
_entity_poly.type
_entity_poly.pdbx_seq_one_letter_code
_entity_poly.pdbx_strand_id
1 'polypeptide(L)'
;GSAQNITARIGEPLVLKCKGAPKKPPQRLEWKLNTGRTEAWKVLSPQGGGPWDSVARVLPNGSLFLPAVGIQDEGIFRCQ
AMNRNGKETKSNYRVRVYQIPGKPE
;
A
2 'polypeptide(L)' DEF(KPI)ADE B
#
# COMPACT_ATOMS: atom_id res chain seq x y z
N GLY A 1 -12.65 -2.59 -6.80
CA GLY A 1 -11.64 -1.57 -7.04
C GLY A 1 -10.83 -1.83 -8.30
N SER A 2 -9.79 -2.65 -8.17
CA SER A 2 -8.93 -2.98 -9.30
C SER A 2 -8.25 -1.72 -9.85
N ALA A 3 -6.98 -1.55 -9.50
CA ALA A 3 -6.22 -0.40 -9.95
C ALA A 3 -6.96 0.90 -9.67
N GLN A 4 -7.07 1.25 -8.39
CA GLN A 4 -7.77 2.46 -7.98
C GLN A 4 -6.78 3.62 -7.85
N ASN A 5 -7.14 4.77 -8.42
CA ASN A 5 -6.29 5.95 -8.37
C ASN A 5 -6.62 6.80 -7.14
N ILE A 6 -5.63 7.00 -6.29
CA ILE A 6 -5.81 7.80 -5.08
C ILE A 6 -4.79 8.93 -5.00
N THR A 7 -5.29 10.16 -4.91
CA THR A 7 -4.42 11.33 -4.83
C THR A 7 -4.19 11.74 -3.38
N ALA A 8 -2.96 12.17 -3.08
CA ALA A 8 -2.61 12.59 -1.73
C ALA A 8 -1.55 13.69 -1.76
N ARG A 9 -1.35 14.34 -0.62
CA ARG A 9 -0.37 15.41 -0.51
C ARG A 9 0.71 15.08 0.51
N ILE A 10 1.92 15.55 0.28
CA ILE A 10 3.03 15.31 1.19
C ILE A 10 2.67 15.67 2.62
N GLY A 11 2.74 14.69 3.52
CA GLY A 11 2.41 14.94 4.90
C GLY A 11 0.94 14.73 5.20
N GLU A 12 0.21 14.19 4.23
CA GLU A 12 -1.22 13.94 4.39
C GLU A 12 -1.49 12.47 4.68
N PRO A 13 -2.41 12.21 5.62
CA PRO A 13 -2.78 10.85 6.01
C PRO A 13 -3.55 10.12 4.91
N LEU A 14 -3.29 8.82 4.78
CA LEU A 14 -3.96 8.02 3.76
C LEU A 14 -4.19 6.59 4.27
N VAL A 15 -5.35 6.03 3.92
CA VAL A 15 -5.69 4.67 4.34
C VAL A 15 -6.10 3.82 3.14
N LEU A 16 -5.67 2.57 3.14
CA LEU A 16 -6.00 1.64 2.06
C LEU A 16 -6.48 0.31 2.61
N LYS A 17 -7.38 -0.34 1.86
CA LYS A 17 -7.92 -1.63 2.27
C LYS A 17 -7.44 -2.74 1.33
N CYS A 18 -7.39 -3.96 1.85
CA CYS A 18 -6.96 -5.11 1.06
C CYS A 18 -8.14 -6.00 0.70
N LYS A 19 -8.62 -5.85 -0.53
CA LYS A 19 -9.75 -6.64 -1.02
C LYS A 19 -9.49 -8.13 -0.82
N GLY A 20 -10.44 -8.82 -0.21
CA GLY A 20 -10.31 -10.25 0.02
C GLY A 20 -10.47 -10.62 1.48
N ALA A 21 -9.89 -9.80 2.36
CA ALA A 21 -9.98 -10.05 3.80
C ALA A 21 -11.19 -9.36 4.41
N PRO A 22 -11.98 -10.11 5.18
CA PRO A 22 -13.19 -9.59 5.83
C PRO A 22 -12.86 -8.62 6.96
N LYS A 23 -13.84 -8.35 7.81
CA LYS A 23 -13.66 -7.44 8.93
C LYS A 23 -12.39 -7.78 9.71
N LYS A 24 -12.24 -9.06 10.04
CA LYS A 24 -11.06 -9.52 10.77
C LYS A 24 -10.16 -10.37 9.89
N PRO A 25 -8.85 -10.34 10.17
CA PRO A 25 -7.85 -11.11 9.42
C PRO A 25 -7.97 -12.60 9.65
N PRO A 26 -8.43 -13.33 8.62
CA PRO A 26 -8.60 -14.79 8.70
C PRO A 26 -7.26 -15.53 8.75
N GLN A 27 -6.69 -15.78 7.58
CA GLN A 27 -5.42 -16.48 7.50
C GLN A 27 -4.27 -15.50 7.20
N ARG A 28 -3.07 -16.04 7.05
CA ARG A 28 -1.90 -15.22 6.76
C ARG A 28 -2.04 -14.53 5.41
N LEU A 29 -1.56 -13.30 5.32
CA LEU A 29 -1.62 -12.53 4.07
C LEU A 29 -0.30 -11.82 3.80
N GLU A 30 0.01 -11.64 2.53
CA GLU A 30 1.25 -10.97 2.14
C GLU A 30 0.95 -9.73 1.28
N TRP A 31 1.50 -8.60 1.69
CA TRP A 31 1.30 -7.34 0.97
C TRP A 31 2.62 -6.79 0.44
N LYS A 32 2.57 -6.18 -0.73
CA LYS A 32 3.76 -5.61 -1.35
C LYS A 32 3.47 -4.24 -1.94
N LEU A 33 4.40 -3.31 -1.76
CA LEU A 33 4.25 -1.95 -2.27
C LEU A 33 5.54 -1.45 -2.90
N ASN A 34 5.42 -0.76 -4.03
CA ASN A 34 6.58 -0.23 -4.73
C ASN A 34 6.56 1.31 -4.74
N THR A 35 7.58 1.91 -4.14
CA THR A 35 7.67 3.36 -4.09
C THR A 35 9.08 3.84 -4.41
N GLY A 36 9.28 5.15 -4.39
CA GLY A 36 10.59 5.71 -4.68
C GLY A 36 10.94 5.65 -6.15
N ARG A 37 12.14 5.17 -6.45
CA ARG A 37 12.60 5.06 -7.84
C ARG A 37 12.75 3.60 -8.24
N THR A 38 13.22 2.77 -7.31
CA THR A 38 13.41 1.36 -7.57
C THR A 38 13.96 0.64 -6.35
N GLU A 39 14.71 1.37 -5.53
CA GLU A 39 15.29 0.80 -4.32
C GLU A 39 14.49 1.22 -3.08
N ALA A 40 13.19 1.36 -3.25
CA ALA A 40 12.31 1.75 -2.15
C ALA A 40 11.21 0.73 -1.93
N TRP A 41 11.14 -0.26 -2.82
CA TRP A 41 10.12 -1.31 -2.72
C TRP A 41 10.24 -2.06 -1.40
N LYS A 42 9.12 -2.18 -0.70
CA LYS A 42 9.10 -2.87 0.59
C LYS A 42 7.88 -3.78 0.68
N VAL A 43 7.96 -4.78 1.57
CA VAL A 43 6.86 -5.71 1.76
C VAL A 43 6.06 -5.37 3.02
N LEU A 44 4.76 -5.17 2.85
CA LEU A 44 3.88 -4.84 3.96
C LEU A 44 3.36 -6.11 4.64
N SER A 45 3.22 -6.05 5.97
CA SER A 45 2.74 -7.18 6.74
C SER A 45 1.56 -6.78 7.62
N PRO A 46 0.81 -7.79 8.11
CA PRO A 46 -0.35 -7.57 8.96
C PRO A 46 0.04 -7.05 10.35
N GLN A 47 1.34 -6.89 10.56
CA GLN A 47 1.85 -6.40 11.85
C GLN A 47 3.13 -5.61 11.67
N GLY A 48 2.99 -4.30 11.45
CA GLY A 48 4.15 -3.45 11.26
C GLY A 48 4.94 -3.26 12.54
N GLY A 49 4.24 -3.03 13.65
CA GLY A 49 4.91 -2.83 14.93
C GLY A 49 6.11 -1.93 14.81
N GLY A 50 6.01 -0.90 13.97
CA GLY A 50 7.11 0.02 13.78
C GLY A 50 6.67 1.47 13.89
N PRO A 51 7.61 2.40 13.64
CA PRO A 51 7.34 3.84 13.69
C PRO A 51 6.43 4.31 12.56
N TRP A 52 5.39 5.04 12.92
CA TRP A 52 4.44 5.55 11.93
C TRP A 52 4.95 6.85 11.31
N ASP A 53 5.65 7.65 12.10
CA ASP A 53 6.19 8.92 11.63
C ASP A 53 7.19 8.69 10.49
N SER A 54 7.79 7.50 10.47
CA SER A 54 8.76 7.16 9.43
C SER A 54 8.07 6.58 8.20
N VAL A 55 7.17 5.63 8.44
CA VAL A 55 6.44 4.99 7.35
C VAL A 55 4.93 5.00 7.63
N ALA A 56 4.43 3.87 8.11
CA ALA A 56 3.01 3.73 8.41
C ALA A 56 2.74 2.49 9.27
N ARG A 57 1.49 2.35 9.71
CA ARG A 57 1.11 1.21 10.54
C ARG A 57 0.03 0.38 9.86
N VAL A 58 -0.12 -0.87 10.29
CA VAL A 58 -1.12 -1.76 9.72
C VAL A 58 -2.26 -1.99 10.70
N LEU A 59 -3.49 -1.80 10.22
CA LEU A 59 -4.67 -1.99 11.04
C LEU A 59 -4.87 -3.46 11.39
N PRO A 60 -5.58 -3.72 12.50
CA PRO A 60 -5.86 -5.09 12.95
C PRO A 60 -6.83 -5.82 12.04
N ASN A 61 -7.62 -5.06 11.29
CA ASN A 61 -8.60 -5.64 10.37
C ASN A 61 -7.93 -6.01 9.04
N GLY A 62 -6.64 -5.76 8.94
CA GLY A 62 -5.91 -6.07 7.73
C GLY A 62 -5.83 -4.90 6.77
N SER A 63 -5.89 -3.70 7.32
CA SER A 63 -5.84 -2.48 6.51
C SER A 63 -4.53 -1.75 6.71
N LEU A 64 -4.36 -0.64 6.00
CA LEU A 64 -3.14 0.16 6.10
C LEU A 64 -3.46 1.62 6.37
N PHE A 65 -2.84 2.19 7.39
CA PHE A 65 -3.06 3.58 7.76
C PHE A 65 -1.73 4.34 7.83
N LEU A 66 -1.69 5.49 7.16
CA LEU A 66 -0.49 6.31 7.14
C LEU A 66 -0.75 7.67 7.78
N PRO A 67 0.14 8.07 8.71
CA PRO A 67 0.02 9.35 9.41
C PRO A 67 0.30 10.54 8.50
N ALA A 68 1.22 10.35 7.56
CA ALA A 68 1.58 11.41 6.62
C ALA A 68 2.43 10.87 5.47
N VAL A 69 1.80 10.64 4.33
CA VAL A 69 2.51 10.12 3.16
C VAL A 69 3.40 11.19 2.53
N GLY A 70 4.70 10.97 2.58
CA GLY A 70 5.64 11.92 2.01
C GLY A 70 5.84 11.72 0.52
N ILE A 71 6.46 12.69 -0.13
CA ILE A 71 6.71 12.62 -1.56
C ILE A 71 7.46 11.35 -1.93
N GLN A 72 8.30 10.88 -1.00
CA GLN A 72 9.08 9.67 -1.22
C GLN A 72 8.21 8.42 -1.07
N ASP A 73 7.10 8.57 -0.36
CA ASP A 73 6.18 7.46 -0.15
C ASP A 73 5.37 7.17 -1.41
N GLU A 74 5.54 8.01 -2.42
CA GLU A 74 4.81 7.85 -3.68
C GLU A 74 5.13 6.50 -4.31
N GLY A 75 4.11 5.87 -4.89
CA GLY A 75 4.30 4.57 -5.52
C GLY A 75 2.99 3.86 -5.77
N ILE A 76 3.02 2.53 -5.70
CA ILE A 76 1.82 1.73 -5.93
C ILE A 76 1.62 0.71 -4.82
N PHE A 77 0.39 0.59 -4.35
CA PHE A 77 0.06 -0.35 -3.28
C PHE A 77 -0.57 -1.62 -3.85
N ARG A 78 0.02 -2.76 -3.51
CA ARG A 78 -0.47 -4.04 -4.00
C ARG A 78 -0.64 -5.03 -2.84
N CYS A 79 -1.82 -5.61 -2.73
CA CYS A 79 -2.12 -6.57 -1.67
C CYS A 79 -2.53 -7.91 -2.25
N GLN A 80 -2.23 -8.99 -1.52
CA GLN A 80 -2.58 -10.33 -1.98
C GLN A 80 -2.99 -11.20 -0.80
N ALA A 81 -4.18 -11.81 -0.90
CA ALA A 81 -4.68 -12.67 0.16
C ALA A 81 -5.23 -13.98 -0.41
N MET A 82 -5.38 -14.98 0.45
CA MET A 82 -5.89 -16.28 0.03
C MET A 82 -7.02 -16.74 0.94
N ASN A 83 -8.16 -17.07 0.34
CA ASN A 83 -9.32 -17.52 1.09
C ASN A 83 -9.27 -19.03 1.33
N ARG A 84 -10.17 -19.53 2.17
CA ARG A 84 -10.22 -20.94 2.49
C ARG A 84 -10.76 -21.75 1.31
N ASN A 85 -11.42 -21.05 0.38
CA ASN A 85 -11.99 -21.69 -0.80
C ASN A 85 -10.89 -22.12 -1.77
N GLY A 86 -9.72 -21.49 -1.65
CA GLY A 86 -8.61 -21.81 -2.53
C GLY A 86 -8.26 -20.67 -3.45
N LYS A 87 -9.20 -19.77 -3.67
CA LYS A 87 -8.98 -18.62 -4.54
C LYS A 87 -8.30 -17.48 -3.79
N GLU A 88 -7.46 -16.74 -4.48
CA GLU A 88 -6.74 -15.63 -3.88
C GLU A 88 -7.31 -14.29 -4.35
N THR A 89 -7.32 -13.30 -3.47
CA THR A 89 -7.84 -11.98 -3.79
C THR A 89 -6.70 -11.00 -4.07
N LYS A 90 -6.78 -10.33 -5.21
CA LYS A 90 -5.76 -9.35 -5.59
C LYS A 90 -6.28 -7.93 -5.42
N SER A 91 -5.39 -7.02 -5.04
CA SER A 91 -5.76 -5.62 -4.84
C SER A 91 -4.63 -4.69 -5.26
N ASN A 92 -4.93 -3.81 -6.21
CA ASN A 92 -3.93 -2.86 -6.71
C ASN A 92 -4.46 -1.44 -6.63
N TYR A 93 -3.76 -0.60 -5.88
CA TYR A 93 -4.16 0.80 -5.71
C TYR A 93 -2.96 1.73 -5.91
N ARG A 94 -3.05 2.59 -6.92
CA ARG A 94 -1.98 3.53 -7.21
C ARG A 94 -2.15 4.82 -6.41
N VAL A 95 -1.06 5.27 -5.80
CA VAL A 95 -1.08 6.49 -5.00
C VAL A 95 -0.12 7.53 -5.56
N ARG A 96 -0.56 8.79 -5.58
CA ARG A 96 0.26 9.88 -6.09
C ARG A 96 0.28 11.05 -5.11
N VAL A 97 1.47 11.50 -4.76
CA VAL A 97 1.63 12.61 -3.83
C VAL A 97 1.61 13.95 -4.56
N TYR A 98 1.79 15.03 -3.81
CA TYR A 98 1.78 16.37 -4.39
C TYR A 98 2.89 16.52 -5.44
N GLN A 99 4.11 16.72 -4.98
CA GLN A 99 5.25 16.89 -5.87
C GLN A 99 5.63 15.56 -6.52
N ILE A 100 6.04 15.61 -7.78
CA ILE A 100 6.43 14.41 -8.50
C ILE A 100 7.87 14.51 -8.99
N PRO A 101 8.48 13.35 -9.29
CA PRO A 101 9.86 13.28 -9.77
C PRO A 101 10.01 13.82 -11.18
N GLY A 102 11.24 13.83 -11.68
CA GLY A 102 11.50 14.33 -13.02
C GLY A 102 12.92 14.07 -13.48
N LYS A 103 13.87 14.18 -12.55
CA LYS A 103 15.27 13.96 -12.86
C LYS A 103 16.03 13.47 -11.63
N PRO A 104 15.72 12.24 -11.19
CA PRO A 104 16.36 11.63 -10.02
C PRO A 104 17.83 11.29 -10.28
N GLU A 105 18.53 10.89 -9.22
CA GLU A 105 19.94 10.54 -9.33
C GLU A 105 20.30 9.45 -8.33
N ASP B 1 5.36 -1.55 -15.21
CA ASP B 1 6.14 -0.36 -14.89
C ASP B 1 5.89 0.08 -13.45
N GLU B 2 4.62 0.25 -13.10
CA GLU B 2 4.24 0.68 -11.75
C GLU B 2 3.28 -0.32 -11.12
N PHE B 3 3.77 -1.52 -10.84
CA PHE B 3 2.95 -2.56 -10.23
C PHE B 3 1.76 -2.91 -11.13
N KPI B 4 0.86 -3.61 -10.60
CA KPI B 4 -0.33 -4.02 -11.33
CB KPI B 4 -1.39 -4.54 -10.33
CG KPI B 4 -1.01 -5.95 -9.86
CD KPI B 4 -1.82 -7.01 -10.64
CE KPI B 4 -1.54 -8.41 -10.07
NZ KPI B 4 -2.29 -8.59 -8.82
CX1 KPI B 4 -1.83 -9.87 -8.14
C1 KPI B 4 -2.42 -11.09 -8.86
CX2 KPI B 4 -2.20 -9.95 -6.64
O1 KPI B 4 -1.04 -10.49 -5.87
O2 KPI B 4 -2.55 -8.57 -6.13
C KPI B 4 -0.86 -2.83 -12.05
O KPI B 4 -1.08 -2.88 -13.26
H KPI B 4 0.83 -3.97 -9.60
HA KPI B 4 -0.09 -4.81 -12.05
HB KPI B 4 -1.44 -3.92 -9.55
HBA KPI B 4 -2.29 -4.58 -10.79
HG KPI B 4 -0.03 -6.11 -10.01
HGA KPI B 4 -1.21 -6.04 -8.88
HD KPI B 4 -2.79 -6.81 -10.57
HDA KPI B 4 -1.55 -6.98 -11.61
HE KPI B 4 -1.82 -9.11 -10.73
HEA KPI B 4 -0.56 -8.51 -9.88
H1C KPI B 4 -2.01 -12.00 -8.44
H1A KPI B 4 -2.16 -11.03 -9.92
H1B KPI B 4 -3.51 -11.09 -8.76
HZ KPI B 4 -2.12 -7.75 -8.17
HX1 KPI B 4 -0.74 -9.93 -8.14
N ALA B 5 -1.07 -1.75 -11.31
CA ALA B 5 -1.59 -0.52 -11.90
C ALA B 5 -0.75 -0.09 -13.09
N ASP B 6 -1.39 0.62 -14.02
CA ASP B 6 -0.70 1.11 -15.22
C ASP B 6 -1.59 2.03 -16.02
N GLU B 7 -1.19 3.30 -16.14
CA GLU B 7 -1.96 4.28 -16.88
C GLU B 7 -1.16 4.80 -18.08
N GLY A 1 -12.60 -2.25 -7.04
CA GLY A 1 -11.21 -1.98 -6.76
C GLY A 1 -10.29 -2.44 -7.88
N SER A 2 -9.12 -2.96 -7.51
CA SER A 2 -8.16 -3.43 -8.50
C SER A 2 -7.64 -2.28 -9.34
N ALA A 3 -6.36 -1.97 -9.19
CA ALA A 3 -5.73 -0.88 -9.94
C ALA A 3 -6.54 0.41 -9.82
N GLN A 4 -6.79 0.83 -8.59
CA GLN A 4 -7.56 2.05 -8.33
C GLN A 4 -6.63 3.25 -8.19
N ASN A 5 -7.03 4.37 -8.79
CA ASN A 5 -6.23 5.60 -8.73
C ASN A 5 -6.63 6.44 -7.52
N ILE A 6 -5.66 6.69 -6.65
CA ILE A 6 -5.89 7.50 -5.45
C ILE A 6 -4.91 8.66 -5.36
N THR A 7 -5.44 9.86 -5.19
CA THR A 7 -4.62 11.06 -5.08
C THR A 7 -4.34 11.41 -3.62
N ALA A 8 -3.13 11.87 -3.36
CA ALA A 8 -2.74 12.25 -1.99
C ALA A 8 -1.79 13.44 -2.01
N ARG A 9 -1.61 14.05 -0.86
CA ARG A 9 -0.72 15.21 -0.73
C ARG A 9 0.40 14.93 0.27
N ILE A 10 1.56 15.55 0.03
CA ILE A 10 2.71 15.36 0.90
C ILE A 10 2.37 15.74 2.35
N GLY A 11 2.52 14.79 3.25
CA GLY A 11 2.23 15.05 4.65
C GLY A 11 0.78 14.79 5.00
N GLU A 12 0.03 14.23 4.05
CA GLU A 12 -1.38 13.94 4.26
C GLU A 12 -1.60 12.47 4.54
N PRO A 13 -2.48 12.16 5.50
CA PRO A 13 -2.81 10.78 5.88
C PRO A 13 -3.59 10.05 4.80
N LEU A 14 -3.31 8.76 4.65
CA LEU A 14 -3.99 7.95 3.65
C LEU A 14 -4.20 6.53 4.16
N VAL A 15 -5.36 5.96 3.85
CA VAL A 15 -5.69 4.59 4.27
C VAL A 15 -6.07 3.73 3.07
N LEU A 16 -5.69 2.45 3.13
CA LEU A 16 -6.00 1.51 2.07
C LEU A 16 -6.62 0.22 2.62
N LYS A 17 -7.49 -0.39 1.84
CA LYS A 17 -8.14 -1.62 2.25
C LYS A 17 -7.70 -2.79 1.37
N CYS A 18 -7.75 -3.99 1.93
CA CYS A 18 -7.36 -5.19 1.21
C CYS A 18 -8.58 -6.01 0.81
N LYS A 19 -8.98 -5.89 -0.45
CA LYS A 19 -10.14 -6.62 -0.96
C LYS A 19 -10.00 -8.12 -0.69
N GLY A 20 -10.99 -8.69 -0.02
CA GLY A 20 -10.95 -10.10 0.29
C GLY A 20 -11.10 -10.38 1.78
N ALA A 21 -10.43 -9.59 2.60
CA ALA A 21 -10.49 -9.75 4.04
C ALA A 21 -11.63 -8.92 4.64
N PRO A 22 -12.48 -9.58 5.44
CA PRO A 22 -13.62 -8.92 6.09
C PRO A 22 -13.18 -7.95 7.18
N LYS A 23 -14.14 -7.55 8.02
CA LYS A 23 -13.86 -6.62 9.11
C LYS A 23 -12.62 -7.07 9.90
N LYS A 24 -12.60 -8.35 10.26
CA LYS A 24 -11.47 -8.90 11.01
C LYS A 24 -10.59 -9.77 10.13
N PRO A 25 -9.32 -9.90 10.51
CA PRO A 25 -8.34 -10.71 9.76
C PRO A 25 -8.63 -12.20 9.85
N PRO A 26 -9.08 -12.78 8.73
CA PRO A 26 -9.40 -14.22 8.66
C PRO A 26 -8.15 -15.09 8.74
N GLN A 27 -7.54 -15.35 7.59
CA GLN A 27 -6.34 -16.18 7.53
C GLN A 27 -5.10 -15.32 7.34
N ARG A 28 -3.94 -15.97 7.23
CA ARG A 28 -2.68 -15.27 7.04
C ARG A 28 -2.66 -14.54 5.70
N LEU A 29 -2.19 -13.29 5.71
CA LEU A 29 -2.12 -12.49 4.50
C LEU A 29 -0.78 -11.76 4.40
N GLU A 30 -0.44 -11.32 3.20
CA GLU A 30 0.82 -10.60 2.97
C GLU A 30 0.55 -9.21 2.41
N TRP A 31 1.42 -8.26 2.78
CA TRP A 31 1.28 -6.89 2.30
C TRP A 31 2.55 -6.43 1.60
N LYS A 32 2.38 -5.73 0.48
CA LYS A 32 3.51 -5.23 -0.29
C LYS A 32 3.22 -3.82 -0.83
N LEU A 33 4.23 -2.95 -0.80
CA LEU A 33 4.09 -1.60 -1.29
C LEU A 33 5.32 -1.17 -2.09
N ASN A 34 5.08 -0.56 -3.24
CA ASN A 34 6.17 -0.10 -4.10
C ASN A 34 6.16 1.42 -4.23
N THR A 35 7.26 2.05 -3.83
CA THR A 35 7.37 3.51 -3.90
C THR A 35 8.76 3.92 -4.39
N GLY A 36 8.97 5.23 -4.50
CA GLY A 36 10.26 5.74 -4.94
C GLY A 36 10.44 5.60 -6.44
N ARG A 37 11.58 5.04 -6.86
CA ARG A 37 11.88 4.86 -8.26
C ARG A 37 11.90 3.38 -8.63
N THR A 38 12.40 2.55 -7.71
CA THR A 38 12.48 1.12 -7.94
C THR A 38 13.16 0.42 -6.77
N GLU A 39 14.07 1.13 -6.10
CA GLU A 39 14.79 0.57 -4.96
C GLU A 39 14.21 1.10 -3.64
N ALA A 40 12.90 1.32 -3.62
CA ALA A 40 12.23 1.82 -2.43
C ALA A 40 11.12 0.87 -1.99
N TRP A 41 10.86 -0.15 -2.81
CA TRP A 41 9.81 -1.12 -2.50
C TRP A 41 10.11 -1.82 -1.18
N LYS A 42 9.08 -1.91 -0.33
CA LYS A 42 9.23 -2.57 0.97
C LYS A 42 8.11 -3.59 1.19
N VAL A 43 8.35 -4.53 2.09
CA VAL A 43 7.37 -5.56 2.39
C VAL A 43 6.63 -5.25 3.68
N LEU A 44 5.31 -5.11 3.58
CA LEU A 44 4.48 -4.80 4.75
C LEU A 44 3.88 -6.08 5.33
N SER A 45 3.69 -6.09 6.65
CA SER A 45 3.12 -7.24 7.33
C SER A 45 1.88 -6.84 8.13
N PRO A 46 1.00 -7.82 8.39
CA PRO A 46 -0.23 -7.60 9.15
C PRO A 46 0.04 -7.34 10.62
N GLN A 47 1.31 -7.35 11.00
CA GLN A 47 1.70 -7.10 12.38
C GLN A 47 2.92 -6.20 12.45
N GLY A 48 2.72 -4.91 12.22
CA GLY A 48 3.81 -3.96 12.25
C GLY A 48 4.66 -4.00 11.00
N GLY A 49 4.13 -3.46 9.91
CA GLY A 49 4.86 -3.45 8.65
C GLY A 49 5.94 -2.39 8.62
N GLY A 50 6.86 -2.46 9.57
CA GLY A 50 7.94 -1.49 9.62
C GLY A 50 7.63 -0.33 10.55
N PRO A 51 8.56 0.62 10.65
CA PRO A 51 8.41 1.80 11.50
C PRO A 51 7.35 2.76 10.97
N TRP A 52 6.20 2.78 11.63
CA TRP A 52 5.10 3.65 11.21
C TRP A 52 5.56 5.11 11.15
N ASP A 53 6.47 5.48 12.04
CA ASP A 53 6.99 6.84 12.08
C ASP A 53 7.81 7.14 10.84
N SER A 54 8.39 6.10 10.24
CA SER A 54 9.21 6.25 9.05
C SER A 54 8.37 6.10 7.79
N VAL A 55 7.48 5.11 7.79
CA VAL A 55 6.62 4.85 6.64
C VAL A 55 5.15 4.80 7.07
N ALA A 56 4.64 3.60 7.27
CA ALA A 56 3.25 3.42 7.68
C ALA A 56 3.08 2.14 8.50
N ARG A 57 1.88 1.94 9.03
CA ARG A 57 1.58 0.77 9.83
C ARG A 57 0.38 0.01 9.28
N VAL A 58 0.20 -1.23 9.71
CA VAL A 58 -0.91 -2.05 9.26
C VAL A 58 -1.96 -2.20 10.35
N LEU A 59 -3.22 -1.95 10.01
CA LEU A 59 -4.31 -2.05 10.97
C LEU A 59 -4.58 -3.51 11.33
N PRO A 60 -5.23 -3.72 12.48
CA PRO A 60 -5.56 -5.07 12.96
C PRO A 60 -6.64 -5.74 12.11
N ASN A 61 -7.41 -4.94 11.40
CA ASN A 61 -8.47 -5.46 10.55
C ASN A 61 -7.93 -5.89 9.19
N GLY A 62 -6.61 -5.75 9.03
CA GLY A 62 -5.98 -6.14 7.77
C GLY A 62 -5.93 -4.99 6.78
N SER A 63 -5.89 -3.76 7.29
CA SER A 63 -5.85 -2.57 6.45
C SER A 63 -4.51 -1.87 6.57
N LEU A 64 -4.35 -0.77 5.86
CA LEU A 64 -3.11 0.01 5.89
C LEU A 64 -3.40 1.49 6.17
N PHE A 65 -2.68 2.04 7.14
CA PHE A 65 -2.85 3.44 7.50
C PHE A 65 -1.53 4.19 7.40
N LEU A 66 -1.57 5.37 6.79
CA LEU A 66 -0.37 6.19 6.63
C LEU A 66 -0.51 7.49 7.40
N PRO A 67 0.47 7.75 8.29
CA PRO A 67 0.49 8.97 9.11
C PRO A 67 0.78 10.22 8.29
N ALA A 68 1.58 10.06 7.23
CA ALA A 68 1.93 11.17 6.36
C ALA A 68 2.62 10.68 5.09
N VAL A 69 1.87 10.67 4.00
CA VAL A 69 2.41 10.22 2.72
C VAL A 69 3.39 11.24 2.15
N GLY A 70 4.66 10.85 2.08
CA GLY A 70 5.68 11.73 1.56
C GLY A 70 5.90 11.55 0.06
N ILE A 71 6.42 12.59 -0.59
CA ILE A 71 6.68 12.53 -2.02
C ILE A 71 7.52 11.31 -2.38
N GLN A 72 8.39 10.90 -1.47
CA GLN A 72 9.25 9.75 -1.69
C GLN A 72 8.47 8.45 -1.51
N ASP A 73 7.40 8.51 -0.75
CA ASP A 73 6.56 7.34 -0.49
C ASP A 73 5.60 7.10 -1.65
N GLU A 74 5.61 8.01 -2.62
CA GLU A 74 4.73 7.90 -3.78
C GLU A 74 4.97 6.59 -4.51
N GLY A 75 3.89 5.98 -5.00
CA GLY A 75 4.01 4.73 -5.73
C GLY A 75 2.69 3.98 -5.81
N ILE A 76 2.75 2.65 -5.78
CA ILE A 76 1.55 1.83 -5.86
C ILE A 76 1.54 0.77 -4.78
N PHE A 77 0.39 0.59 -4.13
CA PHE A 77 0.25 -0.40 -3.06
C PHE A 77 -0.40 -1.67 -3.58
N ARG A 78 0.16 -2.81 -3.21
CA ARG A 78 -0.37 -4.10 -3.65
C ARG A 78 -0.60 -5.02 -2.45
N CYS A 79 -1.82 -5.54 -2.35
CA CYS A 79 -2.17 -6.43 -1.25
C CYS A 79 -2.66 -7.78 -1.78
N GLN A 80 -2.45 -8.84 -1.01
CA GLN A 80 -2.87 -10.18 -1.40
C GLN A 80 -3.27 -11.00 -0.18
N ALA A 81 -4.45 -11.62 -0.25
CA ALA A 81 -4.94 -12.43 0.85
C ALA A 81 -5.45 -13.78 0.34
N MET A 82 -5.59 -14.73 1.25
CA MET A 82 -6.06 -16.06 0.89
C MET A 82 -7.18 -16.52 1.83
N ASN A 83 -8.31 -16.91 1.26
CA ASN A 83 -9.45 -17.36 2.05
C ASN A 83 -9.33 -18.84 2.39
N ARG A 84 -10.20 -19.32 3.26
CA ARG A 84 -10.20 -20.72 3.66
C ARG A 84 -10.73 -21.61 2.55
N ASN A 85 -11.43 -21.01 1.60
CA ASN A 85 -12.00 -21.74 0.47
C ASN A 85 -10.90 -22.20 -0.49
N GLY A 86 -9.75 -21.55 -0.41
CA GLY A 86 -8.64 -21.90 -1.27
C GLY A 86 -8.32 -20.81 -2.28
N LYS A 87 -9.29 -19.95 -2.54
CA LYS A 87 -9.11 -18.85 -3.49
C LYS A 87 -8.47 -17.66 -2.81
N GLU A 88 -7.62 -16.94 -3.54
CA GLU A 88 -6.94 -15.77 -3.01
C GLU A 88 -7.51 -14.49 -3.62
N THR A 89 -7.58 -13.43 -2.82
CA THR A 89 -8.11 -12.16 -3.27
C THR A 89 -6.99 -11.17 -3.56
N LYS A 90 -7.05 -10.52 -4.71
CA LYS A 90 -6.03 -9.54 -5.10
C LYS A 90 -6.57 -8.12 -4.96
N SER A 91 -5.69 -7.20 -4.54
CA SER A 91 -6.08 -5.81 -4.37
C SER A 91 -4.91 -4.89 -4.67
N ASN A 92 -5.09 -4.00 -5.66
CA ASN A 92 -4.05 -3.07 -6.05
C ASN A 92 -4.57 -1.63 -6.01
N TYR A 93 -3.89 -0.78 -5.25
CA TYR A 93 -4.28 0.62 -5.13
C TYR A 93 -3.11 1.54 -5.42
N ARG A 94 -3.25 2.37 -6.45
CA ARG A 94 -2.21 3.31 -6.83
C ARG A 94 -2.36 4.63 -6.08
N VAL A 95 -1.24 5.16 -5.60
CA VAL A 95 -1.24 6.41 -4.86
C VAL A 95 -0.27 7.42 -5.47
N ARG A 96 -0.72 8.68 -5.58
CA ARG A 96 0.10 9.73 -6.16
C ARG A 96 0.13 10.95 -5.25
N VAL A 97 1.33 11.43 -4.95
CA VAL A 97 1.50 12.59 -4.09
C VAL A 97 1.41 13.88 -4.89
N TYR A 98 1.63 15.01 -4.22
CA TYR A 98 1.57 16.31 -4.87
C TYR A 98 2.76 16.51 -5.81
N GLN A 99 3.89 16.88 -5.23
CA GLN A 99 5.12 17.10 -6.01
C GLN A 99 5.52 15.83 -6.74
N ILE A 100 6.08 16.00 -7.94
CA ILE A 100 6.52 14.86 -8.75
C ILE A 100 8.01 14.95 -9.06
N PRO A 101 8.61 13.81 -9.41
CA PRO A 101 10.03 13.72 -9.74
C PRO A 101 10.36 14.41 -11.06
N GLY A 102 11.42 15.22 -11.05
CA GLY A 102 11.82 15.92 -12.27
C GLY A 102 13.20 16.54 -12.14
N LYS A 103 14.09 15.85 -11.45
CA LYS A 103 15.46 16.32 -11.27
C LYS A 103 16.41 15.17 -11.00
N PRO A 104 17.72 15.41 -11.21
CA PRO A 104 18.76 14.40 -11.00
C PRO A 104 18.96 14.08 -9.53
N GLU A 105 19.91 13.20 -9.24
CA GLU A 105 20.20 12.80 -7.87
C GLU A 105 21.71 12.74 -7.62
N ASP B 1 8.37 -0.41 -15.50
CA ASP B 1 7.06 -0.12 -14.94
C ASP B 1 7.15 0.22 -13.45
N GLU B 2 6.01 0.34 -12.79
CA GLU B 2 5.97 0.67 -11.38
C GLU B 2 5.28 -0.43 -10.58
N PHE B 3 4.23 -1.01 -11.18
CA PHE B 3 3.48 -2.08 -10.52
C PHE B 3 2.42 -2.66 -11.46
N KPI B 4 1.54 -3.36 -10.93
CA KPI B 4 0.46 -3.98 -11.70
CB KPI B 4 -0.47 -4.76 -10.75
CG KPI B 4 -1.81 -5.06 -11.46
CD KPI B 4 -2.31 -6.47 -11.07
CE KPI B 4 -2.48 -6.55 -9.55
NZ KPI B 4 -1.61 -7.61 -9.00
CX1 KPI B 4 -2.46 -8.79 -8.58
C1 KPI B 4 -2.98 -9.52 -9.84
CX2 KPI B 4 -3.62 -8.59 -7.59
O1 KPI B 4 -3.57 -9.65 -6.54
O2 KPI B 4 -3.51 -7.23 -6.96
C KPI B 4 -0.30 -2.90 -12.36
O KPI B 4 -0.50 -2.91 -13.57
H KPI B 4 1.44 -3.61 -9.90
HA KPI B 4 0.86 -4.67 -12.46
HB KPI B 4 -0.03 -5.63 -10.51
HBA KPI B 4 -0.64 -4.23 -9.93
HG KPI B 4 -2.49 -4.38 -11.19
HGA KPI B 4 -1.67 -5.01 -12.45
HD KPI B 4 -3.19 -6.65 -11.52
HDA KPI B 4 -1.64 -7.15 -11.37
HE KPI B 4 -2.23 -5.68 -9.13
HEA KPI B 4 -3.43 -6.76 -9.32
H1C KPI B 4 -3.39 -10.50 -9.56
H1A KPI B 4 -2.16 -9.66 -10.54
H1B KPI B 4 -3.76 -8.92 -10.31
HZ KPI B 4 -0.91 -7.92 -9.75
HX1 KPI B 4 -1.86 -9.48 -7.99
N ALA B 5 -0.76 -1.93 -11.57
CA ALA B 5 -1.53 -0.81 -12.09
C ALA B 5 -0.83 -0.18 -13.29
N ASP B 6 -1.60 0.14 -14.32
CA ASP B 6 -1.05 0.77 -15.52
C ASP B 6 -2.07 1.69 -16.17
N GLU B 7 -1.80 3.00 -16.08
CA GLU B 7 -2.70 3.99 -16.66
C GLU B 7 -2.00 5.33 -16.80
N GLY A 1 -12.99 -2.90 -7.33
CA GLY A 1 -12.09 -1.78 -7.55
C GLY A 1 -10.95 -2.13 -8.48
N SER A 2 -9.87 -2.64 -7.91
CA SER A 2 -8.69 -3.00 -8.70
C SER A 2 -8.04 -1.76 -9.30
N ALA A 3 -6.77 -1.56 -8.99
CA ALA A 3 -6.02 -0.42 -9.49
C ALA A 3 -6.78 0.88 -9.25
N GLN A 4 -6.94 1.24 -7.99
CA GLN A 4 -7.65 2.46 -7.62
C GLN A 4 -6.68 3.63 -7.46
N ASN A 5 -7.02 4.77 -8.05
CA ASN A 5 -6.18 5.95 -7.98
C ASN A 5 -6.56 6.81 -6.76
N ILE A 6 -5.58 7.04 -5.89
CA ILE A 6 -5.81 7.85 -4.70
C ILE A 6 -4.81 9.00 -4.62
N THR A 7 -5.34 10.22 -4.55
CA THR A 7 -4.49 11.41 -4.46
C THR A 7 -4.27 11.83 -3.01
N ALA A 8 -3.06 12.26 -2.71
CA ALA A 8 -2.72 12.70 -1.36
C ALA A 8 -1.67 13.81 -1.38
N ARG A 9 -1.47 14.45 -0.24
CA ARG A 9 -0.50 15.53 -0.13
C ARG A 9 0.59 15.19 0.90
N ILE A 10 1.78 15.71 0.67
CA ILE A 10 2.90 15.45 1.57
C ILE A 10 2.54 15.79 3.01
N GLY A 11 2.62 14.79 3.89
CA GLY A 11 2.29 15.01 5.28
C GLY A 11 0.81 14.80 5.56
N GLU A 12 0.09 14.28 4.59
CA GLU A 12 -1.34 14.03 4.74
C GLU A 12 -1.62 12.56 5.00
N PRO A 13 -2.57 12.29 5.91
CA PRO A 13 -2.95 10.92 6.27
C PRO A 13 -3.70 10.22 5.14
N LEU A 14 -3.46 8.92 5.00
CA LEU A 14 -4.12 8.14 3.96
C LEU A 14 -4.38 6.71 4.43
N VAL A 15 -5.51 6.15 4.02
CA VAL A 15 -5.87 4.79 4.40
C VAL A 15 -6.08 3.91 3.18
N LEU A 16 -5.72 2.63 3.30
CA LEU A 16 -5.87 1.70 2.20
C LEU A 16 -6.55 0.42 2.67
N LYS A 17 -7.32 -0.21 1.78
CA LYS A 17 -8.02 -1.44 2.11
C LYS A 17 -7.49 -2.61 1.28
N CYS A 18 -7.59 -3.81 1.84
CA CYS A 18 -7.11 -5.01 1.16
C CYS A 18 -8.28 -5.86 0.66
N LYS A 19 -8.59 -5.73 -0.63
CA LYS A 19 -9.69 -6.49 -1.23
C LYS A 19 -9.49 -7.98 -1.02
N GLY A 20 -10.49 -8.63 -0.43
CA GLY A 20 -10.41 -10.06 -0.18
C GLY A 20 -10.63 -10.40 1.28
N ALA A 21 -10.05 -9.60 2.17
CA ALA A 21 -10.18 -9.83 3.60
C ALA A 21 -11.39 -9.08 4.17
N PRO A 22 -12.24 -9.81 4.91
CA PRO A 22 -13.45 -9.25 5.52
C PRO A 22 -13.12 -8.30 6.66
N LYS A 23 -14.13 -7.99 7.47
CA LYS A 23 -13.95 -7.08 8.60
C LYS A 23 -12.74 -7.50 9.44
N LYS A 24 -12.66 -8.78 9.77
CA LYS A 24 -11.56 -9.31 10.56
C LYS A 24 -10.63 -10.16 9.70
N PRO A 25 -9.35 -10.21 10.09
CA PRO A 25 -8.34 -10.99 9.37
C PRO A 25 -8.54 -12.49 9.52
N PRO A 26 -8.95 -13.15 8.43
CA PRO A 26 -9.20 -14.59 8.41
C PRO A 26 -7.91 -15.40 8.54
N GLN A 27 -7.25 -15.63 7.40
CA GLN A 27 -6.00 -16.38 7.38
C GLN A 27 -4.80 -15.46 7.22
N ARG A 28 -3.61 -16.05 7.15
CA ARG A 28 -2.39 -15.27 7.00
C ARG A 28 -2.38 -14.51 5.67
N LEU A 29 -1.94 -13.27 5.71
CA LEU A 29 -1.88 -12.44 4.50
C LEU A 29 -0.56 -11.67 4.44
N GLU A 30 -0.18 -11.27 3.23
CA GLU A 30 1.06 -10.52 3.03
C GLU A 30 0.79 -9.16 2.40
N TRP A 31 1.60 -8.17 2.76
CA TRP A 31 1.44 -6.83 2.24
C TRP A 31 2.71 -6.37 1.52
N LYS A 32 2.54 -5.65 0.42
CA LYS A 32 3.67 -5.15 -0.36
C LYS A 32 3.41 -3.71 -0.82
N LEU A 33 4.46 -2.89 -0.75
CA LEU A 33 4.35 -1.49 -1.17
C LEU A 33 5.59 -1.07 -1.95
N ASN A 34 5.37 -0.43 -3.10
CA ASN A 34 6.47 0.03 -3.94
C ASN A 34 6.46 1.55 -4.06
N THR A 35 7.55 2.18 -3.64
CA THR A 35 7.67 3.63 -3.70
C THR A 35 9.06 4.05 -4.13
N GLY A 36 9.28 5.36 -4.24
CA GLY A 36 10.58 5.87 -4.64
C GLY A 36 10.79 5.79 -6.14
N ARG A 37 11.93 5.26 -6.55
CA ARG A 37 12.26 5.13 -7.97
C ARG A 37 12.30 3.66 -8.37
N THR A 38 12.83 2.82 -7.50
CA THR A 38 12.93 1.39 -7.77
C THR A 38 13.57 0.65 -6.60
N GLU A 39 14.47 1.34 -5.90
CA GLU A 39 15.16 0.74 -4.76
C GLU A 39 14.56 1.25 -3.44
N ALA A 40 13.25 1.49 -3.45
CA ALA A 40 12.56 1.97 -2.26
C ALA A 40 11.42 1.03 -1.86
N TRP A 41 11.16 0.04 -2.71
CA TRP A 41 10.10 -0.92 -2.46
C TRP A 41 10.39 -1.73 -1.21
N LYS A 42 9.39 -1.82 -0.32
CA LYS A 42 9.54 -2.57 0.92
C LYS A 42 8.35 -3.50 1.13
N VAL A 43 8.55 -4.53 1.95
CA VAL A 43 7.50 -5.50 2.24
C VAL A 43 6.72 -5.10 3.50
N LEU A 44 5.41 -4.94 3.35
CA LEU A 44 4.56 -4.56 4.46
C LEU A 44 4.06 -5.79 5.21
N SER A 45 3.87 -5.65 6.52
CA SER A 45 3.40 -6.75 7.35
C SER A 45 2.15 -6.35 8.14
N PRO A 46 1.28 -7.34 8.40
CA PRO A 46 0.04 -7.11 9.15
C PRO A 46 0.30 -6.80 10.62
N GLN A 47 1.57 -6.75 10.99
CA GLN A 47 1.94 -6.46 12.37
C GLN A 47 2.79 -5.19 12.46
N GLY A 48 2.15 -4.05 12.21
CA GLY A 48 2.85 -2.78 12.25
C GLY A 48 3.49 -2.42 10.92
N GLY A 49 3.89 -3.43 10.16
CA GLY A 49 4.50 -3.19 8.87
C GLY A 49 5.63 -2.17 8.94
N GLY A 50 6.43 -2.26 10.00
CA GLY A 50 7.53 -1.32 10.17
C GLY A 50 7.20 -0.21 11.14
N PRO A 51 8.11 0.77 11.26
CA PRO A 51 7.94 1.90 12.17
C PRO A 51 6.84 2.85 11.70
N TRP A 52 5.72 2.83 12.39
CA TRP A 52 4.58 3.69 12.05
C TRP A 52 5.01 5.16 12.06
N ASP A 53 5.95 5.49 12.91
CA ASP A 53 6.43 6.87 13.03
C ASP A 53 7.26 7.25 11.80
N SER A 54 7.84 6.25 11.15
CA SER A 54 8.66 6.48 9.96
C SER A 54 7.81 6.40 8.70
N VAL A 55 6.95 5.40 8.63
CA VAL A 55 6.08 5.21 7.48
C VAL A 55 4.62 5.13 7.89
N ALA A 56 4.11 3.91 8.01
CA ALA A 56 2.71 3.70 8.40
C ALA A 56 2.55 2.37 9.14
N ARG A 57 1.35 2.13 9.64
CA ARG A 57 1.05 0.90 10.36
C ARG A 57 -0.12 0.15 9.72
N VAL A 58 -0.30 -1.10 10.11
CA VAL A 58 -1.38 -1.92 9.58
C VAL A 58 -2.46 -2.14 10.62
N LEU A 59 -3.71 -1.88 10.24
CA LEU A 59 -4.84 -2.05 11.15
C LEU A 59 -5.09 -3.52 11.43
N PRO A 60 -5.75 -3.81 12.56
CA PRO A 60 -6.07 -5.17 12.97
C PRO A 60 -7.13 -5.82 12.09
N ASN A 61 -7.92 -4.98 11.41
CA ASN A 61 -8.97 -5.47 10.52
C ASN A 61 -8.40 -5.82 9.16
N GLY A 62 -7.09 -5.65 9.00
CA GLY A 62 -6.45 -5.94 7.73
C GLY A 62 -6.38 -4.74 6.82
N SER A 63 -6.32 -3.56 7.40
CA SER A 63 -6.26 -2.32 6.63
C SER A 63 -4.92 -1.63 6.82
N LEU A 64 -4.74 -0.50 6.15
CA LEU A 64 -3.50 0.26 6.23
C LEU A 64 -3.78 1.73 6.53
N PHE A 65 -3.11 2.27 7.54
CA PHE A 65 -3.28 3.66 7.92
C PHE A 65 -1.94 4.39 7.95
N LEU A 66 -1.90 5.56 7.30
CA LEU A 66 -0.68 6.34 7.26
C LEU A 66 -0.86 7.68 7.98
N PRO A 67 0.07 7.99 8.88
CA PRO A 67 0.03 9.23 9.66
C PRO A 67 0.32 10.46 8.80
N ALA A 68 1.21 10.30 7.82
CA ALA A 68 1.55 11.39 6.92
C ALA A 68 2.40 10.89 5.75
N VAL A 69 1.76 10.71 4.61
CA VAL A 69 2.45 10.24 3.42
C VAL A 69 3.32 11.33 2.81
N GLY A 70 4.64 11.14 2.86
CA GLY A 70 5.55 12.12 2.31
C GLY A 70 5.78 11.93 0.83
N ILE A 71 6.41 12.92 0.20
CA ILE A 71 6.69 12.87 -1.23
C ILE A 71 7.47 11.60 -1.59
N GLN A 72 8.28 11.13 -0.64
CA GLN A 72 9.08 9.93 -0.85
C GLN A 72 8.21 8.67 -0.76
N ASP A 73 7.08 8.79 -0.09
CA ASP A 73 6.17 7.67 0.08
C ASP A 73 5.37 7.42 -1.20
N GLU A 74 5.58 8.28 -2.20
CA GLU A 74 4.89 8.16 -3.47
C GLU A 74 5.17 6.81 -4.12
N GLY A 75 4.15 6.23 -4.75
CA GLY A 75 4.32 4.95 -5.40
C GLY A 75 3.01 4.19 -5.53
N ILE A 76 3.10 2.86 -5.60
CA ILE A 76 1.91 2.03 -5.73
C ILE A 76 1.90 0.94 -4.67
N PHE A 77 0.75 0.74 -4.04
CA PHE A 77 0.60 -0.28 -3.01
C PHE A 77 -0.14 -1.50 -3.55
N ARG A 78 0.40 -2.68 -3.25
CA ARG A 78 -0.20 -3.93 -3.71
C ARG A 78 -0.41 -4.89 -2.54
N CYS A 79 -1.62 -5.46 -2.47
CA CYS A 79 -1.95 -6.39 -1.40
C CYS A 79 -2.35 -7.75 -1.97
N GLN A 80 -2.09 -8.80 -1.21
CA GLN A 80 -2.43 -10.16 -1.64
C GLN A 80 -2.91 -11.00 -0.46
N ALA A 81 -4.07 -11.63 -0.63
CA ALA A 81 -4.63 -12.47 0.42
C ALA A 81 -5.08 -13.83 -0.13
N MET A 82 -5.27 -14.79 0.76
CA MET A 82 -5.69 -16.12 0.35
C MET A 82 -6.88 -16.60 1.19
N ASN A 83 -7.96 -16.99 0.51
CA ASN A 83 -9.16 -17.46 1.19
C ASN A 83 -9.07 -18.95 1.48
N ARG A 84 -10.01 -19.46 2.26
CA ARG A 84 -10.04 -20.87 2.62
C ARG A 84 -10.44 -21.73 1.42
N ASN A 85 -11.04 -21.10 0.42
CA ASN A 85 -11.47 -21.80 -0.79
C ASN A 85 -10.27 -22.19 -1.64
N GLY A 86 -9.15 -21.52 -1.42
CA GLY A 86 -7.95 -21.80 -2.18
C GLY A 86 -7.57 -20.68 -3.13
N LYS A 87 -8.54 -19.82 -3.43
CA LYS A 87 -8.31 -18.70 -4.32
C LYS A 87 -7.72 -17.50 -3.57
N GLU A 88 -6.86 -16.75 -4.26
CA GLU A 88 -6.22 -15.59 -3.64
C GLU A 88 -6.83 -14.30 -4.18
N THR A 89 -6.93 -13.29 -3.32
CA THR A 89 -7.49 -12.00 -3.71
C THR A 89 -6.39 -10.98 -3.99
N LYS A 90 -6.45 -10.36 -5.16
CA LYS A 90 -5.46 -9.36 -5.55
C LYS A 90 -6.00 -7.95 -5.33
N SER A 91 -5.12 -7.04 -4.91
CA SER A 91 -5.51 -5.65 -4.67
C SER A 91 -4.38 -4.70 -5.04
N ASN A 92 -4.68 -3.75 -5.91
CA ASN A 92 -3.69 -2.77 -6.35
C ASN A 92 -4.22 -1.35 -6.18
N TYR A 93 -3.51 -0.55 -5.40
CA TYR A 93 -3.92 0.83 -5.16
C TYR A 93 -2.75 1.78 -5.37
N ARG A 94 -2.88 2.68 -6.34
CA ARG A 94 -1.83 3.65 -6.65
C ARG A 94 -2.05 4.94 -5.88
N VAL A 95 -0.98 5.46 -5.28
CA VAL A 95 -1.05 6.70 -4.53
C VAL A 95 -0.13 7.76 -5.10
N ARG A 96 -0.60 8.99 -5.14
CA ARG A 96 0.18 10.10 -5.68
C ARG A 96 0.22 11.26 -4.69
N VAL A 97 1.42 11.74 -4.38
CA VAL A 97 1.58 12.86 -3.45
C VAL A 97 1.54 14.19 -4.18
N TYR A 98 1.74 15.27 -3.44
CA TYR A 98 1.71 16.61 -4.02
C TYR A 98 2.84 16.79 -5.04
N GLN A 99 4.04 17.05 -4.54
CA GLN A 99 5.20 17.24 -5.41
C GLN A 99 5.60 15.92 -6.07
N ILE A 100 6.08 16.02 -7.31
CA ILE A 100 6.48 14.83 -8.06
C ILE A 100 7.95 14.94 -8.48
N PRO A 101 8.56 13.78 -8.78
CA PRO A 101 9.96 13.72 -9.21
C PRO A 101 10.18 14.30 -10.60
N GLY A 102 11.42 14.27 -11.06
CA GLY A 102 11.74 14.81 -12.37
C GLY A 102 13.23 14.92 -12.62
N LYS A 103 13.90 13.78 -12.72
CA LYS A 103 15.33 13.76 -12.94
C LYS A 103 15.66 13.11 -14.29
N PRO A 104 16.86 13.40 -14.81
CA PRO A 104 17.32 12.86 -16.09
C PRO A 104 17.61 11.36 -16.02
N GLU A 105 18.11 10.81 -17.12
CA GLU A 105 18.43 9.39 -17.18
C GLU A 105 19.93 9.17 -17.26
N ASP B 1 7.93 -0.08 -14.47
CA ASP B 1 6.49 0.18 -14.47
C ASP B 1 6.02 0.62 -13.09
N GLU B 2 4.71 0.69 -12.91
CA GLU B 2 4.12 1.09 -11.64
C GLU B 2 3.18 0.03 -11.10
N PHE B 3 3.75 -1.12 -10.72
CA PHE B 3 2.96 -2.22 -10.18
C PHE B 3 1.80 -2.55 -11.12
N KPI B 4 0.88 -3.25 -10.63
CA KPI B 4 -0.29 -3.67 -11.40
CB KPI B 4 -1.37 -4.21 -10.45
CG KPI B 4 -0.98 -5.61 -9.95
CD KPI B 4 -1.53 -6.69 -10.92
CE KPI B 4 -1.26 -8.09 -10.34
NZ KPI B 4 -2.13 -8.34 -9.19
CX1 KPI B 4 -1.79 -9.67 -8.56
C1 KPI B 4 -2.26 -10.81 -9.48
CX2 KPI B 4 -2.40 -9.86 -7.15
O1 KPI B 4 -1.40 -10.53 -6.26
O2 KPI B 4 -2.76 -8.53 -6.58
C KPI B 4 -0.80 -2.47 -12.12
O KPI B 4 -1.15 -2.54 -13.30
H KPI B 4 0.82 -3.65 -9.64
HA KPI B 4 -0.03 -4.45 -12.13
HB KPI B 4 -1.47 -3.60 -9.66
HBA KPI B 4 -2.24 -4.27 -10.94
HG KPI B 4 0.02 -5.68 -9.91
HGA KPI B 4 -1.36 -5.77 -9.04
HD KPI B 4 -2.51 -6.56 -11.03
HDA KPI B 4 -1.07 -6.59 -11.80
HE KPI B 4 -1.43 -8.78 -11.03
HEA KPI B 4 -0.30 -8.15 -10.05
H1C KPI B 4 -1.93 -11.77 -9.07
H1A KPI B 4 -1.82 -10.68 -10.47
H1B KPI B 4 -3.34 -10.80 -9.56
HZ KPI B 4 -2.00 -7.55 -8.47
HX1 KPI B 4 -0.71 -9.74 -8.41
N ALA B 5 -0.85 -1.35 -11.41
CA ALA B 5 -1.34 -0.11 -11.99
C ALA B 5 -0.67 0.18 -13.33
N ASP B 6 -1.45 0.16 -14.39
CA ASP B 6 -0.93 0.42 -15.74
C ASP B 6 -1.01 1.90 -16.08
N GLU B 7 -0.39 2.73 -15.26
CA GLU B 7 -0.41 4.18 -15.47
C GLU B 7 0.95 4.79 -15.14
N GLY A 1 -12.41 -2.87 -7.03
CA GLY A 1 -11.29 -3.49 -6.33
C GLY A 1 -10.20 -3.95 -7.28
N SER A 2 -9.55 -3.00 -7.94
CA SER A 2 -8.48 -3.32 -8.88
C SER A 2 -7.90 -2.04 -9.49
N ALA A 3 -6.63 -1.79 -9.21
CA ALA A 3 -5.95 -0.61 -9.72
C ALA A 3 -6.77 0.65 -9.47
N GLN A 4 -6.92 1.00 -8.19
CA GLN A 4 -7.68 2.19 -7.82
C GLN A 4 -6.77 3.41 -7.68
N ASN A 5 -7.17 4.52 -8.27
CA ASN A 5 -6.40 5.75 -8.20
C ASN A 5 -6.75 6.56 -6.95
N ILE A 6 -5.75 6.83 -6.12
CA ILE A 6 -5.97 7.59 -4.89
C ILE A 6 -5.03 8.80 -4.84
N THR A 7 -5.60 9.97 -4.61
CA THR A 7 -4.81 11.20 -4.52
C THR A 7 -4.47 11.53 -3.08
N ALA A 8 -3.23 11.98 -2.85
CA ALA A 8 -2.79 12.33 -1.51
C ALA A 8 -1.77 13.47 -1.55
N ARG A 9 -1.51 14.07 -0.40
CA ARG A 9 -0.56 15.17 -0.31
C ARG A 9 0.54 14.87 0.71
N ILE A 10 1.74 15.39 0.46
CA ILE A 10 2.86 15.18 1.37
C ILE A 10 2.51 15.57 2.79
N GLY A 11 2.63 14.61 3.71
CA GLY A 11 2.31 14.88 5.10
C GLY A 11 0.85 14.65 5.42
N GLU A 12 0.10 14.15 4.44
CA GLU A 12 -1.32 13.88 4.63
C GLU A 12 -1.56 12.40 4.86
N PRO A 13 -2.48 12.09 5.79
CA PRO A 13 -2.83 10.71 6.12
C PRO A 13 -3.59 10.01 5.00
N LEU A 14 -3.30 8.73 4.78
CA LEU A 14 -3.95 7.95 3.74
C LEU A 14 -4.16 6.51 4.18
N VAL A 15 -5.30 5.95 3.82
CA VAL A 15 -5.62 4.56 4.17
C VAL A 15 -5.98 3.74 2.93
N LEU A 16 -5.64 2.46 2.96
CA LEU A 16 -5.93 1.57 1.85
C LEU A 16 -6.57 0.27 2.33
N LYS A 17 -7.44 -0.29 1.50
CA LYS A 17 -8.13 -1.53 1.84
C LYS A 17 -7.65 -2.68 0.96
N CYS A 18 -7.68 -3.89 1.52
CA CYS A 18 -7.25 -5.07 0.78
C CYS A 18 -8.44 -5.95 0.40
N LYS A 19 -8.86 -5.84 -0.85
CA LYS A 19 -9.99 -6.62 -1.34
C LYS A 19 -9.81 -8.10 -1.03
N GLY A 20 -10.49 -8.58 0.00
CA GLY A 20 -10.40 -9.98 0.37
C GLY A 20 -10.47 -10.18 1.88
N ALA A 21 -9.69 -9.39 2.62
CA ALA A 21 -9.67 -9.48 4.07
C ALA A 21 -10.62 -8.47 4.70
N PRO A 22 -11.78 -8.94 5.15
CA PRO A 22 -12.80 -8.10 5.78
C PRO A 22 -12.36 -7.59 7.15
N LYS A 23 -13.33 -7.15 7.96
CA LYS A 23 -13.04 -6.63 9.28
C LYS A 23 -12.39 -7.71 10.15
N LYS A 24 -12.39 -8.95 9.66
CA LYS A 24 -11.80 -10.06 10.39
C LYS A 24 -10.43 -9.68 10.94
N PRO A 25 -9.90 -10.52 11.84
CA PRO A 25 -8.60 -10.30 12.46
C PRO A 25 -7.44 -10.47 11.49
N PRO A 26 -6.22 -10.13 11.93
CA PRO A 26 -5.02 -10.24 11.10
C PRO A 26 -4.63 -11.69 10.83
N GLN A 27 -5.19 -12.27 9.78
CA GLN A 27 -4.89 -13.65 9.43
C GLN A 27 -3.69 -13.73 8.49
N ARG A 28 -3.40 -14.93 8.01
CA ARG A 28 -2.27 -15.14 7.12
C ARG A 28 -2.46 -14.38 5.81
N LEU A 29 -1.43 -13.65 5.39
CA LEU A 29 -1.48 -12.88 4.16
C LEU A 29 -0.15 -12.17 3.90
N GLU A 30 0.06 -11.76 2.66
CA GLU A 30 1.28 -11.07 2.28
C GLU A 30 0.98 -9.69 1.71
N TRP A 31 1.74 -8.69 2.13
CA TRP A 31 1.55 -7.33 1.66
C TRP A 31 2.81 -6.80 0.99
N LYS A 32 2.65 -6.11 -0.14
CA LYS A 32 3.77 -5.55 -0.87
C LYS A 32 3.45 -4.13 -1.36
N LEU A 33 4.44 -3.26 -1.28
CA LEU A 33 4.27 -1.87 -1.72
C LEU A 33 5.49 -1.39 -2.49
N ASN A 34 5.24 -0.73 -3.62
CA ASN A 34 6.33 -0.22 -4.46
C ASN A 34 6.28 1.31 -4.52
N THR A 35 7.37 1.95 -4.11
CA THR A 35 7.46 3.40 -4.12
C THR A 35 8.82 3.86 -4.62
N GLY A 36 9.01 5.18 -4.69
CA GLY A 36 10.27 5.73 -5.15
C GLY A 36 10.44 5.59 -6.65
N ARG A 37 11.61 5.11 -7.07
CA ARG A 37 11.90 4.93 -8.48
C ARG A 37 12.02 3.46 -8.84
N THR A 38 12.61 2.68 -7.93
CA THR A 38 12.79 1.25 -8.14
C THR A 38 13.46 0.60 -6.94
N GLU A 39 14.29 1.37 -6.24
CA GLU A 39 15.00 0.85 -5.08
C GLU A 39 14.32 1.31 -3.79
N ALA A 40 13.00 1.43 -3.83
CA ALA A 40 12.23 1.85 -2.67
C ALA A 40 11.14 0.83 -2.33
N TRP A 41 10.99 -0.17 -3.19
CA TRP A 41 9.97 -1.20 -2.98
C TRP A 41 10.28 -2.02 -1.73
N LYS A 42 9.28 -2.19 -0.88
CA LYS A 42 9.45 -2.95 0.36
C LYS A 42 8.26 -3.88 0.58
N VAL A 43 8.47 -4.92 1.38
CA VAL A 43 7.41 -5.86 1.68
C VAL A 43 6.70 -5.52 2.99
N LEU A 44 5.40 -5.27 2.91
CA LEU A 44 4.61 -4.92 4.08
C LEU A 44 4.03 -6.17 4.74
N SER A 45 3.93 -6.16 6.06
CA SER A 45 3.40 -7.29 6.80
C SER A 45 2.28 -6.84 7.74
N PRO A 46 1.48 -7.81 8.22
CA PRO A 46 0.36 -7.55 9.13
C PRO A 46 0.83 -7.12 10.51
N GLN A 47 2.15 -7.03 10.68
CA GLN A 47 2.72 -6.63 11.97
C GLN A 47 3.86 -5.62 11.76
N GLY A 48 3.48 -4.40 11.38
CA GLY A 48 4.47 -3.36 11.16
C GLY A 48 5.08 -2.84 12.46
N GLY A 49 4.22 -2.59 13.44
CA GLY A 49 4.68 -2.08 14.72
C GLY A 49 5.66 -0.94 14.57
N GLY A 50 6.62 -0.85 15.49
CA GLY A 50 7.60 0.21 15.44
C GLY A 50 6.98 1.59 15.30
N PRO A 51 7.79 2.57 14.89
CA PRO A 51 7.34 3.95 14.71
C PRO A 51 6.40 4.09 13.50
N TRP A 52 5.18 4.53 13.77
CA TRP A 52 4.19 4.71 12.70
C TRP A 52 4.38 6.06 12.01
N ASP A 53 4.79 7.06 12.77
CA ASP A 53 5.02 8.40 12.22
C ASP A 53 6.13 8.38 11.18
N SER A 54 7.04 7.42 11.31
CA SER A 54 8.16 7.29 10.39
C SER A 54 7.70 6.75 9.06
N VAL A 55 6.90 5.69 9.09
CA VAL A 55 6.39 5.07 7.88
C VAL A 55 4.87 4.91 7.94
N ALA A 56 4.42 3.71 8.30
CA ALA A 56 2.99 3.44 8.40
C ALA A 56 2.73 2.13 9.12
N ARG A 57 1.46 1.86 9.41
CA ARG A 57 1.07 0.64 10.11
C ARG A 57 0.06 -0.16 9.30
N VAL A 58 -0.06 -1.44 9.61
CA VAL A 58 -1.00 -2.32 8.91
C VAL A 58 -2.18 -2.68 9.80
N LEU A 59 -3.39 -2.46 9.30
CA LEU A 59 -4.60 -2.76 10.06
C LEU A 59 -4.78 -4.27 10.19
N PRO A 60 -5.55 -4.69 11.22
CA PRO A 60 -5.82 -6.11 11.48
C PRO A 60 -6.73 -6.72 10.42
N ASN A 61 -7.50 -5.89 9.74
CA ASN A 61 -8.41 -6.34 8.71
C ASN A 61 -7.68 -6.54 7.37
N GLY A 62 -6.38 -6.28 7.38
CA GLY A 62 -5.58 -6.43 6.18
C GLY A 62 -5.47 -5.14 5.39
N SER A 63 -5.66 -4.01 6.08
CA SER A 63 -5.58 -2.71 5.44
C SER A 63 -4.29 -2.00 5.80
N LEU A 64 -4.09 -0.81 5.23
CA LEU A 64 -2.89 -0.02 5.51
C LEU A 64 -3.26 1.42 5.86
N PHE A 65 -2.70 1.91 6.97
CA PHE A 65 -2.97 3.27 7.41
C PHE A 65 -1.67 4.04 7.62
N LEU A 66 -1.59 5.22 7.02
CA LEU A 66 -0.39 6.05 7.14
C LEU A 66 -0.73 7.40 7.77
N PRO A 67 0.06 7.79 8.78
CA PRO A 67 -0.14 9.07 9.48
C PRO A 67 0.21 10.28 8.62
N ALA A 68 1.19 10.10 7.73
CA ALA A 68 1.62 11.17 6.85
C ALA A 68 2.46 10.63 5.69
N VAL A 69 1.83 10.48 4.54
CA VAL A 69 2.51 9.97 3.35
C VAL A 69 3.40 11.04 2.72
N GLY A 70 4.70 10.77 2.68
CA GLY A 70 5.64 11.72 2.10
C GLY A 70 5.77 11.56 0.60
N ILE A 71 6.36 12.56 -0.05
CA ILE A 71 6.55 12.53 -1.49
C ILE A 71 7.29 11.26 -1.92
N GLN A 72 8.18 10.78 -1.05
CA GLN A 72 8.95 9.58 -1.34
C GLN A 72 8.08 8.33 -1.20
N ASP A 73 7.01 8.45 -0.45
CA ASP A 73 6.10 7.32 -0.24
C ASP A 73 5.25 7.08 -1.47
N GLU A 74 5.37 7.96 -2.46
CA GLU A 74 4.61 7.83 -3.70
C GLU A 74 4.89 6.49 -4.39
N GLY A 75 3.84 5.91 -4.96
CA GLY A 75 3.99 4.63 -5.62
C GLY A 75 2.69 3.87 -5.73
N ILE A 76 2.77 2.54 -5.70
CA ILE A 76 1.58 1.70 -5.78
C ILE A 76 1.56 0.66 -4.67
N PHE A 77 0.40 0.49 -4.05
CA PHE A 77 0.24 -0.48 -2.97
C PHE A 77 -0.52 -1.70 -3.44
N ARG A 78 0.07 -2.87 -3.24
CA ARG A 78 -0.55 -4.13 -3.65
C ARG A 78 -0.68 -5.08 -2.47
N CYS A 79 -1.84 -5.73 -2.37
CA CYS A 79 -2.09 -6.67 -1.28
C CYS A 79 -2.41 -8.06 -1.83
N GLN A 80 -2.18 -9.09 -1.01
CA GLN A 80 -2.44 -10.46 -1.41
C GLN A 80 -3.03 -11.26 -0.25
N ALA A 81 -4.17 -11.90 -0.50
CA ALA A 81 -4.84 -12.70 0.51
C ALA A 81 -5.29 -14.04 -0.06
N MET A 82 -5.56 -14.99 0.82
CA MET A 82 -6.01 -16.32 0.40
C MET A 82 -7.27 -16.73 1.17
N ASN A 83 -8.31 -17.10 0.44
CA ASN A 83 -9.56 -17.52 1.05
C ASN A 83 -9.53 -19.01 1.38
N ARG A 84 -10.55 -19.47 2.09
CA ARG A 84 -10.65 -20.88 2.48
C ARG A 84 -10.97 -21.75 1.26
N ASN A 85 -11.46 -21.11 0.21
CA ASN A 85 -11.81 -21.83 -1.01
C ASN A 85 -10.57 -22.28 -1.77
N GLY A 86 -9.48 -21.55 -1.56
CA GLY A 86 -8.23 -21.89 -2.23
C GLY A 86 -7.75 -20.79 -3.15
N LYS A 87 -8.67 -19.91 -3.54
CA LYS A 87 -8.34 -18.80 -4.43
C LYS A 87 -7.79 -17.61 -3.64
N GLU A 88 -6.87 -16.87 -4.27
CA GLU A 88 -6.27 -15.71 -3.63
C GLU A 88 -6.84 -14.42 -4.18
N THR A 89 -7.00 -13.41 -3.32
CA THR A 89 -7.54 -12.13 -3.73
C THR A 89 -6.45 -11.08 -3.87
N LYS A 90 -6.39 -10.45 -5.04
CA LYS A 90 -5.39 -9.41 -5.30
C LYS A 90 -6.01 -8.02 -5.27
N SER A 91 -5.26 -7.07 -4.74
CA SER A 91 -5.74 -5.68 -4.66
C SER A 91 -4.58 -4.70 -4.82
N ASN A 92 -4.67 -3.87 -5.84
CA ASN A 92 -3.63 -2.87 -6.12
C ASN A 92 -4.24 -1.47 -6.22
N TYR A 93 -3.67 -0.54 -5.46
CA TYR A 93 -4.15 0.84 -5.47
C TYR A 93 -3.00 1.82 -5.72
N ARG A 94 -3.09 2.57 -6.80
CA ARG A 94 -2.06 3.54 -7.15
C ARG A 94 -2.28 4.86 -6.40
N VAL A 95 -1.24 5.34 -5.73
CA VAL A 95 -1.32 6.58 -4.98
C VAL A 95 -0.33 7.61 -5.51
N ARG A 96 -0.77 8.87 -5.58
CA ARG A 96 0.09 9.94 -6.08
C ARG A 96 0.10 11.11 -5.09
N VAL A 97 1.30 11.55 -4.71
CA VAL A 97 1.45 12.65 -3.78
C VAL A 97 1.45 13.99 -4.52
N TYR A 98 1.64 15.08 -3.77
CA TYR A 98 1.66 16.41 -4.34
C TYR A 98 2.82 16.56 -5.33
N GLN A 99 4.00 16.84 -4.79
CA GLN A 99 5.19 17.01 -5.62
C GLN A 99 5.56 15.71 -6.33
N ILE A 100 6.08 15.84 -7.55
CA ILE A 100 6.46 14.66 -8.34
C ILE A 100 7.95 14.71 -8.69
N PRO A 101 8.51 13.55 -9.02
CA PRO A 101 9.93 13.43 -9.40
C PRO A 101 10.23 14.06 -10.74
N GLY A 102 11.31 14.83 -10.81
CA GLY A 102 11.69 15.48 -12.04
C GLY A 102 12.43 14.56 -12.99
N LYS A 103 13.75 14.71 -13.05
CA LYS A 103 14.58 13.88 -13.92
C LYS A 103 15.49 12.97 -13.10
N PRO A 104 15.95 11.88 -13.72
CA PRO A 104 16.85 10.92 -13.06
C PRO A 104 18.24 11.49 -12.83
N GLU A 105 18.50 11.93 -11.60
CA GLU A 105 19.79 12.50 -11.25
C GLU A 105 20.78 11.40 -10.84
N ASP B 1 8.21 1.17 -15.18
CA ASP B 1 6.87 0.71 -14.83
C ASP B 1 6.56 0.99 -13.37
N GLU B 2 5.31 0.79 -12.99
CA GLU B 2 4.88 1.03 -11.60
C GLU B 2 3.97 -0.10 -11.12
N PHE B 3 4.58 -1.23 -10.77
CA PHE B 3 3.82 -2.38 -10.29
C PHE B 3 2.70 -2.73 -11.25
N KPI B 4 1.82 -3.51 -10.81
CA KPI B 4 0.67 -3.94 -11.61
CB KPI B 4 -0.29 -4.76 -10.72
CG KPI B 4 0.26 -6.18 -10.52
CD KPI B 4 -0.89 -7.21 -10.54
CE KPI B 4 -1.98 -6.78 -9.52
NZ KPI B 4 -3.09 -6.13 -10.23
CX1 KPI B 4 -4.38 -6.83 -9.89
C1 KPI B 4 -5.43 -6.53 -10.98
CX2 KPI B 4 -4.96 -6.46 -8.51
O1 KPI B 4 -6.19 -7.27 -8.25
O2 KPI B 4 -3.94 -6.73 -7.46
C KPI B 4 -0.01 -2.72 -12.10
O KPI B 4 0.00 -2.43 -13.30
H KPI B 4 1.77 -3.95 -9.84
HA KPI B 4 1.00 -4.56 -12.46
HB KPI B 4 -0.40 -4.31 -9.84
HBA KPI B 4 -1.19 -4.82 -11.18
HG KPI B 4 0.91 -6.40 -11.25
HGA KPI B 4 0.73 -6.23 -9.64
HD KPI B 4 -1.29 -7.24 -11.45
HDA KPI B 4 -0.54 -8.10 -10.29
HE KPI B 4 -2.32 -7.59 -9.05
HEA KPI B 4 -1.58 -6.15 -8.86
H1C KPI B 4 -6.34 -7.11 -10.80
H1A KPI B 4 -5.03 -6.79 -11.96
H1B KPI B 4 -5.68 -5.47 -10.96
HZ KPI B 4 -3.14 -5.10 -9.93
HX1 KPI B 4 -4.22 -7.91 -9.84
N ALA B 5 -0.64 -1.98 -11.19
CA ALA B 5 -1.37 -0.77 -11.55
C ALA B 5 -0.51 0.12 -12.44
N ASP B 6 -0.84 0.15 -13.73
CA ASP B 6 -0.10 0.97 -14.69
C ASP B 6 -1.00 1.39 -15.84
N GLU B 7 -2.03 2.18 -15.53
CA GLU B 7 -2.96 2.65 -16.54
C GLU B 7 -2.94 4.17 -16.64
N GLY A 1 -9.99 -2.18 -5.85
CA GLY A 1 -9.22 -3.38 -6.12
C GLY A 1 -8.79 -3.50 -7.56
N SER A 2 -9.54 -2.84 -8.45
CA SER A 2 -9.23 -2.87 -9.88
C SER A 2 -8.66 -1.54 -10.34
N ALA A 3 -7.38 -1.34 -10.09
CA ALA A 3 -6.72 -0.10 -10.48
C ALA A 3 -7.46 1.12 -9.97
N GLN A 4 -7.44 1.31 -8.65
CA GLN A 4 -8.12 2.44 -8.03
C GLN A 4 -7.17 3.63 -7.86
N ASN A 5 -7.64 4.81 -8.24
CA ASN A 5 -6.83 6.02 -8.13
C ASN A 5 -7.02 6.68 -6.76
N ILE A 6 -5.92 6.85 -6.04
CA ILE A 6 -5.95 7.46 -4.72
C ILE A 6 -5.00 8.64 -4.64
N THR A 7 -5.55 9.82 -4.33
CA THR A 7 -4.76 11.03 -4.22
C THR A 7 -4.34 11.29 -2.78
N ALA A 8 -3.13 11.79 -2.58
CA ALA A 8 -2.62 12.09 -1.26
C ALA A 8 -1.78 13.36 -1.26
N ARG A 9 -1.49 13.87 -0.07
CA ARG A 9 -0.70 15.09 0.06
C ARG A 9 0.50 14.85 0.97
N ILE A 10 1.60 15.55 0.68
CA ILE A 10 2.82 15.41 1.47
C ILE A 10 2.57 15.77 2.93
N GLY A 11 2.83 14.82 3.82
CA GLY A 11 2.63 15.06 5.24
C GLY A 11 1.20 14.80 5.68
N GLU A 12 0.35 14.41 4.72
CA GLU A 12 -1.04 14.14 5.02
C GLU A 12 -1.28 12.64 5.21
N PRO A 13 -2.16 12.30 6.18
CA PRO A 13 -2.48 10.91 6.49
C PRO A 13 -3.29 10.24 5.38
N LEU A 14 -3.02 8.96 5.16
CA LEU A 14 -3.73 8.20 4.13
C LEU A 14 -3.95 6.75 4.57
N VAL A 15 -5.10 6.21 4.19
CA VAL A 15 -5.44 4.84 4.55
C VAL A 15 -5.70 3.99 3.31
N LEU A 16 -5.38 2.70 3.40
CA LEU A 16 -5.57 1.79 2.27
C LEU A 16 -6.30 0.52 2.73
N LYS A 17 -7.10 -0.05 1.83
CA LYS A 17 -7.84 -1.26 2.13
C LYS A 17 -7.33 -2.44 1.32
N CYS A 18 -7.48 -3.63 1.85
CA CYS A 18 -7.03 -4.85 1.17
C CYS A 18 -8.22 -5.66 0.66
N LYS A 19 -8.48 -5.56 -0.65
CA LYS A 19 -9.58 -6.28 -1.26
C LYS A 19 -9.41 -7.79 -1.09
N GLY A 20 -10.38 -8.42 -0.45
CA GLY A 20 -10.32 -9.85 -0.23
C GLY A 20 -10.50 -10.23 1.23
N ALA A 21 -9.91 -9.42 2.11
CA ALA A 21 -10.00 -9.68 3.55
C ALA A 21 -11.21 -8.95 4.16
N PRO A 22 -12.03 -9.70 4.89
CA PRO A 22 -13.22 -9.16 5.55
C PRO A 22 -12.88 -8.23 6.70
N LYS A 23 -13.88 -7.93 7.53
CA LYS A 23 -13.68 -7.05 8.68
C LYS A 23 -12.46 -7.48 9.49
N LYS A 24 -12.39 -8.76 9.81
CA LYS A 24 -11.27 -9.30 10.58
C LYS A 24 -10.37 -10.15 9.69
N PRO A 25 -9.07 -10.19 10.03
CA PRO A 25 -8.08 -10.96 9.29
C PRO A 25 -8.26 -12.46 9.47
N PRO A 26 -8.70 -13.14 8.40
CA PRO A 26 -8.93 -14.59 8.40
C PRO A 26 -7.63 -15.38 8.49
N GLN A 27 -7.02 -15.64 7.35
CA GLN A 27 -5.76 -16.39 7.30
C GLN A 27 -4.58 -15.47 7.06
N ARG A 28 -3.39 -16.04 6.93
CA ARG A 28 -2.18 -15.26 6.70
C ARG A 28 -2.25 -14.54 5.36
N LEU A 29 -1.80 -13.29 5.34
CA LEU A 29 -1.80 -12.49 4.12
C LEU A 29 -0.50 -11.73 3.96
N GLU A 30 -0.18 -11.37 2.73
CA GLU A 30 1.05 -10.63 2.44
C GLU A 30 0.74 -9.29 1.77
N TRP A 31 1.57 -8.29 2.03
CA TRP A 31 1.38 -6.97 1.45
C TRP A 31 2.67 -6.47 0.80
N LYS A 32 2.53 -5.79 -0.33
CA LYS A 32 3.69 -5.25 -1.04
C LYS A 32 3.34 -3.95 -1.74
N LEU A 33 4.25 -2.98 -1.65
CA LEU A 33 4.04 -1.68 -2.27
C LEU A 33 5.31 -1.16 -2.92
N ASN A 34 5.18 -0.56 -4.10
CA ASN A 34 6.32 -0.04 -4.83
C ASN A 34 6.27 1.48 -4.89
N THR A 35 7.33 2.13 -4.43
CA THR A 35 7.42 3.58 -4.43
C THR A 35 8.80 4.07 -4.86
N GLY A 36 8.99 5.38 -4.88
CA GLY A 36 10.26 5.94 -5.26
C GLY A 36 10.52 5.83 -6.76
N ARG A 37 11.71 5.33 -7.11
CA ARG A 37 12.07 5.16 -8.52
C ARG A 37 12.17 3.69 -8.88
N THR A 38 12.70 2.88 -7.95
CA THR A 38 12.85 1.45 -8.17
C THR A 38 13.45 0.77 -6.96
N GLU A 39 14.28 1.51 -6.22
CA GLU A 39 14.93 0.96 -5.02
C GLU A 39 14.22 1.45 -3.76
N ALA A 40 12.91 1.64 -3.85
CA ALA A 40 12.12 2.09 -2.72
C ALA A 40 11.01 1.10 -2.37
N TRP A 41 10.85 0.09 -3.21
CA TRP A 41 9.83 -0.93 -3.00
C TRP A 41 10.05 -1.65 -1.68
N LYS A 42 8.99 -1.74 -0.87
CA LYS A 42 9.08 -2.41 0.43
C LYS A 42 7.91 -3.37 0.61
N VAL A 43 8.12 -4.40 1.43
CA VAL A 43 7.09 -5.39 1.68
C VAL A 43 6.37 -5.09 2.99
N LEU A 44 5.05 -4.92 2.89
CA LEU A 44 4.23 -4.63 4.07
C LEU A 44 3.73 -5.92 4.72
N SER A 45 3.60 -5.90 6.04
CA SER A 45 3.13 -7.06 6.79
C SER A 45 1.93 -6.70 7.65
N PRO A 46 1.22 -7.74 8.12
CA PRO A 46 0.03 -7.57 8.96
C PRO A 46 0.37 -7.05 10.35
N GLN A 47 1.66 -6.82 10.59
CA GLN A 47 2.13 -6.32 11.88
C GLN A 47 2.94 -5.05 11.71
N GLY A 48 2.24 -3.92 11.57
CA GLY A 48 2.91 -2.65 11.39
C GLY A 48 3.04 -1.88 12.69
N GLY A 49 3.24 -2.61 13.80
CA GLY A 49 3.38 -1.97 15.09
C GLY A 49 4.68 -1.21 15.24
N GLY A 50 5.54 -1.32 14.23
CA GLY A 50 6.82 -0.64 14.28
C GLY A 50 6.68 0.86 14.35
N PRO A 51 7.75 1.58 13.98
CA PRO A 51 7.76 3.05 14.00
C PRO A 51 6.87 3.65 12.92
N TRP A 52 5.67 4.06 13.31
CA TRP A 52 4.72 4.65 12.37
C TRP A 52 5.17 6.04 11.95
N ASP A 53 5.80 6.76 12.87
CA ASP A 53 6.28 8.11 12.59
C ASP A 53 7.30 8.09 11.46
N SER A 54 7.99 6.97 11.30
CA SER A 54 8.99 6.84 10.26
C SER A 54 8.36 6.37 8.95
N VAL A 55 7.48 5.38 9.04
CA VAL A 55 6.81 4.84 7.86
C VAL A 55 5.29 4.84 8.05
N ALA A 56 4.76 3.69 8.43
CA ALA A 56 3.33 3.55 8.66
C ALA A 56 3.01 2.30 9.48
N ARG A 57 1.75 2.15 9.85
CA ARG A 57 1.32 1.00 10.65
C ARG A 57 0.18 0.26 9.95
N VAL A 58 -0.02 -1.01 10.33
CA VAL A 58 -1.07 -1.82 9.74
C VAL A 58 -2.19 -2.07 10.75
N LEU A 59 -3.43 -1.82 10.33
CA LEU A 59 -4.59 -2.02 11.18
C LEU A 59 -4.81 -3.50 11.46
N PRO A 60 -5.52 -3.79 12.56
CA PRO A 60 -5.82 -5.17 12.96
C PRO A 60 -6.82 -5.84 12.02
N ASN A 61 -7.60 -5.02 11.31
CA ASN A 61 -8.59 -5.54 10.38
C ASN A 61 -7.95 -5.88 9.04
N GLY A 62 -6.64 -5.66 8.94
CA GLY A 62 -5.94 -5.96 7.70
C GLY A 62 -5.86 -4.75 6.78
N SER A 63 -5.82 -3.55 7.37
CA SER A 63 -5.75 -2.33 6.59
C SER A 63 -4.40 -1.63 6.79
N LEU A 64 -4.21 -0.52 6.09
CA LEU A 64 -2.96 0.23 6.19
C LEU A 64 -3.24 1.70 6.47
N PHE A 65 -2.60 2.23 7.50
CA PHE A 65 -2.78 3.63 7.87
C PHE A 65 -1.44 4.35 7.95
N LEU A 66 -1.37 5.53 7.35
CA LEU A 66 -0.14 6.33 7.34
C LEU A 66 -0.36 7.68 8.02
N PRO A 67 0.55 8.03 8.94
CA PRO A 67 0.47 9.30 9.68
C PRO A 67 0.77 10.50 8.78
N ALA A 68 1.69 10.32 7.85
CA ALA A 68 2.05 11.40 6.93
C ALA A 68 2.80 10.85 5.71
N VAL A 69 2.09 10.73 4.60
CA VAL A 69 2.68 10.22 3.37
C VAL A 69 3.61 11.25 2.74
N GLY A 70 4.90 10.90 2.63
CA GLY A 70 5.86 11.80 2.05
C GLY A 70 5.90 11.71 0.54
N ILE A 71 6.49 12.73 -0.10
CA ILE A 71 6.58 12.75 -1.55
C ILE A 71 7.27 11.51 -2.09
N GLN A 72 8.19 10.96 -1.29
CA GLN A 72 8.92 9.75 -1.68
C GLN A 72 8.02 8.52 -1.59
N ASP A 73 6.94 8.64 -0.83
CA ASP A 73 6.01 7.53 -0.65
C ASP A 73 5.19 7.30 -1.91
N GLU A 74 5.37 8.18 -2.90
CA GLU A 74 4.64 8.07 -4.15
C GLU A 74 4.93 6.73 -4.83
N GLY A 75 3.89 6.16 -5.44
CA GLY A 75 4.04 4.88 -6.12
C GLY A 75 2.74 4.13 -6.24
N ILE A 76 2.82 2.81 -6.29
CA ILE A 76 1.63 1.97 -6.40
C ILE A 76 1.57 0.95 -5.27
N PHE A 77 0.39 0.82 -4.67
CA PHE A 77 0.20 -0.12 -3.57
C PHE A 77 -0.53 -1.38 -4.05
N ARG A 78 -0.01 -2.54 -3.66
CA ARG A 78 -0.60 -3.81 -4.06
C ARG A 78 -0.84 -4.69 -2.83
N CYS A 79 -2.03 -5.30 -2.77
CA CYS A 79 -2.38 -6.17 -1.65
C CYS A 79 -2.70 -7.58 -2.15
N GLN A 80 -2.37 -8.57 -1.34
CA GLN A 80 -2.62 -9.97 -1.69
C GLN A 80 -3.08 -10.77 -0.47
N ALA A 81 -4.22 -11.43 -0.60
CA ALA A 81 -4.76 -12.24 0.49
C ALA A 81 -5.18 -13.62 0.00
N MET A 82 -5.37 -14.54 0.94
CA MET A 82 -5.77 -15.90 0.60
C MET A 82 -6.98 -16.33 1.43
N ASN A 83 -8.04 -16.76 0.74
CA ASN A 83 -9.25 -17.19 1.42
C ASN A 83 -9.17 -18.68 1.78
N ARG A 84 -10.15 -19.14 2.54
CA ARG A 84 -10.19 -20.54 2.96
C ARG A 84 -10.52 -21.46 1.78
N ASN A 85 -11.07 -20.87 0.72
CA ASN A 85 -11.43 -21.63 -0.47
C ASN A 85 -10.18 -22.05 -1.25
N GLY A 86 -9.07 -21.34 -1.01
CA GLY A 86 -7.83 -21.65 -1.69
C GLY A 86 -7.45 -20.57 -2.69
N LYS A 87 -8.41 -19.75 -3.08
CA LYS A 87 -8.16 -18.67 -4.03
C LYS A 87 -7.62 -17.43 -3.32
N GLU A 88 -6.76 -16.69 -4.02
CA GLU A 88 -6.17 -15.48 -3.45
C GLU A 88 -6.79 -14.24 -4.07
N THR A 89 -6.94 -13.19 -3.27
CA THR A 89 -7.53 -11.94 -3.73
C THR A 89 -6.45 -10.90 -3.99
N LYS A 90 -6.50 -10.29 -5.17
CA LYS A 90 -5.53 -9.27 -5.55
C LYS A 90 -6.16 -7.88 -5.49
N SER A 91 -5.35 -6.89 -5.12
CA SER A 91 -5.83 -5.51 -5.03
C SER A 91 -4.74 -4.53 -5.47
N ASN A 92 -5.09 -3.65 -6.40
CA ASN A 92 -4.15 -2.66 -6.91
C ASN A 92 -4.68 -1.25 -6.69
N TYR A 93 -3.92 -0.45 -5.94
CA TYR A 93 -4.32 0.92 -5.65
C TYR A 93 -3.18 1.89 -5.95
N ARG A 94 -3.46 2.92 -6.74
CA ARG A 94 -2.46 3.92 -7.11
C ARG A 94 -2.45 5.05 -6.09
N VAL A 95 -1.25 5.41 -5.63
CA VAL A 95 -1.09 6.48 -4.66
C VAL A 95 -0.19 7.58 -5.19
N ARG A 96 -0.65 8.82 -5.10
CA ARG A 96 0.12 9.96 -5.58
C ARG A 96 0.17 11.07 -4.52
N VAL A 97 1.23 11.88 -4.57
CA VAL A 97 1.39 12.97 -3.62
C VAL A 97 1.37 14.32 -4.33
N TYR A 98 1.56 15.39 -3.56
CA TYR A 98 1.56 16.73 -4.12
C TYR A 98 2.74 16.95 -5.05
N GLN A 99 3.91 17.26 -4.47
CA GLN A 99 5.11 17.49 -5.25
C GLN A 99 5.48 16.26 -6.07
N ILE A 100 6.05 16.48 -7.24
CA ILE A 100 6.43 15.39 -8.13
C ILE A 100 7.93 15.44 -8.43
N PRO A 101 8.49 14.29 -8.86
CA PRO A 101 9.91 14.18 -9.19
C PRO A 101 10.28 14.94 -10.46
N GLY A 102 11.55 14.91 -10.82
CA GLY A 102 12.01 15.60 -12.01
C GLY A 102 13.46 15.32 -12.32
N LYS A 103 13.92 14.11 -11.98
CA LYS A 103 15.30 13.73 -12.22
C LYS A 103 15.38 12.55 -13.19
N PRO A 104 16.32 12.61 -14.13
CA PRO A 104 16.52 11.56 -15.13
C PRO A 104 17.07 10.27 -14.52
N GLU A 105 16.23 9.25 -14.44
CA GLU A 105 16.64 7.97 -13.87
C GLU A 105 17.81 7.38 -14.64
N ASP B 1 6.21 -0.62 -14.85
CA ASP B 1 6.84 0.66 -14.60
C ASP B 1 6.66 1.09 -13.15
N GLU B 2 5.55 0.68 -12.55
CA GLU B 2 5.26 1.03 -11.16
C GLU B 2 4.72 -0.18 -10.40
N PHE B 3 3.85 -0.94 -11.05
CA PHE B 3 3.26 -2.12 -10.44
C PHE B 3 2.22 -2.76 -11.36
N KPI B 4 1.46 -3.60 -10.84
CA KPI B 4 0.42 -4.29 -11.59
CB KPI B 4 -0.49 -5.09 -10.62
CG KPI B 4 0.34 -6.18 -9.93
CD KPI B 4 -0.60 -7.25 -9.33
CE KPI B 4 -1.34 -7.98 -10.47
NZ KPI B 4 -2.72 -7.46 -10.58
CX1 KPI B 4 -3.62 -8.24 -9.64
C1 KPI B 4 -4.77 -8.87 -10.45
CX2 KPI B 4 -4.20 -7.36 -8.52
O1 KPI B 4 -5.37 -8.07 -7.89
O2 KPI B 4 -3.16 -7.11 -7.49
C KPI B 4 -0.39 -3.26 -12.29
O KPI B 4 -0.82 -3.45 -13.43
H KPI B 4 1.45 -3.93 -9.82
HA KPI B 4 0.85 -4.98 -12.32
HB KPI B 4 -0.86 -4.47 -9.93
HBA KPI B 4 -1.23 -5.51 -11.13
HG KPI B 4 0.95 -6.62 -10.59
HGA KPI B 4 0.89 -5.78 -9.19
HD KPI B 4 -0.06 -7.92 -8.80
HDA KPI B 4 -1.27 -6.81 -8.73
HE KPI B 4 -0.86 -7.83 -11.33
HEA KPI B 4 -1.37 -8.96 -10.28
H1C KPI B 4 -5.37 -9.50 -9.79
H1A KPI B 4 -4.35 -9.49 -11.24
H1B KPI B 4 -5.39 -8.10 -10.89
HZ KPI B 4 -2.73 -6.43 -10.32
HX1 KPI B 4 -3.05 -9.02 -9.14
N ALA B 5 -0.63 -2.14 -11.61
CA ALA B 5 -1.41 -1.05 -12.18
C ALA B 5 -1.08 -0.85 -13.66
N ASP B 6 -2.09 -0.92 -14.51
CA ASP B 6 -1.91 -0.75 -15.94
C ASP B 6 -2.10 0.72 -16.34
N GLU B 7 -1.29 1.60 -15.75
CA GLU B 7 -1.38 3.02 -16.05
C GLU B 7 -0.71 3.35 -17.39
N GLY A 1 -12.97 -2.42 -7.48
CA GLY A 1 -12.06 -1.30 -7.65
C GLY A 1 -11.14 -1.47 -8.84
N SER A 2 -10.19 -2.40 -8.72
CA SER A 2 -9.24 -2.66 -9.79
C SER A 2 -8.42 -1.41 -10.11
N ALA A 3 -7.20 -1.36 -9.57
CA ALA A 3 -6.32 -0.22 -9.79
C ALA A 3 -7.03 1.09 -9.49
N GLN A 4 -7.15 1.41 -8.20
CA GLN A 4 -7.81 2.64 -7.77
C GLN A 4 -6.80 3.76 -7.58
N ASN A 5 -7.10 4.93 -8.14
CA ASN A 5 -6.22 6.08 -8.03
C ASN A 5 -6.53 6.89 -6.77
N ILE A 6 -5.52 7.04 -5.91
CA ILE A 6 -5.68 7.79 -4.67
C ILE A 6 -4.67 8.93 -4.58
N THR A 7 -5.17 10.15 -4.47
CA THR A 7 -4.31 11.32 -4.37
C THR A 7 -4.11 11.74 -2.92
N ALA A 8 -2.91 12.19 -2.59
CA ALA A 8 -2.59 12.62 -1.24
C ALA A 8 -1.59 13.78 -1.25
N ARG A 9 -1.41 14.41 -0.10
CA ARG A 9 -0.49 15.53 0.03
C ARG A 9 0.64 15.20 1.00
N ILE A 10 1.83 15.72 0.72
CA ILE A 10 2.99 15.48 1.56
C ILE A 10 2.68 15.82 3.02
N GLY A 11 2.81 14.83 3.90
CA GLY A 11 2.55 15.04 5.31
C GLY A 11 1.11 14.77 5.67
N GLU A 12 0.33 14.28 4.71
CA GLU A 12 -1.08 13.98 4.93
C GLU A 12 -1.29 12.48 5.14
N PRO A 13 -2.19 12.14 6.07
CA PRO A 13 -2.50 10.73 6.39
C PRO A 13 -3.27 10.05 5.27
N LEU A 14 -2.97 8.77 5.06
CA LEU A 14 -3.63 7.99 4.01
C LEU A 14 -3.88 6.56 4.47
N VAL A 15 -5.03 6.02 4.08
CA VAL A 15 -5.40 4.65 4.45
C VAL A 15 -5.65 3.80 3.22
N LEU A 16 -5.38 2.51 3.32
CA LEU A 16 -5.58 1.57 2.22
C LEU A 16 -6.35 0.34 2.67
N LYS A 17 -7.16 -0.21 1.78
CA LYS A 17 -7.95 -1.39 2.08
C LYS A 17 -7.48 -2.58 1.26
N CYS A 18 -7.69 -3.79 1.80
CA CYS A 18 -7.28 -5.01 1.12
C CYS A 18 -8.50 -5.75 0.57
N LYS A 19 -8.74 -5.60 -0.73
CA LYS A 19 -9.87 -6.26 -1.38
C LYS A 19 -9.76 -7.77 -1.25
N GLY A 20 -10.78 -8.38 -0.64
CA GLY A 20 -10.77 -9.83 -0.46
C GLY A 20 -10.95 -10.23 0.99
N ALA A 21 -10.36 -9.46 1.89
CA ALA A 21 -10.44 -9.75 3.32
C ALA A 21 -11.63 -9.02 3.95
N PRO A 22 -12.45 -9.77 4.71
CA PRO A 22 -13.63 -9.21 5.39
C PRO A 22 -13.25 -8.27 6.53
N LYS A 23 -14.22 -7.97 7.38
CA LYS A 23 -14.01 -7.08 8.51
C LYS A 23 -12.77 -7.51 9.30
N LYS A 24 -12.70 -8.80 9.62
CA LYS A 24 -11.57 -9.34 10.38
C LYS A 24 -10.69 -10.20 9.48
N PRO A 25 -9.38 -10.25 9.81
CA PRO A 25 -8.41 -11.04 9.04
C PRO A 25 -8.61 -12.54 9.22
N PRO A 26 -9.05 -13.20 8.14
CA PRO A 26 -9.30 -14.66 8.15
C PRO A 26 -8.00 -15.45 8.23
N GLN A 27 -7.38 -15.68 7.08
CA GLN A 27 -6.12 -16.43 7.03
C GLN A 27 -4.94 -15.50 6.85
N ARG A 28 -3.74 -16.08 6.74
CA ARG A 28 -2.52 -15.30 6.58
C ARG A 28 -2.54 -14.55 5.25
N LEU A 29 -2.16 -13.27 5.29
CA LEU A 29 -2.14 -12.44 4.10
C LEU A 29 -0.86 -11.61 4.04
N GLU A 30 -0.38 -11.36 2.83
CA GLU A 30 0.83 -10.57 2.63
C GLU A 30 0.61 -9.45 1.63
N TRP A 31 1.12 -8.27 1.93
CA TRP A 31 0.97 -7.12 1.05
C TRP A 31 2.34 -6.52 0.69
N LYS A 32 2.46 -6.03 -0.53
CA LYS A 32 3.71 -5.43 -0.98
C LYS A 32 3.44 -4.14 -1.76
N LEU A 33 4.31 -3.16 -1.57
CA LEU A 33 4.17 -1.87 -2.24
C LEU A 33 5.52 -1.37 -2.74
N ASN A 34 5.52 -0.79 -3.94
CA ASN A 34 6.74 -0.27 -4.53
C ASN A 34 6.69 1.25 -4.64
N THR A 35 7.73 1.91 -4.13
CA THR A 35 7.81 3.36 -4.15
C THR A 35 9.20 3.83 -4.54
N GLY A 36 9.39 5.15 -4.61
CA GLY A 36 10.67 5.70 -4.96
C GLY A 36 11.01 5.49 -6.42
N ARG A 37 12.20 4.97 -6.69
CA ARG A 37 12.66 4.73 -8.05
C ARG A 37 12.78 3.23 -8.31
N THR A 38 13.25 2.50 -7.31
CA THR A 38 13.43 1.06 -7.43
C THR A 38 13.95 0.46 -6.13
N GLU A 39 14.71 1.24 -5.38
CA GLU A 39 15.27 0.79 -4.12
C GLU A 39 14.47 1.34 -2.94
N ALA A 40 13.16 1.50 -3.13
CA ALA A 40 12.30 2.03 -2.08
C ALA A 40 11.16 1.05 -1.78
N TRP A 41 11.07 -0.01 -2.57
CA TRP A 41 10.04 -1.02 -2.38
C TRP A 41 10.12 -1.63 -0.99
N LYS A 42 8.97 -1.71 -0.31
CA LYS A 42 8.91 -2.27 1.03
C LYS A 42 7.84 -3.36 1.11
N VAL A 43 7.99 -4.25 2.09
CA VAL A 43 7.03 -5.34 2.28
C VAL A 43 6.11 -5.06 3.45
N LEU A 44 4.80 -5.06 3.19
CA LEU A 44 3.81 -4.80 4.22
C LEU A 44 3.43 -6.09 4.94
N SER A 45 3.33 -6.02 6.26
CA SER A 45 2.98 -7.17 7.08
C SER A 45 1.80 -6.85 7.99
N PRO A 46 1.19 -7.91 8.56
CA PRO A 46 0.05 -7.76 9.48
C PRO A 46 0.45 -7.15 10.81
N GLN A 47 1.73 -6.83 10.95
CA GLN A 47 2.23 -6.22 12.18
C GLN A 47 2.98 -4.92 11.89
N GLY A 48 2.24 -3.82 11.85
CA GLY A 48 2.85 -2.53 11.58
C GLY A 48 3.47 -1.91 12.81
N GLY A 49 3.48 -2.66 13.92
CA GLY A 49 4.04 -2.16 15.16
C GLY A 49 5.41 -1.56 14.96
N GLY A 50 5.88 -0.82 15.96
CA GLY A 50 7.19 -0.19 15.87
C GLY A 50 7.12 1.26 15.44
N PRO A 51 8.19 1.75 14.81
CA PRO A 51 8.26 3.13 14.33
C PRO A 51 7.34 3.39 13.15
N TRP A 52 6.26 4.11 13.40
CA TRP A 52 5.29 4.43 12.35
C TRP A 52 5.75 5.63 11.54
N ASP A 53 6.42 6.58 12.19
CA ASP A 53 6.91 7.77 11.52
C ASP A 53 7.90 7.40 10.41
N SER A 54 8.54 6.25 10.56
CA SER A 54 9.51 5.79 9.57
C SER A 54 8.81 5.19 8.36
N VAL A 55 7.80 4.36 8.62
CA VAL A 55 7.05 3.72 7.54
C VAL A 55 5.55 3.94 7.71
N ALA A 56 4.87 2.95 8.27
CA ALA A 56 3.44 3.04 8.49
C ALA A 56 2.95 1.93 9.41
N ARG A 57 1.67 1.98 9.77
CA ARG A 57 1.08 0.98 10.65
C ARG A 57 0.03 0.15 9.91
N VAL A 58 -0.24 -1.05 10.42
CA VAL A 58 -1.22 -1.94 9.82
C VAL A 58 -2.40 -2.18 10.75
N LEU A 59 -3.60 -1.95 10.25
CA LEU A 59 -4.81 -2.14 11.04
C LEU A 59 -5.05 -3.63 11.31
N PRO A 60 -5.80 -3.92 12.39
CA PRO A 60 -6.12 -5.30 12.78
C PRO A 60 -7.08 -5.97 11.81
N ASN A 61 -7.82 -5.16 11.07
CA ASN A 61 -8.78 -5.67 10.09
C ASN A 61 -8.09 -6.03 8.77
N GLY A 62 -6.78 -5.82 8.73
CA GLY A 62 -6.02 -6.12 7.53
C GLY A 62 -5.89 -4.92 6.61
N SER A 63 -5.88 -3.73 7.20
CA SER A 63 -5.77 -2.49 6.42
C SER A 63 -4.43 -1.81 6.67
N LEU A 64 -4.19 -0.71 5.98
CA LEU A 64 -2.95 0.04 6.13
C LEU A 64 -3.23 1.52 6.40
N PHE A 65 -2.60 2.05 7.43
CA PHE A 65 -2.77 3.46 7.78
C PHE A 65 -1.43 4.18 7.85
N LEU A 66 -1.36 5.34 7.21
CA LEU A 66 -0.13 6.14 7.19
C LEU A 66 -0.33 7.46 7.92
N PRO A 67 0.60 7.79 8.82
CA PRO A 67 0.55 9.02 9.60
C PRO A 67 0.82 10.26 8.75
N ALA A 68 1.74 10.13 7.80
CA ALA A 68 2.09 11.23 6.92
C ALA A 68 2.84 10.72 5.69
N VAL A 69 2.13 10.65 4.56
CA VAL A 69 2.74 10.19 3.32
C VAL A 69 3.67 11.24 2.72
N GLY A 70 4.96 10.91 2.64
CA GLY A 70 5.93 11.84 2.09
C GLY A 70 6.00 11.78 0.59
N ILE A 71 6.59 12.81 -0.02
CA ILE A 71 6.72 12.87 -1.47
C ILE A 71 7.43 11.63 -2.00
N GLN A 72 8.37 11.10 -1.23
CA GLN A 72 9.11 9.92 -1.62
C GLN A 72 8.27 8.66 -1.47
N ASP A 73 7.18 8.78 -0.72
CA ASP A 73 6.29 7.66 -0.49
C ASP A 73 5.50 7.30 -1.75
N GLU A 74 5.69 8.12 -2.79
CA GLU A 74 5.01 7.89 -4.06
C GLU A 74 5.30 6.50 -4.60
N GLY A 75 4.28 5.87 -5.19
CA GLY A 75 4.46 4.53 -5.73
C GLY A 75 3.13 3.81 -5.91
N ILE A 76 3.18 2.48 -5.93
CA ILE A 76 1.98 1.67 -6.09
C ILE A 76 1.84 0.66 -4.97
N PHE A 77 0.63 0.56 -4.41
CA PHE A 77 0.37 -0.37 -3.32
C PHE A 77 -0.38 -1.60 -3.83
N ARG A 78 0.17 -2.78 -3.54
CA ARG A 78 -0.44 -4.03 -3.97
C ARG A 78 -0.66 -4.96 -2.78
N CYS A 79 -1.89 -5.45 -2.64
CA CYS A 79 -2.24 -6.35 -1.55
C CYS A 79 -2.77 -7.68 -2.07
N GLN A 80 -2.48 -8.75 -1.36
CA GLN A 80 -2.93 -10.08 -1.76
C GLN A 80 -3.40 -10.89 -0.55
N ALA A 81 -4.57 -11.52 -0.68
CA ALA A 81 -5.12 -12.32 0.41
C ALA A 81 -5.58 -13.69 -0.10
N MET A 82 -5.79 -14.62 0.82
CA MET A 82 -6.23 -15.97 0.46
C MET A 82 -7.45 -16.37 1.28
N ASN A 83 -8.51 -16.76 0.59
CA ASN A 83 -9.75 -17.18 1.25
C ASN A 83 -9.71 -18.66 1.60
N ARG A 84 -10.70 -19.12 2.34
CA ARG A 84 -10.78 -20.51 2.74
C ARG A 84 -11.10 -21.41 1.54
N ASN A 85 -11.62 -20.80 0.48
CA ASN A 85 -11.97 -21.55 -0.72
C ASN A 85 -10.71 -21.97 -1.49
N GLY A 86 -9.60 -21.28 -1.21
CA GLY A 86 -8.35 -21.60 -1.88
C GLY A 86 -7.95 -20.53 -2.89
N LYS A 87 -8.90 -19.68 -3.25
CA LYS A 87 -8.64 -18.60 -4.20
C LYS A 87 -8.04 -17.39 -3.52
N GLU A 88 -7.16 -16.68 -4.22
CA GLU A 88 -6.52 -15.49 -3.68
C GLU A 88 -7.12 -14.22 -4.29
N THR A 89 -7.21 -13.17 -3.48
CA THR A 89 -7.76 -11.90 -3.93
C THR A 89 -6.66 -10.89 -4.21
N LYS A 90 -6.74 -10.23 -5.36
CA LYS A 90 -5.75 -9.23 -5.75
C LYS A 90 -6.25 -7.82 -5.46
N SER A 91 -5.34 -6.93 -5.07
CA SER A 91 -5.70 -5.55 -4.76
C SER A 91 -4.59 -4.60 -5.20
N ASN A 92 -4.95 -3.63 -6.04
CA ASN A 92 -3.98 -2.65 -6.52
C ASN A 92 -4.48 -1.23 -6.29
N TYR A 93 -3.71 -0.45 -5.55
CA TYR A 93 -4.08 0.93 -5.26
C TYR A 93 -2.93 1.88 -5.58
N ARG A 94 -3.20 2.86 -6.44
CA ARG A 94 -2.19 3.83 -6.83
C ARG A 94 -2.11 4.98 -5.83
N VAL A 95 -0.89 5.34 -5.45
CA VAL A 95 -0.68 6.41 -4.49
C VAL A 95 0.15 7.54 -5.10
N ARG A 96 -0.33 8.77 -4.97
CA ARG A 96 0.35 9.93 -5.52
C ARG A 96 0.36 11.08 -4.51
N VAL A 97 1.45 11.83 -4.48
CA VAL A 97 1.58 12.96 -3.58
C VAL A 97 1.53 14.29 -4.32
N TYR A 98 1.72 15.38 -3.60
CA TYR A 98 1.70 16.71 -4.20
C TYR A 98 2.85 16.89 -5.18
N GLN A 99 4.06 17.01 -4.64
CA GLN A 99 5.25 17.19 -5.47
C GLN A 99 5.59 15.91 -6.21
N ILE A 100 6.01 16.05 -7.47
CA ILE A 100 6.37 14.90 -8.30
C ILE A 100 7.81 15.00 -8.77
N PRO A 101 8.38 13.85 -9.16
CA PRO A 101 9.76 13.78 -9.66
C PRO A 101 9.93 14.44 -11.01
N GLY A 102 11.18 14.54 -11.47
CA GLY A 102 11.45 15.15 -12.75
C GLY A 102 12.46 14.37 -13.57
N LYS A 103 13.72 14.40 -13.16
CA LYS A 103 14.77 13.68 -13.87
C LYS A 103 15.95 13.39 -12.93
N PRO A 104 16.79 12.43 -13.33
CA PRO A 104 17.97 12.04 -12.55
C PRO A 104 19.04 13.11 -12.53
N GLU A 105 19.70 13.28 -11.39
CA GLU A 105 20.75 14.28 -11.27
C GLU A 105 22.04 13.65 -10.75
N ASP B 1 9.87 -0.61 -12.94
CA ASP B 1 8.57 -0.19 -13.42
C ASP B 1 7.60 0.06 -12.28
N GLU B 2 6.42 0.57 -12.60
CA GLU B 2 5.41 0.86 -11.59
C GLU B 2 4.54 -0.37 -11.31
N PHE B 3 4.24 -0.60 -10.04
CA PHE B 3 3.42 -1.74 -9.64
C PHE B 3 2.14 -1.81 -10.47
N KPI B 4 1.54 -2.90 -10.46
CA KPI B 4 0.30 -3.13 -11.20
CB KPI B 4 -0.49 -4.28 -10.57
CG KPI B 4 -1.89 -4.38 -11.21
CD KPI B 4 -2.39 -5.84 -11.16
CE KPI B 4 -2.51 -6.29 -9.68
NZ KPI B 4 -1.59 -7.40 -9.43
CX1 KPI B 4 -2.37 -8.66 -9.14
C1 KPI B 4 -2.95 -9.20 -10.46
CX2 KPI B 4 -3.48 -8.66 -8.06
O1 KPI B 4 -3.34 -9.89 -7.21
O2 KPI B 4 -3.33 -7.44 -7.20
C KPI B 4 -0.51 -1.88 -11.13
O KPI B 4 -0.89 -1.43 -10.06
H KPI B 4 1.80 -3.80 -9.94
HA KPI B 4 0.51 -3.37 -12.25
HB KPI B 4 0.00 -5.14 -10.70
HBA KPI B 4 -0.60 -4.12 -9.59
HG KPI B 4 -2.53 -3.79 -10.72
HGA KPI B 4 -1.83 -4.09 -12.17
HD KPI B 4 -3.29 -5.90 -11.59
HDA KPI B 4 -1.74 -6.43 -11.63
HE KPI B 4 -2.29 -5.52 -9.09
HEA KPI B 4 -3.45 -6.59 -9.51
H1C KPI B 4 -3.31 -10.23 -10.30
H1A KPI B 4 -2.18 -9.21 -11.22
H1B KPI B 4 -3.78 -8.58 -10.78
HZ KPI B 4 -0.96 -7.55 -10.28
HX1 KPI B 4 -1.72 -9.40 -8.70
N ALA B 5 -0.76 -1.29 -12.30
CA ALA B 5 -1.54 -0.06 -12.38
C ALA B 5 -1.72 0.38 -13.83
N ASP B 6 -0.70 1.01 -14.38
CA ASP B 6 -0.74 1.49 -15.77
C ASP B 6 -2.04 2.24 -16.04
N GLU B 7 -2.20 3.40 -15.41
CA GLU B 7 -3.39 4.20 -15.59
C GLU B 7 -3.07 5.69 -15.42
N GLY A 1 -10.91 -6.66 -7.27
CA GLY A 1 -10.23 -5.39 -7.13
C GLY A 1 -9.74 -4.84 -8.45
N SER A 2 -8.99 -3.74 -8.41
CA SER A 2 -8.47 -3.10 -9.61
C SER A 2 -7.60 -1.90 -9.27
N ALA A 3 -6.73 -1.53 -10.19
CA ALA A 3 -5.84 -0.39 -9.99
C ALA A 3 -6.64 0.88 -9.73
N GLN A 4 -6.80 1.23 -8.45
CA GLN A 4 -7.54 2.43 -8.07
C GLN A 4 -6.60 3.62 -7.90
N ASN A 5 -7.01 4.77 -8.40
CA ASN A 5 -6.21 5.99 -8.30
C ASN A 5 -6.52 6.74 -7.01
N ILE A 6 -5.50 6.94 -6.19
CA ILE A 6 -5.67 7.64 -4.92
C ILE A 6 -4.70 8.82 -4.82
N THR A 7 -5.25 10.02 -4.65
CA THR A 7 -4.44 11.23 -4.53
C THR A 7 -4.18 11.58 -3.07
N ALA A 8 -2.97 12.06 -2.80
CA ALA A 8 -2.60 12.44 -1.44
C ALA A 8 -1.65 13.64 -1.45
N ARG A 9 -1.44 14.23 -0.28
CA ARG A 9 -0.56 15.37 -0.15
C ARG A 9 0.59 15.08 0.82
N ILE A 10 1.74 15.70 0.56
CA ILE A 10 2.92 15.49 1.41
C ILE A 10 2.61 15.85 2.86
N GLY A 11 2.77 14.86 3.76
CA GLY A 11 2.52 15.10 5.16
C GLY A 11 1.06 14.86 5.53
N GLU A 12 0.27 14.38 4.57
CA GLU A 12 -1.14 14.11 4.80
C GLU A 12 -1.39 12.62 5.00
N PRO A 13 -2.26 12.28 5.96
CA PRO A 13 -2.60 10.90 6.27
C PRO A 13 -3.41 10.23 5.17
N LEU A 14 -3.15 8.95 4.94
CA LEU A 14 -3.86 8.20 3.91
C LEU A 14 -4.08 6.75 4.34
N VAL A 15 -5.23 6.20 3.99
CA VAL A 15 -5.56 4.82 4.34
C VAL A 15 -5.87 4.00 3.10
N LEU A 16 -5.50 2.73 3.13
CA LEU A 16 -5.74 1.83 2.00
C LEU A 16 -6.38 0.53 2.46
N LYS A 17 -7.23 -0.05 1.62
CA LYS A 17 -7.92 -1.29 1.95
C LYS A 17 -7.45 -2.42 1.03
N CYS A 18 -7.48 -3.64 1.54
CA CYS A 18 -7.06 -4.81 0.76
C CYS A 18 -8.26 -5.66 0.37
N LYS A 19 -8.71 -5.49 -0.88
CA LYS A 19 -9.85 -6.25 -1.39
C LYS A 19 -9.64 -7.74 -1.21
N GLY A 20 -10.62 -8.41 -0.61
CA GLY A 20 -10.52 -9.84 -0.39
C GLY A 20 -10.69 -10.22 1.06
N ALA A 21 -10.11 -9.43 1.96
CA ALA A 21 -10.21 -9.69 3.38
C ALA A 21 -11.39 -8.95 4.00
N PRO A 22 -12.23 -9.69 4.75
CA PRO A 22 -13.40 -9.13 5.40
C PRO A 22 -13.04 -8.20 6.56
N LYS A 23 -14.03 -7.89 7.39
CA LYS A 23 -13.81 -7.01 8.53
C LYS A 23 -12.59 -7.44 9.34
N LYS A 24 -12.53 -8.73 9.65
CA LYS A 24 -11.41 -9.28 10.41
C LYS A 24 -10.51 -10.14 9.52
N PRO A 25 -9.24 -10.26 9.91
CA PRO A 25 -8.26 -11.06 9.16
C PRO A 25 -8.53 -12.55 9.26
N PRO A 26 -8.97 -13.15 8.14
CA PRO A 26 -9.28 -14.58 8.09
C PRO A 26 -8.02 -15.45 8.16
N GLN A 27 -7.40 -15.69 7.01
CA GLN A 27 -6.19 -16.50 6.96
C GLN A 27 -4.95 -15.61 6.84
N ARG A 28 -3.79 -16.25 6.71
CA ARG A 28 -2.52 -15.52 6.59
C ARG A 28 -2.50 -14.67 5.32
N LEU A 29 -2.09 -13.42 5.46
CA LEU A 29 -2.02 -12.51 4.32
C LEU A 29 -0.73 -11.68 4.37
N GLU A 30 -0.35 -11.15 3.22
CA GLU A 30 0.85 -10.34 3.12
C GLU A 30 0.58 -9.05 2.36
N TRP A 31 1.28 -7.98 2.75
CA TRP A 31 1.12 -6.69 2.11
C TRP A 31 2.45 -6.16 1.59
N LYS A 32 2.45 -5.67 0.36
CA LYS A 32 3.65 -5.13 -0.26
C LYS A 32 3.37 -3.83 -0.98
N LEU A 33 4.27 -2.86 -0.84
CA LEU A 33 4.11 -1.56 -1.48
C LEU A 33 5.44 -1.07 -2.06
N ASN A 34 5.38 -0.51 -3.26
CA ASN A 34 6.58 0.00 -3.92
C ASN A 34 6.52 1.52 -4.05
N THR A 35 7.58 2.19 -3.59
CA THR A 35 7.66 3.64 -3.66
C THR A 35 9.05 4.10 -4.07
N GLY A 36 9.22 5.42 -4.16
CA GLY A 36 10.52 5.97 -4.54
C GLY A 36 10.84 5.71 -6.00
N ARG A 37 12.05 5.19 -6.24
CA ARG A 37 12.48 4.90 -7.61
C ARG A 37 12.62 3.39 -7.82
N THR A 38 13.11 2.70 -6.79
CA THR A 38 13.30 1.26 -6.86
C THR A 38 13.83 0.71 -5.54
N GLU A 39 14.57 1.53 -4.82
CA GLU A 39 15.13 1.12 -3.53
C GLU A 39 14.33 1.71 -2.37
N ALA A 40 13.02 1.83 -2.58
CA ALA A 40 12.14 2.37 -1.55
C ALA A 40 11.02 1.39 -1.21
N TRP A 41 10.96 0.30 -1.96
CA TRP A 41 9.93 -0.72 -1.74
C TRP A 41 10.03 -1.29 -0.33
N LYS A 42 8.89 -1.37 0.34
CA LYS A 42 8.83 -1.90 1.70
C LYS A 42 7.77 -2.98 1.83
N VAL A 43 7.98 -3.90 2.77
CA VAL A 43 7.04 -5.00 2.98
C VAL A 43 6.23 -4.78 4.25
N LEU A 44 4.91 -4.63 4.08
CA LEU A 44 4.02 -4.40 5.21
C LEU A 44 3.39 -5.72 5.68
N SER A 45 3.17 -5.83 6.99
CA SER A 45 2.58 -7.03 7.56
C SER A 45 1.35 -6.69 8.39
N PRO A 46 0.45 -7.69 8.57
CA PRO A 46 -0.78 -7.51 9.34
C PRO A 46 -0.51 -7.35 10.83
N GLN A 47 0.77 -7.38 11.20
CA GLN A 47 1.15 -7.24 12.60
C GLN A 47 2.35 -6.30 12.75
N GLY A 48 2.12 -5.01 12.53
CA GLY A 48 3.19 -4.05 12.64
C GLY A 48 4.03 -3.97 11.38
N GLY A 49 3.52 -3.27 10.37
CA GLY A 49 4.25 -3.15 9.12
C GLY A 49 5.36 -2.12 9.19
N GLY A 50 6.29 -2.34 10.13
CA GLY A 50 7.40 -1.41 10.29
C GLY A 50 7.09 -0.30 11.25
N PRO A 51 8.07 0.59 11.48
CA PRO A 51 7.92 1.72 12.40
C PRO A 51 6.95 2.77 11.86
N TRP A 52 5.76 2.83 12.45
CA TRP A 52 4.75 3.79 12.04
C TRP A 52 5.28 5.22 12.09
N ASP A 53 6.15 5.47 13.07
CA ASP A 53 6.75 6.80 13.23
C ASP A 53 7.67 7.12 12.07
N SER A 54 8.22 6.08 11.44
CA SER A 54 9.14 6.27 10.32
C SER A 54 8.37 6.24 9.00
N VAL A 55 7.46 5.28 8.87
CA VAL A 55 6.66 5.14 7.65
C VAL A 55 5.17 5.10 7.98
N ALA A 56 4.62 3.89 8.07
CA ALA A 56 3.22 3.70 8.38
C ALA A 56 2.97 2.39 9.10
N ARG A 57 1.73 2.16 9.50
CA ARG A 57 1.37 0.94 10.21
C ARG A 57 0.23 0.21 9.51
N VAL A 58 0.06 -1.07 9.84
CA VAL A 58 -1.00 -1.88 9.23
C VAL A 58 -2.11 -2.17 10.24
N LEU A 59 -3.35 -1.94 9.82
CA LEU A 59 -4.50 -2.18 10.68
C LEU A 59 -4.70 -3.67 10.93
N PRO A 60 -5.37 -4.01 12.03
CA PRO A 60 -5.65 -5.40 12.40
C PRO A 60 -6.66 -6.06 11.46
N ASN A 61 -7.47 -5.23 10.80
CA ASN A 61 -8.48 -5.73 9.88
C ASN A 61 -7.88 -6.04 8.52
N GLY A 62 -6.56 -5.83 8.40
CA GLY A 62 -5.88 -6.09 7.15
C GLY A 62 -5.79 -4.86 6.27
N SER A 63 -5.88 -3.69 6.88
CA SER A 63 -5.81 -2.43 6.15
C SER A 63 -4.47 -1.75 6.37
N LEU A 64 -4.29 -0.60 5.73
CA LEU A 64 -3.04 0.17 5.86
C LEU A 64 -3.33 1.62 6.20
N PHE A 65 -2.66 2.14 7.23
CA PHE A 65 -2.85 3.52 7.64
C PHE A 65 -1.51 4.27 7.67
N LEU A 66 -1.49 5.43 7.03
CA LEU A 66 -0.28 6.25 6.97
C LEU A 66 -0.47 7.56 7.73
N PRO A 67 0.46 7.84 8.66
CA PRO A 67 0.42 9.07 9.46
C PRO A 67 0.72 10.31 8.64
N ALA A 68 1.57 10.16 7.63
CA ALA A 68 1.94 11.28 6.76
C ALA A 68 2.70 10.79 5.54
N VAL A 69 1.99 10.71 4.41
CA VAL A 69 2.60 10.25 3.16
C VAL A 69 3.52 11.32 2.58
N GLY A 70 4.81 11.01 2.52
CA GLY A 70 5.78 11.95 1.98
C GLY A 70 5.95 11.81 0.48
N ILE A 71 6.51 12.84 -0.14
CA ILE A 71 6.73 12.84 -1.58
C ILE A 71 7.52 11.61 -2.01
N GLN A 72 8.40 11.14 -1.13
CA GLN A 72 9.21 9.97 -1.43
C GLN A 72 8.40 8.68 -1.26
N ASP A 73 7.33 8.76 -0.48
CA ASP A 73 6.47 7.61 -0.24
C ASP A 73 5.59 7.32 -1.45
N GLU A 74 5.66 8.20 -2.45
CA GLU A 74 4.88 8.04 -3.67
C GLU A 74 5.21 6.72 -4.37
N GLY A 75 4.19 6.10 -4.94
CA GLY A 75 4.39 4.83 -5.63
C GLY A 75 3.09 4.06 -5.80
N ILE A 76 3.20 2.73 -5.81
CA ILE A 76 2.03 1.88 -5.97
C ILE A 76 1.94 0.86 -4.83
N PHE A 77 0.74 0.73 -4.27
CA PHE A 77 0.52 -0.22 -3.17
C PHE A 77 -0.20 -1.47 -3.67
N ARG A 78 0.28 -2.63 -3.23
CA ARG A 78 -0.31 -3.90 -3.63
C ARG A 78 -0.68 -4.73 -2.41
N CYS A 79 -1.88 -5.31 -2.44
CA CYS A 79 -2.37 -6.14 -1.33
C CYS A 79 -2.67 -7.55 -1.80
N GLN A 80 -2.47 -8.52 -0.93
CA GLN A 80 -2.73 -9.92 -1.25
C GLN A 80 -3.35 -10.65 -0.07
N ALA A 81 -4.45 -11.34 -0.31
CA ALA A 81 -5.14 -12.09 0.74
C ALA A 81 -5.47 -13.50 0.28
N MET A 82 -5.77 -14.38 1.24
CA MET A 82 -6.11 -15.77 0.93
C MET A 82 -7.39 -16.18 1.64
N ASN A 83 -8.35 -16.68 0.87
CA ASN A 83 -9.62 -17.11 1.42
C ASN A 83 -9.55 -18.56 1.88
N ARG A 84 -10.61 -19.02 2.55
CA ARG A 84 -10.66 -20.40 3.04
C ARG A 84 -10.84 -21.37 1.89
N ASN A 85 -11.29 -20.86 0.75
CA ASN A 85 -11.49 -21.71 -0.43
C ASN A 85 -10.17 -22.11 -1.05
N GLY A 86 -9.12 -21.37 -0.73
CA GLY A 86 -7.80 -21.68 -1.27
C GLY A 86 -7.34 -20.65 -2.29
N LYS A 87 -8.27 -19.86 -2.78
CA LYS A 87 -7.96 -18.83 -3.77
C LYS A 87 -7.48 -17.55 -3.09
N GLU A 88 -6.56 -16.83 -3.75
CA GLU A 88 -6.03 -15.59 -3.21
C GLU A 88 -6.62 -14.38 -3.92
N THR A 89 -6.83 -13.31 -3.18
CA THR A 89 -7.39 -12.08 -3.74
C THR A 89 -6.31 -11.05 -4.01
N LYS A 90 -6.35 -10.46 -5.20
CA LYS A 90 -5.37 -9.45 -5.59
C LYS A 90 -5.92 -8.04 -5.40
N SER A 91 -5.06 -7.11 -5.02
CA SER A 91 -5.47 -5.73 -4.80
C SER A 91 -4.37 -4.76 -5.22
N ASN A 92 -4.73 -3.79 -6.06
CA ASN A 92 -3.77 -2.81 -6.54
C ASN A 92 -4.29 -1.39 -6.32
N TYR A 93 -3.53 -0.59 -5.57
CA TYR A 93 -3.93 0.78 -5.29
C TYR A 93 -2.80 1.76 -5.62
N ARG A 94 -3.11 2.75 -6.44
CA ARG A 94 -2.12 3.75 -6.84
C ARG A 94 -2.10 4.92 -5.87
N VAL A 95 -0.91 5.31 -5.44
CA VAL A 95 -0.75 6.42 -4.51
C VAL A 95 0.09 7.53 -5.11
N ARG A 96 -0.42 8.76 -5.04
CA ARG A 96 0.29 9.91 -5.58
C ARG A 96 0.33 11.05 -4.57
N VAL A 97 1.43 11.81 -4.58
CA VAL A 97 1.59 12.93 -3.67
C VAL A 97 1.51 14.26 -4.40
N TYR A 98 1.72 15.35 -3.68
CA TYR A 98 1.66 16.68 -4.26
C TYR A 98 2.82 16.90 -5.23
N GLN A 99 3.99 17.19 -4.68
CA GLN A 99 5.18 17.42 -5.50
C GLN A 99 5.58 16.15 -6.25
N ILE A 100 6.12 16.33 -7.45
CA ILE A 100 6.54 15.21 -8.28
C ILE A 100 8.02 15.30 -8.62
N PRO A 101 8.61 14.15 -8.99
CA PRO A 101 10.03 14.08 -9.35
C PRO A 101 10.33 14.78 -10.67
N GLY A 102 11.58 14.70 -11.11
CA GLY A 102 11.97 15.32 -12.36
C GLY A 102 12.14 14.33 -13.48
N LYS A 103 13.35 13.82 -13.64
CA LYS A 103 13.64 12.84 -14.69
C LYS A 103 14.99 12.16 -14.45
N PRO A 104 15.16 10.97 -15.03
CA PRO A 104 16.40 10.20 -14.89
C PRO A 104 17.57 10.84 -15.63
N GLU A 105 18.75 10.22 -15.50
CA GLU A 105 19.94 10.74 -16.16
C GLU A 105 20.58 9.67 -17.03
N ASP B 1 7.37 1.16 -15.76
CA ASP B 1 6.22 0.49 -15.17
C ASP B 1 6.32 0.47 -13.65
N GLU B 2 5.17 0.43 -12.99
CA GLU B 2 5.12 0.42 -11.53
C GLU B 2 4.01 -0.50 -11.03
N PHE B 3 4.39 -1.64 -10.48
CA PHE B 3 3.42 -2.60 -9.97
C PHE B 3 2.34 -2.90 -11.01
N KPI B 4 1.33 -3.50 -10.59
CA KPI B 4 0.21 -3.87 -11.45
CB KPI B 4 -0.94 -4.44 -10.62
CG KPI B 4 -1.97 -5.13 -11.54
CD KPI B 4 -3.24 -5.48 -10.74
CE KPI B 4 -2.85 -6.30 -9.49
NZ KPI B 4 -1.85 -7.31 -9.86
CX1 KPI B 4 -1.97 -8.51 -8.93
C1 KPI B 4 -1.03 -9.62 -9.40
CX2 KPI B 4 -3.35 -9.10 -8.59
O1 KPI B 4 -3.20 -10.55 -8.23
O2 KPI B 4 -3.95 -8.37 -7.43
C KPI B 4 -0.24 -2.64 -12.15
O KPI B 4 -0.65 -2.67 -13.32
H KPI B 4 1.12 -3.83 -9.59
HA KPI B 4 0.52 -4.62 -12.20
HB KPI B 4 -0.58 -5.11 -9.97
HBA KPI B 4 -1.40 -3.70 -10.12
HG KPI B 4 -2.22 -4.51 -12.29
HGA KPI B 4 -1.57 -5.97 -11.93
HD KPI B 4 -3.71 -4.65 -10.46
HDA KPI B 4 -3.86 -6.02 -11.32
HE KPI B 4 -2.48 -5.69 -8.80
HEA KPI B 4 -3.67 -6.76 -9.12
H1C KPI B 4 -0.92 -10.36 -8.60
H1A KPI B 4 -0.05 -9.20 -9.63
H1B KPI B 4 -1.44 -10.10 -10.29
HZ KPI B 4 -2.01 -7.63 -10.86
HX1 KPI B 4 -1.70 -8.20 -7.91
N ALA B 5 -0.17 -1.51 -11.44
CA ALA B 5 -0.59 -0.23 -12.00
C ALA B 5 -0.03 -0.04 -13.41
N ASP B 6 -0.89 0.41 -14.32
CA ASP B 6 -0.48 0.63 -15.70
C ASP B 6 -1.50 1.51 -16.43
N GLU B 7 -1.73 2.70 -15.89
CA GLU B 7 -2.68 3.64 -16.49
C GLU B 7 -2.14 4.20 -17.79
N GLY A 1 -9.04 -1.06 -6.62
CA GLY A 1 -8.49 -2.39 -6.43
C GLY A 1 -7.47 -2.76 -7.50
N SER A 2 -7.95 -2.91 -8.73
CA SER A 2 -7.08 -3.27 -9.84
C SER A 2 -6.32 -2.04 -10.36
N ALA A 3 -5.14 -1.81 -9.81
CA ALA A 3 -4.32 -0.67 -10.21
C ALA A 3 -5.11 0.63 -10.16
N GLN A 4 -5.52 1.02 -8.95
CA GLN A 4 -6.29 2.24 -8.78
C GLN A 4 -5.38 3.43 -8.47
N ASN A 5 -5.61 4.55 -9.16
CA ASN A 5 -4.81 5.74 -8.96
C ASN A 5 -5.36 6.59 -7.81
N ILE A 6 -4.52 6.82 -6.81
CA ILE A 6 -4.92 7.61 -5.65
C ILE A 6 -3.96 8.76 -5.41
N THR A 7 -4.51 9.97 -5.31
CA THR A 7 -3.70 11.16 -5.08
C THR A 7 -3.56 11.46 -3.60
N ALA A 8 -2.37 11.91 -3.20
CA ALA A 8 -2.11 12.24 -1.80
C ALA A 8 -1.22 13.47 -1.69
N ARG A 9 -1.14 14.03 -0.48
CA ARG A 9 -0.33 15.21 -0.23
C ARG A 9 0.75 14.92 0.80
N ILE A 10 1.88 15.61 0.68
CA ILE A 10 2.99 15.42 1.61
C ILE A 10 2.64 15.94 3.00
N GLY A 11 2.68 15.05 3.98
CA GLY A 11 2.36 15.44 5.34
C GLY A 11 0.96 15.05 5.75
N GLU A 12 0.19 14.56 4.79
CA GLU A 12 -1.18 14.14 5.05
C GLU A 12 -1.29 12.62 5.15
N PRO A 13 -2.11 12.14 6.09
CA PRO A 13 -2.32 10.70 6.31
C PRO A 13 -3.09 10.05 5.17
N LEU A 14 -2.76 8.80 4.88
CA LEU A 14 -3.41 8.06 3.81
C LEU A 14 -3.71 6.62 4.24
N VAL A 15 -4.85 6.11 3.81
CA VAL A 15 -5.25 4.74 4.15
C VAL A 15 -5.49 3.92 2.89
N LEU A 16 -5.21 2.62 2.98
CA LEU A 16 -5.41 1.72 1.85
C LEU A 16 -6.18 0.47 2.27
N LYS A 17 -6.97 -0.07 1.35
CA LYS A 17 -7.75 -1.27 1.63
C LYS A 17 -7.26 -2.45 0.80
N CYS A 18 -7.47 -3.65 1.32
CA CYS A 18 -7.04 -4.87 0.63
C CYS A 18 -8.24 -5.62 0.06
N LYS A 19 -8.48 -5.46 -1.23
CA LYS A 19 -9.60 -6.13 -1.89
C LYS A 19 -9.50 -7.64 -1.72
N GLY A 20 -10.54 -8.23 -1.14
CA GLY A 20 -10.55 -9.68 -0.94
C GLY A 20 -10.80 -10.05 0.50
N ALA A 21 -10.19 -9.30 1.42
CA ALA A 21 -10.35 -9.56 2.84
C ALA A 21 -11.51 -8.77 3.42
N PRO A 22 -12.41 -9.47 4.15
CA PRO A 22 -13.59 -8.85 4.76
C PRO A 22 -13.22 -7.94 5.93
N LYS A 23 -14.21 -7.59 6.74
CA LYS A 23 -13.98 -6.72 7.89
C LYS A 23 -12.82 -7.21 8.72
N LYS A 24 -12.82 -8.50 9.04
CA LYS A 24 -11.77 -9.11 9.84
C LYS A 24 -10.87 -10.00 8.97
N PRO A 25 -9.60 -10.14 9.38
CA PRO A 25 -8.63 -10.97 8.66
C PRO A 25 -8.93 -12.45 8.77
N PRO A 26 -9.36 -13.05 7.65
CA PRO A 26 -9.69 -14.48 7.59
C PRO A 26 -8.46 -15.38 7.72
N GLN A 27 -7.76 -15.56 6.61
CA GLN A 27 -6.56 -16.39 6.61
C GLN A 27 -5.30 -15.53 6.58
N ARG A 28 -4.15 -16.19 6.52
CA ARG A 28 -2.87 -15.48 6.50
C ARG A 28 -2.74 -14.63 5.24
N LEU A 29 -2.30 -13.39 5.41
CA LEU A 29 -2.13 -12.48 4.29
C LEU A 29 -0.83 -11.71 4.39
N GLU A 30 -0.26 -11.33 3.25
CA GLU A 30 0.99 -10.59 3.21
C GLU A 30 0.82 -9.26 2.50
N TRP A 31 1.59 -8.26 2.92
CA TRP A 31 1.52 -6.93 2.34
C TRP A 31 2.88 -6.51 1.80
N LYS A 32 2.87 -5.86 0.64
CA LYS A 32 4.10 -5.40 0.00
C LYS A 32 3.87 -4.10 -0.76
N LEU A 33 4.80 -3.15 -0.59
CA LEU A 33 4.70 -1.86 -1.26
C LEU A 33 6.06 -1.39 -1.74
N ASN A 34 6.11 -0.85 -2.96
CA ASN A 34 7.35 -0.36 -3.53
C ASN A 34 7.32 1.16 -3.67
N THR A 35 8.31 1.83 -3.09
CA THR A 35 8.40 3.28 -3.16
C THR A 35 9.85 3.74 -3.38
N GLY A 36 10.04 5.05 -3.43
CA GLY A 36 11.37 5.59 -3.65
C GLY A 36 11.84 5.42 -5.08
N ARG A 37 13.01 4.84 -5.25
CA ARG A 37 13.57 4.63 -6.59
C ARG A 37 13.64 3.14 -6.92
N THR A 38 13.98 2.33 -5.93
CA THR A 38 14.08 0.89 -6.11
C THR A 38 14.52 0.20 -4.83
N GLU A 39 15.27 0.92 -4.01
CA GLU A 39 15.76 0.37 -2.74
C GLU A 39 14.93 0.89 -1.56
N ALA A 40 13.64 1.09 -1.81
CA ALA A 40 12.74 1.59 -0.77
C ALA A 40 11.57 0.65 -0.56
N TRP A 41 11.48 -0.37 -1.42
CA TRP A 41 10.41 -1.35 -1.32
C TRP A 41 10.59 -2.25 -0.11
N LYS A 42 9.55 -2.39 0.70
CA LYS A 42 9.61 -3.22 1.90
C LYS A 42 8.32 -4.03 2.05
N VAL A 43 8.40 -5.11 2.82
CA VAL A 43 7.24 -5.97 3.06
C VAL A 43 6.50 -5.56 4.32
N LEU A 44 5.23 -5.22 4.18
CA LEU A 44 4.41 -4.81 5.31
C LEU A 44 3.72 -6.00 5.94
N SER A 45 3.55 -5.97 7.26
CA SER A 45 2.89 -7.05 7.98
C SER A 45 1.75 -6.52 8.83
N PRO A 46 0.76 -7.40 9.10
CA PRO A 46 -0.41 -7.04 9.90
C PRO A 46 -0.07 -6.82 11.38
N GLN A 47 1.21 -6.95 11.70
CA GLN A 47 1.67 -6.78 13.07
C GLN A 47 2.64 -5.60 13.18
N GLY A 48 2.12 -4.39 12.98
CA GLY A 48 2.95 -3.20 13.06
C GLY A 48 3.55 -2.83 11.72
N GLY A 49 3.93 -3.84 10.94
CA GLY A 49 4.51 -3.60 9.64
C GLY A 49 5.66 -2.61 9.70
N GLY A 50 6.53 -2.77 10.69
CA GLY A 50 7.66 -1.89 10.85
C GLY A 50 7.34 -0.66 11.67
N PRO A 51 8.32 0.25 11.79
CA PRO A 51 8.16 1.49 12.57
C PRO A 51 7.19 2.47 11.89
N TRP A 52 6.00 2.57 12.46
CA TRP A 52 4.97 3.48 11.91
C TRP A 52 5.51 4.90 11.81
N ASP A 53 6.36 5.28 12.77
CA ASP A 53 6.94 6.61 12.79
C ASP A 53 7.88 6.81 11.61
N SER A 54 8.45 5.72 11.12
CA SER A 54 9.37 5.77 9.99
C SER A 54 8.62 5.61 8.67
N VAL A 55 7.70 4.66 8.63
CA VAL A 55 6.92 4.40 7.42
C VAL A 55 5.43 4.43 7.72
N ALA A 56 4.84 3.26 7.93
CA ALA A 56 3.42 3.16 8.22
C ALA A 56 3.10 1.86 8.97
N ARG A 57 1.84 1.72 9.38
CA ARG A 57 1.42 0.52 10.09
C ARG A 57 0.25 -0.15 9.38
N VAL A 58 0.02 -1.42 9.70
CA VAL A 58 -1.07 -2.18 9.09
C VAL A 58 -2.20 -2.41 10.08
N LEU A 59 -3.43 -2.10 9.66
CA LEU A 59 -4.60 -2.27 10.50
C LEU A 59 -4.89 -3.76 10.74
N PRO A 60 -5.61 -4.05 11.83
CA PRO A 60 -5.97 -5.43 12.19
C PRO A 60 -6.99 -6.03 11.23
N ASN A 61 -7.72 -5.18 10.53
CA ASN A 61 -8.72 -5.62 9.57
C ASN A 61 -8.09 -5.97 8.24
N GLY A 62 -6.76 -5.84 8.17
CA GLY A 62 -6.06 -6.14 6.94
C GLY A 62 -5.89 -4.94 6.04
N SER A 63 -5.88 -3.76 6.65
CA SER A 63 -5.74 -2.51 5.89
C SER A 63 -4.40 -1.85 6.19
N LEU A 64 -4.17 -0.70 5.56
CA LEU A 64 -2.92 0.04 5.77
C LEU A 64 -3.21 1.50 6.09
N PHE A 65 -2.59 2.01 7.15
CA PHE A 65 -2.77 3.40 7.55
C PHE A 65 -1.43 4.12 7.63
N LEU A 66 -1.39 5.32 7.05
CA LEU A 66 -0.17 6.12 7.05
C LEU A 66 -0.36 7.40 7.86
N PRO A 67 0.56 7.64 8.81
CA PRO A 67 0.51 8.82 9.68
C PRO A 67 0.84 10.10 8.91
N ALA A 68 1.70 9.98 7.91
CA ALA A 68 2.09 11.13 7.09
C ALA A 68 2.86 10.69 5.85
N VAL A 69 2.18 10.69 4.71
CA VAL A 69 2.79 10.28 3.45
C VAL A 69 3.75 11.35 2.94
N GLY A 70 5.03 10.98 2.82
CA GLY A 70 6.03 11.92 2.35
C GLY A 70 6.30 11.78 0.86
N ILE A 71 6.91 12.81 0.28
CA ILE A 71 7.22 12.79 -1.15
C ILE A 71 8.03 11.55 -1.51
N GLN A 72 8.89 11.13 -0.59
CA GLN A 72 9.74 9.95 -0.82
C GLN A 72 8.92 8.67 -0.65
N ASP A 73 7.80 8.76 0.05
CA ASP A 73 6.95 7.61 0.28
C ASP A 73 6.17 7.24 -0.99
N GLU A 74 6.35 8.04 -2.04
CA GLU A 74 5.67 7.80 -3.30
C GLU A 74 6.00 6.41 -3.84
N GLY A 75 5.01 5.76 -4.43
CA GLY A 75 5.22 4.43 -4.98
C GLY A 75 3.91 3.70 -5.24
N ILE A 76 3.97 2.38 -5.25
CA ILE A 76 2.79 1.56 -5.48
C ILE A 76 2.57 0.57 -4.34
N PHE A 77 1.33 0.45 -3.90
CA PHE A 77 0.98 -0.46 -2.82
C PHE A 77 0.29 -1.71 -3.36
N ARG A 78 0.82 -2.88 -2.99
CA ARG A 78 0.25 -4.14 -3.45
C ARG A 78 -0.08 -5.04 -2.26
N CYS A 79 -1.31 -5.52 -2.22
CA CYS A 79 -1.76 -6.40 -1.14
C CYS A 79 -2.25 -7.74 -1.69
N GLN A 80 -2.12 -8.78 -0.88
CA GLN A 80 -2.55 -10.12 -1.28
C GLN A 80 -3.22 -10.84 -0.12
N ALA A 81 -4.38 -11.44 -0.39
CA ALA A 81 -5.11 -12.18 0.62
C ALA A 81 -5.54 -13.55 0.12
N MET A 82 -5.91 -14.44 1.04
CA MET A 82 -6.33 -15.78 0.68
C MET A 82 -7.66 -16.12 1.35
N ASN A 83 -8.64 -16.54 0.53
CA ASN A 83 -9.95 -16.90 1.05
C ASN A 83 -9.99 -18.35 1.50
N ARG A 84 -11.10 -18.74 2.12
CA ARG A 84 -11.25 -20.11 2.60
C ARG A 84 -11.43 -21.08 1.44
N ASN A 85 -11.80 -20.54 0.28
CA ASN A 85 -12.01 -21.36 -0.92
C ASN A 85 -10.68 -21.85 -1.48
N GLY A 86 -9.60 -21.16 -1.11
CA GLY A 86 -8.28 -21.53 -1.59
C GLY A 86 -7.71 -20.53 -2.57
N LYS A 87 -8.58 -19.68 -3.13
CA LYS A 87 -8.17 -18.67 -4.08
C LYS A 87 -7.67 -17.41 -3.37
N GLU A 88 -6.69 -16.75 -3.97
CA GLU A 88 -6.13 -15.53 -3.38
C GLU A 88 -6.61 -14.30 -4.14
N THR A 89 -6.82 -13.20 -3.41
CA THR A 89 -7.28 -11.97 -4.02
C THR A 89 -6.13 -10.96 -4.16
N LYS A 90 -6.02 -10.37 -5.35
CA LYS A 90 -4.97 -9.39 -5.62
C LYS A 90 -5.49 -7.98 -5.48
N SER A 91 -4.65 -7.08 -4.97
CA SER A 91 -5.03 -5.68 -4.78
C SER A 91 -3.85 -4.76 -5.03
N ASN A 92 -4.00 -3.85 -5.98
CA ASN A 92 -2.94 -2.89 -6.31
C ASN A 92 -3.46 -1.46 -6.29
N TYR A 93 -2.85 -0.63 -5.46
CA TYR A 93 -3.25 0.77 -5.35
C TYR A 93 -2.06 1.70 -5.52
N ARG A 94 -2.12 2.54 -6.54
CA ARG A 94 -1.03 3.49 -6.81
C ARG A 94 -1.22 4.77 -6.00
N VAL A 95 -0.13 5.25 -5.41
CA VAL A 95 -0.17 6.47 -4.62
C VAL A 95 0.78 7.52 -5.18
N ARG A 96 0.29 8.75 -5.27
CA ARG A 96 1.08 9.86 -5.80
C ARG A 96 1.01 11.07 -4.88
N VAL A 97 2.17 11.60 -4.48
CA VAL A 97 2.22 12.75 -3.60
C VAL A 97 2.21 14.04 -4.41
N TYR A 98 2.32 15.17 -3.70
CA TYR A 98 2.31 16.49 -4.36
C TYR A 98 3.59 16.68 -5.17
N GLN A 99 4.67 17.04 -4.49
CA GLN A 99 5.94 17.27 -5.16
C GLN A 99 6.42 16.02 -5.88
N ILE A 100 7.05 16.21 -7.04
CA ILE A 100 7.55 15.09 -7.82
C ILE A 100 9.06 15.19 -8.03
N PRO A 101 9.68 14.05 -8.35
CA PRO A 101 11.13 13.98 -8.59
C PRO A 101 11.56 14.70 -9.87
N GLY A 102 10.60 14.90 -10.77
CA GLY A 102 10.89 15.57 -12.02
C GLY A 102 9.64 15.80 -12.86
N LYS A 103 9.58 15.14 -14.02
CA LYS A 103 8.44 15.29 -14.92
C LYS A 103 8.58 14.36 -16.12
N PRO A 104 7.48 13.71 -16.51
CA PRO A 104 7.46 12.80 -17.66
C PRO A 104 7.61 13.52 -18.98
N GLU A 105 8.70 13.27 -19.68
CA GLU A 105 8.97 13.89 -20.96
C GLU A 105 9.66 12.93 -21.92
N ASP B 1 6.38 -0.99 -15.16
CA ASP B 1 6.27 0.47 -15.00
C ASP B 1 6.38 0.86 -13.54
N GLU B 2 5.30 0.62 -12.80
CA GLU B 2 5.26 0.95 -11.37
C GLU B 2 4.70 -0.20 -10.56
N PHE B 3 3.69 -0.88 -11.11
CA PHE B 3 3.06 -2.01 -10.43
C PHE B 3 1.88 -2.54 -11.24
N KPI B 4 1.02 -3.18 -10.61
CA KPI B 4 -0.16 -3.77 -11.24
CB KPI B 4 -1.05 -4.45 -10.18
CG KPI B 4 -2.38 -4.90 -10.82
CD KPI B 4 -2.14 -6.16 -11.68
CE KPI B 4 -1.68 -7.32 -10.77
NZ KPI B 4 -2.66 -7.53 -9.70
CX1 KPI B 4 -2.38 -8.85 -9.00
C1 KPI B 4 -2.93 -10.01 -9.85
CX2 KPI B 4 -2.96 -8.95 -7.57
O1 KPI B 4 -2.02 -9.76 -6.72
O2 KPI B 4 -3.10 -7.57 -7.00
C KPI B 4 -0.93 -2.65 -11.88
O KPI B 4 -1.58 -2.84 -12.90
H KPI B 4 1.01 -3.40 -9.56
HA KPI B 4 0.12 -4.50 -12.01
HB KPI B 4 -0.57 -5.25 -9.82
HBA KPI B 4 -1.23 -3.80 -9.44
HG KPI B 4 -3.04 -5.11 -10.10
HGA KPI B 4 -2.73 -4.16 -11.40
HD KPI B 4 -2.99 -6.41 -12.13
HDA KPI B 4 -1.43 -5.97 -12.36
HE KPI B 4 -1.60 -8.16 -11.32
HEA KPI B 4 -0.80 -7.10 -10.37
H1C KPI B 4 -2.63 -10.96 -9.41
H1A KPI B 4 -2.53 -9.94 -10.87
H1B KPI B 4 -4.01 -9.95 -9.90
HZ KPI B 4 -2.60 -6.73 -8.99
HX1 KPI B 4 -1.31 -8.97 -8.87
N ALA B 5 -0.84 -1.48 -11.28
CA ALA B 5 -1.53 -0.30 -11.80
C ALA B 5 -1.25 -0.10 -13.28
N ASP B 6 -0.01 -0.33 -13.68
CA ASP B 6 0.39 -0.17 -15.07
C ASP B 6 -0.02 1.18 -15.62
N GLU B 7 -0.01 2.19 -14.75
CA GLU B 7 -0.39 3.55 -15.15
C GLU B 7 0.63 4.56 -14.63
N GLY A 1 -11.23 -6.74 -7.28
CA GLY A 1 -10.20 -5.72 -7.23
C GLY A 1 -10.05 -4.98 -8.55
N SER A 2 -9.31 -3.88 -8.51
CA SER A 2 -9.09 -3.08 -9.72
C SER A 2 -8.19 -1.89 -9.42
N ALA A 3 -7.40 -1.48 -10.42
CA ALA A 3 -6.49 -0.36 -10.26
C ALA A 3 -7.26 0.93 -9.97
N GLN A 4 -7.39 1.26 -8.68
CA GLN A 4 -8.09 2.46 -8.27
C GLN A 4 -7.13 3.63 -8.10
N ASN A 5 -7.50 4.78 -8.65
CA ASN A 5 -6.66 5.97 -8.56
C ASN A 5 -6.90 6.70 -7.24
N ILE A 6 -5.84 6.87 -6.47
CA ILE A 6 -5.93 7.55 -5.18
C ILE A 6 -4.92 8.70 -5.09
N THR A 7 -5.43 9.91 -4.86
CA THR A 7 -4.58 11.08 -4.76
C THR A 7 -4.26 11.40 -3.31
N ALA A 8 -3.03 11.84 -3.06
CA ALA A 8 -2.59 12.18 -1.71
C ALA A 8 -1.60 13.33 -1.73
N ARG A 9 -1.36 13.92 -0.56
CA ARG A 9 -0.43 15.05 -0.45
C ARG A 9 0.66 14.73 0.58
N ILE A 10 1.85 15.27 0.34
CA ILE A 10 2.98 15.06 1.23
C ILE A 10 2.64 15.49 2.66
N GLY A 11 2.75 14.56 3.60
CA GLY A 11 2.45 14.87 4.99
C GLY A 11 0.98 14.70 5.32
N GLU A 12 0.21 14.21 4.36
CA GLU A 12 -1.21 13.99 4.55
C GLU A 12 -1.52 12.52 4.82
N PRO A 13 -2.43 12.26 5.76
CA PRO A 13 -2.83 10.89 6.12
C PRO A 13 -3.63 10.21 5.03
N LEU A 14 -3.33 8.93 4.80
CA LEU A 14 -4.02 8.16 3.78
C LEU A 14 -4.20 6.70 4.22
N VAL A 15 -5.35 6.13 3.89
CA VAL A 15 -5.64 4.75 4.24
C VAL A 15 -6.06 3.95 3.02
N LEU A 16 -5.73 2.66 3.02
CA LEU A 16 -6.07 1.77 1.92
C LEU A 16 -6.69 0.48 2.43
N LYS A 17 -7.61 -0.07 1.64
CA LYS A 17 -8.28 -1.32 2.00
C LYS A 17 -7.86 -2.45 1.08
N CYS A 18 -7.86 -3.67 1.62
CA CYS A 18 -7.48 -4.85 0.83
C CYS A 18 -8.68 -5.77 0.63
N LYS A 19 -9.26 -5.70 -0.57
CA LYS A 19 -10.42 -6.52 -0.90
C LYS A 19 -10.14 -7.99 -0.60
N GLY A 20 -10.68 -8.47 0.52
CA GLY A 20 -10.48 -9.86 0.91
C GLY A 20 -10.50 -10.04 2.41
N ALA A 21 -9.73 -9.22 3.12
CA ALA A 21 -9.66 -9.31 4.57
C ALA A 21 -10.63 -8.32 5.23
N PRO A 22 -11.76 -8.83 5.71
CA PRO A 22 -12.78 -8.02 6.37
C PRO A 22 -12.32 -7.49 7.72
N LYS A 23 -13.27 -7.08 8.55
CA LYS A 23 -12.97 -6.56 9.87
C LYS A 23 -12.20 -7.58 10.70
N LYS A 24 -12.17 -8.82 10.23
CA LYS A 24 -11.47 -9.89 10.92
C LYS A 24 -10.10 -9.42 11.39
N PRO A 25 -9.50 -10.18 12.33
CA PRO A 25 -8.18 -9.87 12.88
C PRO A 25 -7.06 -10.06 11.85
N PRO A 26 -5.83 -9.65 12.22
CA PRO A 26 -4.67 -9.78 11.35
C PRO A 26 -4.23 -11.23 11.17
N GLN A 27 -4.73 -11.86 10.12
CA GLN A 27 -4.39 -13.25 9.83
C GLN A 27 -3.27 -13.33 8.80
N ARG A 28 -2.94 -14.55 8.39
CA ARG A 28 -1.89 -14.78 7.41
C ARG A 28 -2.26 -14.16 6.07
N LEU A 29 -1.32 -13.42 5.48
CA LEU A 29 -1.55 -12.77 4.19
C LEU A 29 -0.24 -12.23 3.62
N GLU A 30 -0.31 -11.73 2.39
CA GLU A 30 0.87 -11.18 1.73
C GLU A 30 0.61 -9.75 1.27
N TRP A 31 1.46 -8.82 1.71
CA TRP A 31 1.32 -7.42 1.33
C TRP A 31 2.57 -6.92 0.63
N LYS A 32 2.38 -6.05 -0.37
CA LYS A 32 3.50 -5.50 -1.11
C LYS A 32 3.23 -4.04 -1.49
N LEU A 33 4.28 -3.22 -1.48
CA LEU A 33 4.16 -1.81 -1.82
C LEU A 33 5.30 -1.38 -2.73
N ASN A 34 4.96 -0.66 -3.81
CA ASN A 34 5.96 -0.18 -4.75
C ASN A 34 5.99 1.34 -4.77
N THR A 35 7.15 1.92 -4.46
CA THR A 35 7.31 3.36 -4.45
C THR A 35 8.67 3.77 -5.02
N GLY A 36 8.92 5.07 -5.05
CA GLY A 36 10.18 5.56 -5.58
C GLY A 36 10.23 5.54 -7.09
N ARG A 37 11.30 4.98 -7.64
CA ARG A 37 11.47 4.89 -9.09
C ARG A 37 11.39 3.43 -9.56
N THR A 38 11.96 2.53 -8.76
CA THR A 38 11.97 1.11 -9.10
C THR A 38 12.70 0.30 -8.04
N GLU A 39 13.69 0.93 -7.39
CA GLU A 39 14.46 0.26 -6.36
C GLU A 39 14.01 0.69 -4.97
N ALA A 40 12.71 0.94 -4.83
CA ALA A 40 12.15 1.36 -3.56
C ALA A 40 11.00 0.44 -3.13
N TRP A 41 10.63 -0.46 -4.02
CA TRP A 41 9.54 -1.40 -3.74
C TRP A 41 9.95 -2.39 -2.66
N LYS A 42 9.09 -2.55 -1.65
CA LYS A 42 9.36 -3.46 -0.55
C LYS A 42 8.12 -4.28 -0.20
N VAL A 43 8.32 -5.42 0.45
CA VAL A 43 7.22 -6.28 0.84
C VAL A 43 6.64 -5.86 2.19
N LEU A 44 5.34 -5.56 2.21
CA LEU A 44 4.67 -5.14 3.43
C LEU A 44 4.05 -6.34 4.14
N SER A 45 4.00 -6.26 5.48
CA SER A 45 3.42 -7.34 6.28
C SER A 45 2.29 -6.82 7.15
N PRO A 46 1.48 -7.75 7.68
CA PRO A 46 0.34 -7.42 8.54
C PRO A 46 0.78 -6.89 9.90
N GLN A 47 2.10 -6.82 10.11
CA GLN A 47 2.65 -6.33 11.37
C GLN A 47 3.53 -5.11 11.14
N GLY A 48 2.90 -3.94 11.02
CA GLY A 48 3.64 -2.72 10.81
C GLY A 48 3.63 -1.80 12.02
N GLY A 49 3.84 -2.38 13.20
CA GLY A 49 3.84 -1.59 14.42
C GLY A 49 5.00 -0.62 14.47
N GLY A 50 5.76 -0.68 15.56
CA GLY A 50 6.90 0.22 15.71
C GLY A 50 6.53 1.67 15.49
N PRO A 51 7.49 2.46 14.99
CA PRO A 51 7.28 3.88 14.72
C PRO A 51 6.34 4.13 13.55
N TRP A 52 5.07 4.40 13.86
CA TRP A 52 4.08 4.65 12.83
C TRP A 52 4.13 6.10 12.36
N ASP A 53 4.42 7.00 13.29
CA ASP A 53 4.50 8.42 12.96
C ASP A 53 5.60 8.69 11.95
N SER A 54 6.61 7.82 11.93
CA SER A 54 7.73 7.96 11.01
C SER A 54 7.36 7.45 9.62
N VAL A 55 6.69 6.31 9.58
CA VAL A 55 6.27 5.71 8.31
C VAL A 55 4.77 5.44 8.30
N ALA A 56 4.41 4.20 8.60
CA ALA A 56 3.00 3.81 8.62
C ALA A 56 2.82 2.45 9.29
N ARG A 57 1.57 2.07 9.53
CA ARG A 57 1.26 0.79 10.17
C ARG A 57 0.19 0.04 9.39
N VAL A 58 0.05 -1.25 9.70
CA VAL A 58 -0.94 -2.09 9.02
C VAL A 58 -2.12 -2.38 9.94
N LEU A 59 -3.33 -2.17 9.44
CA LEU A 59 -4.53 -2.42 10.21
C LEU A 59 -4.75 -3.92 10.42
N PRO A 60 -5.52 -4.27 11.47
CA PRO A 60 -5.82 -5.66 11.80
C PRO A 60 -6.73 -6.32 10.77
N ASN A 61 -7.49 -5.50 10.05
CA ASN A 61 -8.41 -6.00 9.03
C ASN A 61 -7.68 -6.26 7.72
N GLY A 62 -6.37 -6.04 7.72
CA GLY A 62 -5.58 -6.25 6.53
C GLY A 62 -5.46 -5.00 5.67
N SER A 63 -5.64 -3.84 6.30
CA SER A 63 -5.56 -2.57 5.59
C SER A 63 -4.26 -1.85 5.93
N LEU A 64 -4.08 -0.67 5.33
CA LEU A 64 -2.88 0.13 5.56
C LEU A 64 -3.23 1.58 5.85
N PHE A 65 -2.70 2.11 6.95
CA PHE A 65 -2.97 3.48 7.34
C PHE A 65 -1.67 4.23 7.64
N LEU A 66 -1.49 5.38 7.01
CA LEU A 66 -0.29 6.18 7.21
C LEU A 66 -0.65 7.58 7.74
N PRO A 67 0.07 8.02 8.77
CA PRO A 67 -0.15 9.33 9.39
C PRO A 67 0.29 10.47 8.48
N ALA A 68 1.32 10.23 7.68
CA ALA A 68 1.83 11.24 6.76
C ALA A 68 2.56 10.59 5.58
N VAL A 69 1.89 10.56 4.43
CA VAL A 69 2.48 9.97 3.23
C VAL A 69 3.56 10.87 2.66
N GLY A 70 4.78 10.34 2.58
CA GLY A 70 5.89 11.11 2.04
C GLY A 70 6.03 10.95 0.55
N ILE A 71 6.66 11.93 -0.10
CA ILE A 71 6.85 11.90 -1.54
C ILE A 71 7.58 10.63 -1.96
N GLN A 72 8.41 10.11 -1.07
CA GLN A 72 9.17 8.89 -1.35
C GLN A 72 8.26 7.67 -1.32
N ASP A 73 7.15 7.78 -0.61
CA ASP A 73 6.19 6.68 -0.50
C ASP A 73 5.28 6.62 -1.73
N GLU A 74 5.42 7.60 -2.61
CA GLU A 74 4.62 7.66 -3.82
C GLU A 74 4.85 6.43 -4.69
N GLY A 75 3.78 5.92 -5.29
CA GLY A 75 3.88 4.75 -6.14
C GLY A 75 2.57 4.02 -6.27
N ILE A 76 2.61 2.69 -6.21
CA ILE A 76 1.42 1.87 -6.33
C ILE A 76 1.35 0.84 -5.20
N PHE A 77 0.17 0.70 -4.61
CA PHE A 77 -0.04 -0.26 -3.52
C PHE A 77 -0.73 -1.51 -4.03
N ARG A 78 -0.13 -2.67 -3.72
CA ARG A 78 -0.69 -3.95 -4.14
C ARG A 78 -0.84 -4.90 -2.96
N CYS A 79 -2.04 -5.45 -2.79
CA CYS A 79 -2.31 -6.37 -1.70
C CYS A 79 -2.77 -7.72 -2.23
N GLN A 80 -2.47 -8.77 -1.49
CA GLN A 80 -2.86 -10.13 -1.89
C GLN A 80 -3.16 -10.99 -0.66
N ALA A 81 -4.34 -11.60 -0.66
CA ALA A 81 -4.76 -12.45 0.46
C ALA A 81 -5.29 -13.78 -0.05
N MET A 82 -5.38 -14.76 0.85
CA MET A 82 -5.87 -16.09 0.49
C MET A 82 -6.95 -16.54 1.48
N ASN A 83 -8.11 -16.91 0.93
CA ASN A 83 -9.23 -17.37 1.75
C ASN A 83 -9.11 -18.86 2.05
N ARG A 84 -9.98 -19.36 2.92
CA ARG A 84 -9.98 -20.76 3.29
C ARG A 84 -10.51 -21.62 2.14
N ASN A 85 -11.20 -20.99 1.21
CA ASN A 85 -11.75 -21.70 0.05
C ASN A 85 -10.65 -22.11 -0.92
N GLY A 86 -9.50 -21.45 -0.81
CA GLY A 86 -8.38 -21.77 -1.67
C GLY A 86 -8.10 -20.67 -2.69
N LYS A 87 -9.08 -19.81 -2.90
CA LYS A 87 -8.94 -18.70 -3.84
C LYS A 87 -8.27 -17.50 -3.18
N GLU A 88 -7.46 -16.77 -3.94
CA GLU A 88 -6.76 -15.60 -3.42
C GLU A 88 -7.38 -14.32 -3.97
N THR A 89 -7.39 -13.28 -3.13
CA THR A 89 -7.96 -11.99 -3.53
C THR A 89 -6.85 -11.00 -3.90
N LYS A 90 -7.01 -10.35 -5.05
CA LYS A 90 -6.03 -9.37 -5.50
C LYS A 90 -6.56 -7.95 -5.33
N SER A 91 -5.65 -7.02 -5.02
CA SER A 91 -6.03 -5.63 -4.82
C SER A 91 -4.91 -4.69 -5.29
N ASN A 92 -5.26 -3.79 -6.20
CA ASN A 92 -4.30 -2.83 -6.74
C ASN A 92 -4.83 -1.42 -6.64
N TYR A 93 -4.09 -0.57 -5.92
CA TYR A 93 -4.48 0.83 -5.74
C TYR A 93 -3.32 1.76 -6.05
N ARG A 94 -3.57 2.74 -6.92
CA ARG A 94 -2.54 3.70 -7.29
C ARG A 94 -2.52 4.89 -6.33
N VAL A 95 -1.33 5.30 -5.93
CA VAL A 95 -1.17 6.43 -5.01
C VAL A 95 -0.23 7.48 -5.58
N ARG A 96 -0.65 8.73 -5.52
CA ARG A 96 0.16 9.83 -6.03
C ARG A 96 0.25 10.96 -5.01
N VAL A 97 1.48 11.39 -4.72
CA VAL A 97 1.70 12.47 -3.76
C VAL A 97 1.76 13.82 -4.45
N TYR A 98 2.03 14.87 -3.68
CA TYR A 98 2.12 16.22 -4.22
C TYR A 98 3.30 16.36 -5.17
N GLN A 99 4.50 16.55 -4.60
CA GLN A 99 5.71 16.69 -5.40
C GLN A 99 5.96 15.44 -6.23
N ILE A 100 6.45 15.64 -7.45
CA ILE A 100 6.75 14.53 -8.34
C ILE A 100 8.22 14.53 -8.76
N PRO A 101 8.69 13.36 -9.21
CA PRO A 101 10.09 13.20 -9.66
C PRO A 101 10.37 13.94 -10.96
N GLY A 102 11.57 13.77 -11.50
CA GLY A 102 11.95 14.43 -12.73
C GLY A 102 13.45 14.42 -12.96
N LYS A 103 14.20 14.87 -11.96
CA LYS A 103 15.65 14.92 -12.05
C LYS A 103 16.30 13.91 -11.10
N PRO A 104 17.54 13.52 -11.42
CA PRO A 104 18.29 12.55 -10.61
C PRO A 104 18.70 13.13 -9.26
N GLU A 105 18.37 12.42 -8.18
CA GLU A 105 18.71 12.87 -6.84
C GLU A 105 18.60 11.71 -5.84
N ASP B 1 4.96 -0.54 -15.09
CA ASP B 1 5.87 0.52 -14.68
C ASP B 1 6.54 0.18 -13.35
N GLU B 2 5.79 0.36 -12.26
CA GLU B 2 6.32 0.08 -10.93
C GLU B 2 5.52 -1.03 -10.26
N PHE B 3 4.33 -1.30 -10.79
CA PHE B 3 3.46 -2.34 -10.24
C PHE B 3 2.40 -2.75 -11.25
N KPI B 4 1.44 -3.41 -10.81
CA KPI B 4 0.35 -3.89 -11.65
CB KPI B 4 -0.76 -4.51 -10.77
CG KPI B 4 -1.58 -5.52 -11.61
CD KPI B 4 -2.95 -5.75 -10.93
CE KPI B 4 -2.75 -6.27 -9.50
NZ KPI B 4 -1.95 -7.51 -9.53
CX1 KPI B 4 -2.77 -8.66 -8.96
C1 KPI B 4 -3.95 -8.96 -9.91
CX2 KPI B 4 -3.27 -8.67 -7.50
O1 KPI B 4 -2.48 -9.67 -6.71
O2 KPI B 4 -3.09 -7.30 -6.91
C KPI B 4 -0.19 -2.72 -12.40
O KPI B 4 -0.61 -2.85 -13.55
H KPI B 4 1.28 -3.74 -9.80
HA KPI B 4 0.70 -4.66 -12.37
HB KPI B 4 -0.35 -4.97 -9.99
HBA KPI B 4 -1.37 -3.77 -10.45
HG KPI B 4 -1.72 -5.17 -12.53
HGA KPI B 4 -1.08 -6.39 -11.64
HD KPI B 4 -3.46 -4.89 -10.91
HDA KPI B 4 -3.47 -6.43 -11.46
HE KPI B 4 -2.26 -5.58 -8.97
HEA KPI B 4 -3.64 -6.46 -9.08
H1C KPI B 4 -4.36 -9.94 -9.67
H1A KPI B 4 -3.60 -8.95 -10.94
H1B KPI B 4 -4.72 -8.20 -9.78
HZ KPI B 4 -1.67 -7.74 -10.54
HX1 KPI B 4 -2.15 -9.54 -8.88
N ALA B 5 -0.17 -1.56 -11.74
CA ALA B 5 -0.67 -0.34 -12.36
C ALA B 5 -0.18 -0.21 -13.80
N ASP B 6 -1.12 0.01 -14.72
CA ASP B 6 -0.78 0.14 -16.12
C ASP B 6 -1.84 0.99 -16.85
N GLU B 7 -2.03 2.21 -16.39
CA GLU B 7 -3.01 3.12 -16.99
C GLU B 7 -2.34 4.04 -18.01
N GLY A 1 -10.68 -5.88 -6.47
CA GLY A 1 -10.94 -4.76 -7.35
C GLY A 1 -9.92 -4.63 -8.46
N SER A 2 -9.28 -3.47 -8.55
CA SER A 2 -8.28 -3.23 -9.58
C SER A 2 -7.47 -1.97 -9.27
N ALA A 3 -6.69 -1.53 -10.24
CA ALA A 3 -5.86 -0.34 -10.06
C ALA A 3 -6.72 0.88 -9.77
N GLN A 4 -6.87 1.21 -8.49
CA GLN A 4 -7.67 2.35 -8.08
C GLN A 4 -6.80 3.60 -7.92
N ASN A 5 -7.26 4.71 -8.47
CA ASN A 5 -6.52 5.97 -8.38
C ASN A 5 -6.81 6.68 -7.06
N ILE A 6 -5.75 6.91 -6.28
CA ILE A 6 -5.89 7.59 -5.00
C ILE A 6 -4.96 8.79 -4.91
N THR A 7 -5.54 9.97 -4.69
CA THR A 7 -4.75 11.19 -4.59
C THR A 7 -4.46 11.52 -3.13
N ALA A 8 -3.25 12.01 -2.87
CA ALA A 8 -2.84 12.38 -1.52
C ALA A 8 -1.86 13.54 -1.54
N ARG A 9 -1.63 14.13 -0.37
CA ARG A 9 -0.70 15.26 -0.25
C ARG A 9 0.40 14.95 0.76
N ILE A 10 1.57 15.53 0.53
CA ILE A 10 2.72 15.32 1.42
C ILE A 10 2.36 15.68 2.85
N GLY A 11 2.48 14.70 3.75
CA GLY A 11 2.17 14.92 5.15
C GLY A 11 0.70 14.73 5.46
N GLU A 12 -0.04 14.20 4.50
CA GLU A 12 -1.46 13.96 4.67
C GLU A 12 -1.74 12.48 4.93
N PRO A 13 -2.66 12.21 5.87
CA PRO A 13 -3.04 10.84 6.24
C PRO A 13 -3.81 10.13 5.13
N LEU A 14 -3.57 8.84 4.99
CA LEU A 14 -4.25 8.05 3.96
C LEU A 14 -4.50 6.63 4.45
N VAL A 15 -5.63 6.06 4.07
CA VAL A 15 -6.00 4.71 4.46
C VAL A 15 -6.26 3.83 3.24
N LEU A 16 -5.85 2.57 3.32
CA LEU A 16 -6.05 1.63 2.22
C LEU A 16 -6.63 0.32 2.73
N LYS A 17 -7.44 -0.33 1.90
CA LYS A 17 -8.05 -1.60 2.26
C LYS A 17 -7.52 -2.74 1.39
N CYS A 18 -7.51 -3.95 1.94
CA CYS A 18 -7.02 -5.11 1.22
C CYS A 18 -8.19 -6.02 0.81
N LYS A 19 -8.58 -5.93 -0.45
CA LYS A 19 -9.68 -6.75 -0.97
C LYS A 19 -9.47 -8.22 -0.61
N GLY A 20 -10.48 -8.82 0.03
CA GLY A 20 -10.39 -10.21 0.42
C GLY A 20 -10.62 -10.42 1.90
N ALA A 21 -9.99 -9.58 2.72
CA ALA A 21 -10.12 -9.67 4.17
C ALA A 21 -11.27 -8.80 4.67
N PRO A 22 -12.21 -9.43 5.38
CA PRO A 22 -13.37 -8.72 5.93
C PRO A 22 -13.01 -7.79 7.07
N LYS A 23 -14.00 -7.37 7.84
CA LYS A 23 -13.77 -6.47 8.96
C LYS A 23 -12.62 -6.95 9.83
N LYS A 24 -12.65 -8.24 10.17
CA LYS A 24 -11.61 -8.84 11.00
C LYS A 24 -10.69 -9.71 10.15
N PRO A 25 -9.40 -9.80 10.57
CA PRO A 25 -8.40 -10.60 9.87
C PRO A 25 -8.64 -12.10 10.00
N PRO A 26 -9.05 -12.73 8.90
CA PRO A 26 -9.34 -14.17 8.87
C PRO A 26 -8.07 -15.00 8.99
N GLN A 27 -7.43 -15.28 7.86
CA GLN A 27 -6.21 -16.07 7.84
C GLN A 27 -4.99 -15.18 7.64
N ARG A 28 -3.81 -15.80 7.59
CA ARG A 28 -2.57 -15.07 7.40
C ARG A 28 -2.50 -14.46 6.00
N LEU A 29 -2.08 -13.20 5.94
CA LEU A 29 -1.98 -12.50 4.65
C LEU A 29 -0.67 -11.73 4.57
N GLU A 30 -0.29 -11.34 3.35
CA GLU A 30 0.94 -10.59 3.12
C GLU A 30 0.65 -9.25 2.49
N TRP A 31 1.49 -8.25 2.79
CA TRP A 31 1.32 -6.91 2.25
C TRP A 31 2.61 -6.42 1.60
N LYS A 32 2.47 -5.70 0.50
CA LYS A 32 3.63 -5.17 -0.22
C LYS A 32 3.33 -3.78 -0.78
N LEU A 33 4.32 -2.89 -0.71
CA LEU A 33 4.17 -1.53 -1.20
C LEU A 33 5.41 -1.09 -1.97
N ASN A 34 5.20 -0.51 -3.14
CA ASN A 34 6.31 -0.04 -3.98
C ASN A 34 6.27 1.47 -4.13
N THR A 35 7.35 2.13 -3.70
CA THR A 35 7.45 3.58 -3.78
C THR A 35 8.84 4.02 -4.22
N GLY A 36 9.03 5.33 -4.34
CA GLY A 36 10.33 5.85 -4.75
C GLY A 36 10.57 5.70 -6.23
N ARG A 37 11.72 5.14 -6.58
CA ARG A 37 12.08 4.94 -7.98
C ARG A 37 12.14 3.45 -8.31
N THR A 38 12.65 2.66 -7.37
CA THR A 38 12.77 1.23 -7.56
C THR A 38 13.39 0.56 -6.34
N GLU A 39 14.26 1.29 -5.64
CA GLU A 39 14.91 0.76 -4.46
C GLU A 39 14.27 1.32 -3.18
N ALA A 40 12.96 1.54 -3.24
CA ALA A 40 12.22 2.06 -2.10
C ALA A 40 11.09 1.13 -1.70
N TRP A 41 10.86 0.10 -2.52
CA TRP A 41 9.80 -0.87 -2.24
C TRP A 41 10.08 -1.64 -0.96
N LYS A 42 9.08 -1.72 -0.10
CA LYS A 42 9.21 -2.43 1.17
C LYS A 42 8.06 -3.41 1.38
N VAL A 43 8.31 -4.46 2.15
CA VAL A 43 7.30 -5.47 2.42
C VAL A 43 6.55 -5.16 3.72
N LEU A 44 5.24 -5.00 3.60
CA LEU A 44 4.40 -4.70 4.76
C LEU A 44 3.82 -5.98 5.35
N SER A 45 3.58 -5.96 6.67
CA SER A 45 3.03 -7.13 7.35
C SER A 45 1.73 -6.76 8.06
N PRO A 46 0.88 -7.77 8.31
CA PRO A 46 -0.41 -7.58 8.98
C PRO A 46 -0.24 -7.23 10.45
N GLN A 47 1.00 -7.17 10.90
CA GLN A 47 1.30 -6.85 12.30
C GLN A 47 2.58 -6.03 12.41
N GLY A 48 2.51 -4.77 12.00
CA GLY A 48 3.67 -3.90 12.05
C GLY A 48 4.60 -4.09 10.88
N GLY A 49 4.30 -3.41 9.77
CA GLY A 49 5.12 -3.52 8.59
C GLY A 49 6.19 -2.45 8.52
N GLY A 50 6.72 -2.07 9.68
CA GLY A 50 7.75 -1.04 9.72
C GLY A 50 7.43 0.05 10.72
N PRO A 51 8.32 1.05 10.81
CA PRO A 51 8.16 2.18 11.73
C PRO A 51 7.01 3.10 11.32
N TRP A 52 5.90 3.04 12.06
CA TRP A 52 4.74 3.86 11.77
C TRP A 52 5.11 5.35 11.78
N ASP A 53 6.09 5.69 12.61
CA ASP A 53 6.53 7.08 12.72
C ASP A 53 7.31 7.51 11.46
N SER A 54 7.90 6.53 10.79
CA SER A 54 8.67 6.80 9.58
C SER A 54 7.79 6.71 8.33
N VAL A 55 6.95 5.68 8.29
CA VAL A 55 6.05 5.48 7.16
C VAL A 55 4.61 5.34 7.62
N ALA A 56 4.13 4.10 7.72
CA ALA A 56 2.77 3.84 8.16
C ALA A 56 2.67 2.49 8.86
N ARG A 57 1.49 2.18 9.38
CA ARG A 57 1.26 0.92 10.08
C ARG A 57 0.02 0.21 9.54
N VAL A 58 -0.15 -1.05 9.93
CA VAL A 58 -1.30 -1.84 9.48
C VAL A 58 -2.31 -2.01 10.61
N LEU A 59 -3.58 -1.72 10.31
CA LEU A 59 -4.64 -1.85 11.30
C LEU A 59 -4.91 -3.32 11.63
N PRO A 60 -5.48 -3.56 12.82
CA PRO A 60 -5.80 -4.91 13.28
C PRO A 60 -6.94 -5.54 12.49
N ASN A 61 -7.74 -4.71 11.84
CA ASN A 61 -8.86 -5.19 11.05
C ASN A 61 -8.40 -5.64 9.66
N GLY A 62 -7.09 -5.57 9.43
CA GLY A 62 -6.55 -5.97 8.15
C GLY A 62 -6.48 -4.83 7.16
N SER A 63 -6.41 -3.61 7.67
CA SER A 63 -6.35 -2.42 6.82
C SER A 63 -5.00 -1.73 6.96
N LEU A 64 -4.83 -0.63 6.23
CA LEU A 64 -3.59 0.13 6.27
C LEU A 64 -3.86 1.61 6.52
N PHE A 65 -3.19 2.18 7.51
CA PHE A 65 -3.35 3.58 7.85
C PHE A 65 -2.01 4.31 7.86
N LEU A 66 -1.96 5.47 7.21
CA LEU A 66 -0.74 6.27 7.13
C LEU A 66 -0.90 7.58 7.88
N PRO A 67 0.04 7.87 8.78
CA PRO A 67 0.03 9.11 9.58
C PRO A 67 0.32 10.34 8.73
N ALA A 68 1.17 10.19 7.72
CA ALA A 68 1.52 11.29 6.84
C ALA A 68 2.35 10.80 5.65
N VAL A 69 1.70 10.61 4.51
CA VAL A 69 2.37 10.14 3.31
C VAL A 69 3.20 11.26 2.68
N GLY A 70 4.52 11.10 2.71
CA GLY A 70 5.40 12.09 2.14
C GLY A 70 5.64 11.88 0.66
N ILE A 71 6.27 12.85 0.02
CA ILE A 71 6.56 12.77 -1.41
C ILE A 71 7.31 11.48 -1.75
N GLN A 72 8.11 11.00 -0.80
CA GLN A 72 8.88 9.78 -1.00
C GLN A 72 7.99 8.54 -0.86
N ASP A 73 6.87 8.70 -0.15
CA ASP A 73 5.93 7.60 0.03
C ASP A 73 5.11 7.35 -1.22
N GLU A 74 5.32 8.19 -2.23
CA GLU A 74 4.60 8.05 -3.50
C GLU A 74 4.91 6.71 -4.16
N GLY A 75 3.88 6.10 -4.74
CA GLY A 75 4.06 4.82 -5.40
C GLY A 75 2.75 4.06 -5.56
N ILE A 76 2.83 2.75 -5.53
CA ILE A 76 1.64 1.91 -5.67
C ILE A 76 1.59 0.84 -4.58
N PHE A 77 0.41 0.66 -3.99
CA PHE A 77 0.22 -0.32 -2.94
C PHE A 77 -0.45 -1.58 -3.47
N ARG A 78 0.14 -2.73 -3.15
CA ARG A 78 -0.41 -4.00 -3.61
C ARG A 78 -0.61 -4.96 -2.44
N CYS A 79 -1.80 -5.56 -2.36
CA CYS A 79 -2.12 -6.50 -1.29
C CYS A 79 -2.48 -7.86 -1.85
N GLN A 80 -2.22 -8.91 -1.07
CA GLN A 80 -2.51 -10.27 -1.49
C GLN A 80 -2.96 -11.12 -0.30
N ALA A 81 -4.11 -11.76 -0.43
CA ALA A 81 -4.65 -12.60 0.63
C ALA A 81 -5.11 -13.95 0.07
N MET A 82 -5.27 -14.92 0.96
CA MET A 82 -5.71 -16.26 0.57
C MET A 82 -6.87 -16.72 1.43
N ASN A 83 -7.96 -17.12 0.78
CA ASN A 83 -9.15 -17.58 1.48
C ASN A 83 -9.06 -19.08 1.76
N ARG A 84 -10.01 -19.59 2.54
CA ARG A 84 -10.03 -21.00 2.89
C ARG A 84 -10.42 -21.85 1.67
N ASN A 85 -11.04 -21.21 0.69
CA ASN A 85 -11.46 -21.91 -0.53
C ASN A 85 -10.26 -22.24 -1.41
N GLY A 86 -9.16 -21.52 -1.21
CA GLY A 86 -7.97 -21.76 -1.99
C GLY A 86 -7.70 -20.64 -2.98
N LYS A 87 -8.66 -19.73 -3.12
CA LYS A 87 -8.53 -18.60 -4.03
C LYS A 87 -7.78 -17.45 -3.37
N GLU A 88 -7.01 -16.72 -4.17
CA GLU A 88 -6.25 -15.59 -3.66
C GLU A 88 -6.88 -14.26 -4.09
N THR A 89 -6.86 -13.28 -3.19
CA THR A 89 -7.43 -11.97 -3.47
C THR A 89 -6.34 -10.95 -3.76
N LYS A 90 -6.45 -10.28 -4.91
CA LYS A 90 -5.47 -9.27 -5.30
C LYS A 90 -6.06 -7.87 -5.16
N SER A 91 -5.22 -6.92 -4.75
CA SER A 91 -5.66 -5.54 -4.57
C SER A 91 -4.52 -4.57 -4.90
N ASN A 92 -4.76 -3.70 -5.88
CA ASN A 92 -3.76 -2.72 -6.28
C ASN A 92 -4.34 -1.31 -6.24
N TYR A 93 -3.70 -0.43 -5.46
CA TYR A 93 -4.15 0.95 -5.34
C TYR A 93 -3.02 1.92 -5.64
N ARG A 94 -3.27 2.83 -6.57
CA ARG A 94 -2.27 3.82 -6.96
C ARG A 94 -2.33 5.04 -6.05
N VAL A 95 -1.16 5.48 -5.57
CA VAL A 95 -1.08 6.63 -4.69
C VAL A 95 -0.20 7.72 -5.28
N ARG A 96 -0.70 8.95 -5.25
CA ARG A 96 0.05 10.09 -5.79
C ARG A 96 0.09 11.24 -4.79
N VAL A 97 1.29 11.75 -4.53
CA VAL A 97 1.47 12.85 -3.60
C VAL A 97 1.43 14.20 -4.31
N TYR A 98 1.66 15.27 -3.56
CA TYR A 98 1.65 16.61 -4.13
C TYR A 98 2.81 16.81 -5.09
N GLN A 99 3.98 17.10 -4.54
CA GLN A 99 5.18 17.31 -5.35
C GLN A 99 5.55 16.04 -6.10
N ILE A 100 6.10 16.21 -7.31
CA ILE A 100 6.50 15.08 -8.13
C ILE A 100 7.99 15.14 -8.46
N PRO A 101 8.57 13.98 -8.83
CA PRO A 101 9.99 13.89 -9.18
C PRO A 101 10.31 14.58 -10.50
N GLY A 102 11.54 14.44 -10.96
CA GLY A 102 11.96 15.05 -12.21
C GLY A 102 13.42 15.39 -12.23
N LYS A 103 14.23 14.50 -12.80
CA LYS A 103 15.68 14.71 -12.89
C LYS A 103 16.22 14.18 -14.20
N PRO A 104 17.41 14.68 -14.60
CA PRO A 104 18.06 14.28 -15.85
C PRO A 104 18.58 12.84 -15.79
N GLU A 105 19.15 12.38 -16.89
CA GLU A 105 19.68 11.02 -16.98
C GLU A 105 21.19 11.02 -16.77
N ASP B 1 8.19 -0.75 -14.75
CA ASP B 1 6.92 -0.20 -14.25
C ASP B 1 6.93 -0.14 -12.73
N GLU B 2 6.27 0.88 -12.18
CA GLU B 2 6.21 1.06 -10.74
C GLU B 2 5.67 -0.20 -10.05
N PHE B 3 4.72 -0.86 -10.71
CA PHE B 3 4.12 -2.07 -10.16
C PHE B 3 3.12 -2.67 -11.15
N KPI B 4 2.33 -3.52 -10.68
CA KPI B 4 1.32 -4.19 -11.49
CB KPI B 4 0.42 -5.07 -10.59
CG KPI B 4 -0.16 -6.23 -11.42
CD KPI B 4 -1.69 -6.31 -11.21
CE KPI B 4 -2.35 -5.04 -11.79
NZ KPI B 4 -3.21 -4.42 -10.78
CX1 KPI B 4 -4.46 -5.25 -10.61
C1 KPI B 4 -5.52 -4.81 -11.63
CX2 KPI B 4 -5.07 -5.20 -9.19
O1 KPI B 4 -6.51 -5.66 -9.25
O2 KPI B 4 -4.30 -6.10 -8.28
C KPI B 4 0.50 -3.14 -12.14
O KPI B 4 0.06 -3.28 -13.28
H KPI B 4 2.28 -3.88 -9.67
HA KPI B 4 1.78 -4.82 -12.26
HB KPI B 4 0.97 -5.45 -9.85
HBA KPI B 4 -0.32 -4.52 -10.22
HG KPI B 4 0.03 -6.09 -12.39
HGA KPI B 4 0.26 -7.10 -11.13
HD KPI B 4 -2.05 -7.11 -11.68
HDA KPI B 4 -1.89 -6.37 -10.24
HE KPI B 4 -1.64 -4.39 -12.07
HEA KPI B 4 -2.90 -5.28 -12.59
H1C KPI B 4 -6.38 -5.47 -11.59
H1A KPI B 4 -5.09 -4.84 -12.64
H1B KPI B 4 -5.84 -3.79 -11.42
HZ KPI B 4 -2.68 -4.37 -9.85
HX1 KPI B 4 -4.23 -6.30 -10.76
N ALA B 5 0.25 -2.05 -11.41
CA ALA B 5 -0.54 -0.94 -11.93
C ALA B 5 -0.12 -0.59 -13.35
N ASP B 6 -1.10 -0.52 -14.25
CA ASP B 6 -0.83 -0.19 -15.63
C ASP B 6 -2.09 0.35 -16.31
N GLU B 7 -2.53 1.54 -15.89
CA GLU B 7 -3.73 2.16 -16.46
C GLU B 7 -3.55 3.67 -16.55
N GLY A 1 -12.43 -3.44 -7.93
CA GLY A 1 -11.49 -3.85 -6.90
C GLY A 1 -10.10 -4.07 -7.44
N SER A 2 -9.56 -3.06 -8.13
CA SER A 2 -8.23 -3.15 -8.69
C SER A 2 -7.86 -1.85 -9.42
N ALA A 3 -6.57 -1.53 -9.41
CA ALA A 3 -6.09 -0.32 -10.07
C ALA A 3 -6.88 0.90 -9.61
N GLN A 4 -6.90 1.14 -8.31
CA GLN A 4 -7.62 2.27 -7.74
C GLN A 4 -6.70 3.47 -7.57
N ASN A 5 -7.16 4.64 -8.01
CA ASN A 5 -6.37 5.86 -7.90
C ASN A 5 -6.55 6.50 -6.53
N ILE A 6 -5.44 6.68 -5.83
CA ILE A 6 -5.46 7.29 -4.50
C ILE A 6 -4.55 8.51 -4.44
N THR A 7 -5.13 9.67 -4.12
CA THR A 7 -4.37 10.91 -4.02
C THR A 7 -3.96 11.19 -2.58
N ALA A 8 -2.75 11.72 -2.39
CA ALA A 8 -2.25 12.04 -1.07
C ALA A 8 -1.42 13.31 -1.09
N ARG A 9 -1.16 13.87 0.09
CA ARG A 9 -0.38 15.09 0.21
C ARG A 9 0.81 14.89 1.15
N ILE A 10 1.88 15.64 0.91
CA ILE A 10 3.07 15.55 1.74
C ILE A 10 2.75 15.81 3.21
N GLY A 11 2.99 14.81 4.04
CA GLY A 11 2.73 14.94 5.46
C GLY A 11 1.27 14.74 5.80
N GLU A 12 0.49 14.30 4.81
CA GLU A 12 -0.94 14.06 5.00
C GLU A 12 -1.23 12.58 5.18
N PRO A 13 -2.16 12.25 6.09
CA PRO A 13 -2.55 10.87 6.38
C PRO A 13 -3.33 10.25 5.22
N LEU A 14 -3.10 8.96 4.99
CA LEU A 14 -3.79 8.24 3.92
C LEU A 14 -4.06 6.80 4.33
N VAL A 15 -5.22 6.29 3.93
CA VAL A 15 -5.61 4.92 4.24
C VAL A 15 -5.90 4.12 2.97
N LEU A 16 -5.56 2.84 3.00
CA LEU A 16 -5.79 1.96 1.85
C LEU A 16 -6.47 0.66 2.28
N LYS A 17 -7.29 0.11 1.39
CA LYS A 17 -7.99 -1.13 1.68
C LYS A 17 -7.51 -2.25 0.77
N CYS A 18 -7.57 -3.48 1.27
CA CYS A 18 -7.14 -4.65 0.51
C CYS A 18 -8.33 -5.51 0.10
N LYS A 19 -8.76 -5.38 -1.14
CA LYS A 19 -9.89 -6.15 -1.65
C LYS A 19 -9.71 -7.63 -1.36
N GLY A 20 -10.72 -8.24 -0.75
CA GLY A 20 -10.66 -9.66 -0.42
C GLY A 20 -10.90 -9.92 1.05
N ALA A 21 -10.28 -9.13 1.91
CA ALA A 21 -10.43 -9.29 3.35
C ALA A 21 -11.59 -8.43 3.87
N PRO A 22 -12.54 -9.06 4.57
CA PRO A 22 -13.70 -8.37 5.14
C PRO A 22 -13.32 -7.47 6.31
N LYS A 23 -14.32 -7.07 7.08
CA LYS A 23 -14.09 -6.20 8.24
C LYS A 23 -12.93 -6.73 9.10
N LYS A 24 -12.95 -8.02 9.38
CA LYS A 24 -11.91 -8.65 10.18
C LYS A 24 -10.97 -9.47 9.31
N PRO A 25 -9.74 -9.68 9.79
CA PRO A 25 -8.72 -10.45 9.07
C PRO A 25 -9.05 -11.93 9.01
N PRO A 26 -9.41 -12.40 7.80
CA PRO A 26 -9.76 -13.81 7.57
C PRO A 26 -8.55 -14.74 7.69
N GLN A 27 -7.84 -14.92 6.59
CA GLN A 27 -6.66 -15.78 6.56
C GLN A 27 -5.38 -14.95 6.58
N ARG A 28 -4.25 -15.63 6.53
CA ARG A 28 -2.95 -14.96 6.53
C ARG A 28 -2.76 -14.13 5.26
N LEU A 29 -2.33 -12.88 5.44
CA LEU A 29 -2.11 -11.99 4.30
C LEU A 29 -0.92 -11.07 4.56
N GLU A 30 -0.24 -10.67 3.49
CA GLU A 30 0.92 -9.80 3.60
C GLU A 30 0.70 -8.50 2.82
N TRP A 31 1.30 -7.42 3.29
CA TRP A 31 1.17 -6.12 2.63
C TRP A 31 2.46 -5.75 1.91
N LYS A 32 2.33 -5.22 0.70
CA LYS A 32 3.48 -4.82 -0.09
C LYS A 32 3.22 -3.50 -0.82
N LEU A 33 4.25 -2.68 -0.95
CA LEU A 33 4.12 -1.40 -1.63
C LEU A 33 5.48 -0.92 -2.15
N ASN A 34 5.48 -0.38 -3.37
CA ASN A 34 6.71 0.11 -3.98
C ASN A 34 6.67 1.63 -4.13
N THR A 35 7.71 2.30 -3.66
CA THR A 35 7.79 3.75 -3.74
C THR A 35 9.18 4.20 -4.18
N GLY A 36 9.36 5.51 -4.30
CA GLY A 36 10.65 6.05 -4.70
C GLY A 36 10.95 5.79 -6.16
N ARG A 37 12.12 5.21 -6.42
CA ARG A 37 12.54 4.91 -7.78
C ARG A 37 12.61 3.40 -8.01
N THR A 38 13.06 2.67 -7.00
CA THR A 38 13.17 1.23 -7.08
C THR A 38 13.71 0.64 -5.78
N GLU A 39 14.52 1.42 -5.08
CA GLU A 39 15.11 0.97 -3.82
C GLU A 39 14.39 1.60 -2.63
N ALA A 40 13.09 1.82 -2.78
CA ALA A 40 12.28 2.41 -1.73
C ALA A 40 11.11 1.52 -1.35
N TRP A 41 10.93 0.45 -2.11
CA TRP A 41 9.86 -0.51 -1.86
C TRP A 41 9.97 -1.11 -0.45
N LYS A 42 8.86 -1.12 0.27
CA LYS A 42 8.85 -1.67 1.62
C LYS A 42 7.70 -2.66 1.79
N VAL A 43 7.88 -3.62 2.69
CA VAL A 43 6.85 -4.63 2.95
C VAL A 43 6.15 -4.37 4.27
N LEU A 44 4.84 -4.21 4.22
CA LEU A 44 4.05 -3.95 5.42
C LEU A 44 3.57 -5.26 6.04
N SER A 45 3.47 -5.28 7.37
CA SER A 45 3.03 -6.47 8.08
C SER A 45 1.86 -6.14 9.01
N PRO A 46 1.02 -7.15 9.28
CA PRO A 46 -0.16 -7.00 10.14
C PRO A 46 0.22 -6.80 11.60
N GLN A 47 1.52 -6.80 11.87
CA GLN A 47 2.02 -6.60 13.23
C GLN A 47 3.01 -5.45 13.30
N GLY A 48 2.51 -4.24 13.10
CA GLY A 48 3.35 -3.07 13.14
C GLY A 48 4.40 -3.07 12.04
N GLY A 49 3.95 -3.06 10.79
CA GLY A 49 4.87 -3.06 9.67
C GLY A 49 5.93 -1.98 9.79
N GLY A 50 7.12 -2.36 10.26
CA GLY A 50 8.19 -1.40 10.41
C GLY A 50 7.77 -0.16 11.17
N PRO A 51 8.65 0.85 11.20
CA PRO A 51 8.37 2.13 11.89
C PRO A 51 7.30 2.95 11.19
N TRP A 52 6.10 2.95 11.76
CA TRP A 52 4.98 3.71 11.19
C TRP A 52 5.37 5.16 10.97
N ASP A 53 6.19 5.70 11.86
CA ASP A 53 6.63 7.08 11.75
C ASP A 53 7.50 7.28 10.52
N SER A 54 8.17 6.21 10.09
CA SER A 54 9.05 6.27 8.93
C SER A 54 8.29 5.90 7.65
N VAL A 55 7.45 4.87 7.75
CA VAL A 55 6.66 4.42 6.61
C VAL A 55 5.17 4.43 6.93
N ALA A 56 4.65 3.26 7.30
CA ALA A 56 3.24 3.14 7.64
C ALA A 56 2.97 1.89 8.46
N ARG A 57 1.75 1.75 8.96
CA ARG A 57 1.38 0.59 9.77
C ARG A 57 0.15 -0.10 9.20
N VAL A 58 -0.10 -1.33 9.65
CA VAL A 58 -1.24 -2.10 9.17
C VAL A 58 -2.33 -2.17 10.24
N LEU A 59 -3.56 -1.87 9.84
CA LEU A 59 -4.69 -1.90 10.76
C LEU A 59 -5.04 -3.34 11.14
N PRO A 60 -5.73 -3.49 12.28
CA PRO A 60 -6.15 -4.80 12.78
C PRO A 60 -7.23 -5.43 11.92
N ASN A 61 -7.96 -4.61 11.18
CA ASN A 61 -9.03 -5.08 10.31
C ASN A 61 -8.47 -5.54 8.96
N GLY A 62 -7.15 -5.46 8.81
CA GLY A 62 -6.52 -5.87 7.58
C GLY A 62 -6.40 -4.73 6.58
N SER A 63 -6.30 -3.51 7.10
CA SER A 63 -6.19 -2.33 6.25
C SER A 63 -4.80 -1.69 6.40
N LEU A 64 -4.60 -0.57 5.70
CA LEU A 64 -3.33 0.14 5.76
C LEU A 64 -3.55 1.61 6.08
N PHE A 65 -2.83 2.11 7.08
CA PHE A 65 -2.94 3.50 7.49
C PHE A 65 -1.58 4.18 7.48
N LEU A 66 -1.53 5.41 6.97
CA LEU A 66 -0.29 6.17 6.91
C LEU A 66 -0.39 7.45 7.72
N PRO A 67 0.55 7.63 8.66
CA PRO A 67 0.59 8.81 9.52
C PRO A 67 0.97 10.07 8.76
N ALA A 68 1.79 9.92 7.73
CA ALA A 68 2.24 11.05 6.92
C ALA A 68 2.90 10.57 5.63
N VAL A 69 2.14 10.62 4.53
CA VAL A 69 2.66 10.18 3.24
C VAL A 69 3.64 11.20 2.67
N GLY A 70 4.88 10.78 2.46
CA GLY A 70 5.89 11.67 1.93
C GLY A 70 6.14 11.44 0.45
N ILE A 71 6.76 12.42 -0.20
CA ILE A 71 7.06 12.31 -1.63
C ILE A 71 7.83 11.05 -1.94
N GLN A 72 8.61 10.56 -0.97
CA GLN A 72 9.40 9.36 -1.14
C GLN A 72 8.51 8.12 -1.05
N ASP A 73 7.38 8.25 -0.38
CA ASP A 73 6.44 7.13 -0.23
C ASP A 73 5.56 7.00 -1.47
N GLU A 74 5.71 7.92 -2.41
CA GLU A 74 4.94 7.90 -3.64
C GLU A 74 5.27 6.66 -4.47
N GLY A 75 4.23 6.07 -5.07
CA GLY A 75 4.43 4.89 -5.89
C GLY A 75 3.16 4.09 -6.07
N ILE A 76 3.28 2.77 -5.98
CA ILE A 76 2.12 1.88 -6.14
C ILE A 76 2.04 0.87 -5.00
N PHE A 77 0.85 0.70 -4.45
CA PHE A 77 0.64 -0.24 -3.35
C PHE A 77 -0.04 -1.52 -3.85
N ARG A 78 0.50 -2.66 -3.45
CA ARG A 78 -0.05 -3.95 -3.86
C ARG A 78 -0.33 -4.83 -2.64
N CYS A 79 -1.56 -5.33 -2.55
CA CYS A 79 -1.95 -6.19 -1.43
C CYS A 79 -2.27 -7.59 -1.91
N GLN A 80 -2.04 -8.58 -1.04
CA GLN A 80 -2.30 -9.97 -1.39
C GLN A 80 -2.93 -10.71 -0.21
N ALA A 81 -4.05 -11.38 -0.46
CA ALA A 81 -4.74 -12.12 0.58
C ALA A 81 -5.10 -13.52 0.10
N MET A 82 -5.43 -14.40 1.03
CA MET A 82 -5.79 -15.78 0.72
C MET A 82 -7.11 -16.16 1.37
N ASN A 83 -8.06 -16.64 0.57
CA ASN A 83 -9.36 -17.04 1.08
C ASN A 83 -9.33 -18.49 1.55
N ARG A 84 -10.42 -18.92 2.19
CA ARG A 84 -10.52 -20.29 2.69
C ARG A 84 -10.68 -21.27 1.54
N ASN A 85 -11.08 -20.76 0.38
CA ASN A 85 -11.28 -21.59 -0.79
C ASN A 85 -9.94 -22.07 -1.36
N GLY A 86 -8.87 -21.37 -1.00
CA GLY A 86 -7.55 -21.74 -1.49
C GLY A 86 -6.99 -20.72 -2.46
N LYS A 87 -7.88 -19.93 -3.08
CA LYS A 87 -7.46 -18.92 -4.04
C LYS A 87 -7.05 -17.63 -3.34
N GLU A 88 -6.10 -16.92 -3.92
CA GLU A 88 -5.62 -15.66 -3.35
C GLU A 88 -6.19 -14.47 -4.11
N THR A 89 -6.46 -13.39 -3.38
CA THR A 89 -7.01 -12.18 -3.98
C THR A 89 -5.93 -11.12 -4.17
N LYS A 90 -5.90 -10.54 -5.37
CA LYS A 90 -4.91 -9.51 -5.69
C LYS A 90 -5.51 -8.12 -5.53
N SER A 91 -4.68 -7.16 -5.11
CA SER A 91 -5.14 -5.79 -4.93
C SER A 91 -4.05 -4.79 -5.33
N ASN A 92 -4.40 -3.87 -6.21
CA ASN A 92 -3.45 -2.86 -6.68
C ASN A 92 -4.04 -1.47 -6.55
N TYR A 93 -3.36 -0.61 -5.79
CA TYR A 93 -3.81 0.76 -5.58
C TYR A 93 -2.69 1.76 -5.87
N ARG A 94 -2.98 2.73 -6.73
CA ARG A 94 -2.00 3.74 -7.08
C ARG A 94 -1.97 4.86 -6.05
N VAL A 95 -0.76 5.28 -5.66
CA VAL A 95 -0.60 6.35 -4.69
C VAL A 95 0.17 7.52 -5.27
N ARG A 96 -0.33 8.73 -5.05
CA ARG A 96 0.31 9.94 -5.56
C ARG A 96 0.44 10.98 -4.46
N VAL A 97 1.56 11.70 -4.46
CA VAL A 97 1.80 12.75 -3.47
C VAL A 97 1.74 14.13 -4.09
N TYR A 98 2.03 15.15 -3.29
CA TYR A 98 2.01 16.53 -3.77
C TYR A 98 3.25 16.83 -4.62
N GLN A 99 4.39 16.95 -3.94
CA GLN A 99 5.64 17.24 -4.63
C GLN A 99 5.96 16.16 -5.65
N ILE A 100 6.62 16.56 -6.74
CA ILE A 100 6.99 15.62 -7.80
C ILE A 100 8.49 15.61 -8.03
N PRO A 101 8.99 14.53 -8.64
CA PRO A 101 10.41 14.37 -8.92
C PRO A 101 10.90 15.33 -10.01
N GLY A 102 10.15 15.41 -11.10
CA GLY A 102 10.52 16.29 -12.19
C GLY A 102 10.98 15.54 -13.42
N LYS A 103 12.14 14.89 -13.33
CA LYS A 103 12.69 14.13 -14.44
C LYS A 103 13.92 13.33 -13.99
N PRO A 104 13.68 12.25 -13.23
CA PRO A 104 14.75 11.38 -12.73
C PRO A 104 15.40 10.57 -13.84
N GLU A 105 16.62 10.11 -13.59
CA GLU A 105 17.36 9.32 -14.57
C GLU A 105 18.25 8.29 -13.88
N ASP B 1 7.91 0.34 -14.57
CA ASP B 1 6.59 0.07 -14.02
C ASP B 1 6.60 0.14 -12.49
N GLU B 2 6.01 1.21 -11.96
CA GLU B 2 5.96 1.40 -10.52
C GLU B 2 5.49 0.13 -9.82
N PHE B 3 4.28 -0.32 -10.16
CA PHE B 3 3.72 -1.52 -9.56
C PHE B 3 2.36 -1.84 -10.17
N KPI B 4 2.33 -2.79 -10.99
CA KPI B 4 1.10 -3.21 -11.66
CB KPI B 4 0.14 -3.85 -10.65
CG KPI B 4 0.60 -5.27 -10.31
CD KPI B 4 -0.60 -6.25 -10.37
CE KPI B 4 -0.83 -6.69 -11.83
NZ KPI B 4 -1.89 -5.88 -12.43
CX1 KPI B 4 -3.18 -6.06 -11.65
C1 KPI B 4 -4.32 -6.43 -12.63
CX2 KPI B 4 -3.61 -4.85 -10.80
O1 KPI B 4 -5.04 -4.50 -11.10
O2 KPI B 4 -3.48 -5.20 -9.34
C KPI B 4 0.47 -2.00 -12.25
O KPI B 4 0.89 -1.51 -13.31
H KPI B 4 3.15 -3.39 -11.32
HA KPI B 4 1.32 -3.93 -12.46
HB KPI B 4 0.13 -3.30 -9.81
HBA KPI B 4 -0.79 -3.88 -11.03
HG KPI B 4 1.29 -5.57 -10.99
HGA KPI B 4 1.00 -5.30 -9.40
HD KPI B 4 -0.41 -7.04 -9.80
HDA KPI B 4 -1.41 -5.78 -10.03
HE KPI B 4 0.02 -6.59 -12.35
HEA KPI B 4 -1.10 -7.66 -11.84
H1C KPI B 4 -5.21 -6.69 -12.06
H1A KPI B 4 -4.02 -7.28 -13.23
H1B KPI B 4 -4.54 -5.58 -13.28
HZ KPI B 4 -1.60 -4.85 -12.42
HX1 KPI B 4 -3.06 -6.86 -10.93
N ALA B 5 -0.56 -1.48 -11.59
CA ALA B 5 -1.27 -0.31 -12.05
C ALA B 5 -1.44 -0.34 -13.57
N ASP B 6 -2.44 -1.07 -14.03
CA ASP B 6 -2.71 -1.18 -15.47
C ASP B 6 -3.53 0.01 -15.95
N GLU B 7 -3.83 0.94 -15.04
CA GLU B 7 -4.61 2.13 -15.38
C GLU B 7 -5.86 1.74 -16.17
N GLY A 1 -12.48 -1.33 -7.58
CA GLY A 1 -11.28 -2.00 -7.12
C GLY A 1 -10.34 -2.33 -8.25
N SER A 2 -9.16 -2.85 -7.90
CA SER A 2 -8.16 -3.20 -8.89
C SER A 2 -7.65 -1.97 -9.62
N ALA A 3 -6.37 -1.67 -9.45
CA ALA A 3 -5.76 -0.52 -10.10
C ALA A 3 -6.58 0.75 -9.86
N GLN A 4 -6.77 1.09 -8.59
CA GLN A 4 -7.53 2.28 -8.22
C GLN A 4 -6.63 3.49 -8.07
N ASN A 5 -7.03 4.61 -8.65
CA ASN A 5 -6.25 5.84 -8.57
C ASN A 5 -6.59 6.62 -7.30
N ILE A 6 -5.59 6.86 -6.47
CA ILE A 6 -5.77 7.60 -5.23
C ILE A 6 -4.83 8.79 -5.14
N THR A 7 -5.41 9.98 -4.99
CA THR A 7 -4.63 11.21 -4.90
C THR A 7 -4.37 11.59 -3.45
N ALA A 8 -3.16 12.06 -3.17
CA ALA A 8 -2.80 12.47 -1.81
C ALA A 8 -1.79 13.60 -1.83
N ARG A 9 -1.57 14.22 -0.68
CA ARG A 9 -0.63 15.33 -0.56
C ARG A 9 0.47 15.00 0.46
N ILE A 10 1.66 15.53 0.23
CA ILE A 10 2.78 15.30 1.13
C ILE A 10 2.42 15.64 2.57
N GLY A 11 2.52 14.64 3.45
CA GLY A 11 2.19 14.86 4.85
C GLY A 11 0.72 14.63 5.14
N GLU A 12 0.00 14.06 4.18
CA GLU A 12 -1.42 13.81 4.34
C GLU A 12 -1.67 12.32 4.63
N PRO A 13 -2.59 12.05 5.57
CA PRO A 13 -2.95 10.69 5.97
C PRO A 13 -3.71 9.95 4.88
N LEU A 14 -3.44 8.65 4.75
CA LEU A 14 -4.09 7.83 3.74
C LEU A 14 -4.31 6.41 4.26
N VAL A 15 -5.44 5.82 3.90
CA VAL A 15 -5.76 4.46 4.32
C VAL A 15 -6.13 3.59 3.12
N LEU A 16 -5.79 2.30 3.21
CA LEU A 16 -6.08 1.37 2.14
C LEU A 16 -6.69 0.08 2.69
N LYS A 17 -7.59 -0.53 1.91
CA LYS A 17 -8.25 -1.76 2.33
C LYS A 17 -7.83 -2.92 1.43
N CYS A 18 -7.89 -4.13 1.97
CA CYS A 18 -7.52 -5.33 1.22
C CYS A 18 -8.76 -6.12 0.82
N LYS A 19 -9.17 -5.98 -0.43
CA LYS A 19 -10.34 -6.69 -0.94
C LYS A 19 -10.22 -8.19 -0.69
N GLY A 20 -11.22 -8.75 0.00
CA GLY A 20 -11.19 -10.17 0.30
C GLY A 20 -11.32 -10.46 1.77
N ALA A 21 -10.64 -9.67 2.59
CA ALA A 21 -10.67 -9.84 4.04
C ALA A 21 -11.78 -9.00 4.66
N PRO A 22 -12.62 -9.64 5.49
CA PRO A 22 -13.73 -8.97 6.17
C PRO A 22 -13.25 -8.00 7.24
N LYS A 23 -14.17 -7.59 8.12
CA LYS A 23 -13.85 -6.66 9.20
C LYS A 23 -12.60 -7.13 9.95
N LYS A 24 -12.56 -8.40 10.30
CA LYS A 24 -11.43 -8.97 11.03
C LYS A 24 -10.58 -9.84 10.10
N PRO A 25 -9.30 -10.01 10.46
CA PRO A 25 -8.36 -10.83 9.68
C PRO A 25 -8.68 -12.32 9.75
N PRO A 26 -9.15 -12.88 8.63
CA PRO A 26 -9.52 -14.29 8.54
C PRO A 26 -8.29 -15.20 8.59
N GLN A 27 -7.69 -15.43 7.43
CA GLN A 27 -6.51 -16.28 7.34
C GLN A 27 -5.24 -15.45 7.19
N ARG A 28 -4.11 -16.12 7.03
CA ARG A 28 -2.83 -15.44 6.88
C ARG A 28 -2.81 -14.60 5.59
N LEU A 29 -2.33 -13.37 5.72
CA LEU A 29 -2.26 -12.46 4.57
C LEU A 29 -0.92 -11.74 4.54
N GLU A 30 -0.61 -11.13 3.39
CA GLU A 30 0.64 -10.40 3.23
C GLU A 30 0.39 -9.05 2.57
N TRP A 31 1.20 -8.06 2.95
CA TRP A 31 1.07 -6.71 2.40
C TRP A 31 2.37 -6.27 1.74
N LYS A 32 2.26 -5.64 0.58
CA LYS A 32 3.43 -5.17 -0.16
C LYS A 32 3.19 -3.77 -0.71
N LEU A 33 4.21 -2.92 -0.63
CA LEU A 33 4.11 -1.56 -1.12
C LEU A 33 5.38 -1.15 -1.86
N ASN A 34 5.21 -0.57 -3.04
CA ASN A 34 6.34 -0.14 -3.85
C ASN A 34 6.33 1.38 -4.02
N THR A 35 7.41 2.02 -3.58
CA THR A 35 7.52 3.47 -3.68
C THR A 35 8.95 3.88 -4.06
N GLY A 36 9.17 5.18 -4.20
CA GLY A 36 10.49 5.68 -4.56
C GLY A 36 10.82 5.42 -6.02
N ARG A 37 12.02 4.92 -6.25
CA ARG A 37 12.47 4.63 -7.62
C ARG A 37 12.62 3.12 -7.82
N THR A 38 13.10 2.43 -6.79
CA THR A 38 13.30 0.99 -6.86
C THR A 38 13.84 0.44 -5.54
N GLU A 39 14.56 1.29 -4.81
CA GLU A 39 15.14 0.88 -3.52
C GLU A 39 14.30 1.43 -2.37
N ALA A 40 13.00 1.51 -2.58
CA ALA A 40 12.09 2.02 -1.55
C ALA A 40 10.98 1.01 -1.27
N TRP A 41 10.93 -0.05 -2.06
CA TRP A 41 9.91 -1.08 -1.89
C TRP A 41 10.12 -1.86 -0.60
N LYS A 42 9.07 -1.99 0.19
CA LYS A 42 9.14 -2.71 1.46
C LYS A 42 7.93 -3.62 1.63
N VAL A 43 8.08 -4.63 2.48
CA VAL A 43 6.99 -5.58 2.74
C VAL A 43 6.31 -5.28 4.07
N LEU A 44 5.01 -5.01 4.01
CA LEU A 44 4.24 -4.70 5.22
C LEU A 44 3.54 -5.95 5.74
N SER A 45 3.39 -6.02 7.07
CA SER A 45 2.73 -7.17 7.69
C SER A 45 1.57 -6.71 8.57
N PRO A 46 0.65 -7.64 8.87
CA PRO A 46 -0.52 -7.37 9.71
C PRO A 46 -0.15 -7.11 11.16
N GLN A 47 1.14 -7.18 11.46
CA GLN A 47 1.63 -6.96 12.82
C GLN A 47 2.82 -6.00 12.82
N GLY A 48 2.54 -4.73 12.54
CA GLY A 48 3.60 -3.74 12.52
C GLY A 48 4.39 -3.75 11.23
N GLY A 49 3.78 -3.24 10.16
CA GLY A 49 4.45 -3.21 8.88
C GLY A 49 5.50 -2.11 8.79
N GLY A 50 6.48 -2.16 9.68
CA GLY A 50 7.53 -1.16 9.69
C GLY A 50 7.21 0.02 10.59
N PRO A 51 8.19 0.91 10.78
CA PRO A 51 8.03 2.09 11.63
C PRO A 51 7.08 3.12 11.01
N TRP A 52 5.88 3.23 11.58
CA TRP A 52 4.89 4.17 11.08
C TRP A 52 5.48 5.59 11.01
N ASP A 53 6.35 5.91 11.94
CA ASP A 53 6.98 7.23 11.98
C ASP A 53 7.81 7.47 10.73
N SER A 54 8.36 6.39 10.17
CA SER A 54 9.18 6.48 8.97
C SER A 54 8.33 6.29 7.72
N VAL A 55 7.44 5.30 7.76
CA VAL A 55 6.57 5.00 6.64
C VAL A 55 5.10 4.98 7.06
N ALA A 56 4.58 3.79 7.33
CA ALA A 56 3.20 3.64 7.75
C ALA A 56 3.01 2.37 8.57
N ARG A 57 1.80 2.17 9.07
CA ARG A 57 1.47 0.99 9.87
C ARG A 57 0.33 0.20 9.26
N VAL A 58 0.21 -1.06 9.66
CA VAL A 58 -0.85 -1.93 9.15
C VAL A 58 -1.91 -2.18 10.21
N LEU A 59 -3.17 -1.97 9.83
CA LEU A 59 -4.29 -2.18 10.75
C LEU A 59 -4.49 -3.66 11.03
N PRO A 60 -5.12 -3.96 12.18
CA PRO A 60 -5.39 -5.33 12.60
C PRO A 60 -6.44 -6.02 11.72
N ASN A 61 -7.24 -5.21 11.03
CA ASN A 61 -8.27 -5.75 10.16
C ASN A 61 -7.70 -6.14 8.80
N GLY A 62 -6.39 -5.98 8.65
CA GLY A 62 -5.73 -6.32 7.41
C GLY A 62 -5.64 -5.15 6.45
N SER A 63 -5.75 -3.94 7.00
CA SER A 63 -5.70 -2.73 6.18
C SER A 63 -4.37 -1.99 6.40
N LEU A 64 -4.21 -0.86 5.72
CA LEU A 64 -3.00 -0.06 5.84
C LEU A 64 -3.35 1.41 6.10
N PHE A 65 -2.72 1.98 7.13
CA PHE A 65 -2.97 3.37 7.48
C PHE A 65 -1.65 4.15 7.56
N LEU A 66 -1.61 5.31 6.92
CA LEU A 66 -0.42 6.14 6.91
C LEU A 66 -0.68 7.46 7.62
N PRO A 67 0.22 7.82 8.56
CA PRO A 67 0.12 9.06 9.33
C PRO A 67 0.38 10.30 8.48
N ALA A 68 1.25 10.15 7.49
CA ALA A 68 1.58 11.26 6.60
C ALA A 68 2.44 10.78 5.43
N VAL A 69 1.81 10.58 4.28
CA VAL A 69 2.51 10.13 3.09
C VAL A 69 3.28 11.27 2.44
N GLY A 70 4.60 11.18 2.47
CA GLY A 70 5.42 12.22 1.87
C GLY A 70 5.69 11.97 0.39
N ILE A 71 6.36 12.93 -0.24
CA ILE A 71 6.67 12.81 -1.67
C ILE A 71 7.43 11.51 -1.96
N GLN A 72 8.21 11.05 -0.99
CA GLN A 72 8.97 9.82 -1.14
C GLN A 72 8.07 8.60 -0.99
N ASP A 73 6.94 8.78 -0.33
CA ASP A 73 5.99 7.69 -0.12
C ASP A 73 5.22 7.39 -1.39
N GLU A 74 5.45 8.18 -2.43
CA GLU A 74 4.77 8.00 -3.70
C GLU A 74 5.07 6.62 -4.28
N GLY A 75 4.05 6.01 -4.88
CA GLY A 75 4.21 4.69 -5.46
C GLY A 75 2.90 3.96 -5.63
N ILE A 76 2.94 2.63 -5.56
CA ILE A 76 1.74 1.82 -5.70
C ILE A 76 1.64 0.79 -4.57
N PHE A 77 0.44 0.63 -4.03
CA PHE A 77 0.20 -0.32 -2.96
C PHE A 77 -0.48 -1.58 -3.47
N ARG A 78 0.10 -2.73 -3.17
CA ARG A 78 -0.44 -4.01 -3.60
C ARG A 78 -0.67 -4.94 -2.41
N CYS A 79 -1.89 -5.47 -2.32
CA CYS A 79 -2.23 -6.37 -1.23
C CYS A 79 -2.68 -7.73 -1.77
N GLN A 80 -2.45 -8.78 -0.98
CA GLN A 80 -2.81 -10.13 -1.37
C GLN A 80 -3.40 -10.91 -0.19
N ALA A 81 -4.49 -11.62 -0.45
CA ALA A 81 -5.15 -12.41 0.58
C ALA A 81 -5.45 -13.82 0.09
N MET A 82 -5.71 -14.72 1.04
CA MET A 82 -6.02 -16.11 0.71
C MET A 82 -7.29 -16.57 1.40
N ASN A 83 -8.25 -17.06 0.61
CA ASN A 83 -9.52 -17.53 1.15
C ASN A 83 -9.44 -19.02 1.51
N ARG A 84 -10.47 -19.52 2.19
CA ARG A 84 -10.51 -20.91 2.59
C ARG A 84 -10.78 -21.81 1.39
N ASN A 85 -11.37 -21.25 0.35
CA ASN A 85 -11.69 -21.99 -0.86
C ASN A 85 -10.41 -22.31 -1.66
N GLY A 86 -9.35 -21.55 -1.39
CA GLY A 86 -8.10 -21.76 -2.09
C GLY A 86 -7.79 -20.65 -3.08
N LYS A 87 -8.75 -19.75 -3.27
CA LYS A 87 -8.57 -18.64 -4.19
C LYS A 87 -7.87 -17.47 -3.51
N GLU A 88 -7.06 -16.74 -4.27
CA GLU A 88 -6.32 -15.60 -3.74
C GLU A 88 -6.95 -14.29 -4.19
N THR A 89 -6.93 -13.29 -3.31
CA THR A 89 -7.50 -11.99 -3.61
C THR A 89 -6.42 -10.97 -3.93
N LYS A 90 -6.53 -10.33 -5.09
CA LYS A 90 -5.56 -9.33 -5.52
C LYS A 90 -6.09 -7.92 -5.30
N SER A 91 -5.21 -7.01 -4.90
CA SER A 91 -5.60 -5.62 -4.65
C SER A 91 -4.46 -4.67 -5.01
N ASN A 92 -4.72 -3.77 -5.95
CA ASN A 92 -3.71 -2.80 -6.38
C ASN A 92 -4.28 -1.39 -6.37
N TYR A 93 -3.64 -0.51 -5.61
CA TYR A 93 -4.08 0.88 -5.50
C TYR A 93 -2.92 1.84 -5.74
N ARG A 94 -3.04 2.67 -6.76
CA ARG A 94 -2.01 3.64 -7.09
C ARG A 94 -2.16 4.91 -6.27
N VAL A 95 -1.05 5.39 -5.71
CA VAL A 95 -1.06 6.60 -4.90
C VAL A 95 -0.15 7.68 -5.49
N ARG A 96 -0.63 8.91 -5.50
CA ARG A 96 0.14 10.03 -6.03
C ARG A 96 0.18 11.19 -5.04
N VAL A 97 1.39 11.71 -4.78
CA VAL A 97 1.55 12.81 -3.85
C VAL A 97 1.53 14.15 -4.59
N TYR A 98 1.76 15.23 -3.85
CA TYR A 98 1.78 16.57 -4.43
C TYR A 98 2.93 16.72 -5.41
N GLN A 99 4.13 16.91 -4.87
CA GLN A 99 5.32 17.08 -5.70
C GLN A 99 5.65 15.79 -6.45
N ILE A 100 6.07 15.93 -7.71
CA ILE A 100 6.41 14.78 -8.53
C ILE A 100 7.85 14.86 -9.00
N PRO A 101 8.42 13.71 -9.40
CA PRO A 101 9.79 13.62 -9.88
C PRO A 101 9.98 14.27 -11.23
N GLY A 102 10.99 15.14 -11.34
CA GLY A 102 11.25 15.82 -12.60
C GLY A 102 12.71 16.19 -12.75
N LYS A 103 13.57 15.52 -11.99
CA LYS A 103 15.00 15.79 -12.05
C LYS A 103 15.63 15.12 -13.28
N PRO A 104 16.53 15.85 -13.95
CA PRO A 104 17.21 15.35 -15.15
C PRO A 104 18.20 14.24 -14.83
N GLU A 105 17.80 13.00 -15.07
CA GLU A 105 18.65 11.85 -14.80
C GLU A 105 19.88 11.86 -15.71
N ASP B 1 7.45 2.04 -14.97
CA ASP B 1 6.69 0.95 -14.37
C ASP B 1 6.32 1.28 -12.93
N GLU B 2 5.10 0.91 -12.54
CA GLU B 2 4.62 1.18 -11.19
C GLU B 2 3.91 -0.05 -10.61
N PHE B 3 4.67 -1.13 -10.44
CA PHE B 3 4.11 -2.37 -9.91
C PHE B 3 3.11 -2.98 -10.87
N KPI B 4 2.34 -3.85 -10.40
CA KPI B 4 1.33 -4.54 -11.19
CB KPI B 4 0.46 -5.42 -10.28
CG KPI B 4 -0.01 -6.67 -11.06
CD KPI B 4 -1.54 -6.83 -10.90
CE KPI B 4 -2.26 -5.61 -11.53
NZ KPI B 4 -3.16 -5.01 -10.53
CX1 KPI B 4 -4.37 -5.91 -10.35
C1 KPI B 4 -5.51 -5.45 -11.28
CX2 KPI B 4 -4.91 -5.99 -8.90
O1 KPI B 4 -6.15 -6.83 -8.87
O2 KPI B 4 -3.86 -6.62 -8.02
C KPI B 4 0.49 -3.49 -11.84
O KPI B 4 0.07 -3.64 -12.99
H KPI B 4 2.32 -4.22 -9.39
HA KPI B 4 1.79 -5.17 -11.96
HB KPI B 4 0.97 -5.70 -9.48
HBA KPI B 4 -0.35 -4.89 -9.98
HG KPI B 4 0.21 -6.56 -12.02
HGA KPI B 4 0.44 -7.48 -10.69
HD KPI B 4 -1.84 -7.66 -11.38
HDA KPI B 4 -1.78 -6.89 -9.94
HE KPI B 4 -1.57 -4.93 -11.81
HEA KPI B 4 -2.78 -5.91 -12.32
H1C KPI B 4 -6.33 -6.16 -11.24
H1A KPI B 4 -5.13 -5.39 -12.30
H1B KPI B 4 -5.86 -4.47 -10.97
HZ KPI B 4 -2.65 -4.90 -9.60
HX1 KPI B 4 -4.11 -6.93 -10.58
N ALA B 5 0.23 -2.42 -11.11
CA ALA B 5 -0.58 -1.32 -11.62
C ALA B 5 -0.15 -0.93 -13.04
N ASP B 6 -1.11 -0.54 -13.86
CA ASP B 6 -0.84 -0.15 -15.23
C ASP B 6 -1.97 0.72 -15.80
N GLU B 7 -1.66 1.98 -16.05
CA GLU B 7 -2.65 2.91 -16.59
C GLU B 7 -2.16 3.55 -17.89
N GLY A 1 -10.98 -6.62 -6.61
CA GLY A 1 -10.07 -5.50 -6.53
C GLY A 1 -9.69 -4.97 -7.90
N SER A 2 -8.95 -3.87 -7.92
CA SER A 2 -8.53 -3.25 -9.17
C SER A 2 -7.66 -2.02 -8.91
N ALA A 3 -6.87 -1.64 -9.90
CA ALA A 3 -5.99 -0.48 -9.78
C ALA A 3 -6.79 0.78 -9.50
N GLN A 4 -6.91 1.13 -8.24
CA GLN A 4 -7.65 2.33 -7.83
C GLN A 4 -6.72 3.53 -7.72
N ASN A 5 -7.14 4.65 -8.30
CA ASN A 5 -6.34 5.88 -8.25
C ASN A 5 -6.61 6.66 -6.97
N ILE A 6 -5.56 6.86 -6.18
CA ILE A 6 -5.68 7.59 -4.92
C ILE A 6 -4.68 8.75 -4.86
N THR A 7 -5.20 9.95 -4.68
CA THR A 7 -4.36 11.15 -4.61
C THR A 7 -4.06 11.51 -3.17
N ALA A 8 -2.84 11.97 -2.91
CA ALA A 8 -2.43 12.36 -1.57
C ALA A 8 -1.41 13.50 -1.61
N ARG A 9 -1.18 14.12 -0.47
CA ARG A 9 -0.23 15.22 -0.37
C ARG A 9 0.86 14.92 0.64
N ILE A 10 2.05 15.45 0.40
CA ILE A 10 3.18 15.23 1.29
C ILE A 10 2.84 15.63 2.72
N GLY A 11 2.92 14.67 3.64
CA GLY A 11 2.61 14.94 5.03
C GLY A 11 1.14 14.76 5.34
N GLU A 12 0.38 14.24 4.38
CA GLU A 12 -1.04 14.02 4.56
C GLU A 12 -1.33 12.55 4.83
N PRO A 13 -2.27 12.29 5.74
CA PRO A 13 -2.68 10.93 6.11
C PRO A 13 -3.44 10.23 5.00
N LEU A 14 -3.19 8.92 4.84
CA LEU A 14 -3.86 8.14 3.82
C LEU A 14 -4.13 6.71 4.31
N VAL A 15 -5.27 6.16 3.90
CA VAL A 15 -5.64 4.81 4.30
C VAL A 15 -5.92 3.94 3.08
N LEU A 16 -5.61 2.65 3.21
CA LEU A 16 -5.83 1.70 2.11
C LEU A 16 -6.56 0.46 2.61
N LYS A 17 -7.36 -0.13 1.73
CA LYS A 17 -8.12 -1.33 2.06
C LYS A 17 -7.59 -2.54 1.29
N CYS A 18 -7.75 -3.73 1.88
CA CYS A 18 -7.31 -4.96 1.24
C CYS A 18 -8.49 -5.76 0.72
N LYS A 19 -8.72 -5.69 -0.58
CA LYS A 19 -9.83 -6.42 -1.21
C LYS A 19 -9.69 -7.92 -0.97
N GLY A 20 -10.69 -8.51 -0.34
CA GLY A 20 -10.67 -9.93 -0.05
C GLY A 20 -10.85 -10.24 1.41
N ALA A 21 -10.25 -9.43 2.27
CA ALA A 21 -10.36 -9.62 3.71
C ALA A 21 -11.53 -8.83 4.29
N PRO A 22 -12.39 -9.52 5.05
CA PRO A 22 -13.56 -8.89 5.68
C PRO A 22 -13.19 -7.94 6.80
N LYS A 23 -14.16 -7.56 7.61
CA LYS A 23 -13.94 -6.65 8.72
C LYS A 23 -12.75 -7.10 9.56
N LYS A 24 -12.73 -8.39 9.90
CA LYS A 24 -11.65 -8.94 10.71
C LYS A 24 -10.74 -9.82 9.86
N PRO A 25 -9.46 -9.92 10.25
CA PRO A 25 -8.46 -10.73 9.53
C PRO A 25 -8.72 -12.23 9.68
N PRO A 26 -9.15 -12.86 8.57
CA PRO A 26 -9.45 -14.30 8.55
C PRO A 26 -8.18 -15.14 8.67
N GLN A 27 -7.55 -15.43 7.54
CA GLN A 27 -6.34 -16.23 7.53
C GLN A 27 -5.10 -15.35 7.32
N ARG A 28 -3.94 -15.99 7.23
CA ARG A 28 -2.69 -15.26 7.03
C ARG A 28 -2.68 -14.54 5.68
N LEU A 29 -2.24 -13.29 5.69
CA LEU A 29 -2.18 -12.49 4.47
C LEU A 29 -0.86 -11.74 4.37
N GLU A 30 -0.50 -11.34 3.15
CA GLU A 30 0.75 -10.61 2.93
C GLU A 30 0.47 -9.26 2.29
N TRP A 31 1.31 -8.28 2.61
CA TRP A 31 1.16 -6.93 2.06
C TRP A 31 2.49 -6.41 1.52
N LYS A 32 2.47 -5.93 0.29
CA LYS A 32 3.67 -5.40 -0.36
C LYS A 32 3.36 -4.11 -1.11
N LEU A 33 4.23 -3.12 -0.96
CA LEU A 33 4.05 -1.84 -1.64
C LEU A 33 5.38 -1.32 -2.17
N ASN A 34 5.34 -0.75 -3.37
CA ASN A 34 6.55 -0.21 -4.00
C ASN A 34 6.46 1.32 -4.10
N THR A 35 7.49 1.98 -3.59
CA THR A 35 7.54 3.44 -3.61
C THR A 35 8.93 3.94 -3.97
N GLY A 36 9.10 5.26 -4.02
CA GLY A 36 10.39 5.84 -4.33
C GLY A 36 10.77 5.63 -5.79
N ARG A 37 11.98 5.14 -6.01
CA ARG A 37 12.47 4.89 -7.37
C ARG A 37 12.65 3.40 -7.61
N THR A 38 13.10 2.69 -6.58
CA THR A 38 13.33 1.25 -6.70
C THR A 38 13.83 0.67 -5.37
N GLU A 39 14.54 1.49 -4.60
CA GLU A 39 15.07 1.06 -3.32
C GLU A 39 14.22 1.59 -2.17
N ALA A 40 12.91 1.68 -2.40
CA ALA A 40 12.00 2.17 -1.39
C ALA A 40 10.90 1.15 -1.09
N TRP A 41 10.87 0.08 -1.89
CA TRP A 41 9.88 -0.97 -1.72
C TRP A 41 9.97 -1.59 -0.33
N LYS A 42 8.83 -1.69 0.35
CA LYS A 42 8.78 -2.26 1.68
C LYS A 42 7.70 -3.33 1.79
N VAL A 43 7.88 -4.28 2.70
CA VAL A 43 6.91 -5.35 2.90
C VAL A 43 6.09 -5.13 4.16
N LEU A 44 4.80 -4.89 3.98
CA LEU A 44 3.89 -4.66 5.11
C LEU A 44 3.23 -5.95 5.55
N SER A 45 2.97 -6.07 6.84
CA SER A 45 2.34 -7.26 7.40
C SER A 45 1.08 -6.89 8.18
N PRO A 46 0.22 -7.90 8.40
CA PRO A 46 -1.04 -7.70 9.14
C PRO A 46 -0.81 -7.43 10.62
N GLN A 47 0.45 -7.41 11.03
CA GLN A 47 0.82 -7.16 12.41
C GLN A 47 2.10 -6.35 12.52
N GLY A 48 1.98 -5.04 12.31
CA GLY A 48 3.15 -4.17 12.38
C GLY A 48 3.92 -4.14 11.08
N GLY A 49 3.43 -3.36 10.11
CA GLY A 49 4.10 -3.26 8.83
C GLY A 49 5.23 -2.25 8.84
N GLY A 50 6.15 -2.41 9.79
CA GLY A 50 7.26 -1.49 9.89
C GLY A 50 7.01 -0.36 10.86
N PRO A 51 8.00 0.53 11.02
CA PRO A 51 7.90 1.68 11.93
C PRO A 51 6.92 2.72 11.42
N TRP A 52 5.77 2.81 12.07
CA TRP A 52 4.74 3.77 11.69
C TRP A 52 5.29 5.20 11.73
N ASP A 53 6.21 5.45 12.65
CA ASP A 53 6.81 6.77 12.79
C ASP A 53 7.67 7.09 11.57
N SER A 54 8.20 6.05 10.93
CA SER A 54 9.05 6.23 9.76
C SER A 54 8.23 6.20 8.48
N VAL A 55 7.31 5.25 8.40
CA VAL A 55 6.46 5.11 7.22
C VAL A 55 4.98 5.06 7.61
N ALA A 56 4.44 3.85 7.73
CA ALA A 56 3.05 3.67 8.10
C ALA A 56 2.85 2.36 8.86
N ARG A 57 1.63 2.15 9.36
CA ARG A 57 1.32 0.93 10.10
C ARG A 57 0.13 0.21 9.47
N VAL A 58 -0.07 -1.04 9.87
CA VAL A 58 -1.17 -1.84 9.35
C VAL A 58 -2.25 -2.05 10.41
N LEU A 59 -3.49 -1.78 10.04
CA LEU A 59 -4.62 -1.94 10.96
C LEU A 59 -4.87 -3.42 11.25
N PRO A 60 -5.52 -3.70 12.40
CA PRO A 60 -5.84 -5.06 12.82
C PRO A 60 -6.92 -5.70 11.95
N ASN A 61 -7.70 -4.86 11.28
CA ASN A 61 -8.76 -5.34 10.41
C ASN A 61 -8.21 -5.75 9.04
N GLY A 62 -6.90 -5.61 8.87
CA GLY A 62 -6.27 -5.95 7.61
C GLY A 62 -6.18 -4.77 6.67
N SER A 63 -6.14 -3.57 7.23
CA SER A 63 -6.05 -2.35 6.44
C SER A 63 -4.70 -1.68 6.61
N LEU A 64 -4.49 -0.57 5.91
CA LEU A 64 -3.24 0.18 6.00
C LEU A 64 -3.51 1.66 6.27
N PHE A 65 -2.83 2.19 7.28
CA PHE A 65 -2.99 3.60 7.64
C PHE A 65 -1.64 4.31 7.66
N LEU A 66 -1.57 5.46 7.01
CA LEU A 66 -0.33 6.23 6.96
C LEU A 66 -0.50 7.57 7.69
N PRO A 67 0.42 7.84 8.64
CA PRO A 67 0.40 9.08 9.42
C PRO A 67 0.75 10.30 8.58
N ALA A 68 1.61 10.10 7.58
CA ALA A 68 2.03 11.20 6.71
C ALA A 68 2.78 10.66 5.49
N VAL A 69 2.06 10.55 4.37
CA VAL A 69 2.67 10.06 3.14
C VAL A 69 3.58 11.10 2.52
N GLY A 70 4.87 10.79 2.44
CA GLY A 70 5.83 11.72 1.87
C GLY A 70 6.07 11.46 0.39
N ILE A 71 6.72 12.40 -0.27
CA ILE A 71 7.02 12.27 -1.70
C ILE A 71 7.75 10.97 -1.99
N GLN A 72 8.53 10.51 -1.02
CA GLN A 72 9.28 9.27 -1.17
C GLN A 72 8.38 8.05 -1.05
N ASP A 73 7.24 8.24 -0.39
CA ASP A 73 6.28 7.15 -0.20
C ASP A 73 5.44 6.95 -1.46
N GLU A 74 5.59 7.85 -2.42
CA GLU A 74 4.84 7.78 -3.66
C GLU A 74 5.13 6.47 -4.39
N GLY A 75 4.10 5.88 -4.99
CA GLY A 75 4.27 4.63 -5.72
C GLY A 75 2.97 3.86 -5.85
N ILE A 76 3.06 2.54 -5.75
CA ILE A 76 1.88 1.69 -5.87
C ILE A 76 1.82 0.68 -4.72
N PHE A 77 0.67 0.61 -4.06
CA PHE A 77 0.48 -0.31 -2.95
C PHE A 77 -0.36 -1.51 -3.37
N ARG A 78 0.13 -2.71 -3.06
CA ARG A 78 -0.57 -3.93 -3.41
C ARG A 78 -0.78 -4.82 -2.18
N CYS A 79 -1.94 -5.45 -2.09
CA CYS A 79 -2.26 -6.33 -0.97
C CYS A 79 -2.58 -7.74 -1.45
N GLN A 80 -2.34 -8.72 -0.58
CA GLN A 80 -2.60 -10.11 -0.92
C GLN A 80 -3.20 -10.85 0.27
N ALA A 81 -4.35 -11.50 0.04
CA ALA A 81 -5.03 -12.24 1.09
C ALA A 81 -5.41 -13.64 0.60
N MET A 82 -5.69 -14.53 1.55
CA MET A 82 -6.07 -15.90 1.22
C MET A 82 -7.33 -16.32 1.98
N ASN A 83 -8.34 -16.77 1.24
CA ASN A 83 -9.59 -17.19 1.85
C ASN A 83 -9.53 -18.65 2.26
N ARG A 84 -10.55 -19.11 2.97
CA ARG A 84 -10.61 -20.49 3.43
C ARG A 84 -10.86 -21.44 2.26
N ASN A 85 -11.35 -20.90 1.15
CA ASN A 85 -11.62 -21.69 -0.04
C ASN A 85 -10.33 -22.10 -0.73
N GLY A 86 -9.25 -21.39 -0.44
CA GLY A 86 -7.97 -21.70 -1.04
C GLY A 86 -7.54 -20.65 -2.05
N LYS A 87 -8.48 -19.82 -2.49
CA LYS A 87 -8.19 -18.78 -3.46
C LYS A 87 -7.67 -17.52 -2.76
N GLU A 88 -6.77 -16.81 -3.43
CA GLU A 88 -6.20 -15.59 -2.87
C GLU A 88 -6.77 -14.36 -3.57
N THR A 89 -6.95 -13.28 -2.80
CA THR A 89 -7.49 -12.05 -3.33
C THR A 89 -6.40 -11.02 -3.57
N LYS A 90 -6.39 -10.43 -4.76
CA LYS A 90 -5.38 -9.43 -5.11
C LYS A 90 -5.99 -8.03 -5.09
N SER A 91 -5.20 -7.06 -4.63
CA SER A 91 -5.66 -5.67 -4.55
C SER A 91 -4.52 -4.71 -4.85
N ASN A 92 -4.73 -3.83 -5.82
CA ASN A 92 -3.72 -2.85 -6.20
C ASN A 92 -4.29 -1.43 -6.16
N TYR A 93 -3.60 -0.56 -5.44
CA TYR A 93 -4.04 0.84 -5.31
C TYR A 93 -2.91 1.79 -5.66
N ARG A 94 -3.15 2.68 -6.61
CA ARG A 94 -2.16 3.65 -7.03
C ARG A 94 -2.17 4.88 -6.12
N VAL A 95 -0.99 5.30 -5.68
CA VAL A 95 -0.86 6.44 -4.80
C VAL A 95 0.01 7.53 -5.44
N ARG A 96 -0.44 8.78 -5.36
CA ARG A 96 0.30 9.89 -5.93
C ARG A 96 0.40 11.04 -4.92
N VAL A 97 1.62 11.52 -4.69
CA VAL A 97 1.84 12.62 -3.77
C VAL A 97 1.84 13.96 -4.48
N TYR A 98 2.12 15.02 -3.73
CA TYR A 98 2.15 16.37 -4.31
C TYR A 98 3.29 16.52 -5.30
N GLN A 99 4.51 16.54 -4.78
CA GLN A 99 5.70 16.67 -5.61
C GLN A 99 5.95 15.41 -6.42
N ILE A 100 6.35 15.57 -7.67
CA ILE A 100 6.62 14.45 -8.54
C ILE A 100 8.05 14.48 -9.06
N PRO A 101 8.55 13.31 -9.51
CA PRO A 101 9.92 13.19 -10.04
C PRO A 101 10.08 13.89 -11.38
N GLY A 102 10.72 15.07 -11.35
CA GLY A 102 10.92 15.82 -12.57
C GLY A 102 12.40 15.98 -12.90
N LYS A 103 12.82 17.23 -13.07
CA LYS A 103 14.22 17.52 -13.39
C LYS A 103 14.60 16.94 -14.74
N PRO A 104 15.69 17.46 -15.33
CA PRO A 104 16.18 17.00 -16.64
C PRO A 104 16.78 15.60 -16.55
N GLU A 105 17.16 15.06 -17.71
CA GLU A 105 17.76 13.73 -17.78
C GLU A 105 19.16 13.73 -17.22
N ASP B 1 9.34 0.60 -13.95
CA ASP B 1 7.95 0.99 -13.84
C ASP B 1 7.37 0.61 -12.47
N GLU B 2 6.31 1.30 -12.08
CA GLU B 2 5.66 1.03 -10.80
C GLU B 2 5.17 -0.41 -10.72
N PHE B 3 4.40 -0.71 -9.68
CA PHE B 3 3.88 -2.05 -9.49
C PHE B 3 2.94 -2.45 -10.62
N KPI B 4 2.14 -3.38 -10.40
CA KPI B 4 1.19 -3.87 -11.38
CB KPI B 4 0.17 -4.80 -10.72
CG KPI B 4 0.67 -6.26 -10.77
CD KPI B 4 -0.45 -7.17 -11.33
CE KPI B 4 -1.68 -7.12 -10.39
NZ KPI B 4 -2.67 -6.17 -10.92
CX1 KPI B 4 -4.06 -6.62 -10.51
C1 KPI B 4 -5.09 -6.11 -11.54
CX2 KPI B 4 -4.44 -6.09 -9.11
O1 KPI B 4 -5.75 -6.69 -8.69
O2 KPI B 4 -3.38 -6.50 -8.13
C KPI B 4 0.49 -2.69 -11.96
O KPI B 4 0.89 -2.17 -13.01
H KPI B 4 2.04 -3.94 -9.49
HA KPI B 4 1.70 -4.42 -12.19
HB KPI B 4 0.04 -4.53 -9.75
HBA KPI B 4 -0.71 -4.73 -11.20
HG KPI B 4 1.46 -6.31 -11.38
HGA KPI B 4 0.91 -6.56 -9.86
HD KPI B 4 -0.72 -6.85 -12.24
HDA KPI B 4 -0.12 -8.11 -11.40
HE KPI B 4 -2.09 -8.03 -10.33
HEA KPI B 4 -1.38 -6.83 -9.48
H1C KPI B 4 -6.08 -6.48 -11.28
H1A KPI B 4 -4.82 -6.48 -12.53
H1B KPI B 4 -5.09 -5.02 -11.54
HZ KPI B 4 -2.47 -5.20 -10.53
HX1 KPI B 4 -4.10 -7.71 -10.47
N ALA B 5 -0.56 -2.25 -11.29
CA ALA B 5 -1.34 -1.10 -11.74
C ALA B 5 -1.69 -1.23 -13.22
N ASP B 6 -2.15 -0.13 -13.80
CA ASP B 6 -2.52 -0.12 -15.22
C ASP B 6 -2.07 1.18 -15.88
N GLU B 7 -2.73 1.54 -16.98
CA GLU B 7 -2.40 2.75 -17.71
C GLU B 7 -1.03 2.63 -18.37
N GLY A 1 -12.54 -1.83 -6.89
CA GLY A 1 -11.87 -3.07 -6.60
C GLY A 1 -10.91 -3.49 -7.70
N SER A 2 -10.22 -2.52 -8.28
CA SER A 2 -9.27 -2.78 -9.36
C SER A 2 -8.61 -1.49 -9.83
N ALA A 3 -7.34 -1.32 -9.48
CA ALA A 3 -6.59 -0.13 -9.87
C ALA A 3 -7.35 1.14 -9.49
N GLN A 4 -7.38 1.45 -8.19
CA GLN A 4 -8.06 2.62 -7.69
C GLN A 4 -7.10 3.81 -7.58
N ASN A 5 -7.53 4.96 -8.10
CA ASN A 5 -6.70 6.16 -8.05
C ASN A 5 -6.86 6.89 -6.72
N ILE A 6 -5.75 7.06 -6.00
CA ILE A 6 -5.77 7.74 -4.71
C ILE A 6 -4.79 8.90 -4.70
N THR A 7 -5.31 10.11 -4.47
CA THR A 7 -4.47 11.30 -4.42
C THR A 7 -4.11 11.67 -2.99
N ALA A 8 -2.86 12.04 -2.78
CA ALA A 8 -2.38 12.42 -1.45
C ALA A 8 -1.29 13.47 -1.53
N ARG A 9 -0.98 14.09 -0.39
CA ARG A 9 0.05 15.13 -0.34
C ARG A 9 1.14 14.76 0.66
N ILE A 10 2.36 15.20 0.39
CA ILE A 10 3.49 14.93 1.26
C ILE A 10 3.18 15.30 2.70
N GLY A 11 3.26 14.33 3.60
CA GLY A 11 2.99 14.58 5.00
C GLY A 11 1.52 14.40 5.35
N GLU A 12 0.73 13.94 4.37
CA GLU A 12 -0.70 13.74 4.58
C GLU A 12 -1.01 12.26 4.82
N PRO A 13 -1.92 12.00 5.76
CA PRO A 13 -2.32 10.63 6.11
C PRO A 13 -3.13 9.97 5.00
N LEU A 14 -2.92 8.67 4.81
CA LEU A 14 -3.63 7.92 3.78
C LEU A 14 -3.91 6.50 4.24
N VAL A 15 -5.09 5.99 3.89
CA VAL A 15 -5.48 4.63 4.27
C VAL A 15 -5.82 3.80 3.04
N LEU A 16 -5.55 2.49 3.13
CA LEU A 16 -5.82 1.58 2.02
C LEU A 16 -6.55 0.34 2.51
N LYS A 17 -7.40 -0.22 1.65
CA LYS A 17 -8.16 -1.42 2.00
C LYS A 17 -7.70 -2.61 1.16
N CYS A 18 -7.87 -3.81 1.71
CA CYS A 18 -7.48 -5.03 1.01
C CYS A 18 -8.70 -5.77 0.50
N LYS A 19 -8.96 -5.65 -0.81
CA LYS A 19 -10.09 -6.32 -1.43
C LYS A 19 -10.00 -7.83 -1.25
N GLY A 20 -11.02 -8.41 -0.64
CA GLY A 20 -11.04 -9.85 -0.41
C GLY A 20 -11.23 -10.21 1.04
N ALA A 21 -10.64 -9.41 1.93
CA ALA A 21 -10.75 -9.66 3.37
C ALA A 21 -11.94 -8.91 3.96
N PRO A 22 -12.77 -9.63 4.73
CA PRO A 22 -13.96 -9.06 5.37
C PRO A 22 -13.60 -8.09 6.50
N LYS A 23 -14.59 -7.76 7.32
CA LYS A 23 -14.38 -6.85 8.43
C LYS A 23 -13.15 -7.25 9.25
N LYS A 24 -13.10 -8.54 9.60
CA LYS A 24 -11.98 -9.06 10.38
C LYS A 24 -11.07 -9.93 9.53
N PRO A 25 -9.78 -10.01 9.91
CA PRO A 25 -8.79 -10.81 9.18
C PRO A 25 -9.03 -12.31 9.33
N PRO A 26 -9.46 -12.95 8.23
CA PRO A 26 -9.73 -14.39 8.22
C PRO A 26 -8.45 -15.22 8.32
N GLN A 27 -7.79 -15.43 7.20
CA GLN A 27 -6.57 -16.22 7.17
C GLN A 27 -5.34 -15.31 7.05
N ARG A 28 -4.16 -15.92 6.97
CA ARG A 28 -2.92 -15.16 6.85
C ARG A 28 -2.89 -14.37 5.55
N LEU A 29 -2.51 -13.10 5.64
CA LEU A 29 -2.44 -12.23 4.47
C LEU A 29 -1.17 -11.38 4.50
N GLU A 30 -0.73 -10.94 3.32
CA GLU A 30 0.46 -10.12 3.22
C GLU A 30 0.19 -8.86 2.40
N TRP A 31 0.89 -7.77 2.74
CA TRP A 31 0.72 -6.51 2.03
C TRP A 31 2.01 -6.09 1.36
N LYS A 32 1.89 -5.45 0.20
CA LYS A 32 3.06 -4.98 -0.54
C LYS A 32 2.82 -3.59 -1.12
N LEU A 33 3.88 -2.78 -1.14
CA LEU A 33 3.79 -1.42 -1.66
C LEU A 33 5.01 -1.08 -2.50
N ASN A 34 4.77 -0.45 -3.66
CA ASN A 34 5.85 -0.08 -4.56
C ASN A 34 5.95 1.45 -4.68
N THR A 35 7.12 1.99 -4.38
CA THR A 35 7.34 3.42 -4.45
C THR A 35 8.71 3.74 -5.06
N GLY A 36 9.00 5.03 -5.20
CA GLY A 36 10.27 5.43 -5.77
C GLY A 36 10.34 5.24 -7.27
N ARG A 37 11.40 4.60 -7.74
CA ARG A 37 11.57 4.35 -9.17
C ARG A 37 11.48 2.86 -9.48
N THR A 38 12.02 2.05 -8.59
CA THR A 38 12.00 0.60 -8.77
C THR A 38 12.69 -0.11 -7.59
N GLU A 39 13.67 0.56 -7.01
CA GLU A 39 14.40 -0.01 -5.87
C GLU A 39 13.93 0.60 -4.56
N ALA A 40 12.64 0.93 -4.49
CA ALA A 40 12.08 1.52 -3.29
C ALA A 40 10.89 0.70 -2.79
N TRP A 41 10.48 -0.29 -3.58
CA TRP A 41 9.37 -1.15 -3.21
C TRP A 41 9.66 -1.92 -1.93
N LYS A 42 8.72 -1.86 -0.99
CA LYS A 42 8.88 -2.56 0.29
C LYS A 42 7.65 -3.40 0.61
N VAL A 43 7.85 -4.46 1.39
CA VAL A 43 6.74 -5.34 1.77
C VAL A 43 6.13 -4.91 3.10
N LEU A 44 4.82 -4.68 3.08
CA LEU A 44 4.11 -4.27 4.29
C LEU A 44 3.68 -5.48 5.11
N SER A 45 3.72 -5.33 6.43
CA SER A 45 3.34 -6.41 7.33
C SER A 45 2.29 -5.93 8.34
N PRO A 46 1.63 -6.89 9.00
CA PRO A 46 0.60 -6.60 10.00
C PRO A 46 1.17 -5.98 11.27
N GLN A 47 2.49 -5.80 11.29
CA GLN A 47 3.17 -5.22 12.44
C GLN A 47 4.04 -4.04 12.02
N GLY A 48 3.51 -2.83 12.17
CA GLY A 48 4.25 -1.64 11.80
C GLY A 48 5.34 -1.30 12.81
N GLY A 49 5.12 -1.68 14.06
CA GLY A 49 6.11 -1.41 15.09
C GLY A 49 5.72 -0.23 15.97
N GLY A 50 6.72 0.40 16.59
CA GLY A 50 6.45 1.54 17.45
C GLY A 50 6.29 2.82 16.67
N PRO A 51 7.40 3.28 16.06
CA PRO A 51 7.39 4.53 15.27
C PRO A 51 6.61 4.39 13.97
N TRP A 52 5.40 4.93 13.96
CA TRP A 52 4.56 4.87 12.77
C TRP A 52 4.90 5.98 11.80
N ASP A 53 5.28 7.14 12.33
CA ASP A 53 5.65 8.27 11.50
C ASP A 53 6.84 7.96 10.61
N SER A 54 7.67 7.02 11.05
CA SER A 54 8.85 6.61 10.30
C SER A 54 8.45 5.89 9.02
N VAL A 55 7.51 4.95 9.13
CA VAL A 55 7.05 4.20 7.97
C VAL A 55 5.53 4.21 7.90
N ALA A 56 4.91 3.14 8.39
CA ALA A 56 3.45 3.03 8.37
C ALA A 56 2.98 1.88 9.26
N ARG A 57 1.67 1.81 9.47
CA ARG A 57 1.09 0.76 10.30
C ARG A 57 -0.04 0.04 9.57
N VAL A 58 -0.36 -1.17 10.03
CA VAL A 58 -1.42 -1.96 9.41
C VAL A 58 -2.59 -2.13 10.37
N LEU A 59 -3.81 -1.88 9.87
CA LEU A 59 -5.01 -2.00 10.67
C LEU A 59 -5.28 -3.46 11.03
N PRO A 60 -6.04 -3.68 12.11
CA PRO A 60 -6.40 -5.03 12.58
C PRO A 60 -7.36 -5.74 11.63
N ASN A 61 -8.08 -4.96 10.84
CA ASN A 61 -9.04 -5.52 9.88
C ASN A 61 -8.34 -5.93 8.59
N GLY A 62 -7.02 -5.75 8.55
CA GLY A 62 -6.26 -6.11 7.37
C GLY A 62 -6.08 -4.95 6.43
N SER A 63 -6.13 -3.73 6.96
CA SER A 63 -5.98 -2.54 6.15
C SER A 63 -4.62 -1.88 6.39
N LEU A 64 -4.38 -0.77 5.71
CA LEU A 64 -3.12 -0.05 5.85
C LEU A 64 -3.36 1.43 6.14
N PHE A 65 -2.72 1.93 7.19
CA PHE A 65 -2.86 3.33 7.57
C PHE A 65 -1.50 4.01 7.67
N LEU A 66 -1.37 5.18 7.05
CA LEU A 66 -0.12 5.93 7.07
C LEU A 66 -0.32 7.29 7.72
N PRO A 67 0.57 7.62 8.66
CA PRO A 67 0.52 8.91 9.38
C PRO A 67 0.88 10.08 8.49
N ALA A 68 1.80 9.86 7.56
CA ALA A 68 2.22 10.91 6.64
C ALA A 68 2.97 10.32 5.45
N VAL A 69 2.29 10.25 4.30
CA VAL A 69 2.89 9.71 3.09
C VAL A 69 3.90 10.68 2.49
N GLY A 70 5.16 10.24 2.41
CA GLY A 70 6.20 11.09 1.85
C GLY A 70 6.32 10.95 0.35
N ILE A 71 6.98 11.92 -0.28
CA ILE A 71 7.16 11.90 -1.72
C ILE A 71 7.84 10.62 -2.18
N GLN A 72 8.67 10.04 -1.30
CA GLN A 72 9.37 8.81 -1.61
C GLN A 72 8.43 7.61 -1.56
N ASP A 73 7.33 7.76 -0.84
CA ASP A 73 6.34 6.69 -0.73
C ASP A 73 5.42 6.66 -1.94
N GLU A 74 5.59 7.64 -2.83
CA GLU A 74 4.78 7.72 -4.05
C GLU A 74 5.02 6.50 -4.93
N GLY A 75 3.94 6.00 -5.53
CA GLY A 75 4.04 4.84 -6.40
C GLY A 75 2.74 4.07 -6.51
N ILE A 76 2.85 2.74 -6.51
CA ILE A 76 1.67 1.89 -6.59
C ILE A 76 1.66 0.86 -5.46
N PHE A 77 0.51 0.76 -4.78
CA PHE A 77 0.36 -0.18 -3.68
C PHE A 77 -0.46 -1.39 -4.10
N ARG A 78 0.08 -2.58 -3.84
CA ARG A 78 -0.61 -3.82 -4.20
C ARG A 78 -0.74 -4.74 -2.98
N CYS A 79 -1.96 -5.17 -2.70
CA CYS A 79 -2.22 -6.05 -1.57
C CYS A 79 -2.64 -7.43 -2.04
N GLN A 80 -2.40 -8.44 -1.21
CA GLN A 80 -2.75 -9.81 -1.54
C GLN A 80 -3.31 -10.55 -0.32
N ALA A 81 -4.40 -11.27 -0.53
CA ALA A 81 -5.02 -12.03 0.56
C ALA A 81 -5.35 -13.45 0.13
N MET A 82 -5.59 -14.33 1.10
CA MET A 82 -5.91 -15.72 0.82
C MET A 82 -7.16 -16.15 1.57
N ASN A 83 -8.16 -16.64 0.83
CA ASN A 83 -9.41 -17.08 1.43
C ASN A 83 -9.32 -18.56 1.84
N ARG A 84 -10.34 -19.02 2.55
CA ARG A 84 -10.38 -20.41 3.00
C ARG A 84 -10.63 -21.36 1.83
N ASN A 85 -11.14 -20.82 0.73
CA ASN A 85 -11.43 -21.62 -0.46
C ASN A 85 -10.14 -22.00 -1.17
N GLY A 86 -9.07 -21.26 -0.90
CA GLY A 86 -7.79 -21.54 -1.53
C GLY A 86 -7.40 -20.48 -2.54
N LYS A 87 -8.36 -19.67 -2.93
CA LYS A 87 -8.11 -18.60 -3.91
C LYS A 87 -7.58 -17.35 -3.22
N GLU A 88 -6.71 -16.62 -3.92
CA GLU A 88 -6.13 -15.40 -3.37
C GLU A 88 -6.75 -14.16 -4.01
N THR A 89 -6.91 -13.11 -3.22
CA THR A 89 -7.49 -11.87 -3.71
C THR A 89 -6.42 -10.82 -3.98
N LYS A 90 -6.42 -10.27 -5.19
CA LYS A 90 -5.44 -9.25 -5.56
C LYS A 90 -6.08 -7.86 -5.55
N SER A 91 -5.30 -6.87 -5.13
CA SER A 91 -5.78 -5.49 -5.06
C SER A 91 -4.68 -4.51 -5.43
N ASN A 92 -4.97 -3.63 -6.39
CA ASN A 92 -4.00 -2.64 -6.84
C ASN A 92 -4.56 -1.23 -6.68
N TYR A 93 -3.82 -0.40 -5.95
CA TYR A 93 -4.23 0.98 -5.72
C TYR A 93 -3.11 1.96 -6.07
N ARG A 94 -3.43 2.93 -6.92
CA ARG A 94 -2.45 3.93 -7.34
C ARG A 94 -2.38 5.07 -6.33
N VAL A 95 -1.16 5.42 -5.93
CA VAL A 95 -0.94 6.50 -4.96
C VAL A 95 -0.09 7.61 -5.57
N ARG A 96 -0.53 8.85 -5.37
CA ARG A 96 0.20 10.00 -5.89
C ARG A 96 0.38 11.07 -4.81
N VAL A 97 1.61 11.52 -4.62
CA VAL A 97 1.92 12.54 -3.63
C VAL A 97 1.96 13.93 -4.26
N TYR A 98 2.30 14.92 -3.44
CA TYR A 98 2.38 16.29 -3.91
C TYR A 98 3.43 16.44 -5.00
N GLN A 99 4.69 16.51 -4.60
CA GLN A 99 5.80 16.65 -5.54
C GLN A 99 6.01 15.36 -6.32
N ILE A 100 6.37 15.50 -7.60
CA ILE A 100 6.60 14.35 -8.46
C ILE A 100 8.02 14.34 -9.00
N PRO A 101 8.50 13.17 -9.43
CA PRO A 101 9.84 13.00 -9.99
C PRO A 101 9.99 13.67 -11.35
N GLY A 102 10.87 14.67 -11.42
CA GLY A 102 11.09 15.38 -12.67
C GLY A 102 12.47 16.00 -12.74
N LYS A 103 13.42 15.44 -11.99
CA LYS A 103 14.78 15.94 -11.98
C LYS A 103 15.76 14.82 -11.64
N PRO A 104 17.05 15.04 -11.98
CA PRO A 104 18.11 14.06 -11.72
C PRO A 104 18.43 13.93 -10.24
N GLU A 105 18.63 12.70 -9.78
CA GLU A 105 18.94 12.44 -8.39
C GLU A 105 20.45 12.31 -8.18
N ASP B 1 9.44 1.13 -13.87
CA ASP B 1 7.98 1.20 -13.88
C ASP B 1 7.41 0.81 -12.52
N GLU B 2 6.25 1.37 -12.19
CA GLU B 2 5.60 1.10 -10.92
C GLU B 2 5.08 -0.34 -10.88
N PHE B 3 4.29 -0.65 -9.85
CA PHE B 3 3.74 -1.99 -9.70
C PHE B 3 2.76 -2.31 -10.81
N KPI B 4 1.97 -3.27 -10.62
CA KPI B 4 0.99 -3.69 -11.59
CB KPI B 4 -0.03 -4.66 -10.93
CG KPI B 4 0.44 -6.11 -11.14
CD KPI B 4 -0.78 -7.02 -11.42
CE KPI B 4 -1.86 -6.77 -10.35
NZ KPI B 4 -2.99 -6.04 -10.93
CX1 KPI B 4 -4.29 -6.48 -10.27
C1 KPI B 4 -5.48 -5.85 -11.01
CX2 KPI B 4 -4.42 -6.22 -8.77
O1 KPI B 4 -5.84 -6.48 -8.33
O2 KPI B 4 -3.49 -7.13 -8.01
C KPI B 4 0.27 -2.48 -12.09
O KPI B 4 0.51 -2.00 -13.18
H KPI B 4 1.92 -3.89 -9.75
HA KPI B 4 1.46 -4.21 -12.45
HB KPI B 4 -0.08 -4.46 -9.96
HBA KPI B 4 -0.92 -4.53 -11.35
HG KPI B 4 1.07 -6.16 -11.91
HGA KPI B 4 0.91 -6.43 -10.31
HD KPI B 4 -1.16 -6.79 -12.32
HDA KPI B 4 -0.51 -7.97 -11.40
HE KPI B 4 -2.18 -7.65 -9.99
HEA KPI B 4 -1.47 -6.23 -9.59
H1C KPI B 4 -6.41 -6.29 -10.64
H1A KPI B 4 -5.39 -6.04 -12.08
H1B KPI B 4 -5.49 -4.78 -10.82
HZ KPI B 4 -2.85 -4.99 -10.78
HX1 KPI B 4 -4.36 -7.56 -10.32
N ALA B 5 -0.63 -1.97 -11.25
CA ALA B 5 -1.40 -0.77 -11.60
C ALA B 5 -1.98 -0.89 -13.00
N ASP B 6 -1.28 -0.32 -13.98
CA ASP B 6 -1.71 -0.37 -15.36
C ASP B 6 -3.03 0.39 -15.54
N GLU B 7 -2.96 1.57 -16.15
CA GLU B 7 -4.14 2.39 -16.38
C GLU B 7 -4.04 3.15 -17.69
N GLY A 1 -11.20 -2.84 -5.94
CA GLY A 1 -9.87 -2.32 -5.71
C GLY A 1 -8.95 -2.53 -6.89
N SER A 2 -9.52 -2.86 -8.04
CA SER A 2 -8.75 -3.10 -9.25
C SER A 2 -8.03 -1.84 -9.71
N ALA A 3 -6.79 -1.68 -9.24
CA ALA A 3 -5.99 -0.51 -9.60
C ALA A 3 -6.76 0.79 -9.33
N GLN A 4 -6.88 1.14 -8.06
CA GLN A 4 -7.60 2.35 -7.67
C GLN A 4 -6.64 3.53 -7.54
N ASN A 5 -7.00 4.67 -8.13
CA ASN A 5 -6.18 5.86 -8.08
C ASN A 5 -6.54 6.73 -6.88
N ILE A 6 -5.56 6.96 -6.01
CA ILE A 6 -5.78 7.77 -4.81
C ILE A 6 -4.77 8.90 -4.73
N THR A 7 -5.26 10.14 -4.67
CA THR A 7 -4.42 11.31 -4.59
C THR A 7 -4.21 11.75 -3.15
N ALA A 8 -3.01 12.20 -2.82
CA ALA A 8 -2.69 12.66 -1.48
C ALA A 8 -1.67 13.78 -1.50
N ARG A 9 -1.49 14.45 -0.37
CA ARG A 9 -0.54 15.55 -0.26
C ARG A 9 0.53 15.24 0.78
N ILE A 10 1.72 15.77 0.57
CA ILE A 10 2.83 15.56 1.48
C ILE A 10 2.44 15.90 2.92
N GLY A 11 2.53 14.92 3.81
CA GLY A 11 2.17 15.14 5.20
C GLY A 11 0.70 14.90 5.46
N GLU A 12 0.00 14.34 4.48
CA GLU A 12 -1.42 14.07 4.61
C GLU A 12 -1.67 12.58 4.87
N PRO A 13 -2.61 12.29 5.78
CA PRO A 13 -2.96 10.91 6.14
C PRO A 13 -3.69 10.19 5.01
N LEU A 14 -3.41 8.91 4.86
CA LEU A 14 -4.05 8.10 3.82
C LEU A 14 -4.30 6.67 4.31
N VAL A 15 -5.43 6.11 3.91
CA VAL A 15 -5.78 4.75 4.30
C VAL A 15 -6.09 3.89 3.09
N LEU A 16 -5.80 2.60 3.19
CA LEU A 16 -6.04 1.66 2.09
C LEU A 16 -6.68 0.38 2.60
N LYS A 17 -7.52 -0.22 1.77
CA LYS A 17 -8.20 -1.46 2.13
C LYS A 17 -7.71 -2.63 1.29
N CYS A 18 -7.76 -3.83 1.86
CA CYS A 18 -7.32 -5.03 1.16
C CYS A 18 -8.51 -5.89 0.73
N LYS A 19 -8.89 -5.77 -0.54
CA LYS A 19 -10.01 -6.53 -1.08
C LYS A 19 -9.82 -8.02 -0.83
N GLY A 20 -10.81 -8.64 -0.19
CA GLY A 20 -10.74 -10.06 0.09
C GLY A 20 -10.92 -10.37 1.57
N ALA A 21 -10.31 -9.56 2.42
CA ALA A 21 -10.40 -9.75 3.86
C ALA A 21 -11.57 -8.95 4.45
N PRO A 22 -12.41 -9.63 5.22
CA PRO A 22 -13.59 -9.00 5.86
C PRO A 22 -13.19 -8.02 6.96
N LYS A 23 -14.16 -7.65 7.79
CA LYS A 23 -13.92 -6.72 8.88
C LYS A 23 -12.70 -7.15 9.70
N LYS A 24 -12.66 -8.42 10.07
CA LYS A 24 -11.56 -8.96 10.86
C LYS A 24 -10.68 -9.87 9.99
N PRO A 25 -9.39 -9.95 10.36
CA PRO A 25 -8.42 -10.78 9.64
C PRO A 25 -8.67 -12.27 9.83
N PRO A 26 -9.13 -12.93 8.76
CA PRO A 26 -9.43 -14.37 8.78
C PRO A 26 -8.16 -15.22 8.88
N GLN A 27 -7.55 -15.50 7.73
CA GLN A 27 -6.33 -16.30 7.69
C GLN A 27 -5.11 -15.42 7.47
N ARG A 28 -3.94 -16.05 7.39
CA ARG A 28 -2.69 -15.33 7.17
C ARG A 28 -2.69 -14.65 5.81
N LEU A 29 -2.21 -13.40 5.79
CA LEU A 29 -2.15 -12.64 4.54
C LEU A 29 -0.81 -11.92 4.41
N GLU A 30 -0.46 -11.54 3.19
CA GLU A 30 0.79 -10.85 2.93
C GLU A 30 0.53 -9.48 2.28
N TRP A 31 1.38 -8.51 2.63
CA TRP A 31 1.24 -7.16 2.10
C TRP A 31 2.56 -6.66 1.52
N LYS A 32 2.49 -6.03 0.36
CA LYS A 32 3.68 -5.50 -0.30
C LYS A 32 3.40 -4.14 -0.94
N LEU A 33 4.35 -3.23 -0.81
CA LEU A 33 4.22 -1.89 -1.37
C LEU A 33 5.51 -1.44 -2.04
N ASN A 34 5.38 -0.85 -3.22
CA ASN A 34 6.54 -0.36 -3.96
C ASN A 34 6.52 1.16 -4.08
N THR A 35 7.57 1.79 -3.58
CA THR A 35 7.68 3.25 -3.63
C THR A 35 9.09 3.68 -4.02
N GLY A 36 9.29 4.99 -4.10
CA GLY A 36 10.60 5.52 -4.46
C GLY A 36 10.88 5.40 -5.95
N ARG A 37 12.04 4.84 -6.29
CA ARG A 37 12.43 4.67 -7.68
C ARG A 37 12.47 3.19 -8.05
N THR A 38 12.93 2.36 -7.13
CA THR A 38 13.02 0.92 -7.36
C THR A 38 13.58 0.20 -6.14
N GLU A 39 14.46 0.88 -5.41
CA GLU A 39 15.08 0.30 -4.22
C GLU A 39 14.44 0.86 -2.96
N ALA A 40 13.15 1.14 -3.02
CA ALA A 40 12.42 1.68 -1.88
C ALA A 40 11.24 0.78 -1.51
N TRP A 41 10.99 -0.23 -2.34
CA TRP A 41 9.89 -1.15 -2.09
C TRP A 41 10.15 -1.98 -0.83
N LYS A 42 9.14 -2.08 0.03
CA LYS A 42 9.26 -2.84 1.27
C LYS A 42 8.07 -3.78 1.44
N VAL A 43 8.26 -4.81 2.25
CA VAL A 43 7.19 -5.78 2.50
C VAL A 43 6.42 -5.43 3.77
N LEU A 44 5.12 -5.22 3.61
CA LEU A 44 4.25 -4.88 4.74
C LEU A 44 3.64 -6.12 5.36
N SER A 45 3.43 -6.09 6.67
CA SER A 45 2.85 -7.22 7.38
C SER A 45 1.60 -6.80 8.15
N PRO A 46 0.69 -7.75 8.37
CA PRO A 46 -0.56 -7.51 9.11
C PRO A 46 -0.32 -7.24 10.59
N GLN A 47 0.95 -7.29 11.00
CA GLN A 47 1.30 -7.05 12.40
C GLN A 47 2.53 -6.15 12.50
N GLY A 48 2.35 -4.88 12.19
CA GLY A 48 3.45 -3.94 12.26
C GLY A 48 4.32 -3.97 11.01
N GLY A 49 3.82 -3.40 9.92
CA GLY A 49 4.57 -3.38 8.68
C GLY A 49 5.66 -2.33 8.68
N GLY A 50 6.58 -2.43 9.65
CA GLY A 50 7.66 -1.48 9.73
C GLY A 50 7.34 -0.30 10.63
N PRO A 51 8.30 0.62 10.80
CA PRO A 51 8.14 1.80 11.64
C PRO A 51 7.15 2.80 11.05
N TRP A 52 5.97 2.88 11.65
CA TRP A 52 4.93 3.80 11.19
C TRP A 52 5.46 5.22 11.11
N ASP A 53 6.36 5.56 12.02
CA ASP A 53 6.95 6.90 12.04
C ASP A 53 7.77 7.16 10.78
N SER A 54 8.33 6.09 10.21
CA SER A 54 9.14 6.20 9.01
C SER A 54 8.27 6.02 7.75
N VAL A 55 7.39 5.03 7.79
CA VAL A 55 6.50 4.76 6.67
C VAL A 55 5.04 4.77 7.10
N ALA A 56 4.49 3.59 7.34
CA ALA A 56 3.11 3.46 7.76
C ALA A 56 2.89 2.20 8.59
N ARG A 57 1.68 2.04 9.12
CA ARG A 57 1.34 0.88 9.94
C ARG A 57 0.15 0.14 9.36
N VAL A 58 -0.05 -1.10 9.81
CA VAL A 58 -1.16 -1.91 9.32
C VAL A 58 -2.23 -2.06 10.40
N LEU A 59 -3.48 -1.80 10.02
CA LEU A 59 -4.60 -1.90 10.94
C LEU A 59 -4.87 -3.36 11.32
N PRO A 60 -5.55 -3.56 12.46
CA PRO A 60 -5.88 -4.89 12.95
C PRO A 60 -6.94 -5.58 12.09
N ASN A 61 -7.70 -4.79 11.35
CA ASN A 61 -8.75 -5.32 10.48
C ASN A 61 -8.17 -5.76 9.15
N GLY A 62 -6.86 -5.61 8.99
CA GLY A 62 -6.20 -5.99 7.76
C GLY A 62 -6.12 -4.85 6.76
N SER A 63 -6.08 -3.62 7.27
CA SER A 63 -6.02 -2.44 6.43
C SER A 63 -4.67 -1.74 6.57
N LEU A 64 -4.51 -0.63 5.85
CA LEU A 64 -3.26 0.13 5.90
C LEU A 64 -3.54 1.60 6.17
N PHE A 65 -2.85 2.15 7.16
CA PHE A 65 -3.02 3.56 7.52
C PHE A 65 -1.67 4.28 7.51
N LEU A 66 -1.66 5.47 6.91
CA LEU A 66 -0.44 6.27 6.83
C LEU A 66 -0.59 7.57 7.64
N PRO A 67 0.35 7.79 8.58
CA PRO A 67 0.35 8.98 9.42
C PRO A 67 0.70 10.25 8.64
N ALA A 68 1.53 10.10 7.62
CA ALA A 68 1.94 11.23 6.79
C ALA A 68 2.59 10.76 5.50
N VAL A 69 1.83 10.79 4.41
CA VAL A 69 2.33 10.37 3.11
C VAL A 69 3.34 11.37 2.55
N GLY A 70 4.58 10.95 2.43
CA GLY A 70 5.62 11.83 1.91
C GLY A 70 5.86 11.63 0.43
N ILE A 71 6.44 12.63 -0.21
CA ILE A 71 6.72 12.57 -1.63
C ILE A 71 7.53 11.32 -1.99
N GLN A 72 8.36 10.88 -1.05
CA GLN A 72 9.19 9.70 -1.25
C GLN A 72 8.36 8.42 -1.09
N ASP A 73 7.24 8.53 -0.38
CA ASP A 73 6.37 7.39 -0.16
C ASP A 73 5.55 7.08 -1.41
N GLU A 74 5.70 7.92 -2.43
CA GLU A 74 4.97 7.74 -3.68
C GLU A 74 5.26 6.37 -4.28
N GLY A 75 4.23 5.77 -4.88
CA GLY A 75 4.39 4.46 -5.49
C GLY A 75 3.07 3.74 -5.67
N ILE A 76 3.09 2.42 -5.58
CA ILE A 76 1.89 1.62 -5.74
C ILE A 76 1.75 0.60 -4.61
N PHE A 77 0.55 0.45 -4.08
CA PHE A 77 0.29 -0.48 -2.99
C PHE A 77 -0.38 -1.75 -3.52
N ARG A 78 0.20 -2.89 -3.18
CA ARG A 78 -0.34 -4.18 -3.61
C ARG A 78 -0.60 -5.09 -2.42
N CYS A 79 -1.82 -5.62 -2.34
CA CYS A 79 -2.20 -6.51 -1.25
C CYS A 79 -2.69 -7.84 -1.79
N GLN A 80 -2.47 -8.90 -1.01
CA GLN A 80 -2.88 -10.25 -1.40
C GLN A 80 -3.41 -11.03 -0.21
N ALA A 81 -4.55 -11.69 -0.40
CA ALA A 81 -5.15 -12.49 0.66
C ALA A 81 -5.55 -13.87 0.16
N MET A 82 -5.79 -14.78 1.09
CA MET A 82 -6.18 -16.15 0.74
C MET A 82 -7.41 -16.59 1.53
N ASN A 83 -8.44 -17.02 0.81
CA ASN A 83 -9.68 -17.46 1.45
C ASN A 83 -9.60 -18.94 1.81
N ARG A 84 -10.60 -19.42 2.55
CA ARG A 84 -10.65 -20.81 2.97
C ARG A 84 -10.92 -21.73 1.78
N ASN A 85 -11.44 -21.15 0.70
CA ASN A 85 -11.75 -21.92 -0.51
C ASN A 85 -10.47 -22.30 -1.24
N GLY A 86 -9.39 -21.59 -0.97
CA GLY A 86 -8.13 -21.88 -1.62
C GLY A 86 -7.75 -20.82 -2.63
N LYS A 87 -8.70 -19.97 -2.98
CA LYS A 87 -8.45 -18.90 -3.94
C LYS A 87 -7.86 -17.67 -3.26
N GLU A 88 -7.00 -16.96 -3.97
CA GLU A 88 -6.37 -15.76 -3.43
C GLU A 88 -6.98 -14.49 -4.05
N THR A 89 -7.06 -13.44 -3.25
CA THR A 89 -7.63 -12.18 -3.71
C THR A 89 -6.53 -11.18 -4.01
N LYS A 90 -6.64 -10.52 -5.16
CA LYS A 90 -5.65 -9.52 -5.58
C LYS A 90 -6.16 -8.11 -5.30
N SER A 91 -5.24 -7.24 -4.89
CA SER A 91 -5.59 -5.85 -4.58
C SER A 91 -4.48 -4.91 -5.00
N ASN A 92 -4.79 -3.97 -5.88
CA ASN A 92 -3.82 -2.99 -6.36
C ASN A 92 -4.35 -1.57 -6.22
N TYR A 93 -3.65 -0.75 -5.45
CA TYR A 93 -4.05 0.64 -5.24
C TYR A 93 -2.89 1.59 -5.49
N ARG A 94 -3.07 2.49 -6.46
CA ARG A 94 -2.04 3.45 -6.80
C ARG A 94 -2.15 4.70 -5.93
N VAL A 95 -1.00 5.16 -5.42
CA VAL A 95 -0.96 6.35 -4.57
C VAL A 95 -0.10 7.43 -5.18
N ARG A 96 -0.58 8.68 -5.13
CA ARG A 96 0.17 9.81 -5.68
C ARG A 96 0.22 10.96 -4.68
N VAL A 97 1.36 11.65 -4.64
CA VAL A 97 1.54 12.77 -3.72
C VAL A 97 1.49 14.10 -4.47
N TYR A 98 1.73 15.18 -3.74
CA TYR A 98 1.71 16.51 -4.33
C TYR A 98 2.88 16.69 -5.30
N GLN A 99 4.06 16.99 -4.76
CA GLN A 99 5.25 17.19 -5.58
C GLN A 99 5.61 15.91 -6.32
N ILE A 100 6.14 16.07 -7.53
CA ILE A 100 6.52 14.92 -8.35
C ILE A 100 8.00 14.99 -8.72
N PRO A 101 8.58 13.84 -9.08
CA PRO A 101 9.99 13.74 -9.46
C PRO A 101 10.28 14.42 -10.80
N GLY A 102 11.17 15.41 -10.77
CA GLY A 102 11.52 16.13 -11.98
C GLY A 102 12.81 15.63 -12.60
N LYS A 103 13.74 15.17 -11.75
CA LYS A 103 15.01 14.67 -12.22
C LYS A 103 15.70 15.68 -13.13
N PRO A 104 16.16 16.79 -12.54
CA PRO A 104 16.85 17.85 -13.28
C PRO A 104 18.22 17.43 -13.76
N GLU A 105 18.84 18.26 -14.59
CA GLU A 105 20.16 17.97 -15.14
C GLU A 105 21.06 19.21 -15.11
N ASP B 1 9.26 0.51 -13.33
CA ASP B 1 7.85 0.59 -13.71
C ASP B 1 6.95 0.57 -12.49
N GLU B 2 5.65 0.75 -12.71
CA GLU B 2 4.68 0.74 -11.61
C GLU B 2 4.11 -0.66 -11.40
N PHE B 3 3.43 -0.86 -10.28
CA PHE B 3 2.84 -2.15 -9.96
C PHE B 3 1.74 -2.51 -10.95
N KPI B 4 0.93 -3.38 -10.59
CA KPI B 4 -0.17 -3.84 -11.42
CB KPI B 4 -1.23 -4.56 -10.56
CG KPI B 4 -2.30 -5.21 -11.46
CD KPI B 4 -3.04 -6.32 -10.69
CE KPI B 4 -2.08 -7.49 -10.41
NZ KPI B 4 -2.34 -8.05 -9.08
CX1 KPI B 4 -1.17 -8.91 -8.65
C1 KPI B 4 -0.91 -10.00 -9.70
CX2 KPI B 4 -1.48 -9.56 -7.29
O1 KPI B 4 -0.20 -9.99 -6.64
O2 KPI B 4 -2.19 -8.58 -6.41
C KPI B 4 -0.78 -2.64 -12.05
O KPI B 4 -1.14 -2.65 -13.23
H KPI B 4 0.92 -3.91 -9.65
HA KPI B 4 0.18 -4.52 -12.21
HB KPI B 4 -0.79 -5.27 -10.01
HBA KPI B 4 -1.67 -3.90 -9.95
HG KPI B 4 -2.94 -4.52 -11.77
HGA KPI B 4 -1.84 -5.61 -12.26
HD KPI B 4 -3.37 -5.94 -9.82
HDA KPI B 4 -3.82 -6.64 -11.22
HE KPI B 4 -2.23 -8.20 -11.10
HEA KPI B 4 -1.14 -7.17 -10.46
H1C KPI B 4 -0.07 -10.62 -9.39
H1A KPI B 4 -0.69 -9.54 -10.66
H1B KPI B 4 -1.81 -10.62 -9.79
HZ KPI B 4 -2.47 -7.24 -8.38
HX1 KPI B 4 -0.28 -8.28 -8.56
N ALA B 5 -0.93 -1.58 -11.27
CA ALA B 5 -1.50 -0.33 -11.76
C ALA B 5 -0.99 0.01 -13.15
N ASP B 6 -1.77 0.77 -13.91
CA ASP B 6 -1.39 1.16 -15.25
C ASP B 6 -1.85 2.59 -15.55
N GLU B 7 -1.86 2.94 -16.84
CA GLU B 7 -2.28 4.28 -17.25
C GLU B 7 -2.32 4.38 -18.77
N GLY A 1 -11.39 -3.28 -10.19
CA GLY A 1 -10.41 -2.85 -9.21
C GLY A 1 -8.99 -3.22 -9.61
N SER A 2 -8.18 -3.59 -8.63
CA SER A 2 -6.80 -3.98 -8.88
C SER A 2 -6.03 -2.82 -9.53
N ALA A 3 -6.55 -1.61 -9.37
CA ALA A 3 -5.91 -0.43 -9.94
C ALA A 3 -6.71 0.83 -9.62
N GLN A 4 -6.83 1.14 -8.33
CA GLN A 4 -7.57 2.32 -7.89
C GLN A 4 -6.64 3.53 -7.75
N ASN A 5 -7.07 4.66 -8.28
CA ASN A 5 -6.27 5.89 -8.21
C ASN A 5 -6.62 6.68 -6.95
N ILE A 6 -5.62 6.92 -6.11
CA ILE A 6 -5.83 7.67 -4.88
C ILE A 6 -4.87 8.86 -4.80
N THR A 7 -5.44 10.06 -4.67
CA THR A 7 -4.64 11.28 -4.59
C THR A 7 -4.39 11.67 -3.13
N ALA A 8 -3.17 12.13 -2.85
CA ALA A 8 -2.80 12.54 -1.51
C ALA A 8 -1.78 13.67 -1.54
N ARG A 9 -1.56 14.29 -0.38
CA ARG A 9 -0.61 15.39 -0.28
C ARG A 9 0.47 15.07 0.74
N ILE A 10 1.67 15.61 0.51
CA ILE A 10 2.79 15.38 1.42
C ILE A 10 2.41 15.71 2.85
N GLY A 11 2.52 14.71 3.73
CA GLY A 11 2.19 14.92 5.13
C GLY A 11 0.72 14.70 5.42
N GLU A 12 0.01 14.15 4.43
CA GLU A 12 -1.43 13.88 4.59
C GLU A 12 -1.68 12.40 4.85
N PRO A 13 -2.62 12.11 5.77
CA PRO A 13 -2.97 10.74 6.14
C PRO A 13 -3.70 10.01 5.01
N LEU A 14 -3.42 8.73 4.86
CA LEU A 14 -4.05 7.92 3.83
C LEU A 14 -4.28 6.49 4.31
N VAL A 15 -5.40 5.90 3.90
CA VAL A 15 -5.74 4.54 4.29
C VAL A 15 -6.04 3.67 3.08
N LEU A 16 -5.71 2.40 3.16
CA LEU A 16 -5.95 1.46 2.07
C LEU A 16 -6.63 0.19 2.57
N LYS A 17 -7.42 -0.43 1.71
CA LYS A 17 -8.12 -1.66 2.06
C LYS A 17 -7.57 -2.85 1.27
N CYS A 18 -7.66 -4.04 1.86
CA CYS A 18 -7.18 -5.25 1.22
C CYS A 18 -8.33 -6.12 0.75
N LYS A 19 -8.63 -6.05 -0.55
CA LYS A 19 -9.71 -6.83 -1.13
C LYS A 19 -9.55 -8.31 -0.81
N GLY A 20 -10.58 -8.90 -0.22
CA GLY A 20 -10.54 -10.31 0.12
C GLY A 20 -10.81 -10.56 1.60
N ALA A 21 -10.22 -9.73 2.45
CA ALA A 21 -10.40 -9.87 3.89
C ALA A 21 -11.57 -9.02 4.38
N PRO A 22 -12.48 -9.63 5.15
CA PRO A 22 -13.66 -8.94 5.69
C PRO A 22 -13.30 -7.93 6.76
N LYS A 23 -14.28 -7.55 7.56
CA LYS A 23 -14.07 -6.59 8.64
C LYS A 23 -12.85 -6.97 9.47
N LYS A 24 -12.76 -8.23 9.84
CA LYS A 24 -11.64 -8.72 10.64
C LYS A 24 -10.70 -9.56 9.79
N PRO A 25 -9.49 -9.80 10.30
CA PRO A 25 -8.47 -10.60 9.60
C PRO A 25 -8.84 -12.08 9.54
N PRO A 26 -9.17 -12.56 8.33
CA PRO A 26 -9.54 -13.95 8.11
C PRO A 26 -8.35 -14.90 8.27
N GLN A 27 -7.68 -15.17 7.17
CA GLN A 27 -6.52 -16.06 7.18
C GLN A 27 -5.22 -15.28 7.01
N ARG A 28 -4.11 -16.00 6.94
CA ARG A 28 -2.80 -15.36 6.78
C ARG A 28 -2.71 -14.64 5.44
N LEU A 29 -2.24 -13.39 5.48
CA LEU A 29 -2.11 -12.59 4.27
C LEU A 29 -0.81 -11.80 4.28
N GLU A 30 -0.34 -11.42 3.09
CA GLU A 30 0.90 -10.65 2.97
C GLU A 30 0.65 -9.33 2.27
N TRP A 31 1.39 -8.30 2.67
CA TRP A 31 1.25 -6.97 2.08
C TRP A 31 2.56 -6.51 1.46
N LYS A 32 2.46 -5.81 0.34
CA LYS A 32 3.65 -5.31 -0.36
C LYS A 32 3.34 -3.99 -1.07
N LEU A 33 4.25 -3.04 -0.94
CA LEU A 33 4.07 -1.73 -1.58
C LEU A 33 5.40 -1.21 -2.12
N ASN A 34 5.36 -0.64 -3.32
CA ASN A 34 6.56 -0.09 -3.95
C ASN A 34 6.49 1.42 -4.04
N THR A 35 7.52 2.10 -3.52
CA THR A 35 7.56 3.55 -3.54
C THR A 35 8.97 4.05 -3.88
N GLY A 36 9.14 5.37 -3.91
CA GLY A 36 10.43 5.95 -4.21
C GLY A 36 10.77 5.86 -5.69
N ARG A 37 11.94 5.32 -6.00
CA ARG A 37 12.38 5.19 -7.38
C ARG A 37 12.44 3.71 -7.79
N THR A 38 12.89 2.87 -6.87
CA THR A 38 13.00 1.44 -7.14
C THR A 38 13.56 0.70 -5.93
N GLU A 39 14.38 1.38 -5.15
CA GLU A 39 14.99 0.79 -3.96
C GLU A 39 14.27 1.25 -2.70
N ALA A 40 12.96 1.47 -2.80
CA ALA A 40 12.17 1.92 -1.67
C ALA A 40 11.03 0.95 -1.38
N TRP A 41 10.85 -0.03 -2.27
CA TRP A 41 9.79 -1.01 -2.11
C TRP A 41 10.08 -1.95 -0.94
N LYS A 42 9.10 -2.10 -0.06
CA LYS A 42 9.26 -2.97 1.11
C LYS A 42 7.99 -3.80 1.34
N VAL A 43 8.14 -4.90 2.06
CA VAL A 43 7.02 -5.78 2.35
C VAL A 43 6.33 -5.38 3.65
N LEU A 44 5.03 -5.08 3.55
CA LEU A 44 4.25 -4.68 4.71
C LEU A 44 3.64 -5.88 5.42
N SER A 45 3.57 -5.82 6.74
CA SER A 45 3.01 -6.92 7.53
C SER A 45 1.91 -6.41 8.45
N PRO A 46 0.96 -7.30 8.78
CA PRO A 46 -0.17 -6.97 9.66
C PRO A 46 0.28 -6.76 11.11
N GLN A 47 1.58 -6.85 11.34
CA GLN A 47 2.13 -6.66 12.68
C GLN A 47 3.05 -5.44 12.74
N GLY A 48 2.46 -4.26 12.63
CA GLY A 48 3.24 -3.03 12.67
C GLY A 48 3.67 -2.58 11.29
N GLY A 49 3.99 -3.54 10.42
CA GLY A 49 4.42 -3.21 9.08
C GLY A 49 5.53 -2.19 9.05
N GLY A 50 6.64 -2.51 9.72
CA GLY A 50 7.77 -1.60 9.76
C GLY A 50 7.54 -0.43 10.69
N PRO A 51 8.51 0.51 10.73
CA PRO A 51 8.42 1.70 11.58
C PRO A 51 7.36 2.69 11.09
N TRP A 52 6.26 2.77 11.82
CA TRP A 52 5.18 3.67 11.45
C TRP A 52 5.67 5.11 11.36
N ASP A 53 6.63 5.46 12.21
CA ASP A 53 7.21 6.80 12.22
C ASP A 53 7.98 7.07 10.94
N SER A 54 8.49 6.00 10.32
CA SER A 54 9.26 6.12 9.10
C SER A 54 8.36 6.02 7.87
N VAL A 55 7.44 5.07 7.90
CA VAL A 55 6.51 4.86 6.80
C VAL A 55 5.06 4.87 7.29
N ALA A 56 4.50 3.68 7.48
CA ALA A 56 3.13 3.55 7.95
C ALA A 56 2.92 2.22 8.66
N ARG A 57 1.72 2.03 9.21
CA ARG A 57 1.40 0.80 9.92
C ARG A 57 0.25 0.06 9.24
N VAL A 58 0.12 -1.23 9.55
CA VAL A 58 -0.92 -2.05 8.96
C VAL A 58 -2.01 -2.37 9.99
N LEU A 59 -3.27 -2.16 9.61
CA LEU A 59 -4.40 -2.43 10.49
C LEU A 59 -4.56 -3.93 10.71
N PRO A 60 -5.21 -4.29 11.83
CA PRO A 60 -5.46 -5.70 12.17
C PRO A 60 -6.48 -6.35 11.25
N ASN A 61 -7.31 -5.53 10.61
CA ASN A 61 -8.33 -6.03 9.69
C ASN A 61 -7.73 -6.33 8.32
N GLY A 62 -6.42 -6.10 8.19
CA GLY A 62 -5.76 -6.36 6.93
C GLY A 62 -5.67 -5.12 6.06
N SER A 63 -5.81 -3.95 6.68
CA SER A 63 -5.76 -2.69 5.94
C SER A 63 -4.43 -1.97 6.20
N LEU A 64 -4.28 -0.79 5.60
CA LEU A 64 -3.07 0.00 5.76
C LEU A 64 -3.40 1.44 6.12
N PHE A 65 -2.76 1.95 7.16
CA PHE A 65 -2.99 3.32 7.60
C PHE A 65 -1.67 4.11 7.65
N LEU A 66 -1.67 5.29 7.05
CA LEU A 66 -0.49 6.13 7.02
C LEU A 66 -0.74 7.45 7.75
N PRO A 67 0.14 7.78 8.71
CA PRO A 67 0.03 9.00 9.50
C PRO A 67 0.32 10.26 8.67
N ALA A 68 1.22 10.12 7.69
CA ALA A 68 1.57 11.23 6.82
C ALA A 68 2.42 10.76 5.65
N VAL A 69 1.78 10.60 4.49
CA VAL A 69 2.48 10.16 3.29
C VAL A 69 3.26 11.30 2.65
N GLY A 70 4.59 11.17 2.67
CA GLY A 70 5.44 12.20 2.10
C GLY A 70 5.69 11.99 0.62
N ILE A 71 6.35 12.94 -0.02
CA ILE A 71 6.65 12.85 -1.44
C ILE A 71 7.40 11.56 -1.76
N GLN A 72 8.21 11.10 -0.81
CA GLN A 72 8.97 9.88 -0.99
C GLN A 72 8.09 8.65 -0.82
N ASP A 73 6.97 8.82 -0.13
CA ASP A 73 6.03 7.73 0.11
C ASP A 73 5.24 7.41 -1.15
N GLU A 74 5.44 8.22 -2.19
CA GLU A 74 4.74 8.02 -3.45
C GLU A 74 5.06 6.65 -4.05
N GLY A 75 4.06 6.02 -4.65
CA GLY A 75 4.26 4.71 -5.25
C GLY A 75 2.96 3.96 -5.44
N ILE A 76 3.04 2.63 -5.41
CA ILE A 76 1.86 1.79 -5.58
C ILE A 76 1.79 0.72 -4.50
N PHE A 77 0.60 0.54 -3.92
CA PHE A 77 0.40 -0.45 -2.88
C PHE A 77 -0.33 -1.67 -3.43
N ARG A 78 0.19 -2.85 -3.11
CA ARG A 78 -0.41 -4.10 -3.56
C ARG A 78 -0.68 -5.04 -2.39
N CYS A 79 -1.88 -5.62 -2.37
CA CYS A 79 -2.26 -6.54 -1.30
C CYS A 79 -2.63 -7.91 -1.87
N GLN A 80 -2.37 -8.96 -1.10
CA GLN A 80 -2.66 -10.32 -1.52
C GLN A 80 -3.16 -11.16 -0.35
N ALA A 81 -4.31 -11.80 -0.53
CA ALA A 81 -4.89 -12.64 0.52
C ALA A 81 -5.32 -13.98 -0.04
N MET A 82 -5.52 -14.95 0.85
CA MET A 82 -5.93 -16.29 0.45
C MET A 82 -7.12 -16.76 1.27
N ASN A 83 -8.19 -17.17 0.59
CA ASN A 83 -9.40 -17.65 1.26
C ASN A 83 -9.30 -19.13 1.56
N ARG A 84 -10.26 -19.65 2.31
CA ARG A 84 -10.29 -21.06 2.68
C ARG A 84 -10.64 -21.92 1.47
N ASN A 85 -11.23 -21.30 0.46
CA ASN A 85 -11.62 -22.02 -0.75
C ASN A 85 -10.40 -22.35 -1.60
N GLY A 86 -9.31 -21.62 -1.37
CA GLY A 86 -8.09 -21.86 -2.13
C GLY A 86 -7.81 -20.74 -3.12
N LYS A 87 -8.77 -19.84 -3.29
CA LYS A 87 -8.62 -18.72 -4.22
C LYS A 87 -7.88 -17.56 -3.55
N GLU A 88 -7.10 -16.83 -4.34
CA GLU A 88 -6.35 -15.70 -3.83
C GLU A 88 -6.97 -14.39 -4.28
N THR A 89 -6.96 -13.39 -3.39
CA THR A 89 -7.52 -12.09 -3.70
C THR A 89 -6.43 -11.07 -4.01
N LYS A 90 -6.60 -10.36 -5.12
CA LYS A 90 -5.64 -9.35 -5.54
C LYS A 90 -6.16 -7.94 -5.28
N SER A 91 -5.26 -7.04 -4.87
CA SER A 91 -5.64 -5.67 -4.58
C SER A 91 -4.51 -4.70 -4.95
N ASN A 92 -4.82 -3.74 -5.81
CA ASN A 92 -3.83 -2.76 -6.25
C ASN A 92 -4.36 -1.33 -6.05
N TYR A 93 -3.63 -0.54 -5.28
CA TYR A 93 -4.02 0.84 -5.02
C TYR A 93 -2.87 1.80 -5.33
N ARG A 94 -3.10 2.70 -6.27
CA ARG A 94 -2.10 3.68 -6.66
C ARG A 94 -2.19 4.94 -5.79
N VAL A 95 -1.04 5.40 -5.32
CA VAL A 95 -1.00 6.61 -4.49
C VAL A 95 -0.13 7.69 -5.12
N ARG A 96 -0.63 8.93 -5.10
CA ARG A 96 0.10 10.04 -5.68
C ARG A 96 0.16 11.21 -4.70
N VAL A 97 1.35 11.77 -4.51
CA VAL A 97 1.54 12.89 -3.60
C VAL A 97 1.52 14.21 -4.35
N TYR A 98 1.75 15.30 -3.62
CA TYR A 98 1.76 16.63 -4.22
C TYR A 98 2.93 16.80 -5.17
N GLN A 99 4.12 17.03 -4.61
CA GLN A 99 5.33 17.21 -5.41
C GLN A 99 5.65 15.94 -6.18
N ILE A 100 6.12 16.10 -7.42
CA ILE A 100 6.47 14.96 -8.25
C ILE A 100 7.94 15.04 -8.68
N PRO A 101 8.49 13.88 -9.08
CA PRO A 101 9.88 13.77 -9.52
C PRO A 101 10.12 14.47 -10.86
N GLY A 102 11.39 14.61 -11.24
CA GLY A 102 11.72 15.25 -12.50
C GLY A 102 13.20 15.60 -12.60
N LYS A 103 13.93 14.85 -13.41
CA LYS A 103 15.35 15.07 -13.60
C LYS A 103 15.78 14.71 -15.01
N PRO A 104 16.94 15.24 -15.43
CA PRO A 104 17.49 14.97 -16.77
C PRO A 104 17.99 13.53 -16.92
N GLU A 105 17.20 12.72 -17.61
CA GLU A 105 17.55 11.32 -17.82
C GLU A 105 18.82 11.21 -18.67
N ASP B 1 6.92 -0.72 -14.89
CA ASP B 1 6.54 0.68 -14.78
C ASP B 1 6.21 1.04 -13.34
N GLU B 2 5.09 0.51 -12.84
CA GLU B 2 4.66 0.78 -11.48
C GLU B 2 3.68 -0.29 -11.00
N PHE B 3 4.20 -1.43 -10.57
CA PHE B 3 3.38 -2.54 -10.10
C PHE B 3 2.33 -2.92 -11.14
N KPI B 4 1.39 -3.63 -10.74
CA KPI B 4 0.32 -4.09 -11.61
CB KPI B 4 -0.79 -4.78 -10.77
CG KPI B 4 -1.92 -5.26 -11.71
CD KPI B 4 -2.95 -6.08 -10.90
CE KPI B 4 -2.29 -7.39 -10.41
NZ KPI B 4 -1.78 -7.21 -9.05
CX1 KPI B 4 -2.25 -8.37 -8.18
C1 KPI B 4 -1.88 -9.70 -8.86
CX2 KPI B 4 -3.71 -8.42 -7.70
O1 KPI B 4 -3.95 -9.70 -6.96
O2 KPI B 4 -3.98 -7.27 -6.80
C KPI B 4 -0.26 -2.90 -12.29
O KPI B 4 -0.62 -2.95 -13.47
H KPI B 4 1.23 -4.01 -9.75
HA KPI B 4 0.69 -4.80 -12.37
HB KPI B 4 -0.39 -5.57 -10.30
HBA KPI B 4 -1.15 -4.13 -10.11
HG KPI B 4 -2.37 -4.46 -12.11
HGA KPI B 4 -1.54 -5.83 -12.44
HD KPI B 4 -3.25 -5.55 -10.10
HDA KPI B 4 -3.74 -6.29 -11.48
HE KPI B 4 -2.97 -8.13 -10.42
HEA KPI B 4 -1.53 -7.63 -11.02
H1C KPI B 4 -1.99 -10.51 -8.14
H1A KPI B 4 -0.84 -9.67 -9.20
H1B KPI B 4 -2.53 -9.87 -9.71
HZ KPI B 4 -0.70 -7.20 -9.07
HX1 KPI B 4 -1.76 -8.31 -7.21
N ALA B 5 -0.33 -1.79 -11.56
CA ALA B 5 -0.87 -0.55 -12.11
C ALA B 5 -0.19 -0.19 -13.42
N ASP B 6 -0.98 -0.09 -14.48
CA ASP B 6 -0.44 0.25 -15.80
C ASP B 6 -1.12 1.50 -16.35
N GLU B 7 -1.17 2.55 -15.54
CA GLU B 7 -1.80 3.80 -15.95
C GLU B 7 -1.07 4.41 -17.14
N GLY A 1 -11.66 -5.83 -6.69
CA GLY A 1 -10.26 -5.47 -6.81
C GLY A 1 -9.93 -4.91 -8.19
N SER A 2 -9.24 -3.78 -8.21
CA SER A 2 -8.86 -3.15 -9.48
C SER A 2 -7.95 -1.95 -9.23
N ALA A 3 -7.22 -1.54 -10.27
CA ALA A 3 -6.30 -0.41 -10.16
C ALA A 3 -7.06 0.87 -9.81
N GLN A 4 -7.14 1.16 -8.52
CA GLN A 4 -7.84 2.36 -8.06
C GLN A 4 -6.87 3.53 -7.89
N ASN A 5 -7.24 4.69 -8.41
CA ASN A 5 -6.41 5.88 -8.31
C ASN A 5 -6.72 6.66 -7.04
N ILE A 6 -5.70 6.85 -6.21
CA ILE A 6 -5.85 7.58 -4.96
C ILE A 6 -4.88 8.75 -4.88
N THR A 7 -5.42 9.96 -4.74
CA THR A 7 -4.60 11.16 -4.65
C THR A 7 -4.39 11.57 -3.20
N ALA A 8 -3.18 12.05 -2.90
CA ALA A 8 -2.85 12.48 -1.55
C ALA A 8 -1.84 13.62 -1.56
N ARG A 9 -1.64 14.25 -0.41
CA ARG A 9 -0.71 15.36 -0.30
C ARG A 9 0.45 15.01 0.63
N ILE A 10 1.63 15.56 0.34
CA ILE A 10 2.81 15.30 1.15
C ILE A 10 2.56 15.65 2.62
N GLY A 11 2.72 14.66 3.49
CA GLY A 11 2.52 14.88 4.91
C GLY A 11 1.07 14.66 5.33
N GLU A 12 0.25 14.19 4.39
CA GLU A 12 -1.16 13.94 4.66
C GLU A 12 -1.41 12.45 4.89
N PRO A 13 -2.29 12.13 5.84
CA PRO A 13 -2.64 10.75 6.18
C PRO A 13 -3.45 10.08 5.06
N LEU A 14 -3.20 8.79 4.87
CA LEU A 14 -3.91 8.03 3.84
C LEU A 14 -4.16 6.59 4.30
N VAL A 15 -5.31 6.05 3.93
CA VAL A 15 -5.67 4.69 4.30
C VAL A 15 -5.95 3.83 3.06
N LEU A 16 -5.62 2.55 3.16
CA LEU A 16 -5.82 1.63 2.05
C LEU A 16 -6.52 0.35 2.53
N LYS A 17 -7.33 -0.24 1.65
CA LYS A 17 -8.06 -1.46 1.97
C LYS A 17 -7.53 -2.64 1.15
N CYS A 18 -7.66 -3.84 1.71
CA CYS A 18 -7.20 -5.05 1.03
C CYS A 18 -8.38 -5.87 0.52
N LYS A 19 -8.67 -5.74 -0.77
CA LYS A 19 -9.77 -6.47 -1.38
C LYS A 19 -9.62 -7.97 -1.15
N GLY A 20 -10.64 -8.58 -0.56
CA GLY A 20 -10.61 -10.00 -0.29
C GLY A 20 -10.82 -10.33 1.18
N ALA A 21 -10.24 -9.52 2.04
CA ALA A 21 -10.37 -9.72 3.49
C ALA A 21 -11.57 -8.95 4.04
N PRO A 22 -12.40 -9.65 4.84
CA PRO A 22 -13.59 -9.06 5.45
C PRO A 22 -13.24 -8.04 6.53
N LYS A 23 -14.23 -7.70 7.36
CA LYS A 23 -14.02 -6.75 8.43
C LYS A 23 -12.77 -7.09 9.23
N LYS A 24 -12.66 -8.34 9.65
CA LYS A 24 -11.50 -8.80 10.41
C LYS A 24 -10.64 -9.74 9.59
N PRO A 25 -9.34 -9.79 9.91
CA PRO A 25 -8.38 -10.66 9.21
C PRO A 25 -8.61 -12.13 9.51
N PRO A 26 -9.09 -12.88 8.51
CA PRO A 26 -9.37 -14.31 8.63
C PRO A 26 -8.08 -15.13 8.75
N GLN A 27 -7.49 -15.45 7.61
CA GLN A 27 -6.25 -16.23 7.60
C GLN A 27 -5.04 -15.34 7.33
N ARG A 28 -3.86 -15.95 7.24
CA ARG A 28 -2.63 -15.21 6.99
C ARG A 28 -2.67 -14.53 5.63
N LEU A 29 -2.16 -13.31 5.57
CA LEU A 29 -2.14 -12.54 4.32
C LEU A 29 -0.78 -11.86 4.13
N GLU A 30 -0.48 -11.52 2.88
CA GLU A 30 0.78 -10.85 2.57
C GLU A 30 0.53 -9.50 1.91
N TRP A 31 1.34 -8.51 2.29
CA TRP A 31 1.20 -7.16 1.75
C TRP A 31 2.51 -6.72 1.08
N LYS A 32 2.37 -6.06 -0.07
CA LYS A 32 3.53 -5.58 -0.82
C LYS A 32 3.28 -4.19 -1.38
N LEU A 33 4.28 -3.33 -1.26
CA LEU A 33 4.17 -1.95 -1.76
C LEU A 33 5.46 -1.53 -2.46
N ASN A 34 5.31 -0.91 -3.62
CA ASN A 34 6.47 -0.44 -4.38
C ASN A 34 6.46 1.08 -4.52
N THR A 35 7.55 1.70 -4.10
CA THR A 35 7.66 3.16 -4.16
C THR A 35 9.06 3.58 -4.64
N GLY A 36 9.27 4.89 -4.72
CA GLY A 36 10.57 5.40 -5.17
C GLY A 36 10.78 5.21 -6.66
N ARG A 37 11.93 4.67 -7.02
CA ARG A 37 12.26 4.45 -8.42
C ARG A 37 12.33 2.95 -8.73
N THR A 38 12.85 2.18 -7.80
CA THR A 38 12.98 0.74 -7.97
C THR A 38 13.60 0.09 -6.74
N GLU A 39 14.44 0.84 -6.05
CA GLU A 39 15.10 0.33 -4.84
C GLU A 39 14.43 0.87 -3.58
N ALA A 40 13.11 1.05 -3.66
CA ALA A 40 12.35 1.55 -2.52
C ALA A 40 11.23 0.59 -2.15
N TRP A 41 11.03 -0.43 -2.97
CA TRP A 41 9.98 -1.42 -2.73
C TRP A 41 10.20 -2.13 -1.40
N LYS A 42 9.15 -2.20 -0.59
CA LYS A 42 9.22 -2.84 0.71
C LYS A 42 8.06 -3.80 0.91
N VAL A 43 8.27 -4.82 1.74
CA VAL A 43 7.22 -5.81 2.01
C VAL A 43 6.43 -5.44 3.25
N LEU A 44 5.12 -5.29 3.09
CA LEU A 44 4.24 -4.93 4.20
C LEU A 44 3.73 -6.17 4.90
N SER A 45 3.55 -6.07 6.22
CA SER A 45 3.05 -7.20 7.01
C SER A 45 1.84 -6.79 7.84
N PRO A 46 1.08 -7.79 8.33
CA PRO A 46 -0.11 -7.55 9.14
C PRO A 46 0.24 -7.01 10.52
N GLN A 47 1.53 -6.84 10.79
CA GLN A 47 1.99 -6.33 12.07
C GLN A 47 3.28 -5.53 11.91
N GLY A 48 3.15 -4.23 11.67
CA GLY A 48 4.31 -3.38 11.50
C GLY A 48 5.11 -3.23 12.78
N GLY A 49 4.42 -2.97 13.88
CA GLY A 49 5.08 -2.81 15.16
C GLY A 49 6.39 -2.03 15.04
N GLY A 50 6.38 -1.02 14.19
CA GLY A 50 7.57 -0.21 14.00
C GLY A 50 7.25 1.28 13.86
N PRO A 51 8.21 2.04 13.33
CA PRO A 51 8.05 3.49 13.14
C PRO A 51 7.04 3.81 12.04
N TRP A 52 6.00 4.55 12.40
CA TRP A 52 4.97 4.93 11.44
C TRP A 52 5.39 6.16 10.64
N ASP A 53 6.12 7.06 11.29
CA ASP A 53 6.59 8.28 10.65
C ASP A 53 7.54 7.96 9.50
N SER A 54 8.19 6.80 9.59
CA SER A 54 9.13 6.37 8.56
C SER A 54 8.40 5.73 7.39
N VAL A 55 7.46 4.84 7.69
CA VAL A 55 6.69 4.15 6.66
C VAL A 55 5.19 4.24 6.95
N ALA A 56 4.66 3.17 7.51
CA ALA A 56 3.23 3.12 7.84
C ALA A 56 2.92 1.93 8.73
N ARG A 57 1.68 1.86 9.20
CA ARG A 57 1.25 0.77 10.08
C ARG A 57 0.05 0.05 9.48
N VAL A 58 -0.18 -1.19 9.92
CA VAL A 58 -1.29 -1.99 9.44
C VAL A 58 -2.38 -2.13 10.52
N LEU A 59 -3.61 -1.85 10.13
CA LEU A 59 -4.73 -1.96 11.06
C LEU A 59 -5.01 -3.41 11.43
N PRO A 60 -5.67 -3.62 12.58
CA PRO A 60 -6.01 -4.96 13.07
C PRO A 60 -7.09 -5.63 12.21
N ASN A 61 -7.86 -4.81 11.50
CA ASN A 61 -8.92 -5.33 10.64
C ASN A 61 -8.38 -5.74 9.29
N GLY A 62 -7.06 -5.61 9.12
CA GLY A 62 -6.44 -5.98 7.86
C GLY A 62 -6.37 -4.82 6.88
N SER A 63 -6.22 -3.61 7.41
CA SER A 63 -6.13 -2.41 6.58
C SER A 63 -4.77 -1.76 6.70
N LEU A 64 -4.58 -0.67 5.97
CA LEU A 64 -3.31 0.06 5.99
C LEU A 64 -3.54 1.55 6.23
N PHE A 65 -2.83 2.09 7.21
CA PHE A 65 -2.96 3.50 7.55
C PHE A 65 -1.59 4.19 7.56
N LEU A 66 -1.52 5.38 6.98
CA LEU A 66 -0.28 6.13 6.92
C LEU A 66 -0.41 7.47 7.65
N PRO A 67 0.56 7.75 8.53
CA PRO A 67 0.58 8.98 9.32
C PRO A 67 0.86 10.21 8.46
N ALA A 68 1.69 10.05 7.44
CA ALA A 68 2.05 11.14 6.54
C ALA A 68 2.74 10.62 5.29
N VAL A 69 1.99 10.54 4.19
CA VAL A 69 2.54 10.06 2.93
C VAL A 69 3.47 11.09 2.31
N GLY A 70 4.76 10.75 2.24
CA GLY A 70 5.73 11.67 1.66
C GLY A 70 5.86 11.51 0.17
N ILE A 71 6.43 12.52 -0.49
CA ILE A 71 6.59 12.50 -1.93
C ILE A 71 7.37 11.26 -2.38
N GLN A 72 8.27 10.80 -1.51
CA GLN A 72 9.07 9.62 -1.80
C GLN A 72 8.25 8.34 -1.65
N ASP A 73 7.17 8.43 -0.90
CA ASP A 73 6.29 7.28 -0.68
C ASP A 73 5.47 6.97 -1.93
N GLU A 74 5.62 7.80 -2.95
CA GLU A 74 4.90 7.62 -4.21
C GLU A 74 5.19 6.24 -4.80
N GLY A 75 4.16 5.63 -5.39
CA GLY A 75 4.32 4.32 -5.98
C GLY A 75 3.00 3.58 -6.13
N ILE A 76 3.07 2.25 -6.15
CA ILE A 76 1.87 1.43 -6.28
C ILE A 76 1.74 0.45 -5.12
N PHE A 77 0.53 0.35 -4.58
CA PHE A 77 0.28 -0.55 -3.46
C PHE A 77 -0.48 -1.79 -3.93
N ARG A 78 0.06 -2.96 -3.59
CA ARG A 78 -0.56 -4.22 -3.97
C ARG A 78 -0.79 -5.11 -2.76
N CYS A 79 -2.02 -5.60 -2.61
CA CYS A 79 -2.36 -6.47 -1.49
C CYS A 79 -2.86 -7.83 -1.98
N GLN A 80 -2.63 -8.86 -1.18
CA GLN A 80 -3.04 -10.22 -1.53
C GLN A 80 -3.58 -10.95 -0.31
N ALA A 81 -4.72 -11.62 -0.47
CA ALA A 81 -5.33 -12.37 0.61
C ALA A 81 -5.72 -13.77 0.16
N MET A 82 -5.97 -14.65 1.12
CA MET A 82 -6.36 -16.03 0.82
C MET A 82 -7.60 -16.42 1.62
N ASN A 83 -8.63 -16.86 0.90
CA ASN A 83 -9.88 -17.27 1.54
C ASN A 83 -9.82 -18.75 1.95
N ARG A 84 -10.83 -19.20 2.68
CA ARG A 84 -10.89 -20.58 3.13
C ARG A 84 -11.16 -21.53 1.96
N ASN A 85 -11.67 -20.98 0.87
CA ASN A 85 -11.96 -21.78 -0.31
C ASN A 85 -10.68 -22.17 -1.04
N GLY A 86 -9.60 -21.44 -0.77
CA GLY A 86 -8.32 -21.73 -1.41
C GLY A 86 -7.97 -20.71 -2.46
N LYS A 87 -8.91 -19.84 -2.80
CA LYS A 87 -8.69 -18.80 -3.81
C LYS A 87 -8.03 -17.58 -3.19
N GLU A 88 -7.19 -16.91 -3.97
CA GLU A 88 -6.50 -15.72 -3.50
C GLU A 88 -7.10 -14.45 -4.10
N THR A 89 -7.18 -13.39 -3.31
CA THR A 89 -7.74 -12.13 -3.76
C THR A 89 -6.65 -11.11 -4.06
N LYS A 90 -6.74 -10.47 -5.22
CA LYS A 90 -5.76 -9.48 -5.63
C LYS A 90 -6.31 -8.06 -5.43
N SER A 91 -5.43 -7.15 -5.03
CA SER A 91 -5.83 -5.76 -4.81
C SER A 91 -4.72 -4.81 -5.21
N ASN A 92 -5.05 -3.85 -6.08
CA ASN A 92 -4.07 -2.87 -6.55
C ASN A 92 -4.59 -1.45 -6.34
N TYR A 93 -3.83 -0.65 -5.60
CA TYR A 93 -4.22 0.73 -5.33
C TYR A 93 -3.08 1.68 -5.66
N ARG A 94 -3.35 2.62 -6.56
CA ARG A 94 -2.34 3.60 -6.97
C ARG A 94 -2.29 4.77 -5.98
N VAL A 95 -1.08 5.16 -5.60
CA VAL A 95 -0.89 6.26 -4.66
C VAL A 95 -0.08 7.38 -5.29
N ARG A 96 -0.60 8.60 -5.21
CA ARG A 96 0.07 9.76 -5.78
C ARG A 96 0.09 10.92 -4.78
N VAL A 97 1.20 11.66 -4.76
CA VAL A 97 1.33 12.80 -3.87
C VAL A 97 1.28 14.12 -4.62
N TYR A 98 1.50 15.21 -3.91
CA TYR A 98 1.47 16.53 -4.52
C TYR A 98 2.63 16.72 -5.50
N GLN A 99 3.82 16.98 -4.96
CA GLN A 99 5.00 17.17 -5.78
C GLN A 99 5.35 15.90 -6.55
N ILE A 100 5.87 16.07 -7.76
CA ILE A 100 6.24 14.93 -8.59
C ILE A 100 7.72 14.97 -8.95
N PRO A 101 8.27 13.80 -9.34
CA PRO A 101 9.67 13.68 -9.72
C PRO A 101 9.98 14.38 -11.04
N GLY A 102 11.25 14.34 -11.44
CA GLY A 102 11.65 14.96 -12.69
C GLY A 102 13.16 15.12 -12.80
N LYS A 103 13.77 15.64 -11.74
CA LYS A 103 15.22 15.85 -11.72
C LYS A 103 15.75 15.77 -10.29
N PRO A 104 15.78 14.55 -9.74
CA PRO A 104 16.27 14.31 -8.38
C PRO A 104 17.79 14.50 -8.27
N GLU A 105 18.28 14.56 -7.04
CA GLU A 105 19.70 14.74 -6.79
C GLU A 105 20.06 14.38 -5.36
N ASP B 1 7.82 1.39 -15.06
CA ASP B 1 6.49 1.15 -14.51
C ASP B 1 6.45 1.54 -13.03
N GLU B 2 5.34 1.23 -12.37
CA GLU B 2 5.16 1.55 -10.96
C GLU B 2 4.84 0.30 -10.15
N PHE B 3 4.06 -0.60 -10.76
CA PHE B 3 3.67 -1.84 -10.10
C PHE B 3 2.70 -2.64 -10.97
N KPI B 4 2.00 -3.48 -10.39
CA KPI B 4 1.04 -4.33 -11.08
CB KPI B 4 0.25 -5.18 -10.07
CG KPI B 4 0.21 -6.65 -10.52
CD KPI B 4 -0.67 -6.77 -11.79
CE KPI B 4 -1.97 -5.97 -11.59
NZ KPI B 4 -2.57 -6.30 -10.29
CX1 KPI B 4 -4.00 -6.79 -10.51
C1 KPI B 4 -4.84 -5.65 -11.12
CX2 KPI B 4 -4.63 -7.24 -9.18
O1 KPI B 4 -5.33 -8.55 -9.38
O2 KPI B 4 -3.56 -7.40 -8.15
C KPI B 4 0.11 -3.45 -11.82
O KPI B 4 -0.26 -3.72 -12.97
H KPI B 4 2.00 -3.72 -9.34
HA KPI B 4 1.55 -5.01 -11.79
HB KPI B 4 0.70 -5.13 -9.17
HBA KPI B 4 -0.68 -4.83 -9.99
HG KPI B 4 1.15 -6.95 -10.74
HGA KPI B 4 -0.16 -7.22 -9.80
HD KPI B 4 -0.17 -6.43 -12.58
HDA KPI B 4 -0.89 -7.74 -11.93
HE KPI B 4 -1.75 -4.99 -11.61
HEA KPI B 4 -2.61 -6.19 -12.32
H1C KPI B 4 -5.85 -6.00 -11.30
H1A KPI B 4 -4.38 -5.33 -12.06
H1B KPI B 4 -4.87 -4.80 -10.43
HZ KPI B 4 -2.00 -7.09 -9.83
HX1 KPI B 4 -3.99 -7.64 -11.19
N ALA B 5 -0.29 -2.36 -11.18
CA ALA B 5 -1.21 -1.40 -11.79
C ALA B 5 -0.75 -1.01 -13.19
N ASP B 6 -1.69 -1.01 -14.13
CA ASP B 6 -1.38 -0.66 -15.51
C ASP B 6 -2.15 0.58 -15.95
N GLU B 7 -2.72 1.29 -14.97
CA GLU B 7 -3.49 2.49 -15.25
C GLU B 7 -4.53 2.23 -16.34
N GLY A 1 -11.70 -6.38 -7.39
CA GLY A 1 -10.29 -6.07 -7.33
C GLY A 1 -9.76 -5.53 -8.65
N SER A 2 -9.07 -4.39 -8.58
CA SER A 2 -8.51 -3.77 -9.78
C SER A 2 -7.67 -2.55 -9.42
N ALA A 3 -6.75 -2.19 -10.31
CA ALA A 3 -5.88 -1.04 -10.08
C ALA A 3 -6.70 0.21 -9.78
N GLN A 4 -6.80 0.55 -8.50
CA GLN A 4 -7.55 1.73 -8.07
C GLN A 4 -6.64 2.93 -7.93
N ASN A 5 -7.06 4.06 -8.50
CA ASN A 5 -6.28 5.29 -8.45
C ASN A 5 -6.53 6.03 -7.14
N ILE A 6 -5.46 6.28 -6.38
CA ILE A 6 -5.57 6.99 -5.12
C ILE A 6 -4.65 8.21 -5.09
N THR A 7 -5.24 9.38 -4.87
CA THR A 7 -4.48 10.62 -4.82
C THR A 7 -4.15 10.99 -3.39
N ALA A 8 -2.94 11.52 -3.19
CA ALA A 8 -2.49 11.93 -1.86
C ALA A 8 -1.54 13.12 -1.94
N ARG A 9 -1.30 13.76 -0.80
CA ARG A 9 -0.42 14.92 -0.74
C ARG A 9 0.69 14.69 0.29
N ILE A 10 1.86 15.28 0.02
CA ILE A 10 3.00 15.15 0.92
C ILE A 10 2.63 15.56 2.34
N GLY A 11 2.79 14.64 3.29
CA GLY A 11 2.48 14.94 4.67
C GLY A 11 1.02 14.69 4.99
N GLU A 12 0.28 14.15 4.03
CA GLU A 12 -1.14 13.87 4.21
C GLU A 12 -1.38 12.39 4.48
N PRO A 13 -2.29 12.09 5.41
CA PRO A 13 -2.63 10.70 5.78
C PRO A 13 -3.38 9.98 4.66
N LEU A 14 -3.11 8.68 4.53
CA LEU A 14 -3.76 7.87 3.50
C LEU A 14 -4.05 6.47 4.01
N VAL A 15 -5.20 5.93 3.64
CA VAL A 15 -5.59 4.59 4.06
C VAL A 15 -5.95 3.72 2.86
N LEU A 16 -5.62 2.43 2.95
CA LEU A 16 -5.91 1.49 1.87
C LEU A 16 -6.58 0.23 2.41
N LYS A 17 -7.46 -0.36 1.61
CA LYS A 17 -8.16 -1.57 2.00
C LYS A 17 -7.77 -2.74 1.12
N CYS A 18 -7.90 -3.95 1.66
CA CYS A 18 -7.55 -5.16 0.92
C CYS A 18 -8.81 -5.90 0.46
N LYS A 19 -9.15 -5.72 -0.81
CA LYS A 19 -10.33 -6.37 -1.37
C LYS A 19 -10.25 -7.89 -1.21
N GLY A 20 -11.25 -8.47 -0.56
CA GLY A 20 -11.28 -9.90 -0.36
C GLY A 20 -11.41 -10.28 1.11
N ALA A 21 -10.67 -9.58 1.97
CA ALA A 21 -10.71 -9.85 3.40
C ALA A 21 -11.75 -8.96 4.09
N PRO A 22 -12.60 -9.59 4.92
CA PRO A 22 -13.66 -8.87 5.65
C PRO A 22 -13.09 -7.98 6.75
N LYS A 23 -13.96 -7.53 7.65
CA LYS A 23 -13.55 -6.66 8.75
C LYS A 23 -12.32 -7.24 9.45
N LYS A 24 -12.41 -8.49 9.87
CA LYS A 24 -11.31 -9.15 10.56
C LYS A 24 -10.72 -10.27 9.70
N PRO A 25 -9.39 -10.27 9.58
CA PRO A 25 -8.67 -11.29 8.79
C PRO A 25 -8.72 -12.66 9.44
N PRO A 26 -9.46 -13.59 8.81
CA PRO A 26 -9.60 -14.96 9.30
C PRO A 26 -8.31 -15.77 9.17
N GLN A 27 -7.76 -15.78 7.97
CA GLN A 27 -6.52 -16.52 7.71
C GLN A 27 -5.34 -15.56 7.54
N ARG A 28 -4.17 -16.12 7.31
CA ARG A 28 -2.96 -15.32 7.15
C ARG A 28 -2.98 -14.57 5.81
N LEU A 29 -2.44 -13.36 5.81
CA LEU A 29 -2.39 -12.54 4.61
C LEU A 29 -1.03 -11.88 4.45
N GLU A 30 -0.68 -11.55 3.21
CA GLU A 30 0.60 -10.91 2.92
C GLU A 30 0.39 -9.55 2.24
N TRP A 31 1.21 -8.58 2.62
CA TRP A 31 1.12 -7.23 2.06
C TRP A 31 2.44 -6.81 1.44
N LYS A 32 2.37 -6.12 0.30
CA LYS A 32 3.56 -5.65 -0.39
C LYS A 32 3.32 -4.29 -1.03
N LEU A 33 4.32 -3.42 -0.97
CA LEU A 33 4.22 -2.09 -1.54
C LEU A 33 5.50 -1.70 -2.27
N ASN A 34 5.37 -1.13 -3.46
CA ASN A 34 6.52 -0.71 -4.25
C ASN A 34 6.54 0.81 -4.41
N THR A 35 7.63 1.43 -3.94
CA THR A 35 7.78 2.87 -4.03
C THR A 35 9.20 3.24 -4.43
N GLY A 36 9.46 4.55 -4.54
CA GLY A 36 10.78 5.01 -4.92
C GLY A 36 11.03 4.91 -6.41
N ARG A 37 12.16 4.33 -6.78
CA ARG A 37 12.51 4.17 -8.19
C ARG A 37 12.49 2.70 -8.60
N THR A 38 12.97 1.84 -7.70
CA THR A 38 13.00 0.41 -7.97
C THR A 38 13.60 -0.35 -6.79
N GLU A 39 14.51 0.29 -6.07
CA GLU A 39 15.15 -0.33 -4.91
C GLU A 39 14.56 0.21 -3.61
N ALA A 40 13.27 0.52 -3.64
CA ALA A 40 12.59 1.04 -2.46
C ALA A 40 11.41 0.15 -2.07
N TRP A 41 11.10 -0.83 -2.92
CA TRP A 41 10.00 -1.74 -2.66
C TRP A 41 10.23 -2.53 -1.39
N LYS A 42 9.23 -2.56 -0.51
CA LYS A 42 9.33 -3.28 0.75
C LYS A 42 8.09 -4.13 0.98
N VAL A 43 8.23 -5.16 1.82
CA VAL A 43 7.12 -6.05 2.14
C VAL A 43 6.40 -5.61 3.40
N LEU A 44 5.10 -5.34 3.28
CA LEU A 44 4.29 -4.92 4.42
C LEU A 44 3.69 -6.12 5.15
N SER A 45 3.59 -6.01 6.46
CA SER A 45 3.03 -7.09 7.27
C SER A 45 1.88 -6.57 8.15
N PRO A 46 1.08 -7.51 8.68
CA PRO A 46 -0.05 -7.18 9.53
C PRO A 46 0.37 -6.64 10.89
N GLN A 47 1.68 -6.55 11.10
CA GLN A 47 2.22 -6.06 12.36
C GLN A 47 3.47 -5.20 12.12
N GLY A 48 3.26 -3.92 11.87
CA GLY A 48 4.37 -3.01 11.63
C GLY A 48 5.23 -2.81 12.87
N GLY A 49 4.58 -2.57 14.00
CA GLY A 49 5.31 -2.35 15.23
C GLY A 49 6.57 -1.55 15.03
N GLY A 50 6.42 -0.23 14.96
CA GLY A 50 7.57 0.63 14.76
C GLY A 50 7.18 2.08 14.50
N PRO A 51 8.13 2.87 13.99
CA PRO A 51 7.90 4.29 13.69
C PRO A 51 6.97 4.48 12.50
N TRP A 52 5.74 4.91 12.79
CA TRP A 52 4.75 5.13 11.74
C TRP A 52 5.17 6.29 10.84
N ASP A 53 5.82 7.29 11.42
CA ASP A 53 6.28 8.45 10.67
C ASP A 53 7.37 8.06 9.67
N SER A 54 8.07 6.97 9.95
CA SER A 54 9.13 6.50 9.08
C SER A 54 8.55 5.80 7.85
N VAL A 55 7.60 4.90 8.07
CA VAL A 55 6.97 4.17 6.99
C VAL A 55 5.44 4.22 7.10
N ALA A 56 4.86 3.16 7.65
CA ALA A 56 3.42 3.09 7.82
C ALA A 56 3.03 1.96 8.78
N ARG A 57 1.76 1.91 9.14
CA ARG A 57 1.26 0.88 10.04
C ARG A 57 0.07 0.14 9.44
N VAL A 58 -0.18 -1.06 9.93
CA VAL A 58 -1.30 -1.87 9.44
C VAL A 58 -2.41 -1.96 10.47
N LEU A 59 -3.63 -1.71 10.03
CA LEU A 59 -4.80 -1.76 10.92
C LEU A 59 -5.09 -3.19 11.35
N PRO A 60 -5.79 -3.34 12.48
CA PRO A 60 -6.16 -4.65 13.02
C PRO A 60 -7.19 -5.38 12.16
N ASN A 61 -7.93 -4.61 11.37
CA ASN A 61 -8.96 -5.17 10.50
C ASN A 61 -8.34 -5.66 9.19
N GLY A 62 -7.02 -5.54 9.07
CA GLY A 62 -6.34 -5.98 7.87
C GLY A 62 -6.21 -4.88 6.85
N SER A 63 -6.14 -3.64 7.31
CA SER A 63 -6.04 -2.49 6.41
C SER A 63 -4.68 -1.81 6.57
N LEU A 64 -4.47 -0.73 5.82
CA LEU A 64 -3.21 0.01 5.88
C LEU A 64 -3.47 1.49 6.10
N PHE A 65 -2.79 2.06 7.10
CA PHE A 65 -2.95 3.47 7.43
C PHE A 65 -1.59 4.18 7.42
N LEU A 66 -1.56 5.37 6.84
CA LEU A 66 -0.32 6.15 6.77
C LEU A 66 -0.48 7.48 7.48
N PRO A 67 0.45 7.78 8.41
CA PRO A 67 0.42 9.03 9.17
C PRO A 67 0.75 10.24 8.31
N ALA A 68 1.61 10.05 7.32
CA ALA A 68 2.01 11.12 6.42
C ALA A 68 2.75 10.58 5.21
N VAL A 69 2.07 10.50 4.08
CA VAL A 69 2.67 10.00 2.84
C VAL A 69 3.65 11.01 2.27
N GLY A 70 4.93 10.61 2.20
CA GLY A 70 5.95 11.49 1.67
C GLY A 70 6.13 11.33 0.17
N ILE A 71 6.72 12.34 -0.47
CA ILE A 71 6.94 12.31 -1.90
C ILE A 71 7.69 11.05 -2.31
N GLN A 72 8.59 10.59 -1.44
CA GLN A 72 9.37 9.39 -1.72
C GLN A 72 8.54 8.13 -1.50
N ASP A 73 7.47 8.26 -0.70
CA ASP A 73 6.60 7.14 -0.42
C ASP A 73 5.70 6.82 -1.61
N GLU A 74 5.79 7.65 -2.64
CA GLU A 74 4.99 7.46 -3.85
C GLU A 74 5.27 6.10 -4.48
N GLY A 75 4.22 5.48 -5.01
CA GLY A 75 4.37 4.17 -5.64
C GLY A 75 3.05 3.45 -5.80
N ILE A 76 3.09 2.12 -5.73
CA ILE A 76 1.89 1.31 -5.88
C ILE A 76 1.78 0.29 -4.75
N PHE A 77 0.59 0.19 -4.16
CA PHE A 77 0.36 -0.75 -3.07
C PHE A 77 -0.35 -2.01 -3.58
N ARG A 78 0.18 -3.17 -3.20
CA ARG A 78 -0.39 -4.45 -3.62
C ARG A 78 -0.68 -5.33 -2.41
N CYS A 79 -1.91 -5.81 -2.32
CA CYS A 79 -2.31 -6.69 -1.22
C CYS A 79 -2.81 -8.03 -1.74
N GLN A 80 -2.64 -9.07 -0.92
CA GLN A 80 -3.06 -10.41 -1.30
C GLN A 80 -3.70 -11.13 -0.11
N ALA A 81 -4.84 -11.77 -0.35
CA ALA A 81 -5.55 -12.50 0.69
C ALA A 81 -5.95 -13.88 0.22
N MET A 82 -6.29 -14.76 1.17
CA MET A 82 -6.70 -16.12 0.85
C MET A 82 -8.01 -16.47 1.53
N ASN A 83 -8.99 -16.89 0.73
CA ASN A 83 -10.30 -17.26 1.26
C ASN A 83 -10.33 -18.72 1.68
N ARG A 84 -11.40 -19.12 2.35
CA ARG A 84 -11.54 -20.50 2.82
C ARG A 84 -11.87 -21.42 1.64
N ASN A 85 -12.34 -20.84 0.55
CA ASN A 85 -12.70 -21.61 -0.64
C ASN A 85 -11.45 -22.12 -1.35
N GLY A 86 -10.31 -21.49 -1.08
CA GLY A 86 -9.07 -21.88 -1.70
C GLY A 86 -8.53 -20.84 -2.66
N LYS A 87 -9.41 -19.95 -3.11
CA LYS A 87 -9.03 -18.90 -4.04
C LYS A 87 -8.46 -17.70 -3.29
N GLU A 88 -7.52 -17.00 -3.92
CA GLU A 88 -6.90 -15.83 -3.32
C GLU A 88 -7.44 -14.55 -3.93
N THR A 89 -7.57 -13.50 -3.11
CA THR A 89 -8.07 -12.23 -3.57
C THR A 89 -6.94 -11.26 -3.89
N LYS A 90 -7.02 -10.61 -5.04
CA LYS A 90 -6.00 -9.66 -5.47
C LYS A 90 -6.48 -8.22 -5.28
N SER A 91 -5.58 -7.36 -4.82
CA SER A 91 -5.91 -5.96 -4.59
C SER A 91 -4.72 -5.06 -4.88
N ASN A 92 -4.88 -4.14 -5.82
CA ASN A 92 -3.81 -3.22 -6.18
C ASN A 92 -4.31 -1.78 -6.17
N TYR A 93 -3.64 -0.94 -5.38
CA TYR A 93 -4.03 0.47 -5.28
C TYR A 93 -2.80 1.37 -5.47
N ARG A 94 -2.87 2.23 -6.48
CA ARG A 94 -1.77 3.15 -6.76
C ARG A 94 -1.94 4.45 -5.99
N VAL A 95 -0.84 4.93 -5.41
CA VAL A 95 -0.86 6.17 -4.65
C VAL A 95 0.09 7.20 -5.24
N ARG A 96 -0.36 8.45 -5.29
CA ARG A 96 0.45 9.54 -5.84
C ARG A 96 0.50 10.71 -4.87
N VAL A 97 1.64 11.41 -4.86
CA VAL A 97 1.82 12.55 -3.97
C VAL A 97 1.78 13.86 -4.76
N TYR A 98 2.02 14.97 -4.07
CA TYR A 98 2.02 16.28 -4.70
C TYR A 98 3.19 16.43 -5.65
N GLN A 99 4.37 16.68 -5.09
CA GLN A 99 5.58 16.83 -5.90
C GLN A 99 5.93 15.55 -6.63
N ILE A 100 6.45 15.68 -7.84
CA ILE A 100 6.83 14.53 -8.65
C ILE A 100 8.31 14.56 -9.01
N PRO A 101 8.86 13.39 -9.38
CA PRO A 101 10.26 13.26 -9.76
C PRO A 101 10.58 13.95 -11.08
N GLY A 102 11.48 14.93 -11.05
CA GLY A 102 11.85 15.64 -12.25
C GLY A 102 12.50 16.97 -11.96
N LYS A 103 13.65 16.94 -11.28
CA LYS A 103 14.37 18.15 -10.93
C LYS A 103 15.19 18.65 -12.12
N PRO A 104 15.56 19.94 -12.08
CA PRO A 104 16.36 20.56 -13.14
C PRO A 104 17.79 20.05 -13.18
N GLU A 105 18.22 19.59 -14.35
CA GLU A 105 19.57 19.08 -14.52
C GLU A 105 20.43 20.04 -15.34
N ASP B 1 5.23 3.05 -16.19
CA ASP B 1 4.64 1.91 -15.51
C ASP B 1 5.07 1.86 -14.05
N GLU B 2 4.33 1.08 -13.25
CA GLU B 2 4.63 0.95 -11.83
C GLU B 2 3.75 -0.11 -11.18
N PHE B 3 4.35 -1.20 -10.75
CA PHE B 3 3.62 -2.29 -10.11
C PHE B 3 2.60 -2.89 -11.07
N KPI B 4 1.75 -3.65 -10.55
CA KPI B 4 0.71 -4.30 -11.34
CB KPI B 4 -0.27 -5.04 -10.41
CG KPI B 4 -1.53 -5.47 -11.20
CD KPI B 4 -1.41 -6.96 -11.56
CE KPI B 4 -1.40 -7.82 -10.28
NZ KPI B 4 -2.58 -7.51 -9.46
CX1 KPI B 4 -3.08 -8.79 -8.80
C1 KPI B 4 -4.07 -9.50 -9.73
CX2 KPI B 4 -3.73 -8.57 -7.42
O1 KPI B 4 -3.16 -9.54 -6.43
O2 KPI B 4 -3.46 -7.16 -6.96
C KPI B 4 -0.02 -3.25 -12.10
O KPI B 4 -0.38 -3.43 -13.26
H KPI B 4 1.65 -3.93 -9.53
HA KPI B 4 1.13 -5.02 -12.05
HB KPI B 4 0.18 -5.85 -10.02
HBA KPI B 4 -0.54 -4.42 -9.66
HG KPI B 4 -2.34 -5.32 -10.62
HGA KPI B 4 -1.60 -4.92 -12.03
HD KPI B 4 -2.20 -7.23 -12.12
HDA KPI B 4 -0.57 -7.11 -12.08
HE KPI B 4 -1.40 -8.78 -10.52
HEA KPI B 4 -0.57 -7.61 -9.75
H1C KPI B 4 -4.34 -10.47 -9.30
H1A KPI B 4 -3.61 -9.66 -10.70
H1B KPI B 4 -4.97 -8.89 -9.84
HZ KPI B 4 -2.33 -6.79 -8.72
HX1 KPI B 4 -2.23 -9.44 -8.59
N ALA B 5 -0.25 -2.12 -11.44
CA ALA B 5 -0.95 -1.00 -12.07
C ALA B 5 -0.51 -0.81 -13.50
N ASP B 6 -1.45 -0.42 -14.37
CA ASP B 6 -1.15 -0.20 -15.78
C ASP B 6 -1.92 1.01 -16.31
N GLU B 7 -1.30 2.18 -16.22
CA GLU B 7 -1.94 3.40 -16.69
C GLU B 7 -1.29 3.89 -17.99
N GLY A 1 -10.99 -7.14 -8.69
CA GLY A 1 -10.99 -5.70 -8.49
C GLY A 1 -10.46 -4.95 -9.69
N SER A 2 -9.83 -3.81 -9.45
CA SER A 2 -9.27 -3.00 -10.53
C SER A 2 -8.37 -1.90 -9.97
N ALA A 3 -7.35 -1.53 -10.74
CA ALA A 3 -6.42 -0.49 -10.33
C ALA A 3 -7.15 0.76 -9.88
N GLN A 4 -7.17 1.01 -8.58
CA GLN A 4 -7.85 2.19 -8.03
C GLN A 4 -6.87 3.34 -7.85
N ASN A 5 -7.27 4.53 -8.31
CA ASN A 5 -6.44 5.71 -8.20
C ASN A 5 -6.71 6.46 -6.90
N ILE A 6 -5.67 6.62 -6.09
CA ILE A 6 -5.80 7.32 -4.82
C ILE A 6 -4.79 8.46 -4.70
N THR A 7 -5.29 9.66 -4.50
CA THR A 7 -4.43 10.84 -4.38
C THR A 7 -4.14 11.15 -2.91
N ALA A 8 -2.92 11.57 -2.62
CA ALA A 8 -2.52 11.91 -1.26
C ALA A 8 -1.55 13.09 -1.25
N ARG A 9 -1.31 13.64 -0.06
CA ARG A 9 -0.40 14.77 0.08
C ARG A 9 0.70 14.45 1.09
N ILE A 10 1.87 15.05 0.89
CA ILE A 10 3.00 14.83 1.79
C ILE A 10 2.71 15.39 3.17
N GLY A 11 2.75 14.52 4.18
CA GLY A 11 2.49 14.94 5.54
C GLY A 11 1.09 14.59 6.00
N GLU A 12 0.25 14.20 5.06
CA GLU A 12 -1.13 13.82 5.38
C GLU A 12 -1.29 12.31 5.43
N PRO A 13 -2.10 11.83 6.39
CA PRO A 13 -2.35 10.41 6.57
C PRO A 13 -3.20 9.82 5.45
N LEU A 14 -2.93 8.57 5.09
CA LEU A 14 -3.66 7.90 4.03
C LEU A 14 -3.98 6.46 4.41
N VAL A 15 -5.17 6.01 4.03
CA VAL A 15 -5.59 4.64 4.33
C VAL A 15 -5.96 3.88 3.06
N LEU A 16 -5.69 2.58 3.06
CA LEU A 16 -5.99 1.73 1.90
C LEU A 16 -6.73 0.47 2.32
N LYS A 17 -7.53 -0.07 1.42
CA LYS A 17 -8.30 -1.27 1.69
C LYS A 17 -7.79 -2.44 0.85
N CYS A 18 -7.91 -3.65 1.39
CA CYS A 18 -7.46 -4.85 0.69
C CYS A 18 -8.65 -5.73 0.30
N LYS A 19 -9.04 -5.66 -0.97
CA LYS A 19 -10.16 -6.45 -1.46
C LYS A 19 -9.96 -7.93 -1.16
N GLY A 20 -10.61 -8.40 -0.10
CA GLY A 20 -10.48 -9.80 0.28
C GLY A 20 -10.60 -10.01 1.78
N ALA A 21 -9.87 -9.19 2.54
CA ALA A 21 -9.90 -9.29 4.00
C ALA A 21 -10.90 -8.31 4.59
N PRO A 22 -12.06 -8.84 5.02
CA PRO A 22 -13.13 -8.02 5.62
C PRO A 22 -12.74 -7.50 7.00
N LYS A 23 -13.75 -7.08 7.76
CA LYS A 23 -13.52 -6.56 9.10
C LYS A 23 -12.93 -7.63 10.01
N LYS A 24 -12.88 -8.86 9.51
CA LYS A 24 -12.33 -9.98 10.28
C LYS A 24 -11.04 -9.57 10.97
N PRO A 25 -10.57 -10.43 11.91
CA PRO A 25 -9.35 -10.18 12.65
C PRO A 25 -8.10 -10.32 11.78
N PRO A 26 -6.94 -9.96 12.35
CA PRO A 26 -5.66 -10.03 11.64
C PRO A 26 -5.21 -11.47 11.40
N GLN A 27 -5.45 -11.97 10.20
CA GLN A 27 -5.08 -13.34 9.84
C GLN A 27 -3.84 -13.34 8.96
N ARG A 28 -3.45 -14.52 8.49
CA ARG A 28 -2.28 -14.67 7.64
C ARG A 28 -2.49 -13.98 6.30
N LEU A 29 -1.45 -13.32 5.80
CA LEU A 29 -1.53 -12.62 4.52
C LEU A 29 -0.19 -11.96 4.19
N GLU A 30 -0.01 -11.63 2.91
CA GLU A 30 1.23 -10.99 2.46
C GLU A 30 0.93 -9.64 1.83
N TRP A 31 1.76 -8.65 2.16
CA TRP A 31 1.59 -7.31 1.63
C TRP A 31 2.86 -6.82 0.94
N LYS A 32 2.71 -6.07 -0.13
CA LYS A 32 3.85 -5.54 -0.88
C LYS A 32 3.51 -4.20 -1.51
N LEU A 33 4.44 -3.25 -1.42
CA LEU A 33 4.24 -1.93 -1.98
C LEU A 33 5.52 -1.43 -2.65
N ASN A 34 5.36 -0.81 -3.82
CA ASN A 34 6.50 -0.28 -4.57
C ASN A 34 6.47 1.25 -4.61
N THR A 35 7.56 1.87 -4.20
CA THR A 35 7.66 3.32 -4.19
C THR A 35 9.01 3.79 -4.71
N GLY A 36 9.21 5.10 -4.75
CA GLY A 36 10.46 5.66 -5.22
C GLY A 36 10.61 5.54 -6.73
N ARG A 37 11.78 5.07 -7.17
CA ARG A 37 12.05 4.91 -8.59
C ARG A 37 12.18 3.43 -8.96
N THR A 38 12.78 2.65 -8.06
CA THR A 38 12.96 1.23 -8.29
C THR A 38 13.66 0.57 -7.11
N GLU A 39 14.48 1.34 -6.40
CA GLU A 39 15.21 0.83 -5.24
C GLU A 39 14.53 1.26 -3.94
N ALA A 40 13.21 1.35 -3.98
CA ALA A 40 12.44 1.74 -2.80
C ALA A 40 11.37 0.71 -2.46
N TRP A 41 11.23 -0.28 -3.33
CA TRP A 41 10.24 -1.33 -3.12
C TRP A 41 10.52 -2.08 -1.81
N LYS A 42 9.48 -2.23 -0.99
CA LYS A 42 9.60 -2.91 0.29
C LYS A 42 8.42 -3.85 0.52
N VAL A 43 8.64 -4.90 1.31
CA VAL A 43 7.59 -5.86 1.60
C VAL A 43 6.81 -5.45 2.84
N LEU A 44 5.49 -5.31 2.68
CA LEU A 44 4.63 -4.92 3.78
C LEU A 44 4.16 -6.14 4.58
N SER A 45 4.02 -5.97 5.89
CA SER A 45 3.59 -7.06 6.76
C SER A 45 2.41 -6.63 7.63
N PRO A 46 1.72 -7.61 8.21
CA PRO A 46 0.56 -7.36 9.07
C PRO A 46 0.95 -6.72 10.40
N GLN A 47 2.26 -6.51 10.58
CA GLN A 47 2.76 -5.91 11.81
C GLN A 47 3.67 -4.72 11.50
N GLY A 48 3.08 -3.54 11.36
CA GLY A 48 3.86 -2.35 11.07
C GLY A 48 4.27 -1.61 12.32
N GLY A 49 4.37 -2.32 13.43
CA GLY A 49 4.76 -1.71 14.69
C GLY A 49 6.01 -0.85 14.55
N GLY A 50 6.29 -0.05 15.58
CA GLY A 50 7.46 0.80 15.55
C GLY A 50 7.15 2.19 15.07
N PRO A 51 8.16 2.86 14.47
CA PRO A 51 8.00 4.23 13.95
C PRO A 51 7.09 4.28 12.72
N TRP A 52 5.84 4.65 12.94
CA TRP A 52 4.86 4.74 11.85
C TRP A 52 5.08 6.02 11.05
N ASP A 53 5.84 6.95 11.61
CA ASP A 53 6.12 8.22 10.95
C ASP A 53 6.89 7.99 9.65
N SER A 54 7.82 7.05 9.67
CA SER A 54 8.63 6.73 8.50
C SER A 54 7.99 5.62 7.68
N VAL A 55 7.49 4.59 8.36
CA VAL A 55 6.84 3.46 7.70
C VAL A 55 5.32 3.57 7.79
N ALA A 56 4.66 2.42 7.77
CA ALA A 56 3.21 2.38 7.85
C ALA A 56 2.73 1.20 8.68
N ARG A 57 1.47 1.24 9.10
CA ARG A 57 0.89 0.17 9.90
C ARG A 57 -0.22 -0.56 9.14
N VAL A 58 -0.49 -1.79 9.54
CA VAL A 58 -1.53 -2.59 8.90
C VAL A 58 -2.68 -2.87 9.86
N LEU A 59 -3.89 -2.55 9.42
CA LEU A 59 -5.07 -2.77 10.25
C LEU A 59 -5.38 -4.26 10.40
N PRO A 60 -6.11 -4.62 11.45
CA PRO A 60 -6.48 -6.02 11.72
C PRO A 60 -7.49 -6.55 10.71
N ASN A 61 -8.22 -5.65 10.07
CA ASN A 61 -9.22 -6.04 9.08
C ASN A 61 -8.57 -6.26 7.71
N GLY A 62 -7.24 -6.16 7.67
CA GLY A 62 -6.53 -6.35 6.42
C GLY A 62 -6.39 -5.08 5.62
N SER A 63 -6.31 -3.94 6.32
CA SER A 63 -6.18 -2.66 5.67
C SER A 63 -4.83 -2.02 5.98
N LEU A 64 -4.59 -0.84 5.41
CA LEU A 64 -3.34 -0.13 5.62
C LEU A 64 -3.60 1.32 6.02
N PHE A 65 -2.99 1.75 7.12
CA PHE A 65 -3.15 3.12 7.61
C PHE A 65 -1.79 3.79 7.81
N LEU A 66 -1.65 4.99 7.27
CA LEU A 66 -0.41 5.74 7.38
C LEU A 66 -0.64 7.08 8.07
N PRO A 67 0.19 7.38 9.08
CA PRO A 67 0.09 8.63 9.84
C PRO A 67 0.51 9.84 9.01
N ALA A 68 1.47 9.63 8.11
CA ALA A 68 1.95 10.71 7.26
C ALA A 68 2.66 10.16 6.03
N VAL A 69 1.97 10.20 4.88
CA VAL A 69 2.54 9.70 3.63
C VAL A 69 3.61 10.64 3.11
N GLY A 70 4.82 10.12 2.93
CA GLY A 70 5.92 10.92 2.43
C GLY A 70 6.05 10.83 0.92
N ILE A 71 6.66 11.86 0.32
CA ILE A 71 6.85 11.90 -1.13
C ILE A 71 7.58 10.65 -1.61
N GLN A 72 8.43 10.09 -0.76
CA GLN A 72 9.19 8.89 -1.09
C GLN A 72 8.28 7.66 -1.09
N ASP A 73 7.19 7.74 -0.34
CA ASP A 73 6.24 6.63 -0.24
C ASP A 73 5.38 6.55 -1.50
N GLU A 74 5.54 7.51 -2.40
CA GLU A 74 4.78 7.54 -3.64
C GLU A 74 5.09 6.32 -4.50
N GLY A 75 4.05 5.78 -5.14
CA GLY A 75 4.22 4.61 -5.98
C GLY A 75 2.95 3.81 -6.14
N ILE A 76 3.08 2.49 -6.09
CA ILE A 76 1.92 1.61 -6.22
C ILE A 76 1.89 0.58 -5.10
N PHE A 77 0.74 0.50 -4.42
CA PHE A 77 0.57 -0.44 -3.32
C PHE A 77 -0.29 -1.63 -3.75
N ARG A 78 0.20 -2.84 -3.46
CA ARG A 78 -0.52 -4.05 -3.81
C ARG A 78 -0.70 -4.96 -2.59
N CYS A 79 -1.90 -5.52 -2.46
CA CYS A 79 -2.21 -6.40 -1.34
C CYS A 79 -2.60 -7.79 -1.83
N GLN A 80 -2.29 -8.81 -1.02
CA GLN A 80 -2.60 -10.18 -1.38
C GLN A 80 -3.07 -10.97 -0.16
N ALA A 81 -4.23 -11.61 -0.27
CA ALA A 81 -4.78 -12.39 0.82
C ALA A 81 -5.23 -13.77 0.34
N MET A 82 -5.43 -14.67 1.28
CA MET A 82 -5.87 -16.02 0.95
C MET A 82 -7.10 -16.42 1.77
N ASN A 83 -8.15 -16.84 1.08
CA ASN A 83 -9.38 -17.25 1.75
C ASN A 83 -9.34 -18.72 2.13
N ARG A 84 -10.35 -19.17 2.86
CA ARG A 84 -10.42 -20.55 3.30
C ARG A 84 -10.71 -21.48 2.12
N ASN A 85 -11.20 -20.90 1.03
CA ASN A 85 -11.52 -21.67 -0.17
C ASN A 85 -10.25 -22.11 -0.89
N GLY A 86 -9.14 -21.42 -0.60
CA GLY A 86 -7.87 -21.74 -1.23
C GLY A 86 -7.46 -20.71 -2.26
N LYS A 87 -8.40 -19.88 -2.69
CA LYS A 87 -8.13 -18.85 -3.67
C LYS A 87 -7.58 -17.59 -3.00
N GLU A 88 -6.70 -16.88 -3.70
CA GLU A 88 -6.09 -15.66 -3.18
C GLU A 88 -6.70 -14.43 -3.84
N THR A 89 -6.86 -13.37 -3.06
CA THR A 89 -7.42 -12.13 -3.57
C THR A 89 -6.34 -11.08 -3.79
N LYS A 90 -6.33 -10.47 -4.97
CA LYS A 90 -5.35 -9.45 -5.30
C LYS A 90 -5.98 -8.05 -5.28
N SER A 91 -5.21 -7.07 -4.84
CA SER A 91 -5.69 -5.69 -4.77
C SER A 91 -4.57 -4.71 -5.11
N ASN A 92 -4.84 -3.83 -6.08
CA ASN A 92 -3.87 -2.83 -6.50
C ASN A 92 -4.41 -1.42 -6.31
N TYR A 93 -3.67 -0.61 -5.55
CA TYR A 93 -4.09 0.76 -5.28
C TYR A 93 -2.95 1.74 -5.61
N ARG A 94 -3.22 2.63 -6.56
CA ARG A 94 -2.23 3.62 -6.96
C ARG A 94 -2.23 4.81 -6.01
N VAL A 95 -1.04 5.19 -5.54
CA VAL A 95 -0.90 6.32 -4.62
C VAL A 95 0.00 7.40 -5.21
N ARG A 96 -0.48 8.64 -5.16
CA ARG A 96 0.28 9.76 -5.69
C ARG A 96 0.34 10.90 -4.68
N VAL A 97 1.54 11.38 -4.40
CA VAL A 97 1.74 12.47 -3.45
C VAL A 97 1.81 13.81 -4.17
N TYR A 98 2.03 14.88 -3.40
CA TYR A 98 2.11 16.22 -3.95
C TYR A 98 3.35 16.37 -4.84
N GLN A 99 4.49 16.63 -4.21
CA GLN A 99 5.74 16.80 -4.95
C GLN A 99 6.07 15.55 -5.76
N ILE A 100 6.52 15.75 -7.00
CA ILE A 100 6.86 14.65 -7.88
C ILE A 100 8.33 14.71 -8.29
N PRO A 101 8.87 13.56 -8.74
CA PRO A 101 10.27 13.45 -9.17
C PRO A 101 10.54 14.20 -10.47
N GLY A 102 11.77 14.64 -10.64
CA GLY A 102 12.14 15.36 -11.85
C GLY A 102 13.53 15.95 -11.77
N LYS A 103 14.45 15.39 -12.55
CA LYS A 103 15.83 15.87 -12.56
C LYS A 103 15.90 17.30 -13.07
N PRO A 104 17.02 17.98 -12.78
CA PRO A 104 17.25 19.37 -13.20
C PRO A 104 17.47 19.49 -14.71
N GLU A 105 17.78 20.69 -15.17
CA GLU A 105 18.01 20.93 -16.58
C GLU A 105 19.15 20.08 -17.10
N ASP B 1 8.11 0.78 -14.80
CA ASP B 1 6.82 0.44 -14.23
C ASP B 1 6.82 0.62 -12.72
N GLU B 2 5.67 0.37 -12.10
CA GLU B 2 5.53 0.51 -10.65
C GLU B 2 4.83 -0.70 -10.05
N PHE B 3 3.59 -0.93 -10.48
CA PHE B 3 2.81 -2.05 -9.98
C PHE B 3 1.44 -2.10 -10.63
N KPI B 4 1.28 -3.00 -11.50
CA KPI B 4 0.03 -3.17 -12.23
CB KPI B 4 -0.98 -3.97 -11.37
CG KPI B 4 -0.29 -5.22 -10.80
CD KPI B 4 -1.04 -6.49 -11.26
CE KPI B 4 -0.88 -7.61 -10.21
NZ KPI B 4 -1.62 -7.23 -9.00
CX1 KPI B 4 -1.12 -8.06 -7.83
C1 KPI B 4 -1.41 -9.56 -8.10
CX2 KPI B 4 -1.82 -7.64 -6.52
O1 KPI B 4 -0.87 -6.80 -5.69
O2 KPI B 4 -3.04 -6.81 -6.85
C KPI B 4 -0.53 -1.82 -12.51
O KPI B 4 0.20 -0.87 -12.79
H KPI B 4 1.99 -3.73 -11.83
HA KPI B 4 0.19 -3.70 -13.18
HB KPI B 4 -1.31 -3.40 -10.62
HBA KPI B 4 -1.75 -4.25 -11.94
HG KPI B 4 0.66 -5.26 -11.11
HGA KPI B 4 -0.31 -5.18 -9.79
HD KPI B 4 -2.01 -6.28 -11.39
HDA KPI B 4 -0.66 -6.80 -12.14
HE KPI B 4 -1.25 -8.45 -10.57
HEA KPI B 4 0.08 -7.71 -9.98
H1C KPI B 4 -1.03 -10.15 -7.26
H1A KPI B 4 -0.92 -9.86 -9.00
H1B KPI B 4 -2.48 -9.71 -8.19
HZ KPI B 4 -1.48 -6.20 -8.79
HX1 KPI B 4 -0.05 -7.91 -7.71
N ALA B 5 -1.85 -1.70 -12.44
CA ALA B 5 -2.52 -0.43 -12.69
C ALA B 5 -2.53 -0.09 -14.18
N ASP B 6 -1.35 0.23 -14.70
CA ASP B 6 -1.23 0.58 -16.12
C ASP B 6 -2.26 1.63 -16.52
N GLU B 7 -2.08 2.84 -16.01
CA GLU B 7 -3.01 3.94 -16.32
C GLU B 7 -2.43 4.83 -17.42
N GLY A 1 -10.36 -7.37 -7.56
CA GLY A 1 -10.27 -5.94 -7.34
C GLY A 1 -9.99 -5.18 -8.62
N SER A 2 -9.64 -3.91 -8.49
CA SER A 2 -9.34 -3.07 -9.65
C SER A 2 -8.47 -1.89 -9.25
N ALA A 3 -7.54 -1.52 -10.13
CA ALA A 3 -6.64 -0.40 -9.88
C ALA A 3 -7.41 0.85 -9.51
N GLN A 4 -7.47 1.15 -8.21
CA GLN A 4 -8.18 2.33 -7.73
C GLN A 4 -7.24 3.52 -7.60
N ASN A 5 -7.69 4.67 -8.07
CA ASN A 5 -6.89 5.89 -8.01
C ASN A 5 -7.07 6.60 -6.67
N ILE A 6 -5.96 6.78 -5.95
CA ILE A 6 -6.01 7.45 -4.65
C ILE A 6 -5.04 8.63 -4.61
N THR A 7 -5.58 9.82 -4.33
CA THR A 7 -4.78 11.03 -4.26
C THR A 7 -4.39 11.35 -2.83
N ALA A 8 -3.17 11.84 -2.64
CA ALA A 8 -2.68 12.18 -1.31
C ALA A 8 -1.71 13.36 -1.38
N ARG A 9 -1.41 13.94 -0.22
CA ARG A 9 -0.50 15.07 -0.15
C ARG A 9 0.64 14.78 0.83
N ILE A 10 1.81 15.33 0.55
CA ILE A 10 2.98 15.14 1.41
C ILE A 10 2.67 15.52 2.85
N GLY A 11 2.82 14.57 3.76
CA GLY A 11 2.56 14.83 5.16
C GLY A 11 1.11 14.59 5.53
N GLU A 12 0.33 14.10 4.56
CA GLU A 12 -1.08 13.83 4.80
C GLU A 12 -1.33 12.34 5.00
N PRO A 13 -2.22 12.01 5.95
CA PRO A 13 -2.57 10.62 6.26
C PRO A 13 -3.35 9.95 5.15
N LEU A 14 -3.11 8.66 4.93
CA LEU A 14 -3.79 7.92 3.89
C LEU A 14 -4.04 6.48 4.34
N VAL A 15 -5.21 5.94 3.97
CA VAL A 15 -5.57 4.57 4.34
C VAL A 15 -5.87 3.75 3.10
N LEU A 16 -5.57 2.45 3.17
CA LEU A 16 -5.80 1.55 2.06
C LEU A 16 -6.50 0.27 2.52
N LYS A 17 -7.32 -0.31 1.65
CA LYS A 17 -8.05 -1.53 1.98
C LYS A 17 -7.53 -2.70 1.15
N CYS A 18 -7.64 -3.90 1.70
CA CYS A 18 -7.18 -5.11 1.01
C CYS A 18 -8.36 -5.94 0.53
N LYS A 19 -8.70 -5.81 -0.75
CA LYS A 19 -9.81 -6.55 -1.33
C LYS A 19 -9.62 -8.05 -1.15
N GLY A 20 -10.57 -8.69 -0.48
CA GLY A 20 -10.50 -10.13 -0.25
C GLY A 20 -10.67 -10.49 1.22
N ALA A 21 -10.10 -9.68 2.10
CA ALA A 21 -10.20 -9.92 3.53
C ALA A 21 -11.41 -9.20 4.13
N PRO A 22 -12.22 -9.94 4.88
CA PRO A 22 -13.42 -9.40 5.53
C PRO A 22 -13.09 -8.43 6.66
N LYS A 23 -14.08 -8.12 7.48
CA LYS A 23 -13.90 -7.20 8.61
C LYS A 23 -12.67 -7.60 9.42
N LYS A 24 -12.58 -8.89 9.76
CA LYS A 24 -11.45 -9.39 10.55
C LYS A 24 -10.52 -10.23 9.67
N PRO A 25 -9.23 -10.21 10.01
CA PRO A 25 -8.21 -10.97 9.28
C PRO A 25 -8.34 -12.47 9.49
N PRO A 26 -8.74 -13.19 8.42
CA PRO A 26 -8.92 -14.64 8.46
C PRO A 26 -7.59 -15.39 8.59
N GLN A 27 -6.94 -15.61 7.45
CA GLN A 27 -5.66 -16.31 7.43
C GLN A 27 -4.51 -15.33 7.24
N ARG A 28 -3.30 -15.86 7.18
CA ARG A 28 -2.11 -15.04 7.00
C ARG A 28 -2.13 -14.34 5.63
N LEU A 29 -1.77 -13.06 5.63
CA LEU A 29 -1.75 -12.28 4.39
C LEU A 29 -0.50 -11.42 4.32
N GLU A 30 -0.05 -11.14 3.10
CA GLU A 30 1.14 -10.33 2.88
C GLU A 30 0.81 -9.08 2.06
N TRP A 31 1.54 -8.00 2.33
CA TRP A 31 1.32 -6.74 1.62
C TRP A 31 2.59 -6.28 0.93
N LYS A 32 2.45 -5.75 -0.28
CA LYS A 32 3.59 -5.27 -1.05
C LYS A 32 3.28 -3.93 -1.71
N LEU A 33 4.22 -3.00 -1.62
CA LEU A 33 4.05 -1.68 -2.21
C LEU A 33 5.32 -1.21 -2.90
N ASN A 34 5.18 -0.62 -4.07
CA ASN A 34 6.33 -0.13 -4.83
C ASN A 34 6.30 1.39 -4.93
N THR A 35 7.40 2.03 -4.54
CA THR A 35 7.51 3.47 -4.58
C THR A 35 8.86 3.91 -5.14
N GLY A 36 9.06 5.22 -5.22
CA GLY A 36 10.32 5.75 -5.73
C GLY A 36 10.45 5.57 -7.23
N ARG A 37 11.48 4.84 -7.65
CA ARG A 37 11.72 4.61 -9.07
C ARG A 37 11.55 3.13 -9.40
N THR A 38 12.01 2.26 -8.51
CA THR A 38 11.91 0.82 -8.71
C THR A 38 12.64 0.06 -7.60
N GLU A 39 13.64 0.69 -7.02
CA GLU A 39 14.42 0.07 -5.95
C GLU A 39 13.97 0.58 -4.59
N ALA A 40 12.67 0.87 -4.47
CA ALA A 40 12.11 1.37 -3.22
C ALA A 40 10.98 0.47 -2.73
N TRP A 41 10.59 -0.49 -3.56
CA TRP A 41 9.53 -1.43 -3.21
C TRP A 41 9.89 -2.22 -1.96
N LYS A 42 8.98 -2.25 -1.00
CA LYS A 42 9.20 -2.98 0.25
C LYS A 42 7.96 -3.78 0.63
N VAL A 43 8.16 -4.85 1.38
CA VAL A 43 7.07 -5.71 1.83
C VAL A 43 6.49 -5.22 3.16
N LEU A 44 5.19 -4.92 3.16
CA LEU A 44 4.53 -4.45 4.36
C LEU A 44 4.01 -5.61 5.20
N SER A 45 4.04 -5.46 6.52
CA SER A 45 3.58 -6.50 7.43
C SER A 45 2.53 -5.96 8.39
N PRO A 46 1.82 -6.87 9.06
CA PRO A 46 0.77 -6.50 10.02
C PRO A 46 1.34 -5.87 11.29
N GLN A 47 2.66 -5.72 11.32
CA GLN A 47 3.33 -5.12 12.48
C GLN A 47 4.18 -3.93 12.06
N GLY A 48 3.62 -2.73 12.19
CA GLY A 48 4.35 -1.53 11.82
C GLY A 48 5.52 -1.25 12.76
N GLY A 49 5.37 -1.63 14.02
CA GLY A 49 6.42 -1.39 14.99
C GLY A 49 6.18 -0.13 15.81
N GLY A 50 7.26 0.39 16.41
CA GLY A 50 7.15 1.59 17.21
C GLY A 50 6.99 2.84 16.37
N PRO A 51 8.06 3.20 15.64
CA PRO A 51 8.06 4.38 14.78
C PRO A 51 7.17 4.23 13.56
N TRP A 52 5.94 4.72 13.67
CA TRP A 52 4.98 4.63 12.57
C TRP A 52 5.18 5.77 11.58
N ASP A 53 5.59 6.93 12.09
CA ASP A 53 5.82 8.10 11.25
C ASP A 53 6.92 7.83 10.24
N SER A 54 7.83 6.92 10.59
CA SER A 54 8.96 6.58 9.72
C SER A 54 8.46 5.87 8.46
N VAL A 55 7.54 4.91 8.64
CA VAL A 55 6.99 4.16 7.53
C VAL A 55 5.47 4.18 7.55
N ALA A 56 4.88 3.12 8.09
CA ALA A 56 3.43 3.01 8.17
C ALA A 56 3.02 1.88 9.10
N ARG A 57 1.72 1.79 9.39
CA ARG A 57 1.19 0.75 10.27
C ARG A 57 0.05 0.01 9.60
N VAL A 58 -0.23 -1.20 10.09
CA VAL A 58 -1.31 -2.01 9.53
C VAL A 58 -2.43 -2.19 10.54
N LEU A 59 -3.66 -1.95 10.10
CA LEU A 59 -4.83 -2.08 10.96
C LEU A 59 -5.09 -3.54 11.32
N PRO A 60 -5.80 -3.77 12.43
CA PRO A 60 -6.12 -5.11 12.91
C PRO A 60 -7.13 -5.82 12.00
N ASN A 61 -7.89 -5.04 11.24
CA ASN A 61 -8.89 -5.58 10.33
C ASN A 61 -8.25 -6.00 9.02
N GLY A 62 -6.94 -5.80 8.90
CA GLY A 62 -6.24 -6.16 7.69
C GLY A 62 -6.13 -5.01 6.71
N SER A 63 -6.08 -3.80 7.24
CA SER A 63 -5.98 -2.61 6.41
C SER A 63 -4.61 -1.93 6.58
N LEU A 64 -4.42 -0.84 5.86
CA LEU A 64 -3.16 -0.10 5.92
C LEU A 64 -3.40 1.38 6.18
N PHE A 65 -2.73 1.92 7.20
CA PHE A 65 -2.88 3.32 7.56
C PHE A 65 -1.52 4.01 7.62
N LEU A 66 -1.44 5.19 7.00
CA LEU A 66 -0.20 5.95 6.98
C LEU A 66 -0.34 7.26 7.73
N PRO A 67 0.58 7.53 8.67
CA PRO A 67 0.56 8.74 9.47
C PRO A 67 0.90 9.98 8.65
N ALA A 68 1.76 9.81 7.65
CA ALA A 68 2.16 10.91 6.79
C ALA A 68 2.82 10.41 5.52
N VAL A 69 2.07 10.42 4.42
CA VAL A 69 2.59 9.96 3.13
C VAL A 69 3.59 10.95 2.56
N GLY A 70 4.83 10.48 2.37
CA GLY A 70 5.87 11.34 1.83
C GLY A 70 5.97 11.24 0.32
N ILE A 71 6.55 12.27 -0.30
CA ILE A 71 6.71 12.28 -1.76
C ILE A 71 7.43 11.04 -2.24
N GLN A 72 8.31 10.50 -1.41
CA GLN A 72 9.07 9.30 -1.76
C GLN A 72 8.19 8.06 -1.67
N ASP A 73 7.12 8.14 -0.88
CA ASP A 73 6.21 7.02 -0.72
C ASP A 73 5.31 6.86 -1.94
N GLU A 74 5.43 7.79 -2.88
CA GLU A 74 4.64 7.76 -4.10
C GLU A 74 4.91 6.48 -4.89
N GLY A 75 3.85 5.91 -5.46
CA GLY A 75 3.99 4.69 -6.24
C GLY A 75 2.68 3.93 -6.34
N ILE A 76 2.76 2.60 -6.23
CA ILE A 76 1.58 1.76 -6.33
C ILE A 76 1.54 0.75 -5.18
N PHE A 77 0.36 0.59 -4.57
CA PHE A 77 0.19 -0.34 -3.47
C PHE A 77 -0.56 -1.59 -3.92
N ARG A 78 0.03 -2.75 -3.66
CA ARG A 78 -0.58 -4.02 -4.04
C ARG A 78 -0.68 -4.95 -2.84
N CYS A 79 -1.87 -5.52 -2.65
CA CYS A 79 -2.11 -6.44 -1.53
C CYS A 79 -2.55 -7.81 -2.04
N GLN A 80 -2.24 -8.84 -1.27
CA GLN A 80 -2.59 -10.21 -1.63
C GLN A 80 -3.04 -11.01 -0.42
N ALA A 81 -4.20 -11.65 -0.54
CA ALA A 81 -4.74 -12.45 0.55
C ALA A 81 -5.17 -13.82 0.06
N MET A 82 -5.36 -14.75 1.00
CA MET A 82 -5.78 -16.10 0.66
C MET A 82 -6.98 -16.53 1.51
N ASN A 83 -8.05 -16.96 0.83
CA ASN A 83 -9.25 -17.39 1.52
C ASN A 83 -9.17 -18.87 1.89
N ARG A 84 -10.14 -19.33 2.67
CA ARG A 84 -10.16 -20.73 3.11
C ARG A 84 -10.51 -21.66 1.94
N ASN A 85 -11.05 -21.08 0.88
CA ASN A 85 -11.43 -21.85 -0.30
C ASN A 85 -10.19 -22.29 -1.07
N GLY A 86 -9.10 -21.54 -0.92
CA GLY A 86 -7.87 -21.87 -1.62
C GLY A 86 -7.45 -20.79 -2.61
N LYS A 87 -8.42 -19.97 -3.02
CA LYS A 87 -8.15 -18.91 -3.97
C LYS A 87 -7.64 -17.65 -3.26
N GLU A 88 -6.76 -16.91 -3.93
CA GLU A 88 -6.20 -15.69 -3.37
C GLU A 88 -6.82 -14.46 -4.00
N THR A 89 -6.98 -13.41 -3.21
CA THR A 89 -7.57 -12.17 -3.69
C THR A 89 -6.49 -11.12 -3.96
N LYS A 90 -6.57 -10.49 -5.13
CA LYS A 90 -5.60 -9.46 -5.51
C LYS A 90 -6.22 -8.07 -5.40
N SER A 91 -5.41 -7.11 -4.96
CA SER A 91 -5.88 -5.73 -4.81
C SER A 91 -4.76 -4.74 -5.13
N ASN A 92 -5.04 -3.81 -6.03
CA ASN A 92 -4.06 -2.80 -6.42
C ASN A 92 -4.64 -1.40 -6.30
N TYR A 93 -3.93 -0.53 -5.58
CA TYR A 93 -4.38 0.85 -5.39
C TYR A 93 -3.27 1.83 -5.73
N ARG A 94 -3.57 2.75 -6.64
CA ARG A 94 -2.59 3.76 -7.07
C ARG A 94 -2.56 4.93 -6.09
N VAL A 95 -1.35 5.37 -5.74
CA VAL A 95 -1.18 6.47 -4.81
C VAL A 95 -0.35 7.59 -5.43
N ARG A 96 -0.83 8.82 -5.31
CA ARG A 96 -0.13 9.98 -5.86
C ARG A 96 0.00 11.09 -4.82
N VAL A 97 1.22 11.57 -4.62
CA VAL A 97 1.48 12.63 -3.66
C VAL A 97 1.43 14.00 -4.33
N TYR A 98 1.73 15.04 -3.55
CA TYR A 98 1.72 16.41 -4.07
C TYR A 98 2.83 16.61 -5.09
N GLN A 99 4.04 16.84 -4.60
CA GLN A 99 5.19 17.05 -5.46
C GLN A 99 5.49 15.79 -6.28
N ILE A 100 5.95 15.99 -7.52
CA ILE A 100 6.28 14.88 -8.40
C ILE A 100 7.74 14.93 -8.84
N PRO A 101 8.27 13.79 -9.27
CA PRO A 101 9.66 13.66 -9.73
C PRO A 101 9.89 14.39 -11.05
N GLY A 102 11.08 14.19 -11.63
CA GLY A 102 11.41 14.83 -12.89
C GLY A 102 12.87 15.19 -12.99
N LYS A 103 13.74 14.22 -12.71
CA LYS A 103 15.18 14.43 -12.76
C LYS A 103 15.92 13.11 -12.80
N PRO A 104 17.19 13.15 -13.26
CA PRO A 104 18.04 11.96 -13.35
C PRO A 104 18.44 11.43 -11.97
N GLU A 105 19.34 10.45 -11.97
CA GLU A 105 19.81 9.85 -10.72
C GLU A 105 18.66 9.18 -9.98
N ASP B 1 8.24 2.20 -14.10
CA ASP B 1 6.88 1.68 -14.02
C ASP B 1 6.30 1.93 -12.63
N GLU B 2 5.02 1.58 -12.46
CA GLU B 2 4.34 1.77 -11.20
C GLU B 2 3.68 0.47 -10.74
N PHE B 3 4.49 -0.56 -10.52
CA PHE B 3 3.98 -1.85 -10.08
C PHE B 3 3.03 -2.44 -11.12
N KPI B 4 2.34 -3.42 -10.74
CA KPI B 4 1.39 -4.09 -11.62
CB KPI B 4 0.71 -5.25 -10.85
CG KPI B 4 0.34 -6.38 -11.84
CD KPI B 4 -1.11 -6.83 -11.59
CE KPI B 4 -2.08 -5.67 -11.85
NZ KPI B 4 -2.93 -5.46 -10.67
CX1 KPI B 4 -4.03 -6.50 -10.65
C1 KPI B 4 -5.34 -5.89 -11.17
CX2 KPI B 4 -4.26 -7.11 -9.25
O1 KPI B 4 -4.89 -8.47 -9.39
O2 KPI B 4 -2.96 -7.24 -8.53
C KPI B 4 0.36 -3.10 -12.03
O KPI B 4 0.35 -2.64 -13.17
H KPI B 4 2.34 -3.88 -9.77
HA KPI B 4 1.89 -4.50 -12.51
HB KPI B 4 1.33 -5.60 -10.16
HBA KPI B 4 -0.13 -4.91 -10.41
HG KPI B 4 0.43 -6.04 -12.78
HGA KPI B 4 0.96 -7.15 -11.70
HD KPI B 4 -1.33 -7.60 -12.21
HDA KPI B 4 -1.20 -7.14 -10.64
HE KPI B 4 -1.55 -4.84 -12.03
HEA KPI B 4 -2.65 -5.87 -12.64
H1C KPI B 4 -6.10 -6.66 -11.23
H1A KPI B 4 -5.18 -5.47 -12.16
H1B KPI B 4 -5.67 -5.11 -10.48
HZ KPI B 4 -2.34 -5.54 -9.78
HX1 KPI B 4 -3.75 -7.35 -11.29
N ALA B 5 -0.51 -2.74 -11.10
CA ALA B 5 -1.56 -1.77 -11.36
C ALA B 5 -2.21 -2.03 -12.73
N ASP B 6 -2.91 -1.02 -13.24
CA ASP B 6 -3.58 -1.14 -14.53
C ASP B 6 -2.92 -0.23 -15.56
N GLU B 7 -1.63 0.03 -15.39
CA GLU B 7 -0.89 0.89 -16.30
C GLU B 7 -0.07 0.05 -17.29
N GLY A 1 -12.52 -0.90 -7.72
CA GLY A 1 -11.31 -1.64 -7.40
C GLY A 1 -10.46 -1.90 -8.64
N SER A 2 -9.33 -2.57 -8.44
CA SER A 2 -8.42 -2.87 -9.54
C SER A 2 -7.84 -1.59 -10.14
N ALA A 3 -6.56 -1.34 -9.89
CA ALA A 3 -5.90 -0.16 -10.40
C ALA A 3 -6.68 1.10 -10.06
N GLN A 4 -6.81 1.38 -8.76
CA GLN A 4 -7.54 2.55 -8.30
C GLN A 4 -6.60 3.73 -8.10
N ASN A 5 -6.98 4.89 -8.63
CA ASN A 5 -6.17 6.10 -8.49
C ASN A 5 -6.48 6.83 -7.19
N ILE A 6 -5.46 7.00 -6.35
CA ILE A 6 -5.63 7.68 -5.08
C ILE A 6 -4.64 8.83 -4.94
N THR A 7 -5.16 10.03 -4.72
CA THR A 7 -4.33 11.22 -4.58
C THR A 7 -4.08 11.53 -3.11
N ALA A 8 -2.86 11.97 -2.80
CA ALA A 8 -2.49 12.31 -1.43
C ALA A 8 -1.51 13.48 -1.40
N ARG A 9 -1.32 14.05 -0.22
CA ARG A 9 -0.41 15.18 -0.05
C ARG A 9 0.68 14.85 0.96
N ILE A 10 1.86 15.42 0.75
CA ILE A 10 2.99 15.19 1.64
C ILE A 10 2.65 15.58 3.07
N GLY A 11 2.77 14.62 3.98
CA GLY A 11 2.48 14.89 5.38
C GLY A 11 1.02 14.66 5.72
N GLU A 12 0.25 14.20 4.74
CA GLU A 12 -1.17 13.94 4.94
C GLU A 12 -1.43 12.45 5.16
N PRO A 13 -2.36 12.15 6.08
CA PRO A 13 -2.72 10.77 6.42
C PRO A 13 -3.48 10.09 5.28
N LEU A 14 -3.20 8.80 5.07
CA LEU A 14 -3.86 8.04 4.02
C LEU A 14 -4.08 6.59 4.45
N VAL A 15 -5.22 6.03 4.07
CA VAL A 15 -5.55 4.66 4.43
C VAL A 15 -5.83 3.83 3.18
N LEU A 16 -5.51 2.54 3.25
CA LEU A 16 -5.73 1.63 2.13
C LEU A 16 -6.45 0.37 2.58
N LYS A 17 -7.26 -0.19 1.69
CA LYS A 17 -8.02 -1.40 1.99
C LYS A 17 -7.51 -2.58 1.16
N CYS A 18 -7.62 -3.78 1.71
CA CYS A 18 -7.18 -4.99 1.02
C CYS A 18 -8.36 -5.90 0.71
N LYS A 19 -8.83 -5.87 -0.52
CA LYS A 19 -9.95 -6.70 -0.94
C LYS A 19 -9.71 -8.16 -0.58
N GLY A 20 -10.63 -8.72 0.20
CA GLY A 20 -10.50 -10.11 0.62
C GLY A 20 -10.55 -10.28 2.12
N ALA A 21 -9.80 -9.46 2.83
CA ALA A 21 -9.76 -9.53 4.29
C ALA A 21 -10.71 -8.50 4.90
N PRO A 22 -11.88 -8.98 5.36
CA PRO A 22 -12.89 -8.13 5.98
C PRO A 22 -12.46 -7.60 7.34
N LYS A 23 -13.44 -7.16 8.13
CA LYS A 23 -13.15 -6.63 9.47
C LYS A 23 -12.49 -7.69 10.34
N LYS A 24 -12.48 -8.93 9.87
CA LYS A 24 -11.88 -10.03 10.60
C LYS A 24 -10.50 -9.64 11.12
N PRO A 25 -9.95 -10.48 12.01
CA PRO A 25 -8.63 -10.25 12.61
C PRO A 25 -7.51 -10.41 11.60
N PRO A 26 -6.28 -10.06 12.02
CA PRO A 26 -5.09 -10.16 11.16
C PRO A 26 -4.69 -11.60 10.90
N GLN A 27 -5.10 -12.13 9.75
CA GLN A 27 -4.78 -13.50 9.38
C GLN A 27 -3.59 -13.55 8.43
N ARG A 28 -3.27 -14.75 7.95
CA ARG A 28 -2.14 -14.93 7.04
C ARG A 28 -2.39 -14.20 5.72
N LEU A 29 -1.39 -13.47 5.26
CA LEU A 29 -1.50 -12.72 4.00
C LEU A 29 -0.16 -12.11 3.61
N GLU A 30 -0.12 -11.51 2.42
CA GLU A 30 1.10 -10.89 1.93
C GLU A 30 0.84 -9.46 1.48
N TRP A 31 1.69 -8.54 1.94
CA TRP A 31 1.54 -7.13 1.59
C TRP A 31 2.83 -6.60 0.97
N LYS A 32 2.69 -5.96 -0.19
CA LYS A 32 3.85 -5.39 -0.89
C LYS A 32 3.52 -4.02 -1.46
N LEU A 33 4.45 -3.09 -1.33
CA LEU A 33 4.26 -1.73 -1.84
C LEU A 33 5.53 -1.23 -2.52
N ASN A 34 5.36 -0.58 -3.67
CA ASN A 34 6.48 -0.04 -4.42
C ASN A 34 6.44 1.49 -4.45
N THR A 35 7.53 2.12 -4.04
CA THR A 35 7.62 3.57 -4.02
C THR A 35 8.97 4.05 -4.51
N GLY A 36 9.17 5.36 -4.53
CA GLY A 36 10.43 5.93 -4.97
C GLY A 36 10.60 5.84 -6.48
N ARG A 37 11.71 5.27 -6.92
CA ARG A 37 12.00 5.13 -8.34
C ARG A 37 11.98 3.67 -8.75
N THR A 38 12.50 2.79 -7.88
CA THR A 38 12.55 1.37 -8.16
C THR A 38 13.21 0.61 -7.02
N GLU A 39 14.13 1.27 -6.33
CA GLU A 39 14.85 0.66 -5.22
C GLU A 39 14.28 1.13 -3.88
N ALA A 40 12.98 1.37 -3.84
CA ALA A 40 12.31 1.82 -2.63
C ALA A 40 11.20 0.87 -2.22
N TRP A 41 10.91 -0.11 -3.08
CA TRP A 41 9.87 -1.08 -2.81
C TRP A 41 10.20 -1.90 -1.57
N LYS A 42 9.24 -2.03 -0.66
CA LYS A 42 9.43 -2.79 0.56
C LYS A 42 8.28 -3.77 0.78
N VAL A 43 8.56 -4.84 1.51
CA VAL A 43 7.55 -5.86 1.79
C VAL A 43 6.81 -5.55 3.10
N LEU A 44 5.51 -5.31 2.98
CA LEU A 44 4.69 -5.01 4.16
C LEU A 44 4.11 -6.29 4.76
N SER A 45 3.90 -6.27 6.08
CA SER A 45 3.36 -7.43 6.77
C SER A 45 2.11 -7.03 7.57
N PRO A 46 1.31 -8.05 7.94
CA PRO A 46 0.08 -7.84 8.71
C PRO A 46 0.35 -7.40 10.14
N GLN A 47 1.63 -7.27 10.48
CA GLN A 47 2.02 -6.85 11.82
C GLN A 47 2.84 -5.57 11.77
N GLY A 48 2.16 -4.46 11.48
CA GLY A 48 2.83 -3.17 11.41
C GLY A 48 2.58 -2.31 12.63
N GLY A 49 2.24 -2.96 13.75
CA GLY A 49 1.98 -2.24 14.98
C GLY A 49 3.25 -1.76 15.65
N GLY A 50 4.04 -0.96 14.95
CA GLY A 50 5.28 -0.46 15.51
C GLY A 50 5.45 1.03 15.28
N PRO A 51 6.61 1.42 14.71
CA PRO A 51 6.93 2.82 14.42
C PRO A 51 6.07 3.39 13.30
N TRP A 52 4.95 3.99 13.66
CA TRP A 52 4.03 4.58 12.68
C TRP A 52 4.49 5.98 12.29
N ASP A 53 5.06 6.70 13.25
CA ASP A 53 5.54 8.05 13.02
C ASP A 53 6.59 8.07 11.92
N SER A 54 7.27 6.95 11.74
CA SER A 54 8.31 6.84 10.72
C SER A 54 7.72 6.39 9.39
N VAL A 55 6.87 5.38 9.44
CA VAL A 55 6.24 4.85 8.24
C VAL A 55 4.72 4.76 8.41
N ALA A 56 4.24 3.56 8.73
CA ALA A 56 2.81 3.35 8.94
C ALA A 56 2.55 2.02 9.62
N ARG A 57 1.28 1.76 9.93
CA ARG A 57 0.90 0.52 10.60
C ARG A 57 -0.15 -0.23 9.79
N VAL A 58 -0.30 -1.51 10.07
CA VAL A 58 -1.26 -2.35 9.35
C VAL A 58 -2.45 -2.70 10.24
N LEU A 59 -3.65 -2.45 9.74
CA LEU A 59 -4.87 -2.73 10.48
C LEU A 59 -5.10 -4.23 10.60
N PRO A 60 -5.90 -4.63 11.60
CA PRO A 60 -6.22 -6.04 11.85
C PRO A 60 -7.11 -6.63 10.76
N ASN A 61 -7.84 -5.77 10.07
CA ASN A 61 -8.74 -6.19 9.01
C ASN A 61 -7.98 -6.38 7.70
N GLY A 62 -6.67 -6.17 7.74
CA GLY A 62 -5.85 -6.32 6.55
C GLY A 62 -5.73 -5.02 5.76
N SER A 63 -5.77 -3.90 6.47
CA SER A 63 -5.68 -2.58 5.83
C SER A 63 -4.38 -1.88 6.21
N LEU A 64 -4.16 -0.71 5.66
CA LEU A 64 -2.95 0.07 5.94
C LEU A 64 -3.31 1.52 6.28
N PHE A 65 -2.75 2.01 7.38
CA PHE A 65 -3.00 3.37 7.82
C PHE A 65 -1.69 4.14 8.00
N LEU A 66 -1.60 5.31 7.37
CA LEU A 66 -0.41 6.14 7.46
C LEU A 66 -0.73 7.49 8.08
N PRO A 67 0.08 7.90 9.06
CA PRO A 67 -0.09 9.18 9.74
C PRO A 67 0.24 10.37 8.85
N ALA A 68 1.19 10.18 7.95
CA ALA A 68 1.59 11.24 7.03
C ALA A 68 2.43 10.68 5.88
N VAL A 69 1.80 10.51 4.72
CA VAL A 69 2.49 9.99 3.55
C VAL A 69 3.43 11.03 2.96
N GLY A 70 4.72 10.70 2.93
CA GLY A 70 5.72 11.60 2.39
C GLY A 70 5.87 11.46 0.89
N ILE A 71 6.50 12.46 0.27
CA ILE A 71 6.72 12.44 -1.17
C ILE A 71 7.45 11.18 -1.60
N GLN A 72 8.29 10.65 -0.72
CA GLN A 72 9.05 9.45 -1.00
C GLN A 72 8.15 8.22 -0.95
N ASP A 73 7.04 8.33 -0.25
CA ASP A 73 6.10 7.22 -0.12
C ASP A 73 5.29 7.04 -1.41
N GLU A 74 5.48 7.96 -2.34
CA GLU A 74 4.77 7.91 -3.62
C GLU A 74 5.08 6.61 -4.37
N GLY A 75 4.08 6.05 -5.03
CA GLY A 75 4.27 4.81 -5.77
C GLY A 75 2.97 4.07 -5.99
N ILE A 76 3.04 2.75 -5.92
CA ILE A 76 1.85 1.91 -6.12
C ILE A 76 1.71 0.89 -5.00
N PHE A 77 0.48 0.73 -4.50
CA PHE A 77 0.21 -0.21 -3.43
C PHE A 77 -0.43 -1.48 -3.98
N ARG A 78 0.14 -2.63 -3.64
CA ARG A 78 -0.37 -3.92 -4.10
C ARG A 78 -0.64 -4.85 -2.93
N CYS A 79 -1.81 -5.46 -2.92
CA CYS A 79 -2.19 -6.37 -1.85
C CYS A 79 -2.55 -7.74 -2.41
N GLN A 80 -2.32 -8.79 -1.62
CA GLN A 80 -2.61 -10.15 -2.04
C GLN A 80 -2.99 -11.02 -0.84
N ALA A 81 -4.16 -11.66 -0.93
CA ALA A 81 -4.64 -12.52 0.15
C ALA A 81 -5.11 -13.86 -0.39
N MET A 82 -5.25 -14.84 0.50
CA MET A 82 -5.69 -16.17 0.11
C MET A 82 -6.77 -16.69 1.06
N ASN A 83 -7.90 -17.07 0.51
CA ASN A 83 -9.01 -17.59 1.31
C ASN A 83 -8.86 -19.09 1.55
N ARG A 84 -9.70 -19.63 2.41
CA ARG A 84 -9.66 -21.06 2.73
C ARG A 84 -10.21 -21.89 1.57
N ASN A 85 -10.96 -21.24 0.69
CA ASN A 85 -11.55 -21.91 -0.47
C ASN A 85 -10.47 -22.23 -1.51
N GLY A 86 -9.35 -21.53 -1.43
CA GLY A 86 -8.27 -21.76 -2.37
C GLY A 86 -8.10 -20.61 -3.34
N LYS A 87 -9.06 -19.69 -3.35
CA LYS A 87 -9.02 -18.54 -4.25
C LYS A 87 -8.20 -17.41 -3.63
N GLU A 88 -7.48 -16.67 -4.47
CA GLU A 88 -6.67 -15.55 -4.00
C GLU A 88 -7.31 -14.22 -4.35
N THR A 89 -7.14 -13.23 -3.48
CA THR A 89 -7.70 -11.91 -3.70
C THR A 89 -6.64 -10.93 -4.20
N LYS A 90 -6.93 -10.28 -5.32
CA LYS A 90 -6.00 -9.32 -5.90
C LYS A 90 -6.47 -7.89 -5.66
N SER A 91 -5.55 -7.02 -5.25
CA SER A 91 -5.88 -5.63 -4.99
C SER A 91 -4.72 -4.72 -5.38
N ASN A 92 -4.98 -3.80 -6.31
CA ASN A 92 -3.96 -2.87 -6.78
C ASN A 92 -4.48 -1.44 -6.74
N TYR A 93 -3.80 -0.58 -5.97
CA TYR A 93 -4.19 0.82 -5.87
C TYR A 93 -2.99 1.74 -6.07
N ARG A 94 -3.14 2.70 -6.99
CA ARG A 94 -2.07 3.64 -7.28
C ARG A 94 -2.08 4.80 -6.29
N VAL A 95 -0.90 5.19 -5.82
CA VAL A 95 -0.78 6.28 -4.86
C VAL A 95 0.09 7.40 -5.43
N ARG A 96 -0.41 8.63 -5.35
CA ARG A 96 0.31 9.79 -5.85
C ARG A 96 0.32 10.91 -4.82
N VAL A 97 1.51 11.43 -4.53
CA VAL A 97 1.66 12.51 -3.56
C VAL A 97 1.64 13.88 -4.25
N TYR A 98 1.82 14.94 -3.47
CA TYR A 98 1.82 16.29 -4.00
C TYR A 98 2.96 16.49 -4.99
N GLN A 99 4.19 16.50 -4.48
CA GLN A 99 5.37 16.68 -5.31
C GLN A 99 5.72 15.40 -6.06
N ILE A 100 6.09 15.53 -7.32
CA ILE A 100 6.44 14.38 -8.14
C ILE A 100 7.87 14.50 -8.66
N PRO A 101 8.46 13.36 -9.05
CA PRO A 101 9.83 13.31 -9.59
C PRO A 101 9.93 13.96 -10.96
N GLY A 102 11.15 14.01 -11.49
CA GLY A 102 11.37 14.60 -12.80
C GLY A 102 12.61 14.06 -13.47
N LYS A 103 13.05 12.88 -13.05
CA LYS A 103 14.24 12.26 -13.62
C LYS A 103 15.46 13.17 -13.48
N PRO A 104 15.93 13.33 -12.24
CA PRO A 104 17.10 14.17 -11.94
C PRO A 104 18.40 13.57 -12.46
N GLU A 105 19.29 14.43 -12.95
CA GLU A 105 20.57 13.98 -13.49
C GLU A 105 21.72 14.49 -12.62
N ASP B 1 6.39 -0.92 -14.74
CA ASP B 1 6.76 0.45 -14.43
C ASP B 1 6.81 0.67 -12.92
N GLU B 2 5.71 0.37 -12.25
CA GLU B 2 5.62 0.54 -10.80
C GLU B 2 4.97 -0.68 -10.15
N PHE B 3 3.92 -1.20 -10.78
CA PHE B 3 3.20 -2.35 -10.26
C PHE B 3 2.24 -2.91 -11.30
N KPI B 4 1.43 -3.77 -10.89
CA KPI B 4 0.43 -4.40 -11.77
CB KPI B 4 -0.56 -5.21 -10.93
CG KPI B 4 -1.69 -5.75 -11.84
CD KPI B 4 -2.48 -6.85 -11.09
CE KPI B 4 -1.53 -8.02 -10.73
NZ KPI B 4 -1.33 -8.07 -9.29
CX1 KPI B 4 -2.63 -8.48 -8.61
C1 KPI B 4 -3.15 -7.31 -7.75
CX2 KPI B 4 -2.73 -9.78 -7.80
O1 KPI B 4 -1.35 -10.36 -7.62
O2 KPI B 4 -3.34 -9.50 -6.46
C KPI B 4 -0.28 -3.31 -12.49
O KPI B 4 -0.59 -3.44 -13.67
H KPI B 4 1.33 -4.15 -9.90
HA KPI B 4 0.92 -5.06 -12.49
HB KPI B 4 -0.09 -5.98 -10.49
HBA KPI B 4 -0.97 -4.62 -10.22
HG KPI B 4 -2.31 -5.00 -12.08
HGA KPI B 4 -1.28 -6.14 -12.66
HD KPI B 4 -2.86 -6.47 -10.25
HDA KPI B 4 -3.22 -7.18 -11.68
HE KPI B 4 -1.94 -8.88 -11.05
HEA KPI B 4 -0.65 -7.87 -11.19
H1C KPI B 4 -4.19 -7.49 -7.47
H1A KPI B 4 -3.08 -6.37 -8.32
H1B KPI B 4 -2.55 -7.22 -6.84
HZ KPI B 4 -0.57 -8.78 -9.05
HX1 KPI B 4 -3.38 -8.72 -9.37
N ALA B 5 -0.56 -2.22 -11.79
CA ALA B 5 -1.26 -1.09 -12.37
C ALA B 5 -0.71 -0.76 -13.76
N ASP B 6 -1.55 -0.16 -14.59
CA ASP B 6 -1.15 0.22 -15.94
C ASP B 6 -1.87 1.48 -16.40
N GLU B 7 -2.41 2.23 -15.43
CA GLU B 7 -3.12 3.46 -15.75
C GLU B 7 -4.17 3.23 -16.82
N GLY A 1 -10.76 -7.17 -7.74
CA GLY A 1 -10.17 -5.86 -7.49
C GLY A 1 -9.84 -5.12 -8.77
N SER A 2 -9.30 -3.92 -8.63
CA SER A 2 -8.94 -3.10 -9.78
C SER A 2 -8.09 -1.92 -9.37
N ALA A 3 -7.19 -1.50 -10.25
CA ALA A 3 -6.31 -0.36 -9.97
C ALA A 3 -7.12 0.87 -9.59
N GLN A 4 -7.18 1.15 -8.29
CA GLN A 4 -7.92 2.30 -7.79
C GLN A 4 -7.02 3.51 -7.65
N ASN A 5 -7.49 4.66 -8.12
CA ASN A 5 -6.71 5.90 -8.05
C ASN A 5 -6.87 6.56 -6.67
N ILE A 6 -5.74 6.74 -5.98
CA ILE A 6 -5.75 7.36 -4.67
C ILE A 6 -4.80 8.55 -4.61
N THR A 7 -5.35 9.73 -4.30
CA THR A 7 -4.55 10.94 -4.22
C THR A 7 -4.14 11.23 -2.78
N ALA A 8 -2.92 11.72 -2.60
CA ALA A 8 -2.41 12.05 -1.28
C ALA A 8 -1.48 13.25 -1.32
N ARG A 9 -1.20 13.82 -0.16
CA ARG A 9 -0.31 14.98 -0.07
C ARG A 9 0.84 14.71 0.89
N ILE A 10 1.99 15.32 0.62
CA ILE A 10 3.17 15.14 1.47
C ILE A 10 2.86 15.52 2.91
N GLY A 11 3.05 14.56 3.82
CA GLY A 11 2.79 14.81 5.22
C GLY A 11 1.35 14.59 5.60
N GLU A 12 0.55 14.15 4.63
CA GLU A 12 -0.88 13.90 4.86
C GLU A 12 -1.14 12.41 5.05
N PRO A 13 -2.05 12.08 5.99
CA PRO A 13 -2.41 10.70 6.29
C PRO A 13 -3.20 10.05 5.16
N LEU A 14 -2.97 8.76 4.93
CA LEU A 14 -3.66 8.03 3.87
C LEU A 14 -3.93 6.59 4.32
N VAL A 15 -5.10 6.07 3.92
CA VAL A 15 -5.48 4.70 4.26
C VAL A 15 -5.73 3.88 3.01
N LEU A 16 -5.41 2.59 3.07
CA LEU A 16 -5.61 1.69 1.94
C LEU A 16 -6.31 0.41 2.38
N LYS A 17 -7.12 -0.15 1.50
CA LYS A 17 -7.86 -1.38 1.79
C LYS A 17 -7.35 -2.53 0.92
N CYS A 18 -7.46 -3.74 1.44
CA CYS A 18 -7.02 -4.93 0.71
C CYS A 18 -8.22 -5.75 0.24
N LYS A 19 -8.57 -5.60 -1.03
CA LYS A 19 -9.68 -6.34 -1.61
C LYS A 19 -9.52 -7.84 -1.41
N GLY A 20 -10.53 -8.47 -0.84
CA GLY A 20 -10.48 -9.90 -0.62
C GLY A 20 -10.72 -10.27 0.83
N ALA A 21 -10.18 -9.46 1.74
CA ALA A 21 -10.34 -9.70 3.18
C ALA A 21 -11.56 -8.97 3.71
N PRO A 22 -12.37 -9.68 4.51
CA PRO A 22 -13.58 -9.12 5.12
C PRO A 22 -13.26 -8.09 6.20
N LYS A 23 -14.27 -7.77 7.01
CA LYS A 23 -14.09 -6.80 8.09
C LYS A 23 -12.84 -7.09 8.89
N LYS A 24 -12.70 -8.35 9.33
CA LYS A 24 -11.53 -8.76 10.10
C LYS A 24 -10.66 -9.72 9.31
N PRO A 25 -9.35 -9.72 9.62
CA PRO A 25 -8.38 -10.59 8.94
C PRO A 25 -8.57 -12.06 9.28
N PRO A 26 -9.03 -12.84 8.30
CA PRO A 26 -9.27 -14.28 8.48
C PRO A 26 -7.98 -15.06 8.63
N GLN A 27 -7.37 -15.42 7.49
CA GLN A 27 -6.12 -16.17 7.51
C GLN A 27 -4.92 -15.25 7.26
N ARG A 28 -3.74 -15.85 7.20
CA ARG A 28 -2.51 -15.08 6.97
C ARG A 28 -2.55 -14.41 5.60
N LEU A 29 -2.18 -13.13 5.57
CA LEU A 29 -2.16 -12.37 4.33
C LEU A 29 -0.89 -11.54 4.21
N GLU A 30 -0.38 -11.41 2.99
CA GLU A 30 0.84 -10.63 2.75
C GLU A 30 0.57 -9.51 1.75
N TRP A 31 1.03 -8.31 2.08
CA TRP A 31 0.84 -7.15 1.21
C TRP A 31 2.20 -6.55 0.81
N LYS A 32 2.27 -6.04 -0.41
CA LYS A 32 3.49 -5.44 -0.91
C LYS A 32 3.20 -4.15 -1.68
N LEU A 33 4.02 -3.14 -1.45
CA LEU A 33 3.85 -1.85 -2.11
C LEU A 33 5.18 -1.33 -2.64
N ASN A 34 5.13 -0.71 -3.82
CA ASN A 34 6.33 -0.16 -4.44
C ASN A 34 6.28 1.36 -4.48
N THR A 35 7.31 2.01 -3.93
CA THR A 35 7.38 3.45 -3.90
C THR A 35 8.78 3.94 -4.22
N GLY A 36 8.97 5.27 -4.20
CA GLY A 36 10.26 5.83 -4.48
C GLY A 36 10.59 5.85 -5.97
N ARG A 37 11.76 5.34 -6.33
CA ARG A 37 12.19 5.30 -7.72
C ARG A 37 12.26 3.86 -8.22
N THR A 38 12.70 2.96 -7.35
CA THR A 38 12.83 1.55 -7.70
C THR A 38 13.43 0.75 -6.56
N GLU A 39 14.26 1.40 -5.76
CA GLU A 39 14.91 0.75 -4.63
C GLU A 39 14.23 1.12 -3.32
N ALA A 40 12.92 1.34 -3.37
CA ALA A 40 12.16 1.71 -2.19
C ALA A 40 11.04 0.70 -1.91
N TRP A 41 10.86 -0.24 -2.84
CA TRP A 41 9.83 -1.26 -2.69
C TRP A 41 10.05 -2.08 -1.43
N LYS A 42 9.02 -2.21 -0.61
CA LYS A 42 9.09 -2.97 0.63
C LYS A 42 7.86 -3.84 0.81
N VAL A 43 7.96 -4.85 1.67
CA VAL A 43 6.85 -5.75 1.95
C VAL A 43 6.14 -5.37 3.23
N LEU A 44 4.84 -5.12 3.14
CA LEU A 44 4.04 -4.74 4.30
C LEU A 44 3.48 -5.98 5.00
N SER A 45 3.43 -5.93 6.33
CA SER A 45 2.92 -7.05 7.11
C SER A 45 1.83 -6.58 8.09
N PRO A 46 1.06 -7.54 8.60
CA PRO A 46 -0.02 -7.25 9.55
C PRO A 46 0.49 -6.79 10.91
N GLN A 47 1.81 -6.69 11.03
CA GLN A 47 2.43 -6.26 12.28
C GLN A 47 3.59 -5.31 12.00
N GLY A 48 3.26 -4.08 11.59
CA GLY A 48 4.29 -3.10 11.31
C GLY A 48 4.99 -2.60 12.56
N GLY A 49 4.20 -2.26 13.57
CA GLY A 49 4.76 -1.77 14.82
C GLY A 49 5.84 -0.73 14.60
N GLY A 50 6.78 -0.64 15.54
CA GLY A 50 7.85 0.34 15.42
C GLY A 50 7.34 1.73 15.15
N PRO A 51 8.22 2.59 14.62
CA PRO A 51 7.87 3.99 14.31
C PRO A 51 6.91 4.09 13.13
N TRP A 52 5.77 4.72 13.36
CA TRP A 52 4.76 4.89 12.33
C TRP A 52 5.08 6.10 11.45
N ASP A 53 5.64 7.14 12.06
CA ASP A 53 6.00 8.35 11.34
C ASP A 53 7.08 8.06 10.29
N SER A 54 7.87 7.02 10.54
CA SER A 54 8.94 6.65 9.62
C SER A 54 8.38 6.00 8.36
N VAL A 55 7.44 5.06 8.55
CA VAL A 55 6.82 4.37 7.44
C VAL A 55 5.30 4.40 7.54
N ALA A 56 4.73 3.31 8.05
CA ALA A 56 3.28 3.22 8.22
C ALA A 56 2.91 2.05 9.11
N ARG A 57 1.63 1.95 9.46
CA ARG A 57 1.14 0.88 10.32
C ARG A 57 -0.02 0.14 9.65
N VAL A 58 -0.27 -1.09 10.11
CA VAL A 58 -1.35 -1.90 9.56
C VAL A 58 -2.49 -2.03 10.56
N LEU A 59 -3.71 -1.78 10.09
CA LEU A 59 -4.88 -1.87 10.94
C LEU A 59 -5.18 -3.32 11.31
N PRO A 60 -5.90 -3.51 12.43
CA PRO A 60 -6.27 -4.85 12.92
C PRO A 60 -7.29 -5.54 12.01
N ASN A 61 -8.02 -4.74 11.24
CA ASN A 61 -9.03 -5.27 10.34
C ASN A 61 -8.40 -5.74 9.02
N GLY A 62 -7.08 -5.59 8.93
CA GLY A 62 -6.38 -6.00 7.72
C GLY A 62 -6.22 -4.87 6.73
N SER A 63 -6.18 -3.64 7.24
CA SER A 63 -6.04 -2.47 6.39
C SER A 63 -4.68 -1.80 6.60
N LEU A 64 -4.44 -0.71 5.88
CA LEU A 64 -3.19 0.02 5.99
C LEU A 64 -3.44 1.51 6.23
N PHE A 65 -2.81 2.04 7.28
CA PHE A 65 -2.97 3.45 7.63
C PHE A 65 -1.61 4.13 7.75
N LEU A 66 -1.48 5.29 7.12
CA LEU A 66 -0.23 6.04 7.16
C LEU A 66 -0.42 7.38 7.87
N PRO A 67 0.47 7.67 8.83
CA PRO A 67 0.43 8.93 9.59
C PRO A 67 0.77 10.14 8.75
N ALA A 68 1.67 9.95 7.77
CA ALA A 68 2.08 11.04 6.90
C ALA A 68 2.86 10.51 5.70
N VAL A 69 2.19 10.42 4.56
CA VAL A 69 2.82 9.93 3.34
C VAL A 69 3.71 10.99 2.73
N GLY A 70 5.01 10.68 2.62
CA GLY A 70 5.96 11.61 2.05
C GLY A 70 6.07 11.48 0.54
N ILE A 71 6.67 12.47 -0.10
CA ILE A 71 6.84 12.46 -1.55
C ILE A 71 7.55 11.19 -2.00
N GLN A 72 8.43 10.66 -1.14
CA GLN A 72 9.17 9.46 -1.46
C GLN A 72 8.28 8.22 -1.34
N ASP A 73 7.21 8.34 -0.57
CA ASP A 73 6.27 7.24 -0.37
C ASP A 73 5.40 7.04 -1.60
N GLU A 74 5.54 7.94 -2.57
CA GLU A 74 4.76 7.87 -3.80
C GLU A 74 4.99 6.54 -4.52
N GLY A 75 3.93 5.99 -5.11
CA GLY A 75 4.06 4.73 -5.81
C GLY A 75 2.73 4.00 -5.91
N ILE A 76 2.80 2.67 -6.00
CA ILE A 76 1.60 1.85 -6.10
C ILE A 76 1.58 0.78 -4.99
N PHE A 77 0.41 0.62 -4.37
CA PHE A 77 0.26 -0.36 -3.30
C PHE A 77 -0.49 -1.58 -3.80
N ARG A 78 0.04 -2.76 -3.52
CA ARG A 78 -0.57 -4.01 -3.94
C ARG A 78 -0.82 -4.93 -2.73
N CYS A 79 -1.98 -5.57 -2.71
CA CYS A 79 -2.34 -6.48 -1.63
C CYS A 79 -2.62 -7.88 -2.16
N GLN A 80 -2.34 -8.88 -1.34
CA GLN A 80 -2.55 -10.27 -1.72
C GLN A 80 -3.14 -11.08 -0.56
N ALA A 81 -4.28 -11.73 -0.81
CA ALA A 81 -4.93 -12.53 0.21
C ALA A 81 -5.32 -13.89 -0.33
N MET A 82 -5.63 -14.83 0.57
CA MET A 82 -6.02 -16.17 0.18
C MET A 82 -7.30 -16.60 0.88
N ASN A 83 -8.29 -17.01 0.09
CA ASN A 83 -9.58 -17.44 0.64
C ASN A 83 -9.54 -18.91 1.03
N ARG A 84 -10.60 -19.38 1.68
CA ARG A 84 -10.69 -20.77 2.11
C ARG A 84 -10.86 -21.69 0.91
N ASN A 85 -11.27 -21.12 -0.22
CA ASN A 85 -11.48 -21.90 -1.44
C ASN A 85 -10.15 -22.33 -2.04
N GLY A 86 -9.08 -21.64 -1.65
CA GLY A 86 -7.76 -21.97 -2.16
C GLY A 86 -7.24 -20.92 -3.12
N LYS A 87 -8.15 -20.11 -3.67
CA LYS A 87 -7.78 -19.07 -4.61
C LYS A 87 -7.34 -17.80 -3.88
N GLU A 88 -6.41 -17.07 -4.48
CA GLU A 88 -5.91 -15.83 -3.88
C GLU A 88 -6.51 -14.61 -4.58
N THR A 89 -6.76 -13.56 -3.81
CA THR A 89 -7.32 -12.33 -4.35
C THR A 89 -6.26 -11.26 -4.53
N LYS A 90 -6.24 -10.64 -5.71
CA LYS A 90 -5.26 -9.60 -6.01
C LYS A 90 -5.88 -8.21 -5.83
N SER A 91 -5.07 -7.27 -5.37
CA SER A 91 -5.53 -5.90 -5.16
C SER A 91 -4.43 -4.89 -5.51
N ASN A 92 -4.79 -3.92 -6.34
CA ASN A 92 -3.84 -2.89 -6.76
C ASN A 92 -4.42 -1.50 -6.55
N TYR A 93 -3.64 -0.64 -5.88
CA TYR A 93 -4.09 0.73 -5.61
C TYR A 93 -3.00 1.73 -5.98
N ARG A 94 -3.36 2.70 -6.81
CA ARG A 94 -2.41 3.72 -7.23
C ARG A 94 -2.33 4.85 -6.22
N VAL A 95 -1.10 5.23 -5.84
CA VAL A 95 -0.90 6.29 -4.88
C VAL A 95 -0.08 7.43 -5.48
N ARG A 96 -0.57 8.65 -5.33
CA ARG A 96 0.12 9.82 -5.86
C ARG A 96 0.22 10.92 -4.80
N VAL A 97 1.43 11.43 -4.59
CA VAL A 97 1.65 12.49 -3.61
C VAL A 97 1.60 13.86 -4.27
N TYR A 98 1.84 14.90 -3.47
CA TYR A 98 1.83 16.27 -3.98
C TYR A 98 2.90 16.47 -5.04
N GLN A 99 4.13 16.67 -4.60
CA GLN A 99 5.24 16.89 -5.52
C GLN A 99 5.57 15.60 -6.28
N ILE A 100 5.95 15.76 -7.54
CA ILE A 100 6.30 14.61 -8.37
C ILE A 100 7.72 14.72 -8.90
N PRO A 101 8.29 13.57 -9.31
CA PRO A 101 9.66 13.52 -9.85
C PRO A 101 9.76 14.18 -11.22
N GLY A 102 10.99 14.52 -11.61
CA GLY A 102 11.21 15.15 -12.90
C GLY A 102 12.15 14.36 -13.78
N LYS A 103 13.36 14.89 -13.99
CA LYS A 103 14.36 14.23 -14.82
C LYS A 103 15.53 13.76 -13.98
N PRO A 104 16.27 12.76 -14.49
CA PRO A 104 17.43 12.20 -13.79
C PRO A 104 18.60 13.18 -13.76
N GLU A 105 19.63 12.83 -12.98
CA GLU A 105 20.81 13.68 -12.85
C GLU A 105 22.07 12.83 -12.75
N ASP B 1 10.17 1.73 -13.40
CA ASP B 1 9.21 0.63 -13.34
C ASP B 1 8.13 0.89 -12.31
N GLU B 2 6.94 0.35 -12.55
CA GLU B 2 5.81 0.53 -11.64
C GLU B 2 4.98 -0.74 -11.53
N PHE B 3 4.21 -0.84 -10.47
CA PHE B 3 3.36 -2.01 -10.24
C PHE B 3 2.31 -2.15 -11.34
N KPI B 4 1.37 -2.92 -11.11
CA KPI B 4 0.29 -3.16 -12.06
CB KPI B 4 -0.94 -3.75 -11.33
CG KPI B 4 -0.70 -5.24 -11.02
CD KPI B 4 -1.82 -6.09 -11.64
CE KPI B 4 -2.12 -7.30 -10.72
NZ KPI B 4 -3.01 -6.88 -9.62
CX1 KPI B 4 -3.07 -7.98 -8.58
C1 KPI B 4 -3.82 -9.19 -9.15
CX2 KPI B 4 -3.70 -7.57 -7.23
O1 KPI B 4 -3.01 -8.31 -6.12
O2 KPI B 4 -3.54 -6.09 -7.02
C KPI B 4 -0.08 -1.85 -12.66
O KPI B 4 0.27 -1.56 -13.81
H KPI B 4 1.19 -3.50 -10.23
HA KPI B 4 0.60 -3.85 -12.85
HB KPI B 4 -1.09 -3.25 -10.47
HBA KPI B 4 -1.75 -3.66 -11.92
HG KPI B 4 0.19 -5.51 -11.40
HGA KPI B 4 -0.69 -5.37 -10.02
HD KPI B 4 -2.65 -5.54 -11.74
HDA KPI B 4 -1.52 -6.43 -12.54
HE KPI B 4 -2.57 -8.02 -11.25
HEA KPI B 4 -1.26 -7.65 -10.34
H1C KPI B 4 -3.74 -10.02 -8.45
H1A KPI B 4 -3.38 -9.47 -10.10
H1B KPI B 4 -4.87 -8.93 -9.30
HZ KPI B 4 -2.62 -5.99 -9.19
HX1 KPI B 4 -2.06 -8.27 -8.30
N ALA B 5 -0.80 -1.04 -11.91
CA ALA B 5 -1.23 0.27 -12.38
C ALA B 5 -1.64 0.22 -13.85
N ASP B 6 -1.45 1.34 -14.56
CA ASP B 6 -1.81 1.42 -15.96
C ASP B 6 -3.33 1.44 -16.14
N GLU B 7 -4.01 2.14 -15.24
CA GLU B 7 -5.47 2.23 -15.30
C GLU B 7 -5.92 2.65 -16.69
N GLY A 1 -12.89 -2.03 -7.42
CA GLY A 1 -11.59 -1.42 -7.30
C GLY A 1 -10.63 -1.87 -8.39
N SER A 2 -9.62 -2.65 -8.02
CA SER A 2 -8.65 -3.15 -8.98
C SER A 2 -7.86 -1.99 -9.60
N ALA A 3 -6.62 -1.82 -9.17
CA ALA A 3 -5.76 -0.76 -9.68
C ALA A 3 -6.47 0.59 -9.63
N GLN A 4 -6.79 1.03 -8.40
CA GLN A 4 -7.46 2.30 -8.21
C GLN A 4 -6.46 3.42 -7.97
N ASN A 5 -6.65 4.54 -8.67
CA ASN A 5 -5.75 5.68 -8.52
C ASN A 5 -6.24 6.62 -7.42
N ILE A 6 -5.38 6.87 -6.44
CA ILE A 6 -5.72 7.75 -5.33
C ILE A 6 -4.71 8.87 -5.19
N THR A 7 -5.20 10.11 -5.17
CA THR A 7 -4.33 11.27 -5.04
C THR A 7 -4.22 11.71 -3.58
N ALA A 8 -3.02 12.15 -3.20
CA ALA A 8 -2.78 12.60 -1.83
C ALA A 8 -1.74 13.71 -1.80
N ARG A 9 -1.61 14.36 -0.65
CA ARG A 9 -0.65 15.44 -0.48
C ARG A 9 0.41 15.08 0.54
N ILE A 10 1.62 15.61 0.35
CA ILE A 10 2.72 15.34 1.26
C ILE A 10 2.34 15.68 2.70
N GLY A 11 2.42 14.68 3.58
CA GLY A 11 2.08 14.88 4.98
C GLY A 11 0.61 14.66 5.26
N GLU A 12 -0.09 14.08 4.29
CA GLU A 12 -1.52 13.82 4.43
C GLU A 12 -1.77 12.35 4.74
N PRO A 13 -2.71 12.08 5.66
CA PRO A 13 -3.07 10.73 6.07
C PRO A 13 -3.80 9.97 4.97
N LEU A 14 -3.53 8.68 4.86
CA LEU A 14 -4.17 7.84 3.85
C LEU A 14 -4.40 6.43 4.38
N VAL A 15 -5.53 5.83 4.00
CA VAL A 15 -5.86 4.48 4.44
C VAL A 15 -6.21 3.59 3.25
N LEU A 16 -5.84 2.32 3.33
CA LEU A 16 -6.12 1.37 2.25
C LEU A 16 -6.73 0.09 2.81
N LYS A 17 -7.60 -0.53 2.02
CA LYS A 17 -8.26 -1.76 2.43
C LYS A 17 -7.81 -2.94 1.56
N CYS A 18 -7.87 -4.14 2.11
CA CYS A 18 -7.48 -5.34 1.38
C CYS A 18 -8.70 -6.13 0.93
N LYS A 19 -9.06 -5.98 -0.34
CA LYS A 19 -10.21 -6.69 -0.89
C LYS A 19 -10.08 -8.19 -0.69
N GLY A 20 -11.07 -8.79 -0.04
CA GLY A 20 -11.05 -10.22 0.19
C GLY A 20 -11.20 -10.56 1.67
N ALA A 21 -10.55 -9.77 2.52
CA ALA A 21 -10.62 -10.00 3.96
C ALA A 21 -11.76 -9.21 4.58
N PRO A 22 -12.60 -9.90 5.39
CA PRO A 22 -13.74 -9.28 6.05
C PRO A 22 -13.31 -8.34 7.17
N LYS A 23 -14.24 -7.99 8.04
CA LYS A 23 -13.97 -7.08 9.16
C LYS A 23 -12.71 -7.52 9.91
N LYS A 24 -12.63 -8.81 10.23
CA LYS A 24 -11.49 -9.34 10.94
C LYS A 24 -10.61 -10.17 10.01
N PRO A 25 -9.33 -10.31 10.37
CA PRO A 25 -8.35 -11.06 9.58
C PRO A 25 -8.62 -12.56 9.63
N PRO A 26 -9.07 -13.13 8.49
CA PRO A 26 -9.37 -14.55 8.38
C PRO A 26 -8.12 -15.42 8.41
N GLN A 27 -7.52 -15.62 7.25
CA GLN A 27 -6.31 -16.43 7.14
C GLN A 27 -5.07 -15.54 6.96
N ARG A 28 -3.91 -16.18 6.82
CA ARG A 28 -2.66 -15.45 6.65
C ARG A 28 -2.67 -14.67 5.33
N LEU A 29 -2.23 -13.42 5.39
CA LEU A 29 -2.18 -12.57 4.20
C LEU A 29 -0.87 -11.81 4.13
N GLU A 30 -0.48 -11.40 2.92
CA GLU A 30 0.76 -10.66 2.72
C GLU A 30 0.48 -9.31 2.07
N TRP A 31 1.30 -8.32 2.41
CA TRP A 31 1.15 -6.97 1.87
C TRP A 31 2.47 -6.44 1.33
N LYS A 32 2.45 -5.94 0.10
CA LYS A 32 3.65 -5.41 -0.52
C LYS A 32 3.36 -4.09 -1.24
N LEU A 33 4.24 -3.13 -1.08
CA LEU A 33 4.08 -1.82 -1.71
C LEU A 33 5.40 -1.32 -2.27
N ASN A 34 5.34 -0.72 -3.47
CA ASN A 34 6.55 -0.20 -4.11
C ASN A 34 6.49 1.32 -4.19
N THR A 35 7.52 1.98 -3.69
CA THR A 35 7.60 3.43 -3.69
C THR A 35 9.00 3.91 -4.07
N GLY A 36 9.17 5.23 -4.13
CA GLY A 36 10.47 5.79 -4.48
C GLY A 36 10.79 5.63 -5.95
N ARG A 37 11.99 5.11 -6.23
CA ARG A 37 12.42 4.92 -7.61
C ARG A 37 12.54 3.42 -7.92
N THR A 38 13.02 2.65 -6.95
CA THR A 38 13.19 1.22 -7.12
C THR A 38 13.73 0.57 -5.84
N GLU A 39 14.52 1.33 -5.10
CA GLU A 39 15.10 0.83 -3.86
C GLU A 39 14.35 1.38 -2.64
N ALA A 40 13.05 1.57 -2.81
CA ALA A 40 12.22 2.09 -1.72
C ALA A 40 11.07 1.13 -1.40
N TRP A 41 10.94 0.09 -2.21
CA TRP A 41 9.89 -0.90 -2.00
C TRP A 41 10.00 -1.56 -0.62
N LYS A 42 8.89 -1.62 0.09
CA LYS A 42 8.88 -2.23 1.43
C LYS A 42 7.77 -3.26 1.54
N VAL A 43 7.96 -4.23 2.43
CA VAL A 43 6.98 -5.29 2.63
C VAL A 43 6.19 -5.06 3.91
N LEU A 44 4.87 -4.93 3.77
CA LEU A 44 3.99 -4.71 4.91
C LEU A 44 3.40 -6.02 5.41
N SER A 45 3.18 -6.11 6.72
CA SER A 45 2.62 -7.32 7.31
C SER A 45 1.35 -6.98 8.11
N PRO A 46 0.51 -8.00 8.30
CA PRO A 46 -0.75 -7.84 9.05
C PRO A 46 -0.52 -7.61 10.54
N GLN A 47 0.74 -7.58 10.94
CA GLN A 47 1.10 -7.36 12.34
C GLN A 47 2.35 -6.51 12.45
N GLY A 48 2.18 -5.19 12.36
CA GLY A 48 3.30 -4.27 12.46
C GLY A 48 3.97 -4.04 11.11
N GLY A 49 3.58 -2.96 10.45
CA GLY A 49 4.16 -2.62 9.15
C GLY A 49 5.49 -1.92 9.28
N GLY A 50 5.99 -1.79 10.51
CA GLY A 50 7.26 -1.13 10.73
C GLY A 50 7.09 0.26 11.32
N PRO A 51 8.13 1.10 11.16
CA PRO A 51 8.12 2.47 11.67
C PRO A 51 7.14 3.37 10.92
N TRP A 52 6.11 3.83 11.62
CA TRP A 52 5.11 4.70 11.02
C TRP A 52 5.73 6.00 10.52
N ASP A 53 6.75 6.47 11.23
CA ASP A 53 7.44 7.70 10.86
C ASP A 53 8.21 7.51 9.54
N SER A 54 8.59 6.28 9.26
CA SER A 54 9.33 5.97 8.04
C SER A 54 8.38 5.57 6.91
N VAL A 55 7.44 4.68 7.23
CA VAL A 55 6.47 4.22 6.25
C VAL A 55 5.04 4.35 6.78
N ALA A 56 4.50 3.24 7.28
CA ALA A 56 3.15 3.23 7.82
C ALA A 56 2.90 1.96 8.64
N ARG A 57 1.73 1.88 9.25
CA ARG A 57 1.36 0.73 10.06
C ARG A 57 0.21 -0.05 9.43
N VAL A 58 0.04 -1.30 9.85
CA VAL A 58 -1.03 -2.15 9.32
C VAL A 58 -2.10 -2.39 10.38
N LEU A 59 -3.35 -2.16 10.00
CA LEU A 59 -4.48 -2.37 10.91
C LEU A 59 -4.68 -3.85 11.20
N PRO A 60 -5.33 -4.15 12.33
CA PRO A 60 -5.61 -5.52 12.76
C PRO A 60 -6.64 -6.20 11.87
N ASN A 61 -7.47 -5.40 11.20
CA ASN A 61 -8.50 -5.92 10.31
C ASN A 61 -7.92 -6.24 8.94
N GLY A 62 -6.62 -6.03 8.78
CA GLY A 62 -5.97 -6.30 7.51
C GLY A 62 -5.94 -5.10 6.59
N SER A 63 -5.91 -3.91 7.18
CA SER A 63 -5.89 -2.67 6.42
C SER A 63 -4.56 -1.95 6.58
N LEU A 64 -4.43 -0.80 5.92
CA LEU A 64 -3.20 -0.01 6.01
C LEU A 64 -3.51 1.44 6.36
N PHE A 65 -2.79 1.97 7.35
CA PHE A 65 -2.99 3.34 7.78
C PHE A 65 -1.68 4.12 7.71
N LEU A 66 -1.73 5.31 7.09
CA LEU A 66 -0.56 6.15 6.94
C LEU A 66 -0.75 7.47 7.68
N PRO A 67 0.18 7.77 8.60
CA PRO A 67 0.15 9.01 9.39
C PRO A 67 0.44 10.25 8.54
N ALA A 68 1.27 10.09 7.54
CA ALA A 68 1.63 11.19 6.66
C ALA A 68 2.42 10.71 5.44
N VAL A 69 1.74 10.59 4.30
CA VAL A 69 2.38 10.13 3.08
C VAL A 69 3.31 11.19 2.51
N GLY A 70 4.61 10.93 2.54
CA GLY A 70 5.57 11.87 2.02
C GLY A 70 5.81 11.71 0.53
N ILE A 71 6.43 12.72 -0.08
CA ILE A 71 6.69 12.68 -1.52
C ILE A 71 7.46 11.42 -1.90
N GLN A 72 8.31 10.95 -0.99
CA GLN A 72 9.11 9.75 -1.23
C GLN A 72 8.26 8.50 -1.04
N ASP A 73 7.17 8.63 -0.29
CA ASP A 73 6.27 7.50 -0.03
C ASP A 73 5.42 7.20 -1.27
N GLU A 74 5.55 8.04 -2.29
CA GLU A 74 4.78 7.86 -3.52
C GLU A 74 5.09 6.50 -4.15
N GLY A 75 4.05 5.89 -4.72
CA GLY A 75 4.23 4.59 -5.34
C GLY A 75 2.92 3.85 -5.53
N ILE A 76 2.97 2.52 -5.46
CA ILE A 76 1.78 1.70 -5.61
C ILE A 76 1.66 0.69 -4.48
N PHE A 77 0.46 0.55 -3.94
CA PHE A 77 0.21 -0.38 -2.85
C PHE A 77 -0.53 -1.62 -3.34
N ARG A 78 0.05 -2.79 -3.10
CA ARG A 78 -0.54 -4.05 -3.53
C ARG A 78 -0.75 -4.98 -2.34
N CYS A 79 -1.97 -5.47 -2.19
CA CYS A 79 -2.30 -6.38 -1.09
C CYS A 79 -2.84 -7.70 -1.63
N GLN A 80 -2.68 -8.76 -0.83
CA GLN A 80 -3.15 -10.08 -1.23
C GLN A 80 -3.74 -10.83 -0.03
N ALA A 81 -4.83 -11.55 -0.27
CA ALA A 81 -5.49 -12.30 0.79
C ALA A 81 -5.78 -13.72 0.33
N MET A 82 -6.05 -14.60 1.29
CA MET A 82 -6.35 -16.00 0.99
C MET A 82 -7.61 -16.46 1.71
N ASN A 83 -8.56 -16.98 0.95
CA ASN A 83 -9.83 -17.44 1.51
C ASN A 83 -9.72 -18.90 1.94
N ARG A 84 -10.74 -19.39 2.64
CA ARG A 84 -10.77 -20.77 3.11
C ARG A 84 -11.01 -21.73 1.95
N ASN A 85 -11.61 -21.21 0.88
CA ASN A 85 -11.91 -22.03 -0.30
C ASN A 85 -10.63 -22.34 -1.08
N GLY A 86 -9.60 -21.54 -0.86
CA GLY A 86 -8.34 -21.74 -1.55
C GLY A 86 -8.07 -20.68 -2.59
N LYS A 87 -9.02 -19.77 -2.77
CA LYS A 87 -8.88 -18.69 -3.74
C LYS A 87 -8.11 -17.52 -3.16
N GLU A 88 -7.34 -16.84 -4.00
CA GLU A 88 -6.55 -15.69 -3.56
C GLU A 88 -7.18 -14.38 -4.03
N THR A 89 -7.11 -13.37 -3.19
CA THR A 89 -7.68 -12.06 -3.51
C THR A 89 -6.58 -11.06 -3.88
N LYS A 90 -6.76 -10.39 -5.01
CA LYS A 90 -5.79 -9.41 -5.48
C LYS A 90 -6.27 -7.99 -5.20
N SER A 91 -5.34 -7.12 -4.81
CA SER A 91 -5.67 -5.74 -4.50
C SER A 91 -4.52 -4.81 -4.89
N ASN A 92 -4.82 -3.87 -5.79
CA ASN A 92 -3.82 -2.91 -6.26
C ASN A 92 -4.36 -1.49 -6.22
N TYR A 93 -3.68 -0.62 -5.47
CA TYR A 93 -4.09 0.77 -5.35
C TYR A 93 -2.92 1.71 -5.57
N ARG A 94 -3.03 2.57 -6.57
CA ARG A 94 -1.98 3.53 -6.89
C ARG A 94 -2.11 4.79 -6.02
N VAL A 95 -0.99 5.21 -5.44
CA VAL A 95 -0.97 6.40 -4.59
C VAL A 95 -0.02 7.45 -5.14
N ARG A 96 -0.46 8.70 -5.14
CA ARG A 96 0.36 9.80 -5.64
C ARG A 96 0.38 10.95 -4.64
N VAL A 97 1.48 11.72 -4.64
CA VAL A 97 1.63 12.85 -3.74
C VAL A 97 1.61 14.17 -4.51
N TYR A 98 1.82 15.27 -3.78
CA TYR A 98 1.83 16.59 -4.40
C TYR A 98 3.02 16.74 -5.33
N GLN A 99 4.19 16.94 -4.74
CA GLN A 99 5.42 17.12 -5.53
C GLN A 99 5.75 15.85 -6.31
N ILE A 100 6.15 16.02 -7.57
CA ILE A 100 6.48 14.89 -8.42
C ILE A 100 7.93 14.99 -8.91
N PRO A 101 8.48 13.84 -9.34
CA PRO A 101 9.85 13.78 -9.84
C PRO A 101 10.02 14.48 -11.19
N GLY A 102 11.02 15.34 -11.29
CA GLY A 102 11.26 16.07 -12.52
C GLY A 102 12.61 15.71 -13.15
N LYS A 103 13.66 16.35 -12.67
CA LYS A 103 15.00 16.11 -13.18
C LYS A 103 16.00 15.97 -12.04
N PRO A 104 15.88 14.88 -11.27
CA PRO A 104 16.76 14.59 -10.14
C PRO A 104 18.18 14.23 -10.59
N GLU A 105 19.14 15.09 -10.24
CA GLU A 105 20.53 14.86 -10.60
C GLU A 105 21.47 15.31 -9.48
N ASP B 1 6.82 0.44 -15.78
CA ASP B 1 5.71 0.32 -14.85
C ASP B 1 6.20 0.46 -13.41
N GLU B 2 5.27 0.65 -12.49
CA GLU B 2 5.61 0.80 -11.07
C GLU B 2 4.98 -0.32 -10.24
N PHE B 3 4.03 -1.03 -10.84
CA PHE B 3 3.35 -2.12 -10.17
C PHE B 3 2.23 -2.70 -11.04
N KPI B 4 1.27 -3.22 -10.44
CA KPI B 4 0.14 -3.81 -11.13
CB KPI B 4 -0.87 -4.38 -10.11
CG KPI B 4 -2.14 -4.87 -10.84
CD KPI B 4 -1.81 -6.11 -11.68
CE KPI B 4 -1.32 -7.26 -10.76
NZ KPI B 4 -2.38 -7.59 -9.80
CX1 KPI B 4 -1.90 -8.71 -8.90
C1 KPI B 4 -1.69 -9.99 -9.73
CX2 KPI B 4 -2.93 -8.99 -7.78
O1 KPI B 4 -2.29 -9.82 -6.70
O2 KPI B 4 -3.40 -7.69 -7.21
C KPI B 4 -0.52 -2.75 -11.93
O KPI B 4 -1.10 -3.00 -12.99
H KPI B 4 1.13 -3.30 -9.37
HA KPI B 4 0.46 -4.62 -11.80
HB KPI B 4 -0.44 -5.16 -9.62
HBA KPI B 4 -1.11 -3.68 -9.45
HG KPI B 4 -2.83 -5.11 -10.16
HGA KPI B 4 -2.48 -4.14 -11.43
HD KPI B 4 -2.62 -6.41 -12.18
HDA KPI B 4 -1.09 -5.89 -12.34
HE KPI B 4 -1.12 -8.07 -11.32
HEA KPI B 4 -0.50 -6.96 -10.28
H1C KPI B 4 -1.33 -10.79 -9.09
H1A KPI B 4 -0.97 -9.80 -10.52
H1B KPI B 4 -2.64 -10.29 -10.18
HZ KPI B 4 -2.60 -6.72 -9.20
HX1 KPI B 4 -0.96 -8.43 -8.43
N ALA B 5 -0.45 -1.52 -11.43
CA ALA B 5 -1.04 -0.38 -12.11
C ALA B 5 -0.58 -0.29 -13.56
N ASP B 6 -1.37 0.37 -14.40
CA ASP B 6 -1.03 0.53 -15.80
C ASP B 6 -1.79 1.71 -16.42
N GLU B 7 -1.19 2.88 -16.36
CA GLU B 7 -1.80 4.09 -16.90
C GLU B 7 -1.10 4.52 -18.18
N GLY A 1 -11.59 -6.46 -8.03
CA GLY A 1 -10.18 -6.12 -8.11
C GLY A 1 -9.84 -5.33 -9.37
N SER A 2 -9.56 -4.05 -9.20
CA SER A 2 -9.24 -3.19 -10.34
C SER A 2 -8.34 -2.03 -9.90
N ALA A 3 -7.36 -1.70 -10.73
CA ALA A 3 -6.44 -0.61 -10.44
C ALA A 3 -7.19 0.67 -10.11
N GLN A 4 -7.30 0.98 -8.82
CA GLN A 4 -8.00 2.17 -8.37
C GLN A 4 -7.03 3.33 -8.19
N ASN A 5 -7.41 4.51 -8.68
CA ASN A 5 -6.57 5.70 -8.57
C ASN A 5 -6.88 6.47 -7.29
N ILE A 6 -5.85 6.66 -6.47
CA ILE A 6 -6.01 7.39 -5.21
C ILE A 6 -5.03 8.55 -5.11
N THR A 7 -5.57 9.75 -4.89
CA THR A 7 -4.74 10.94 -4.78
C THR A 7 -4.31 11.17 -3.33
N ALA A 8 -3.09 11.67 -3.16
CA ALA A 8 -2.55 11.94 -1.83
C ALA A 8 -1.75 13.24 -1.81
N ARG A 9 -1.47 13.74 -0.61
CA ARG A 9 -0.72 14.98 -0.46
C ARG A 9 0.53 14.75 0.39
N ILE A 10 1.56 15.56 0.15
CA ILE A 10 2.80 15.45 0.91
C ILE A 10 2.58 15.70 2.39
N GLY A 11 2.90 14.71 3.21
CA GLY A 11 2.72 14.86 4.65
C GLY A 11 1.28 14.65 5.08
N GLU A 12 0.46 14.16 4.17
CA GLU A 12 -0.96 13.92 4.45
C GLU A 12 -1.21 12.44 4.72
N PRO A 13 -2.08 12.15 5.70
CA PRO A 13 -2.43 10.78 6.07
C PRO A 13 -3.26 10.08 4.99
N LEU A 14 -3.03 8.79 4.81
CA LEU A 14 -3.75 8.01 3.81
C LEU A 14 -3.99 6.58 4.31
N VAL A 15 -5.16 6.04 3.98
CA VAL A 15 -5.51 4.68 4.39
C VAL A 15 -5.84 3.83 3.18
N LEU A 16 -5.54 2.53 3.30
CA LEU A 16 -5.81 1.59 2.21
C LEU A 16 -6.51 0.34 2.72
N LYS A 17 -7.36 -0.24 1.89
CA LYS A 17 -8.11 -1.44 2.26
C LYS A 17 -7.66 -2.63 1.42
N CYS A 18 -7.80 -3.83 1.99
CA CYS A 18 -7.41 -5.06 1.30
C CYS A 18 -8.63 -5.84 0.85
N LYS A 19 -8.95 -5.74 -0.44
CA LYS A 19 -10.09 -6.44 -1.00
C LYS A 19 -9.98 -7.95 -0.77
N GLY A 20 -10.98 -8.52 -0.13
CA GLY A 20 -10.97 -9.95 0.14
C GLY A 20 -11.14 -10.27 1.62
N ALA A 21 -10.52 -9.45 2.46
CA ALA A 21 -10.61 -9.65 3.90
C ALA A 21 -11.77 -8.87 4.50
N PRO A 22 -12.60 -9.57 5.28
CA PRO A 22 -13.77 -8.96 5.93
C PRO A 22 -13.38 -7.98 7.04
N LYS A 23 -14.35 -7.64 7.88
CA LYS A 23 -14.09 -6.72 8.99
C LYS A 23 -12.86 -7.15 9.78
N LYS A 24 -12.80 -8.43 10.14
CA LYS A 24 -11.66 -8.96 10.89
C LYS A 24 -10.78 -9.82 10.01
N PRO A 25 -9.50 -9.94 10.38
CA PRO A 25 -8.52 -10.74 9.63
C PRO A 25 -8.79 -12.24 9.75
N PRO A 26 -9.25 -12.85 8.65
CA PRO A 26 -9.55 -14.27 8.61
C PRO A 26 -8.29 -15.14 8.68
N GLN A 27 -7.69 -15.40 7.53
CA GLN A 27 -6.49 -16.21 7.45
C GLN A 27 -5.26 -15.34 7.22
N ARG A 28 -4.10 -15.98 7.08
CA ARG A 28 -2.85 -15.26 6.86
C ARG A 28 -2.88 -14.52 5.53
N LEU A 29 -2.38 -13.29 5.53
CA LEU A 29 -2.35 -12.47 4.32
C LEU A 29 -1.01 -11.77 4.17
N GLU A 30 -0.69 -11.39 2.94
CA GLU A 30 0.57 -10.70 2.66
C GLU A 30 0.32 -9.35 2.00
N TRP A 31 1.19 -8.39 2.29
CA TRP A 31 1.07 -7.05 1.71
C TRP A 31 2.37 -6.62 1.05
N LYS A 32 2.24 -5.87 -0.05
CA LYS A 32 3.41 -5.39 -0.77
C LYS A 32 3.10 -4.08 -1.49
N LEU A 33 4.04 -3.14 -1.43
CA LEU A 33 3.87 -1.84 -2.07
C LEU A 33 5.18 -1.37 -2.69
N ASN A 34 5.08 -0.80 -3.89
CA ASN A 34 6.25 -0.31 -4.60
C ASN A 34 6.20 1.22 -4.73
N THR A 35 7.27 1.88 -4.31
CA THR A 35 7.35 3.34 -4.39
C THR A 35 8.75 3.78 -4.80
N GLY A 36 8.93 5.10 -4.89
CA GLY A 36 10.22 5.64 -5.27
C GLY A 36 10.46 5.58 -6.76
N ARG A 37 11.52 4.87 -7.16
CA ARG A 37 11.87 4.73 -8.57
C ARG A 37 11.73 3.28 -9.02
N THR A 38 12.14 2.36 -8.17
CA THR A 38 12.07 0.94 -8.47
C THR A 38 12.75 0.10 -7.39
N GLU A 39 13.76 0.69 -6.74
CA GLU A 39 14.49 -0.01 -5.69
C GLU A 39 14.01 0.44 -4.31
N ALA A 40 12.72 0.75 -4.22
CA ALA A 40 12.14 1.19 -2.95
C ALA A 40 10.99 0.28 -2.52
N TRP A 41 10.62 -0.65 -3.40
CA TRP A 41 9.55 -1.60 -3.11
C TRP A 41 9.91 -2.49 -1.93
N LYS A 42 8.99 -2.60 -0.97
CA LYS A 42 9.22 -3.42 0.21
C LYS A 42 7.97 -4.24 0.53
N VAL A 43 8.17 -5.33 1.29
CA VAL A 43 7.07 -6.19 1.67
C VAL A 43 6.44 -5.75 2.99
N LEU A 44 5.14 -5.45 2.94
CA LEU A 44 4.43 -5.00 4.12
C LEU A 44 3.84 -6.19 4.88
N SER A 45 3.81 -6.08 6.21
CA SER A 45 3.28 -7.15 7.05
C SER A 45 2.20 -6.61 7.98
N PRO A 46 1.41 -7.53 8.57
CA PRO A 46 0.33 -7.17 9.50
C PRO A 46 0.86 -6.64 10.82
N GLN A 47 2.18 -6.57 10.94
CA GLN A 47 2.81 -6.08 12.16
C GLN A 47 3.95 -5.12 11.84
N GLY A 48 3.62 -3.85 11.63
CA GLY A 48 4.64 -2.87 11.31
C GLY A 48 5.51 -2.52 12.50
N GLY A 49 4.88 -2.44 13.68
CA GLY A 49 5.62 -2.11 14.89
C GLY A 49 6.57 -0.94 14.69
N GLY A 50 7.54 -0.82 15.58
CA GLY A 50 8.51 0.27 15.49
C GLY A 50 7.83 1.62 15.34
N PRO A 51 8.59 2.61 14.84
CA PRO A 51 8.09 3.97 14.64
C PRO A 51 7.07 4.05 13.50
N TRP A 52 5.91 4.62 13.78
CA TRP A 52 4.86 4.75 12.79
C TRP A 52 5.09 5.98 11.92
N ASP A 53 5.61 7.04 12.53
CA ASP A 53 5.88 8.29 11.82
C ASP A 53 6.99 8.09 10.79
N SER A 54 7.84 7.10 11.03
CA SER A 54 8.94 6.82 10.12
C SER A 54 8.44 6.26 8.80
N VAL A 55 7.54 5.28 8.89
CA VAL A 55 6.97 4.66 7.70
C VAL A 55 5.44 4.62 7.78
N ALA A 56 4.91 3.47 8.19
CA ALA A 56 3.47 3.30 8.31
C ALA A 56 3.13 2.09 9.16
N ARG A 57 1.84 1.95 9.50
CA ARG A 57 1.39 0.84 10.32
C ARG A 57 0.23 0.11 9.64
N VAL A 58 0.00 -1.13 10.06
CA VAL A 58 -1.07 -1.94 9.50
C VAL A 58 -2.21 -2.13 10.50
N LEU A 59 -3.44 -1.87 10.04
CA LEU A 59 -4.61 -2.01 10.90
C LEU A 59 -4.86 -3.48 11.25
N PRO A 60 -5.59 -3.70 12.36
CA PRO A 60 -5.91 -5.05 12.82
C PRO A 60 -6.91 -5.76 11.91
N ASN A 61 -7.68 -4.97 11.16
CA ASN A 61 -8.66 -5.51 10.24
C ASN A 61 -8.02 -5.91 8.92
N GLY A 62 -6.71 -5.71 8.82
CA GLY A 62 -6.00 -6.06 7.61
C GLY A 62 -5.89 -4.89 6.64
N SER A 63 -5.87 -3.68 7.19
CA SER A 63 -5.77 -2.48 6.37
C SER A 63 -4.42 -1.80 6.57
N LEU A 64 -4.24 -0.67 5.88
CA LEU A 64 -2.99 0.09 5.99
C LEU A 64 -3.26 1.56 6.30
N PHE A 65 -2.58 2.08 7.30
CA PHE A 65 -2.75 3.47 7.70
C PHE A 65 -1.42 4.21 7.67
N LEU A 66 -1.40 5.37 7.03
CA LEU A 66 -0.18 6.18 6.94
C LEU A 66 -0.37 7.53 7.62
N PRO A 67 0.59 7.91 8.48
CA PRO A 67 0.55 9.18 9.21
C PRO A 67 0.77 10.38 8.29
N ALA A 68 1.66 10.22 7.31
CA ALA A 68 1.97 11.29 6.37
C ALA A 68 2.70 10.75 5.15
N VAL A 69 1.99 10.61 4.04
CA VAL A 69 2.57 10.11 2.80
C VAL A 69 3.47 11.17 2.15
N GLY A 70 4.76 10.86 2.08
CA GLY A 70 5.70 11.79 1.48
C GLY A 70 5.90 11.54 -0.01
N ILE A 71 6.50 12.51 -0.69
CA ILE A 71 6.74 12.39 -2.12
C ILE A 71 7.49 11.11 -2.45
N GLN A 72 8.32 10.66 -1.51
CA GLN A 72 9.09 9.44 -1.71
C GLN A 72 8.22 8.21 -1.53
N ASP A 73 7.11 8.36 -0.82
CA ASP A 73 6.19 7.27 -0.57
C ASP A 73 5.27 7.05 -1.77
N GLU A 74 5.43 7.89 -2.79
CA GLU A 74 4.62 7.80 -4.00
C GLU A 74 4.90 6.48 -4.74
N GLY A 75 3.84 5.89 -5.28
CA GLY A 75 3.99 4.64 -6.01
C GLY A 75 2.68 3.89 -6.14
N ILE A 76 2.75 2.56 -6.11
CA ILE A 76 1.57 1.73 -6.22
C ILE A 76 1.52 0.68 -5.11
N PHE A 77 0.35 0.53 -4.51
CA PHE A 77 0.15 -0.45 -3.43
C PHE A 77 -0.58 -1.68 -3.93
N ARG A 78 -0.10 -2.85 -3.55
CA ARG A 78 -0.71 -4.10 -3.96
C ARG A 78 -0.99 -5.00 -2.75
N CYS A 79 -2.21 -5.51 -2.66
CA CYS A 79 -2.61 -6.37 -1.57
C CYS A 79 -3.02 -7.75 -2.07
N GLN A 80 -2.77 -8.78 -1.27
CA GLN A 80 -3.13 -10.15 -1.63
C GLN A 80 -3.53 -10.95 -0.41
N ALA A 81 -4.71 -11.57 -0.47
CA ALA A 81 -5.22 -12.38 0.63
C ALA A 81 -5.71 -13.72 0.13
N MET A 82 -5.87 -14.67 1.06
CA MET A 82 -6.34 -16.01 0.72
C MET A 82 -7.49 -16.42 1.64
N ASN A 83 -8.61 -16.81 1.05
CA ASN A 83 -9.78 -17.23 1.81
C ASN A 83 -9.70 -18.72 2.15
N ARG A 84 -10.61 -19.19 2.98
CA ARG A 84 -10.64 -20.59 3.39
C ARG A 84 -11.12 -21.47 2.23
N ASN A 85 -11.76 -20.86 1.26
CA ASN A 85 -12.27 -21.59 0.10
C ASN A 85 -11.12 -22.01 -0.83
N GLY A 86 -9.98 -21.32 -0.68
CA GLY A 86 -8.84 -21.64 -1.52
C GLY A 86 -8.56 -20.57 -2.55
N LYS A 87 -9.51 -19.66 -2.72
CA LYS A 87 -9.37 -18.58 -3.70
C LYS A 87 -8.59 -17.40 -3.11
N GLU A 88 -7.82 -16.74 -3.95
CA GLU A 88 -7.02 -15.60 -3.50
C GLU A 88 -7.63 -14.29 -3.99
N THR A 89 -7.57 -13.25 -3.15
CA THR A 89 -8.11 -11.95 -3.49
C THR A 89 -7.01 -10.97 -3.85
N LYS A 90 -7.16 -10.31 -4.98
CA LYS A 90 -6.17 -9.33 -5.44
C LYS A 90 -6.69 -7.90 -5.27
N SER A 91 -5.79 -6.99 -4.92
CA SER A 91 -6.14 -5.60 -4.71
C SER A 91 -5.02 -4.67 -5.16
N ASN A 92 -5.33 -3.80 -6.12
CA ASN A 92 -4.34 -2.86 -6.64
C ASN A 92 -4.81 -1.42 -6.45
N TYR A 93 -4.02 -0.63 -5.72
CA TYR A 93 -4.35 0.76 -5.46
C TYR A 93 -3.20 1.67 -5.83
N ARG A 94 -3.47 2.68 -6.65
CA ARG A 94 -2.45 3.62 -7.09
C ARG A 94 -2.40 4.83 -6.15
N VAL A 95 -1.19 5.23 -5.79
CA VAL A 95 -0.99 6.37 -4.90
C VAL A 95 -0.17 7.46 -5.57
N ARG A 96 -0.66 8.69 -5.52
CA ARG A 96 0.03 9.82 -6.13
C ARG A 96 0.12 10.99 -5.15
N VAL A 97 1.33 11.50 -4.94
CA VAL A 97 1.55 12.62 -4.03
C VAL A 97 1.46 13.95 -4.77
N TYR A 98 1.72 15.04 -4.06
CA TYR A 98 1.66 16.37 -4.64
C TYR A 98 2.88 16.64 -5.51
N GLN A 99 4.00 16.92 -4.86
CA GLN A 99 5.24 17.19 -5.58
C GLN A 99 5.64 16.02 -6.46
N ILE A 100 6.28 16.32 -7.59
CA ILE A 100 6.72 15.28 -8.52
C ILE A 100 8.23 15.32 -8.72
N PRO A 101 8.79 14.20 -9.19
CA PRO A 101 10.22 14.09 -9.45
C PRO A 101 10.68 14.93 -10.64
N GLY A 102 11.97 15.18 -10.73
CA GLY A 102 12.51 15.97 -11.82
C GLY A 102 13.74 16.77 -11.43
N LYS A 103 14.76 16.07 -10.94
CA LYS A 103 16.00 16.70 -10.51
C LYS A 103 17.09 15.68 -10.26
N PRO A 104 17.62 15.09 -11.35
CA PRO A 104 18.67 14.09 -11.26
C PRO A 104 20.00 14.68 -10.81
N GLU A 105 21.03 13.83 -10.73
CA GLU A 105 22.36 14.27 -10.30
C GLU A 105 23.44 13.36 -10.88
N ASP B 1 8.15 1.70 -15.08
CA ASP B 1 7.04 1.00 -14.44
C ASP B 1 7.10 1.17 -12.92
N GLU B 2 5.98 0.88 -12.26
CA GLU B 2 5.91 0.99 -10.80
C GLU B 2 5.42 -0.31 -10.18
N PHE B 3 4.47 -0.96 -10.86
CA PHE B 3 3.90 -2.21 -10.36
C PHE B 3 2.82 -2.72 -11.31
N KPI B 4 2.02 -3.57 -10.83
CA KPI B 4 0.95 -4.15 -11.61
CB KPI B 4 0.02 -4.97 -10.68
CG KPI B 4 0.12 -6.47 -11.03
CD KPI B 4 -1.25 -6.99 -11.50
CE KPI B 4 -2.32 -6.69 -10.42
NZ KPI B 4 -3.27 -5.68 -10.92
CX1 KPI B 4 -4.60 -5.85 -10.20
C1 KPI B 4 -5.63 -4.90 -10.83
CX2 KPI B 4 -4.59 -5.66 -8.68
O1 KPI B 4 -6.01 -5.61 -8.18
O2 KPI B 4 -3.88 -6.81 -8.03
C KPI B 4 0.18 -3.05 -12.23
O KPI B 4 -0.12 -3.07 -13.42
H KPI B 4 2.02 -3.96 -9.84
HA KPI B 4 1.34 -4.82 -12.38
HB KPI B 4 0.30 -4.83 -9.72
HBA KPI B 4 -0.92 -4.67 -10.80
HG KPI B 4 0.79 -6.59 -11.76
HGA KPI B 4 0.40 -6.98 -10.21
HD KPI B 4 -1.51 -6.53 -12.35
HDA KPI B 4 -1.21 -7.97 -11.65
HE KPI B 4 -2.81 -7.53 -10.20
HEA KPI B 4 -1.87 -6.35 -9.59
H1C KPI B 4 -6.62 -5.12 -10.44
H1A KPI B 4 -5.63 -5.02 -11.91
H1B KPI B 4 -5.38 -3.86 -10.59
HZ KPI B 4 -2.87 -4.70 -10.72
HX1 KPI B 4 -4.94 -6.88 -10.30
N ALA B 5 -0.16 -2.05 -11.42
CA ALA B 5 -0.93 -0.90 -11.90
C ALA B 5 -0.41 -0.45 -13.26
N ASP B 6 -1.31 -0.44 -14.25
CA ASP B 6 -0.94 -0.03 -15.60
C ASP B 6 -2.10 0.71 -16.26
N GLU B 7 -2.24 2.00 -15.93
CA GLU B 7 -3.30 2.82 -16.48
C GLU B 7 -2.78 3.69 -17.63
N GLY A 1 -11.32 -4.95 -6.62
CA GLY A 1 -9.96 -5.35 -6.91
C GLY A 1 -9.47 -4.81 -8.25
N SER A 2 -8.78 -3.68 -8.22
CA SER A 2 -8.26 -3.06 -9.43
C SER A 2 -7.43 -1.84 -9.11
N ALA A 3 -6.56 -1.47 -10.04
CA ALA A 3 -5.68 -0.30 -9.86
C ALA A 3 -6.51 0.97 -9.66
N GLN A 4 -6.73 1.34 -8.39
CA GLN A 4 -7.50 2.53 -8.07
C GLN A 4 -6.58 3.74 -7.89
N ASN A 5 -6.95 4.85 -8.50
CA ASN A 5 -6.17 6.08 -8.41
C ASN A 5 -6.52 6.86 -7.15
N ILE A 6 -5.53 7.08 -6.30
CA ILE A 6 -5.74 7.82 -5.06
C ILE A 6 -4.77 8.98 -4.95
N THR A 7 -5.31 10.19 -4.81
CA THR A 7 -4.49 11.39 -4.69
C THR A 7 -4.26 11.75 -3.23
N ALA A 8 -3.03 12.18 -2.92
CA ALA A 8 -2.68 12.55 -1.56
C ALA A 8 -1.62 13.65 -1.55
N ARG A 9 -1.42 14.27 -0.39
CA ARG A 9 -0.44 15.33 -0.24
C ARG A 9 0.61 14.98 0.81
N ILE A 10 1.84 15.46 0.60
CA ILE A 10 2.92 15.18 1.53
C ILE A 10 2.53 15.55 2.96
N GLY A 11 2.59 14.56 3.85
CA GLY A 11 2.23 14.79 5.24
C GLY A 11 0.75 14.59 5.50
N GLU A 12 0.03 14.08 4.51
CA GLU A 12 -1.39 13.85 4.64
C GLU A 12 -1.68 12.37 4.89
N PRO A 13 -2.64 12.09 5.78
CA PRO A 13 -3.03 10.72 6.13
C PRO A 13 -3.75 10.02 4.99
N LEU A 14 -3.49 8.73 4.82
CA LEU A 14 -4.14 7.95 3.78
C LEU A 14 -4.39 6.51 4.24
N VAL A 15 -5.54 5.97 3.83
CA VAL A 15 -5.90 4.60 4.21
C VAL A 15 -6.15 3.74 2.97
N LEU A 16 -5.82 2.46 3.07
CA LEU A 16 -6.01 1.54 1.96
C LEU A 16 -6.71 0.27 2.43
N LYS A 17 -7.52 -0.31 1.55
CA LYS A 17 -8.25 -1.53 1.87
C LYS A 17 -7.79 -2.69 1.00
N CYS A 18 -7.91 -3.90 1.53
CA CYS A 18 -7.49 -5.09 0.79
C CYS A 18 -8.70 -5.89 0.31
N LYS A 19 -9.04 -5.74 -0.96
CA LYS A 19 -10.19 -6.43 -1.54
C LYS A 19 -10.02 -7.94 -1.41
N GLY A 20 -10.98 -8.59 -0.76
CA GLY A 20 -10.91 -10.03 -0.58
C GLY A 20 -11.02 -10.44 0.87
N ALA A 21 -10.40 -9.67 1.75
CA ALA A 21 -10.42 -9.96 3.18
C ALA A 21 -11.60 -9.26 3.86
N PRO A 22 -12.38 -10.03 4.63
CA PRO A 22 -13.54 -9.51 5.35
C PRO A 22 -13.15 -8.58 6.50
N LYS A 23 -14.10 -8.29 7.38
CA LYS A 23 -13.85 -7.42 8.52
C LYS A 23 -12.59 -7.86 9.27
N LYS A 24 -12.51 -9.15 9.58
CA LYS A 24 -11.36 -9.69 10.29
C LYS A 24 -10.49 -10.53 9.37
N PRO A 25 -9.20 -10.63 9.69
CA PRO A 25 -8.23 -11.41 8.90
C PRO A 25 -8.47 -12.90 9.01
N PRO A 26 -8.95 -13.52 7.92
CA PRO A 26 -9.23 -14.95 7.86
C PRO A 26 -7.96 -15.79 7.90
N GLN A 27 -7.36 -16.01 6.72
CA GLN A 27 -6.15 -16.79 6.62
C GLN A 27 -4.93 -15.89 6.50
N ARG A 28 -3.75 -16.50 6.32
CA ARG A 28 -2.51 -15.75 6.19
C ARG A 28 -2.54 -14.87 4.95
N LEU A 29 -2.06 -13.63 5.09
CA LEU A 29 -2.03 -12.69 3.98
C LEU A 29 -0.70 -11.95 3.93
N GLU A 30 -0.34 -11.47 2.75
CA GLU A 30 0.91 -10.73 2.57
C GLU A 30 0.64 -9.32 2.04
N TRP A 31 1.50 -8.38 2.42
CA TRP A 31 1.35 -7.01 1.98
C TRP A 31 2.66 -6.49 1.38
N LYS A 32 2.54 -5.64 0.35
CA LYS A 32 3.70 -5.08 -0.31
C LYS A 32 3.43 -3.64 -0.75
N LEU A 33 4.46 -2.80 -0.69
CA LEU A 33 4.33 -1.40 -1.08
C LEU A 33 5.52 -0.97 -1.94
N ASN A 34 5.23 -0.27 -3.03
CA ASN A 34 6.27 0.21 -3.94
C ASN A 34 6.29 1.73 -3.99
N THR A 35 7.42 2.33 -3.63
CA THR A 35 7.57 3.77 -3.64
C THR A 35 8.95 4.18 -4.13
N GLY A 36 9.19 5.49 -4.19
CA GLY A 36 10.48 5.99 -4.63
C GLY A 36 10.69 5.80 -6.12
N ARG A 37 11.86 5.29 -6.50
CA ARG A 37 12.18 5.07 -7.90
C ARG A 37 12.31 3.58 -8.20
N THR A 38 12.85 2.83 -7.25
CA THR A 38 13.01 1.39 -7.40
C THR A 38 13.64 0.77 -6.16
N GLU A 39 14.42 1.56 -5.43
CA GLU A 39 15.08 1.09 -4.22
C GLU A 39 14.32 1.56 -2.98
N ALA A 40 13.00 1.66 -3.10
CA ALA A 40 12.16 2.10 -1.98
C ALA A 40 11.05 1.09 -1.71
N TRP A 41 10.93 0.10 -2.59
CA TRP A 41 9.90 -0.93 -2.45
C TRP A 41 10.25 -1.89 -1.32
N LYS A 42 9.29 -2.08 -0.41
CA LYS A 42 9.50 -2.98 0.72
C LYS A 42 8.26 -3.83 0.98
N VAL A 43 8.44 -4.96 1.66
CA VAL A 43 7.34 -5.86 1.97
C VAL A 43 6.64 -5.45 3.26
N LEU A 44 5.34 -5.17 3.16
CA LEU A 44 4.57 -4.77 4.33
C LEU A 44 3.97 -5.99 5.04
N SER A 45 3.85 -5.90 6.35
CA SER A 45 3.29 -7.00 7.14
C SER A 45 2.11 -6.53 7.97
N PRO A 46 1.30 -7.49 8.44
CA PRO A 46 0.11 -7.20 9.25
C PRO A 46 0.47 -6.69 10.64
N GLN A 47 1.76 -6.57 10.90
CA GLN A 47 2.24 -6.10 12.20
C GLN A 47 3.45 -5.19 12.04
N GLY A 48 3.19 -3.90 11.82
CA GLY A 48 4.27 -2.95 11.64
C GLY A 48 5.08 -2.76 12.91
N GLY A 49 4.40 -2.60 14.03
CA GLY A 49 5.08 -2.41 15.30
C GLY A 49 6.36 -1.59 15.15
N GLY A 50 6.27 -0.50 14.40
CA GLY A 50 7.42 0.35 14.20
C GLY A 50 7.07 1.82 14.19
N PRO A 51 8.00 2.66 13.71
CA PRO A 51 7.80 4.11 13.64
C PRO A 51 6.76 4.51 12.59
N TRP A 52 5.58 4.89 13.06
CA TRP A 52 4.51 5.29 12.16
C TRP A 52 4.82 6.62 11.50
N ASP A 53 5.49 7.51 12.24
CA ASP A 53 5.86 8.82 11.72
C ASP A 53 6.80 8.69 10.53
N SER A 54 7.55 7.59 10.48
CA SER A 54 8.50 7.36 9.40
C SER A 54 7.82 6.59 8.26
N VAL A 55 7.04 5.58 8.62
CA VAL A 55 6.34 4.76 7.63
C VAL A 55 4.83 4.75 7.89
N ALA A 56 4.27 3.56 8.00
CA ALA A 56 2.85 3.40 8.25
C ALA A 56 2.57 2.15 9.08
N ARG A 57 1.31 1.99 9.50
CA ARG A 57 0.92 0.84 10.29
C ARG A 57 -0.22 0.08 9.61
N VAL A 58 -0.39 -1.19 9.99
CA VAL A 58 -1.43 -2.03 9.42
C VAL A 58 -2.56 -2.27 10.42
N LEU A 59 -3.79 -2.04 9.98
CA LEU A 59 -4.95 -2.23 10.84
C LEU A 59 -5.17 -3.71 11.14
N PRO A 60 -5.85 -4.00 12.26
CA PRO A 60 -6.15 -5.37 12.68
C PRO A 60 -7.17 -6.04 11.77
N ASN A 61 -7.96 -5.23 11.06
CA ASN A 61 -8.98 -5.75 10.16
C ASN A 61 -8.37 -6.10 8.80
N GLY A 62 -7.07 -5.90 8.67
CA GLY A 62 -6.39 -6.19 7.43
C GLY A 62 -6.33 -4.99 6.51
N SER A 63 -6.28 -3.79 7.08
CA SER A 63 -6.21 -2.56 6.31
C SER A 63 -4.88 -1.86 6.51
N LEU A 64 -4.70 -0.73 5.83
CA LEU A 64 -3.47 0.04 5.93
C LEU A 64 -3.78 1.50 6.23
N PHE A 65 -3.14 2.03 7.28
CA PHE A 65 -3.33 3.42 7.68
C PHE A 65 -2.00 4.15 7.77
N LEU A 66 -1.93 5.32 7.15
CA LEU A 66 -0.71 6.13 7.15
C LEU A 66 -0.95 7.47 7.84
N PRO A 67 -0.08 7.80 8.81
CA PRO A 67 -0.18 9.06 9.56
C PRO A 67 0.17 10.27 8.70
N ALA A 68 1.10 10.07 7.77
CA ALA A 68 1.52 11.15 6.89
C ALA A 68 2.36 10.61 5.73
N VAL A 69 1.73 10.49 4.56
CA VAL A 69 2.42 9.98 3.37
C VAL A 69 3.39 11.02 2.81
N GLY A 70 4.68 10.71 2.89
CA GLY A 70 5.68 11.63 2.40
C GLY A 70 5.95 11.45 0.91
N ILE A 71 6.59 12.44 0.30
CA ILE A 71 6.89 12.39 -1.13
C ILE A 71 7.66 11.12 -1.47
N GLN A 72 8.45 10.63 -0.52
CA GLN A 72 9.24 9.42 -0.72
C GLN A 72 8.35 8.18 -0.68
N ASP A 73 7.21 8.29 -0.02
CA ASP A 73 6.27 7.18 0.09
C ASP A 73 5.41 7.06 -1.15
N GLU A 74 5.56 8.02 -2.06
CA GLU A 74 4.79 8.03 -3.30
C GLU A 74 5.12 6.81 -4.15
N GLY A 75 4.09 6.25 -4.79
CA GLY A 75 4.28 5.08 -5.62
C GLY A 75 3.01 4.29 -5.81
N ILE A 76 3.11 2.96 -5.77
CA ILE A 76 1.95 2.09 -5.94
C ILE A 76 1.87 1.06 -4.83
N PHE A 77 0.67 0.86 -4.29
CA PHE A 77 0.46 -0.10 -3.22
C PHE A 77 -0.18 -1.38 -3.77
N ARG A 78 0.35 -2.52 -3.34
CA ARG A 78 -0.18 -3.82 -3.77
C ARG A 78 -0.48 -4.71 -2.57
N CYS A 79 -1.69 -5.24 -2.54
CA CYS A 79 -2.12 -6.12 -1.45
C CYS A 79 -2.55 -7.48 -1.98
N GLN A 80 -2.35 -8.52 -1.17
CA GLN A 80 -2.72 -9.87 -1.56
C GLN A 80 -3.25 -10.66 -0.37
N ALA A 81 -4.37 -11.32 -0.57
CA ALA A 81 -4.99 -12.12 0.49
C ALA A 81 -5.36 -13.51 -0.01
N MET A 82 -5.58 -14.43 0.92
CA MET A 82 -5.94 -15.81 0.58
C MET A 82 -7.16 -16.26 1.36
N ASN A 83 -8.18 -16.73 0.65
CA ASN A 83 -9.42 -17.19 1.28
C ASN A 83 -9.29 -18.66 1.69
N ARG A 84 -10.28 -19.14 2.43
CA ARG A 84 -10.29 -20.53 2.89
C ARG A 84 -10.58 -21.48 1.73
N ASN A 85 -11.12 -20.94 0.64
CA ASN A 85 -11.44 -21.74 -0.53
C ASN A 85 -10.17 -22.14 -1.28
N GLY A 86 -9.12 -21.33 -1.13
CA GLY A 86 -7.86 -21.61 -1.80
C GLY A 86 -7.50 -20.55 -2.83
N LYS A 87 -8.47 -19.70 -3.16
CA LYS A 87 -8.25 -18.64 -4.13
C LYS A 87 -7.63 -17.41 -3.47
N GLU A 88 -6.78 -16.71 -4.22
CA GLU A 88 -6.13 -15.51 -3.70
C GLU A 88 -6.76 -14.25 -4.29
N THR A 89 -6.87 -13.21 -3.46
CA THR A 89 -7.45 -11.95 -3.89
C THR A 89 -6.37 -10.91 -4.17
N LYS A 90 -6.47 -10.25 -5.31
CA LYS A 90 -5.49 -9.22 -5.69
C LYS A 90 -6.09 -7.83 -5.53
N SER A 91 -5.27 -6.89 -5.06
CA SER A 91 -5.72 -5.52 -4.85
C SER A 91 -4.58 -4.53 -5.11
N ASN A 92 -4.83 -3.56 -5.96
CA ASN A 92 -3.82 -2.55 -6.29
C ASN A 92 -4.35 -1.15 -6.04
N TYR A 93 -3.58 -0.35 -5.31
CA TYR A 93 -3.97 1.02 -5.00
C TYR A 93 -2.87 2.01 -5.37
N ARG A 94 -3.19 2.91 -6.29
CA ARG A 94 -2.22 3.91 -6.73
C ARG A 94 -2.23 5.13 -5.81
N VAL A 95 -1.05 5.53 -5.37
CA VAL A 95 -0.91 6.68 -4.49
C VAL A 95 0.00 7.75 -5.08
N ARG A 96 -0.46 8.99 -5.05
CA ARG A 96 0.31 10.10 -5.60
C ARG A 96 0.38 11.26 -4.61
N VAL A 97 1.59 11.74 -4.34
CA VAL A 97 1.78 12.84 -3.41
C VAL A 97 1.84 14.17 -4.15
N TYR A 98 2.09 15.25 -3.40
CA TYR A 98 2.16 16.58 -3.99
C TYR A 98 3.37 16.71 -4.91
N GLN A 99 4.53 16.93 -4.32
CA GLN A 99 5.76 17.08 -5.09
C GLN A 99 6.10 15.79 -5.84
N ILE A 100 6.67 15.93 -7.02
CA ILE A 100 7.03 14.78 -7.83
C ILE A 100 8.52 14.77 -8.14
N PRO A 101 9.05 13.58 -8.49
CA PRO A 101 10.46 13.40 -8.82
C PRO A 101 10.85 14.09 -10.14
N GLY A 102 9.95 14.04 -11.11
CA GLY A 102 10.20 14.66 -12.39
C GLY A 102 11.49 14.16 -13.03
N LYS A 103 11.80 12.89 -12.80
CA LYS A 103 13.01 12.28 -13.35
C LYS A 103 14.24 13.10 -12.98
N PRO A 104 14.65 13.02 -11.71
CA PRO A 104 15.82 13.75 -11.20
C PRO A 104 17.13 13.20 -11.76
N GLU A 105 18.19 14.00 -11.65
CA GLU A 105 19.50 13.60 -12.14
C GLU A 105 20.60 14.49 -11.56
N ASP B 1 7.66 1.31 -15.16
CA ASP B 1 7.27 0.06 -14.50
C ASP B 1 7.33 0.19 -12.99
N GLU B 2 6.17 0.28 -12.36
CA GLU B 2 6.09 0.41 -10.91
C GLU B 2 5.27 -0.72 -10.29
N PHE B 3 4.17 -1.06 -10.95
CA PHE B 3 3.29 -2.13 -10.48
C PHE B 3 2.27 -2.52 -11.54
N KPI B 4 1.32 -3.24 -11.16
CA KPI B 4 0.28 -3.69 -12.06
CB KPI B 4 -0.73 -4.58 -11.29
CG KPI B 4 -1.80 -5.12 -12.27
CD KPI B 4 -2.79 -6.02 -11.49
CE KPI B 4 -2.01 -7.15 -10.80
NZ KPI B 4 -1.72 -6.77 -9.42
CX1 KPI B 4 -2.01 -7.94 -8.50
C1 KPI B 4 -1.25 -9.19 -9.00
CX2 KPI B 4 -3.48 -8.31 -8.22
O1 KPI B 4 -3.54 -9.59 -7.43
O2 KPI B 4 -4.12 -7.21 -7.44
C KPI B 4 -0.43 -2.50 -12.60
O KPI B 4 -0.93 -2.50 -13.71
H KPI B 4 1.13 -3.60 -10.17
HA KPI B 4 0.70 -4.27 -12.90
HB KPI B 4 -0.24 -5.35 -10.88
HBA KPI B 4 -1.17 -4.04 -10.57
HG KPI B 4 -2.30 -4.35 -12.67
HGA KPI B 4 -1.37 -5.64 -12.99
HD KPI B 4 -3.28 -5.49 -10.82
HDA KPI B 4 -3.44 -6.42 -12.15
HE KPI B 4 -2.56 -7.99 -10.80
HEA KPI B 4 -1.16 -7.32 -11.30
H1C KPI B 4 -1.30 -9.97 -8.23
H1A KPI B 4 -0.20 -8.94 -9.18
H1B KPI B 4 -1.70 -9.55 -9.91
HZ KPI B 4 -0.69 -6.49 -9.33
HX1 KPI B 4 -1.67 -7.70 -7.48
N ALA B 5 -0.47 -1.44 -11.79
CA ALA B 5 -1.13 -0.21 -12.19
C ALA B 5 -0.88 0.11 -13.66
N ASP B 6 -1.94 0.12 -14.45
CA ASP B 6 -1.84 0.41 -15.87
C ASP B 6 -3.01 1.25 -16.35
N GLU B 7 -3.08 2.48 -15.86
CA GLU B 7 -4.16 3.39 -16.23
C GLU B 7 -3.78 4.20 -17.47
#